data_7SGR
#
_entry.id   7SGR
#
_cell.length_a   1.00
_cell.length_b   1.00
_cell.length_c   1.00
_cell.angle_alpha   90.00
_cell.angle_beta   90.00
_cell.angle_gamma   90.00
#
_symmetry.space_group_name_H-M   'P 1'
#
loop_
_entity.id
_entity.type
_entity.pdbx_description
1 polymer 'Alpha-hemolysin translocation ATP-binding protein HlyB'
2 polymer 'Membrane fusion protein (MFP) family protein,Hemolysin secretion protein D, chromosomal'
3 non-polymer '[(2~{R})-1-[2-azanylethoxy(oxidanyl)phosphoryl]oxy-3-hexadecanoyloxy-propan-2-yl] (~{Z})-octadec-9-enoate'
#
loop_
_entity_poly.entity_id
_entity_poly.type
_entity_poly.pdbx_seq_one_letter_code
_entity_poly.pdbx_strand_id
1 'polypeptide(L)'
;MDSCHKIDYGLYALEILAQYHNVSVNPEEIKHRFDTDGTGLGLTSWLLAAKSLELKVKQVKKTIDRLNFISLPALVWRED
GRHFILTKVSKEANRYLIFDLEQRNPRVLEQSEFEALYQGHIILIASRSSVTGKLAKFDFTWFIPAIIKYRKIFIETLVV
SVFLQLFALITPLFFQVVMDKVLVHRGFSTLNVITVALSVVVVFEIILSGLRTYIFAHSTSRIDVELGAKLFRHLLALPI
SYFESRRVGDTVARVRELDQIRNFLTGQALTSVLDLLFSFIFFAVMWYYSPKLTLVILFSLPCYAAWSVFISPILRRRLD
DKFSRNADNQSFLVESVTAINTIKAMAVSPQMTNIWDKQLAGYVAAGFKVTVLATIGQQGIQLIQKTVMIINLWLGAHLV
ISGDLSIGQLIAFNMLAGQIVAPVIRLAQIWQDFQQVGISVTRLGDVLNSPTESYHGKLALPEINGNITFRNIRFRYKPD
SPVILDNINLSIKQGEVIGIVGRSGSGKSTLTKLIQRFYIPENGQVLIDGHDLALADPNWLRRQVGVVLQDNVLLNRSII
DNISLANPGMSVEKVIYAAKLAGAHDFISELREGYNTIVGEQGAGLSGGQRQRIAIARALVNNPKILIFDEATSALDYES
EHIIMRNMHKICKGRTVIIIAHRLSTVKNADRIIVMEKGKIVEQGKHKELLSEPESLYSYLYQLQSD
;
J,I,A,B,E,F
2 'polypeptide(L)'
;MKTWLMGFSEFLLRYKLVWSETWKIRKQLDTPVREKDENEFLPAHLELIETPVSRRPRLVAYFIMGFLVIAVILSVLGQV
EIVATANGKLTLSGRSKEIKPIENSIVKEIIVKEGESVRKGDVLLKLTALGAEADTLKTQSSLLQTRLEQTRYQILSRSI
ELNKLPELKLPDEPYFQNVSEEEVLRLTSLIKEQFSTWQNQKYQKELNLDKKRAERLTILARINRYENLSRVEKSRLDDF
DDTLEVTALVQNKDIGFINVGQNAIIKVEAFPYTRYGYLVGKVKNINLDAIEDQKLGLVFNVIVSVEENDLSTGNKHIPL
SSGMAVTAEIKTGMRSVISYLLSPLEESVTESLHER
;
H,L,D,C,G,K
#
loop_
_chem_comp.id
_chem_comp.type
_chem_comp.name
_chem_comp.formula
6OU non-polymer '[(2~{R})-1-[2-azanylethoxy(oxidanyl)phosphoryl]oxy-3-hexadecanoyloxy-propan-2-yl] (~{Z})-octadec-9-enoate' 'C39 H76 N O8 P'
#
# COMPACT_ATOMS: atom_id res chain seq x y z
N LYS A 137 39.46 -35.53 -23.46
CA LYS A 137 39.68 -34.09 -23.46
C LYS A 137 38.42 -33.36 -23.91
N PHE A 138 37.96 -32.41 -23.09
CA PHE A 138 36.74 -31.66 -23.37
C PHE A 138 37.14 -30.23 -23.74
N ASP A 139 37.33 -29.99 -25.03
CA ASP A 139 37.52 -28.62 -25.52
C ASP A 139 36.41 -28.20 -26.48
N PHE A 140 36.25 -28.85 -27.62
CA PHE A 140 35.15 -28.54 -28.52
C PHE A 140 34.62 -29.72 -29.31
N THR A 141 35.33 -30.85 -29.35
CA THR A 141 34.82 -32.03 -30.03
C THR A 141 33.67 -32.68 -29.29
N TRP A 142 33.36 -32.21 -28.07
CA TRP A 142 32.22 -32.74 -27.33
C TRP A 142 30.90 -32.34 -27.95
N PHE A 143 30.84 -31.17 -28.59
CA PHE A 143 29.60 -30.70 -29.19
C PHE A 143 29.29 -31.35 -30.54
N ILE A 144 30.26 -32.02 -31.15
CA ILE A 144 30.05 -32.65 -32.46
C ILE A 144 29.07 -33.83 -32.35
N PRO A 145 29.23 -34.75 -31.39
CA PRO A 145 28.20 -35.78 -31.23
C PRO A 145 26.83 -35.23 -30.88
N ALA A 146 26.77 -34.14 -30.12
CA ALA A 146 25.49 -33.52 -29.82
C ALA A 146 24.85 -32.94 -31.08
N ILE A 147 25.66 -32.34 -31.95
CA ILE A 147 25.14 -31.79 -33.20
C ILE A 147 24.62 -32.91 -34.08
N ILE A 148 25.40 -34.00 -34.22
CA ILE A 148 25.01 -35.10 -35.08
C ILE A 148 23.79 -35.84 -34.54
N LYS A 149 23.66 -35.99 -33.22
CA LYS A 149 22.48 -36.63 -32.65
C LYS A 149 21.22 -35.86 -33.02
N TYR A 150 21.30 -34.54 -33.11
CA TYR A 150 20.19 -33.69 -33.50
C TYR A 150 20.36 -33.17 -34.92
N ARG A 151 20.91 -33.98 -35.82
CA ARG A 151 21.17 -33.52 -37.18
C ARG A 151 19.89 -33.27 -37.97
N LYS A 152 18.83 -34.04 -37.72
CA LYS A 152 17.61 -33.96 -38.52
C LYS A 152 16.83 -32.69 -38.27
N ILE A 153 17.14 -31.94 -37.22
CA ILE A 153 16.47 -30.67 -36.96
C ILE A 153 17.42 -29.52 -37.33
N PHE A 154 18.72 -29.76 -37.22
CA PHE A 154 19.68 -28.73 -37.61
C PHE A 154 19.70 -28.55 -39.12
N ILE A 155 19.55 -29.64 -39.87
CA ILE A 155 19.42 -29.52 -41.32
C ILE A 155 18.17 -28.74 -41.68
N GLU A 156 17.07 -28.97 -40.96
CA GLU A 156 15.85 -28.21 -41.19
C GLU A 156 16.07 -26.73 -40.90
N THR A 157 16.80 -26.41 -39.82
CA THR A 157 17.10 -25.01 -39.54
C THR A 157 17.94 -24.40 -40.64
N LEU A 158 18.89 -25.16 -41.20
CA LEU A 158 19.68 -24.64 -42.32
C LEU A 158 18.81 -24.33 -43.53
N VAL A 159 17.87 -25.23 -43.84
CA VAL A 159 16.99 -25.00 -44.99
C VAL A 159 16.07 -23.80 -44.73
N VAL A 160 15.59 -23.66 -43.49
CA VAL A 160 14.80 -22.48 -43.15
C VAL A 160 15.64 -21.22 -43.29
N SER A 161 16.92 -21.28 -42.94
CA SER A 161 17.79 -20.11 -43.09
C SER A 161 17.96 -19.73 -44.55
N VAL A 162 18.16 -20.70 -45.44
CA VAL A 162 18.31 -20.36 -46.85
C VAL A 162 17.00 -19.82 -47.41
N PHE A 163 15.86 -20.34 -46.95
CA PHE A 163 14.59 -19.78 -47.38
C PHE A 163 14.39 -18.37 -46.87
N LEU A 164 14.85 -18.07 -45.65
CA LEU A 164 14.82 -16.70 -45.15
C LEU A 164 15.68 -15.79 -46.01
N GLN A 165 16.84 -16.28 -46.44
CA GLN A 165 17.69 -15.48 -47.32
C GLN A 165 16.97 -15.19 -48.64
N LEU A 166 16.28 -16.17 -49.20
CA LEU A 166 15.51 -15.94 -50.42
C LEU A 166 14.39 -14.92 -50.19
N PHE A 167 13.68 -15.05 -49.06
CA PHE A 167 12.63 -14.10 -48.74
C PHE A 167 13.17 -12.69 -48.63
N ALA A 168 14.35 -12.53 -48.00
CA ALA A 168 14.98 -11.22 -47.92
C ALA A 168 15.37 -10.72 -49.30
N LEU A 169 15.86 -11.61 -50.17
CA LEU A 169 16.25 -11.21 -51.51
C LEU A 169 15.07 -10.70 -52.33
N ILE A 170 13.86 -11.21 -52.05
CA ILE A 170 12.69 -10.84 -52.86
C ILE A 170 12.48 -9.32 -52.87
N THR A 171 12.56 -8.69 -51.69
CA THR A 171 12.08 -7.31 -51.55
C THR A 171 12.91 -6.29 -52.34
N PRO A 172 14.25 -6.29 -52.32
CA PRO A 172 14.98 -5.32 -53.15
C PRO A 172 14.67 -5.44 -54.62
N LEU A 173 14.34 -6.64 -55.11
CA LEU A 173 13.89 -6.78 -56.49
C LEU A 173 12.60 -5.99 -56.71
N PHE A 174 11.70 -6.00 -55.73
CA PHE A 174 10.47 -5.22 -55.86
C PHE A 174 10.75 -3.73 -55.86
N PHE A 175 11.68 -3.26 -55.02
CA PHE A 175 12.08 -1.85 -55.13
C PHE A 175 12.68 -1.53 -56.51
N GLN A 176 13.52 -2.41 -57.05
CA GLN A 176 14.09 -2.13 -58.36
C GLN A 176 13.00 -2.07 -59.42
N VAL A 177 12.04 -2.98 -59.34
CA VAL A 177 10.92 -2.99 -60.30
C VAL A 177 10.11 -1.71 -60.19
N VAL A 178 9.83 -1.27 -58.96
CA VAL A 178 9.07 -0.04 -58.77
C VAL A 178 9.84 1.15 -59.34
N MET A 179 11.16 1.20 -59.08
CA MET A 179 11.96 2.35 -59.50
C MET A 179 12.17 2.39 -61.00
N ASP A 180 12.16 1.24 -61.67
CA ASP A 180 12.47 1.21 -63.10
C ASP A 180 11.26 1.11 -64.01
N LYS A 181 10.13 0.55 -63.54
CA LYS A 181 8.99 0.33 -64.40
C LYS A 181 7.69 0.92 -63.87
N VAL A 182 7.68 1.47 -62.66
CA VAL A 182 6.50 2.13 -62.11
C VAL A 182 6.66 3.64 -62.10
N LEU A 183 7.80 4.14 -61.61
CA LEU A 183 8.04 5.57 -61.56
C LEU A 183 8.33 6.14 -62.95
N VAL A 184 8.78 5.29 -63.88
CA VAL A 184 9.23 5.75 -65.19
C VAL A 184 8.09 5.72 -66.20
N HIS A 185 7.54 4.53 -66.45
CA HIS A 185 6.64 4.38 -67.59
C HIS A 185 5.22 4.85 -67.28
N ARG A 186 4.53 4.15 -66.38
CA ARG A 186 3.10 4.38 -66.17
C ARG A 186 2.53 3.45 -65.12
N GLY A 187 1.26 3.65 -64.78
CA GLY A 187 0.46 2.61 -64.16
C GLY A 187 0.47 2.66 -62.63
N PHE A 188 -0.62 2.18 -62.06
CA PHE A 188 -0.75 1.98 -60.62
C PHE A 188 -1.21 0.58 -60.25
N SER A 189 -1.74 -0.19 -61.21
CA SER A 189 -2.15 -1.56 -60.91
C SER A 189 -0.95 -2.46 -60.62
N THR A 190 0.14 -2.30 -61.37
CA THR A 190 1.35 -3.04 -61.07
C THR A 190 1.90 -2.66 -59.70
N LEU A 191 1.78 -1.39 -59.33
CA LEU A 191 2.19 -0.98 -57.99
C LEU A 191 1.34 -1.67 -56.92
N ASN A 192 0.04 -1.78 -57.16
CA ASN A 192 -0.83 -2.49 -56.22
C ASN A 192 -0.46 -3.96 -56.13
N VAL A 193 -0.13 -4.58 -57.26
CA VAL A 193 0.28 -5.99 -57.25
C VAL A 193 1.56 -6.15 -56.44
N ILE A 194 2.53 -5.26 -56.64
CA ILE A 194 3.78 -5.33 -55.89
C ILE A 194 3.50 -5.16 -54.40
N THR A 195 2.64 -4.21 -54.03
CA THR A 195 2.36 -3.98 -52.63
C THR A 195 1.67 -5.18 -51.97
N VAL A 196 0.68 -5.75 -52.65
CA VAL A 196 -0.04 -6.87 -52.05
C VAL A 196 0.84 -8.10 -51.95
N ALA A 197 1.73 -8.32 -52.94
CA ALA A 197 2.67 -9.42 -52.80
C ALA A 197 3.67 -9.17 -51.69
N LEU A 198 4.16 -7.93 -51.56
CA LEU A 198 5.15 -7.61 -50.55
C LEU A 198 4.59 -7.78 -49.15
N SER A 199 3.32 -7.44 -48.92
CA SER A 199 2.75 -7.59 -47.59
C SER A 199 2.82 -9.04 -47.11
N VAL A 200 2.33 -9.97 -47.94
CA VAL A 200 2.34 -11.37 -47.54
C VAL A 200 3.77 -11.91 -47.48
N VAL A 201 4.66 -11.45 -48.37
CA VAL A 201 6.04 -11.90 -48.31
C VAL A 201 6.67 -11.50 -46.98
N VAL A 202 6.43 -10.25 -46.56
CA VAL A 202 6.98 -9.77 -45.29
C VAL A 202 6.42 -10.55 -44.12
N VAL A 203 5.10 -10.76 -44.11
CA VAL A 203 4.49 -11.48 -42.98
C VAL A 203 5.07 -12.89 -42.88
N PHE A 204 5.18 -13.57 -44.03
CA PHE A 204 5.72 -14.93 -44.03
C PHE A 204 7.17 -14.94 -43.59
N GLU A 205 7.95 -13.95 -44.02
CA GLU A 205 9.36 -13.87 -43.60
C GLU A 205 9.49 -13.68 -42.10
N ILE A 206 8.65 -12.81 -41.51
CA ILE A 206 8.69 -12.59 -40.07
C ILE A 206 8.35 -13.87 -39.32
N ILE A 207 7.28 -14.55 -39.75
CA ILE A 207 6.87 -15.78 -39.08
C ILE A 207 7.96 -16.83 -39.21
N LEU A 208 8.57 -16.96 -40.40
CA LEU A 208 9.59 -17.96 -40.61
C LEU A 208 10.84 -17.68 -39.77
N SER A 209 11.23 -16.41 -39.66
CA SER A 209 12.37 -16.07 -38.82
C SER A 209 12.11 -16.38 -37.36
N GLY A 210 10.92 -16.05 -36.87
CA GLY A 210 10.57 -16.40 -35.50
C GLY A 210 10.60 -17.89 -35.27
N LEU A 211 10.05 -18.67 -36.21
CA LEU A 211 10.05 -20.11 -36.08
C LEU A 211 11.47 -20.68 -36.07
N ARG A 212 12.33 -20.16 -36.94
CA ARG A 212 13.71 -20.64 -36.97
C ARG A 212 14.43 -20.35 -35.65
N THR A 213 14.24 -19.14 -35.12
CA THR A 213 14.86 -18.81 -33.83
C THR A 213 14.35 -19.73 -32.74
N TYR A 214 13.04 -19.97 -32.71
CA TYR A 214 12.46 -20.86 -31.70
C TYR A 214 13.05 -22.27 -31.81
N ILE A 215 13.13 -22.79 -33.02
CA ILE A 215 13.60 -24.17 -33.21
C ILE A 215 15.07 -24.28 -32.83
N PHE A 216 15.89 -23.30 -33.22
CA PHE A 216 17.30 -23.34 -32.88
C PHE A 216 17.51 -23.28 -31.36
N ALA A 217 16.79 -22.39 -30.68
CA ALA A 217 16.91 -22.32 -29.22
C ALA A 217 16.46 -23.61 -28.57
N HIS A 218 15.36 -24.19 -29.06
CA HIS A 218 14.86 -25.44 -28.51
C HIS A 218 15.88 -26.56 -28.68
N SER A 219 16.55 -26.61 -29.84
CA SER A 219 17.55 -27.63 -30.08
C SER A 219 18.79 -27.45 -29.22
N THR A 220 19.24 -26.22 -29.01
CA THR A 220 20.44 -25.98 -28.20
C THR A 220 20.19 -26.13 -26.70
N SER A 221 18.94 -25.95 -26.26
CA SER A 221 18.64 -26.13 -24.84
C SER A 221 18.94 -27.54 -24.38
N ARG A 222 18.62 -28.54 -25.21
CA ARG A 222 18.91 -29.92 -24.86
C ARG A 222 20.41 -30.16 -24.72
N ILE A 223 21.20 -29.57 -25.62
CA ILE A 223 22.65 -29.72 -25.55
C ILE A 223 23.18 -29.13 -24.25
N ASP A 224 22.71 -27.94 -23.88
CA ASP A 224 23.24 -27.34 -22.65
C ASP A 224 22.76 -28.10 -21.42
N VAL A 225 21.56 -28.67 -21.45
CA VAL A 225 21.10 -29.50 -20.33
C VAL A 225 21.99 -30.73 -20.18
N GLU A 226 22.32 -31.39 -21.30
CA GLU A 226 23.20 -32.54 -21.25
C GLU A 226 24.57 -32.16 -20.69
N LEU A 227 25.10 -31.02 -21.14
CA LEU A 227 26.39 -30.56 -20.63
C LEU A 227 26.34 -30.31 -19.13
N GLY A 228 25.26 -29.69 -18.65
CA GLY A 228 25.17 -29.41 -17.22
C GLY A 228 25.09 -30.67 -16.39
N ALA A 229 24.27 -31.63 -16.82
CA ALA A 229 24.16 -32.89 -16.10
C ALA A 229 25.50 -33.61 -16.03
N LYS A 230 26.19 -33.68 -17.18
CA LYS A 230 27.50 -34.34 -17.20
C LYS A 230 28.50 -33.61 -16.31
N LEU A 231 28.48 -32.27 -16.34
CA LEU A 231 29.43 -31.50 -15.54
C LEU A 231 29.23 -31.75 -14.05
N PHE A 232 27.98 -31.73 -13.59
CA PHE A 232 27.77 -31.97 -12.16
C PHE A 232 28.09 -33.40 -11.76
N ARG A 233 27.75 -34.37 -12.61
CA ARG A 233 28.07 -35.76 -12.29
C ARG A 233 29.58 -35.95 -12.20
N HIS A 234 30.34 -35.29 -13.08
CA HIS A 234 31.80 -35.34 -12.98
C HIS A 234 32.29 -34.63 -11.73
N LEU A 235 31.67 -33.50 -11.37
CA LEU A 235 32.13 -32.74 -10.21
C LEU A 235 31.98 -33.54 -8.93
N LEU A 236 30.86 -34.24 -8.77
CA LEU A 236 30.66 -35.00 -7.54
C LEU A 236 31.59 -36.20 -7.44
N ALA A 237 32.16 -36.65 -8.55
CA ALA A 237 33.03 -37.83 -8.54
C ALA A 237 34.50 -37.50 -8.35
N LEU A 238 34.86 -36.23 -8.21
CA LEU A 238 36.25 -35.83 -8.08
C LEU A 238 36.80 -36.24 -6.72
N PRO A 239 38.11 -36.48 -6.63
CA PRO A 239 38.71 -36.83 -5.34
C PRO A 239 38.69 -35.66 -4.36
N ILE A 240 38.80 -35.95 -3.07
CA ILE A 240 38.74 -34.91 -2.06
C ILE A 240 39.98 -34.02 -2.07
N SER A 241 41.11 -34.50 -2.61
CA SER A 241 42.30 -33.65 -2.72
C SER A 241 42.06 -32.50 -3.68
N TYR A 242 41.19 -32.68 -4.66
CA TYR A 242 40.84 -31.59 -5.56
C TYR A 242 40.20 -30.43 -4.80
N PHE A 243 39.24 -30.73 -3.93
CA PHE A 243 38.54 -29.69 -3.20
C PHE A 243 39.37 -29.14 -2.04
N GLU A 244 40.22 -29.96 -1.42
CA GLU A 244 41.02 -29.48 -0.31
C GLU A 244 42.06 -28.46 -0.74
N SER A 245 42.49 -28.49 -1.99
CA SER A 245 43.53 -27.60 -2.48
C SER A 245 42.99 -26.32 -3.12
N ARG A 246 41.67 -26.15 -3.19
CA ARG A 246 41.07 -25.01 -3.85
C ARG A 246 40.06 -24.35 -2.92
N ARG A 247 39.48 -23.26 -3.40
CA ARG A 247 38.45 -22.52 -2.68
C ARG A 247 37.09 -22.80 -3.29
N VAL A 248 36.04 -22.54 -2.51
CA VAL A 248 34.68 -22.79 -2.97
C VAL A 248 34.33 -21.88 -4.15
N GLY A 249 34.73 -20.61 -4.08
CA GLY A 249 34.37 -19.67 -5.13
C GLY A 249 34.94 -20.04 -6.49
N ASP A 250 36.12 -20.66 -6.52
CA ASP A 250 36.69 -21.10 -7.78
C ASP A 250 35.76 -22.08 -8.49
N THR A 251 35.34 -23.13 -7.78
CA THR A 251 34.44 -24.11 -8.37
C THR A 251 33.09 -23.49 -8.70
N VAL A 252 32.58 -22.61 -7.85
CA VAL A 252 31.29 -21.98 -8.12
C VAL A 252 31.36 -21.17 -9.41
N ALA A 253 32.42 -20.39 -9.60
CA ALA A 253 32.57 -19.61 -10.83
C ALA A 253 32.75 -20.53 -12.05
N ARG A 254 33.53 -21.60 -11.89
CA ARG A 254 33.70 -22.53 -13.00
C ARG A 254 32.38 -23.18 -13.40
N VAL A 255 31.44 -23.29 -12.46
CA VAL A 255 30.12 -23.82 -12.81
C VAL A 255 29.16 -22.75 -13.32
N ARG A 256 29.32 -21.48 -12.92
CA ARG A 256 28.56 -20.42 -13.56
C ARG A 256 28.99 -20.18 -15.00
N GLU A 257 30.22 -20.57 -15.34
CA GLU A 257 30.60 -20.59 -16.75
C GLU A 257 29.66 -21.46 -17.57
N LEU A 258 29.04 -22.47 -16.95
CA LEU A 258 27.99 -23.23 -17.61
C LEU A 258 26.82 -22.35 -17.99
N ASP A 259 26.39 -21.47 -17.08
CA ASP A 259 25.31 -20.54 -17.40
C ASP A 259 25.73 -19.60 -18.51
N GLN A 260 26.99 -19.17 -18.51
CA GLN A 260 27.49 -18.32 -19.60
C GLN A 260 27.39 -19.05 -20.94
N ILE A 261 27.80 -20.31 -20.98
CA ILE A 261 27.69 -21.10 -22.20
C ILE A 261 26.23 -21.24 -22.62
N ARG A 262 25.34 -21.49 -21.65
CA ARG A 262 23.93 -21.64 -21.96
C ARG A 262 23.35 -20.37 -22.58
N ASN A 263 23.72 -19.20 -22.03
CA ASN A 263 23.27 -17.95 -22.61
C ASN A 263 23.82 -17.74 -24.01
N PHE A 264 25.06 -18.14 -24.26
CA PHE A 264 25.59 -18.03 -25.62
C PHE A 264 24.83 -18.91 -26.59
N LEU A 265 24.57 -20.17 -26.19
CA LEU A 265 23.92 -21.11 -27.10
C LEU A 265 22.47 -20.72 -27.36
N THR A 266 21.72 -20.44 -26.30
CA THR A 266 20.32 -20.03 -26.43
C THR A 266 20.22 -18.52 -26.64
N GLY A 267 20.69 -18.08 -27.81
CA GLY A 267 20.69 -16.67 -28.14
C GLY A 267 20.60 -16.44 -29.63
N GLN A 268 20.99 -15.26 -30.09
CA GLN A 268 20.98 -14.91 -31.50
C GLN A 268 22.38 -14.64 -32.02
N ALA A 269 23.34 -15.49 -31.61
CA ALA A 269 24.71 -15.40 -32.07
C ALA A 269 25.02 -16.39 -33.18
N LEU A 270 24.54 -17.63 -33.06
CA LEU A 270 24.74 -18.60 -34.12
C LEU A 270 23.81 -18.37 -35.30
N THR A 271 22.62 -17.81 -35.04
CA THR A 271 21.72 -17.46 -36.13
C THR A 271 22.32 -16.38 -37.02
N SER A 272 23.00 -15.40 -36.42
CA SER A 272 23.71 -14.40 -37.22
C SER A 272 24.82 -15.03 -38.02
N VAL A 273 25.50 -16.03 -37.47
CA VAL A 273 26.53 -16.75 -38.21
C VAL A 273 25.91 -17.46 -39.41
N LEU A 274 24.75 -18.07 -39.23
CA LEU A 274 24.06 -18.72 -40.34
C LEU A 274 23.67 -17.71 -41.41
N ASP A 275 23.16 -16.54 -40.98
CA ASP A 275 22.78 -15.50 -41.93
C ASP A 275 23.99 -15.02 -42.73
N LEU A 276 25.12 -14.83 -42.05
CA LEU A 276 26.34 -14.42 -42.73
C LEU A 276 26.82 -15.49 -43.71
N LEU A 277 26.75 -16.76 -43.31
CA LEU A 277 27.24 -17.84 -44.17
C LEU A 277 26.35 -18.03 -45.40
N PHE A 278 25.05 -17.86 -45.26
CA PHE A 278 24.12 -18.09 -46.36
C PHE A 278 23.88 -16.86 -47.22
N SER A 279 24.82 -15.93 -47.29
CA SER A 279 24.66 -14.71 -48.08
C SER A 279 25.22 -14.81 -49.49
N PHE A 280 25.66 -15.98 -49.98
CA PHE A 280 26.18 -16.06 -51.33
C PHE A 280 25.12 -15.87 -52.40
N ILE A 281 23.84 -16.06 -52.05
CA ILE A 281 22.75 -15.77 -52.98
C ILE A 281 22.75 -14.28 -53.33
N PHE A 282 22.92 -13.43 -52.32
CA PHE A 282 23.03 -12.00 -52.57
C PHE A 282 24.21 -11.70 -53.46
N PHE A 283 25.33 -12.39 -53.26
CA PHE A 283 26.51 -12.17 -54.10
C PHE A 283 26.22 -12.56 -55.55
N ALA A 284 25.52 -13.66 -55.76
CA ALA A 284 25.17 -14.06 -57.13
C ALA A 284 24.27 -13.03 -57.79
N VAL A 285 23.26 -12.55 -57.07
CA VAL A 285 22.36 -11.54 -57.65
C VAL A 285 23.11 -10.25 -57.95
N MET A 286 23.98 -9.83 -57.03
CA MET A 286 24.76 -8.62 -57.24
C MET A 286 25.71 -8.76 -58.42
N TRP A 287 26.35 -9.92 -58.57
CA TRP A 287 27.20 -10.15 -59.72
C TRP A 287 26.40 -10.13 -61.01
N TYR A 288 25.14 -10.60 -60.95
CA TYR A 288 24.26 -10.43 -62.11
C TYR A 288 24.03 -8.95 -62.40
N TYR A 289 23.85 -8.14 -61.36
CA TYR A 289 23.64 -6.70 -61.57
C TYR A 289 24.91 -6.02 -62.08
N SER A 290 25.98 -6.04 -61.28
CA SER A 290 27.22 -5.37 -61.65
C SER A 290 28.41 -6.11 -61.07
N PRO A 291 29.44 -6.38 -61.87
CA PRO A 291 30.60 -7.12 -61.36
C PRO A 291 31.58 -6.28 -60.56
N LYS A 292 31.69 -4.99 -60.89
CA LYS A 292 32.68 -4.14 -60.23
C LYS A 292 32.34 -3.93 -58.75
N LEU A 293 31.09 -3.54 -58.46
CA LEU A 293 30.71 -3.31 -57.07
C LEU A 293 30.68 -4.63 -56.28
N THR A 294 30.30 -5.72 -56.93
CA THR A 294 30.37 -7.03 -56.29
C THR A 294 31.82 -7.38 -55.93
N LEU A 295 32.76 -7.07 -56.83
CA LEU A 295 34.17 -7.27 -56.51
C LEU A 295 34.60 -6.39 -55.35
N VAL A 296 34.08 -5.18 -55.28
CA VAL A 296 34.41 -4.29 -54.15
C VAL A 296 33.97 -4.92 -52.84
N ILE A 297 32.75 -5.46 -52.80
CA ILE A 297 32.27 -6.12 -51.59
C ILE A 297 33.08 -7.38 -51.29
N LEU A 298 33.40 -8.15 -52.33
CA LEU A 298 34.17 -9.37 -52.16
C LEU A 298 35.56 -9.08 -51.60
N PHE A 299 36.12 -7.92 -51.93
CA PHE A 299 37.38 -7.51 -51.35
C PHE A 299 37.22 -6.86 -49.99
N SER A 300 36.03 -6.34 -49.69
CA SER A 300 35.77 -5.80 -48.36
C SER A 300 35.68 -6.91 -47.32
N LEU A 301 35.17 -8.08 -47.71
CA LEU A 301 35.05 -9.18 -46.74
C LEU A 301 36.38 -9.58 -46.09
N PRO A 302 37.47 -9.78 -46.83
CA PRO A 302 38.74 -10.09 -46.16
C PRO A 302 39.22 -9.00 -45.22
N CYS A 303 38.82 -7.73 -45.44
CA CYS A 303 39.13 -6.70 -44.46
C CYS A 303 38.47 -6.98 -43.12
N TYR A 304 37.20 -7.39 -43.15
CA TYR A 304 36.53 -7.80 -41.91
C TYR A 304 37.24 -8.98 -41.28
N ALA A 305 37.61 -9.97 -42.08
CA ALA A 305 38.27 -11.16 -41.55
C ALA A 305 39.59 -10.80 -40.87
N ALA A 306 40.40 -9.96 -41.54
CA ALA A 306 41.69 -9.59 -40.99
C ALA A 306 41.55 -8.72 -39.75
N TRP A 307 40.57 -7.82 -39.74
CA TRP A 307 40.35 -6.99 -38.56
C TRP A 307 39.96 -7.85 -37.36
N SER A 308 39.07 -8.82 -37.58
CA SER A 308 38.69 -9.73 -36.50
C SER A 308 39.89 -10.54 -36.01
N VAL A 309 40.69 -11.06 -36.95
CA VAL A 309 41.85 -11.86 -36.57
C VAL A 309 42.82 -11.01 -35.75
N PHE A 310 42.99 -9.75 -36.12
CA PHE A 310 43.94 -8.89 -35.40
C PHE A 310 43.43 -8.51 -34.02
N ILE A 311 42.14 -8.20 -33.89
CA ILE A 311 41.61 -7.62 -32.66
C ILE A 311 41.02 -8.66 -31.72
N SER A 312 40.98 -9.93 -32.10
CA SER A 312 40.42 -10.95 -31.22
C SER A 312 41.33 -11.36 -30.06
N PRO A 313 42.59 -11.76 -30.31
CA PRO A 313 43.38 -12.34 -29.21
C PRO A 313 43.58 -11.42 -28.01
N ILE A 314 43.72 -10.11 -28.25
CA ILE A 314 43.89 -9.19 -27.13
C ILE A 314 42.62 -9.10 -26.31
N LEU A 315 41.45 -9.13 -26.96
CA LEU A 315 40.20 -9.15 -26.23
C LEU A 315 40.08 -10.44 -25.42
N ARG A 316 40.51 -11.56 -25.99
CA ARG A 316 40.47 -12.82 -25.24
C ARG A 316 41.38 -12.75 -24.01
N ARG A 317 42.57 -12.15 -24.14
CA ARG A 317 43.46 -12.02 -22.99
C ARG A 317 42.84 -11.13 -21.91
N ARG A 318 42.25 -10.00 -22.31
CA ARG A 318 41.63 -9.11 -21.33
C ARG A 318 40.45 -9.81 -20.64
N LEU A 319 39.69 -10.61 -21.37
CA LEU A 319 38.59 -11.33 -20.74
C LEU A 319 39.10 -12.46 -19.85
N ASP A 320 40.26 -13.05 -20.16
CA ASP A 320 40.89 -13.97 -19.22
C ASP A 320 41.22 -13.28 -17.90
N ASP A 321 41.82 -12.09 -17.99
CA ASP A 321 42.12 -11.35 -16.77
C ASP A 321 40.85 -11.01 -16.01
N LYS A 322 39.81 -10.60 -16.72
CA LYS A 322 38.54 -10.27 -16.09
C LYS A 322 37.94 -11.47 -15.40
N PHE A 323 38.00 -12.65 -16.02
CA PHE A 323 37.48 -13.85 -15.39
C PHE A 323 38.28 -14.22 -14.14
N SER A 324 39.61 -14.06 -14.19
CA SER A 324 40.41 -14.36 -13.01
C SER A 324 40.02 -13.44 -11.85
N ARG A 325 39.86 -12.16 -12.13
CA ARG A 325 39.42 -11.23 -11.09
C ARG A 325 38.03 -11.56 -10.58
N ASN A 326 37.13 -11.98 -11.49
CA ASN A 326 35.78 -12.36 -11.08
C ASN A 326 35.80 -13.59 -10.18
N ALA A 327 36.64 -14.57 -10.50
CA ALA A 327 36.75 -15.76 -9.65
C ALA A 327 37.28 -15.40 -8.27
N ASP A 328 38.29 -14.53 -8.22
CA ASP A 328 38.82 -14.10 -6.92
C ASP A 328 37.75 -13.37 -6.11
N ASN A 329 36.98 -12.49 -6.77
CA ASN A 329 35.94 -11.75 -6.07
C ASN A 329 34.85 -12.68 -5.56
N GLN A 330 34.44 -13.65 -6.38
CA GLN A 330 33.42 -14.61 -5.94
C GLN A 330 33.92 -15.44 -4.76
N SER A 331 35.18 -15.87 -4.80
CA SER A 331 35.73 -16.64 -3.69
C SER A 331 35.75 -15.82 -2.41
N PHE A 332 36.18 -14.55 -2.50
CA PHE A 332 36.19 -13.70 -1.32
C PHE A 332 34.79 -13.49 -0.78
N LEU A 333 33.82 -13.26 -1.66
CA LEU A 333 32.45 -13.03 -1.22
C LEU A 333 31.87 -14.26 -0.53
N VAL A 334 32.08 -15.44 -1.11
CA VAL A 334 31.57 -16.67 -0.50
C VAL A 334 32.22 -16.89 0.86
N GLU A 335 33.55 -16.71 0.93
CA GLU A 335 34.26 -16.92 2.19
C GLU A 335 33.79 -15.94 3.27
N SER A 336 33.55 -14.68 2.90
CA SER A 336 33.11 -13.69 3.88
C SER A 336 31.67 -13.88 4.33
N VAL A 337 30.77 -14.28 3.42
CA VAL A 337 29.39 -14.54 3.84
C VAL A 337 29.30 -15.81 4.68
N THR A 338 30.09 -16.83 4.34
CA THR A 338 30.05 -18.08 5.10
C THR A 338 30.49 -17.87 6.54
N ALA A 339 31.54 -17.07 6.75
CA ALA A 339 32.11 -16.85 8.08
C ALA A 339 31.72 -15.50 8.65
N ILE A 340 30.48 -15.07 8.42
CA ILE A 340 30.03 -13.76 8.92
C ILE A 340 30.00 -13.75 10.44
N ASN A 341 29.80 -14.90 11.08
CA ASN A 341 29.77 -14.95 12.54
C ASN A 341 31.11 -14.54 13.13
N THR A 342 32.22 -14.97 12.54
CA THR A 342 33.53 -14.57 13.05
C THR A 342 33.88 -13.13 12.64
N ILE A 343 33.42 -12.69 11.48
CA ILE A 343 33.67 -11.31 11.06
C ILE A 343 32.99 -10.34 12.01
N LYS A 344 31.77 -10.65 12.43
CA LYS A 344 31.04 -9.76 13.32
C LYS A 344 31.35 -10.00 14.80
N ALA A 345 31.70 -11.23 15.19
CA ALA A 345 32.13 -11.47 16.56
C ALA A 345 33.43 -10.76 16.86
N MET A 346 34.38 -10.82 15.93
CA MET A 346 35.52 -9.91 15.95
C MET A 346 35.04 -8.57 15.41
N ALA A 347 35.97 -7.64 15.20
CA ALA A 347 35.59 -6.33 14.70
C ALA A 347 36.26 -6.03 13.37
N VAL A 348 36.60 -7.06 12.60
CA VAL A 348 37.26 -6.82 11.33
C VAL A 348 36.21 -6.65 10.23
N SER A 349 35.53 -5.52 10.23
CA SER A 349 34.81 -5.01 9.07
C SER A 349 35.74 -4.17 8.20
N PRO A 350 36.56 -3.26 8.76
CA PRO A 350 37.44 -2.45 7.91
C PRO A 350 38.40 -3.26 7.04
N GLN A 351 38.96 -4.36 7.56
CA GLN A 351 39.85 -5.17 6.75
C GLN A 351 39.10 -5.81 5.59
N MET A 352 37.94 -6.41 5.89
CA MET A 352 37.13 -7.02 4.84
C MET A 352 36.71 -5.98 3.81
N THR A 353 36.31 -4.79 4.28
CA THR A 353 35.87 -3.74 3.38
C THR A 353 37.02 -3.25 2.49
N ASN A 354 38.23 -3.14 3.05
CA ASN A 354 39.37 -2.73 2.25
C ASN A 354 39.68 -3.75 1.16
N ILE A 355 39.67 -5.04 1.53
CA ILE A 355 39.93 -6.08 0.54
C ILE A 355 38.87 -6.06 -0.55
N TRP A 356 37.60 -5.91 -0.16
CA TRP A 356 36.52 -5.84 -1.14
C TRP A 356 36.67 -4.64 -2.04
N ASP A 357 37.07 -3.49 -1.48
CA ASP A 357 37.24 -2.29 -2.29
C ASP A 357 38.32 -2.49 -3.34
N LYS A 358 39.47 -3.03 -2.95
CA LYS A 358 40.55 -3.25 -3.91
C LYS A 358 40.12 -4.25 -4.98
N GLN A 359 39.47 -5.34 -4.59
CA GLN A 359 39.04 -6.33 -5.57
C GLN A 359 38.02 -5.76 -6.54
N LEU A 360 37.06 -5.00 -6.03
CA LEU A 360 36.05 -4.39 -6.90
C LEU A 360 36.67 -3.40 -7.87
N ALA A 361 37.62 -2.59 -7.39
CA ALA A 361 38.29 -1.65 -8.27
C ALA A 361 39.01 -2.36 -9.39
N GLY A 362 39.76 -3.43 -9.06
CA GLY A 362 40.45 -4.18 -10.09
C GLY A 362 39.50 -4.81 -11.10
N TYR A 363 38.41 -5.40 -10.60
CA TYR A 363 37.45 -6.05 -11.50
C TYR A 363 36.80 -5.05 -12.44
N VAL A 364 36.43 -3.88 -11.92
CA VAL A 364 35.81 -2.86 -12.77
C VAL A 364 36.81 -2.30 -13.77
N ALA A 365 38.08 -2.17 -13.38
CA ALA A 365 39.09 -1.73 -14.34
C ALA A 365 39.24 -2.73 -15.48
N ALA A 366 39.26 -4.02 -15.15
CA ALA A 366 39.35 -5.04 -16.20
C ALA A 366 38.13 -5.01 -17.12
N GLY A 367 36.94 -4.85 -16.53
CA GLY A 367 35.74 -4.73 -17.34
C GLY A 367 35.78 -3.53 -18.27
N PHE A 368 36.31 -2.40 -17.78
CA PHE A 368 36.43 -1.22 -18.62
C PHE A 368 37.41 -1.45 -19.77
N LYS A 369 38.52 -2.14 -19.51
CA LYS A 369 39.44 -2.47 -20.60
C LYS A 369 38.76 -3.32 -21.66
N VAL A 370 37.98 -4.31 -21.23
CA VAL A 370 37.26 -5.16 -22.18
C VAL A 370 36.28 -4.33 -22.99
N THR A 371 35.56 -3.42 -22.33
CA THR A 371 34.61 -2.56 -23.03
C THR A 371 35.30 -1.69 -24.06
N VAL A 372 36.47 -1.14 -23.71
CA VAL A 372 37.21 -0.29 -24.63
C VAL A 372 37.63 -1.07 -25.86
N LEU A 373 38.14 -2.30 -25.67
CA LEU A 373 38.52 -3.10 -26.83
C LEU A 373 37.32 -3.45 -27.70
N ALA A 374 36.19 -3.78 -27.09
CA ALA A 374 35.00 -4.09 -27.87
C ALA A 374 34.55 -2.88 -28.69
N THR A 375 34.58 -1.68 -28.09
CA THR A 375 34.21 -0.47 -28.81
C THR A 375 35.16 -0.20 -29.96
N ILE A 376 36.47 -0.42 -29.75
CA ILE A 376 37.43 -0.24 -30.83
C ILE A 376 37.13 -1.20 -31.98
N GLY A 377 36.81 -2.44 -31.66
CA GLY A 377 36.48 -3.41 -32.71
C GLY A 377 35.24 -3.00 -33.49
N GLN A 378 34.20 -2.57 -32.78
CA GLN A 378 32.97 -2.16 -33.46
C GLN A 378 33.22 -0.96 -34.38
N GLN A 379 33.98 0.03 -33.89
CA GLN A 379 34.28 1.18 -34.73
C GLN A 379 35.14 0.80 -35.93
N GLY A 380 36.06 -0.14 -35.76
CA GLY A 380 36.83 -0.62 -36.89
C GLY A 380 35.97 -1.30 -37.94
N ILE A 381 34.95 -2.05 -37.51
CA ILE A 381 34.02 -2.65 -38.46
C ILE A 381 33.23 -1.57 -39.19
N GLN A 382 32.75 -0.57 -38.44
CA GLN A 382 31.97 0.51 -39.05
C GLN A 382 32.80 1.28 -40.07
N LEU A 383 34.09 1.46 -39.80
CA LEU A 383 34.93 2.19 -40.75
C LEU A 383 35.00 1.49 -42.09
N ILE A 384 35.21 0.18 -42.09
CA ILE A 384 35.25 -0.59 -43.34
C ILE A 384 33.89 -0.52 -44.03
N GLN A 385 32.81 -0.69 -43.27
CA GLN A 385 31.48 -0.67 -43.87
C GLN A 385 31.23 0.65 -44.58
N LYS A 386 31.51 1.78 -43.92
CA LYS A 386 31.24 3.07 -44.53
C LYS A 386 32.21 3.40 -45.66
N THR A 387 33.47 2.94 -45.56
CA THR A 387 34.41 3.15 -46.65
C THR A 387 33.94 2.45 -47.93
N VAL A 388 33.52 1.18 -47.79
CA VAL A 388 33.05 0.48 -48.98
C VAL A 388 31.72 1.05 -49.45
N MET A 389 30.91 1.59 -48.54
CA MET A 389 29.68 2.27 -48.94
C MET A 389 30.00 3.48 -49.82
N ILE A 390 30.98 4.29 -49.41
CA ILE A 390 31.35 5.46 -50.19
C ILE A 390 31.93 5.07 -51.54
N ILE A 391 32.81 4.05 -51.56
CA ILE A 391 33.39 3.60 -52.82
C ILE A 391 32.30 3.09 -53.76
N ASN A 392 31.34 2.35 -53.22
CA ASN A 392 30.24 1.86 -54.03
C ASN A 392 29.39 3.01 -54.56
N LEU A 393 29.17 4.05 -53.74
CA LEU A 393 28.42 5.20 -54.21
C LEU A 393 29.12 5.87 -55.39
N TRP A 394 30.43 6.08 -55.27
CA TRP A 394 31.18 6.73 -56.34
C TRP A 394 31.15 5.90 -57.61
N LEU A 395 31.47 4.61 -57.50
CA LEU A 395 31.50 3.75 -58.67
C LEU A 395 30.11 3.59 -59.30
N GLY A 396 29.07 3.49 -58.49
CA GLY A 396 27.72 3.42 -59.02
C GLY A 396 27.26 4.68 -59.71
N ALA A 397 27.65 5.84 -59.18
CA ALA A 397 27.35 7.09 -59.87
C ALA A 397 28.03 7.14 -61.23
N HIS A 398 29.31 6.77 -61.28
CA HIS A 398 30.01 6.75 -62.56
C HIS A 398 29.42 5.72 -63.50
N LEU A 399 28.93 4.60 -62.96
CA LEU A 399 28.32 3.58 -63.80
C LEU A 399 27.00 4.06 -64.40
N VAL A 400 26.13 4.62 -63.56
CA VAL A 400 24.83 5.09 -64.03
C VAL A 400 25.00 6.23 -65.03
N ILE A 401 26.00 7.09 -64.81
CA ILE A 401 26.26 8.17 -65.75
C ILE A 401 26.62 7.61 -67.13
N SER A 402 27.42 6.55 -67.16
CA SER A 402 27.89 5.95 -68.40
C SER A 402 26.95 4.86 -68.93
N GLY A 403 25.67 4.90 -68.57
CA GLY A 403 24.73 3.90 -69.04
C GLY A 403 24.76 2.61 -68.24
N ASP A 404 24.44 1.49 -68.90
CA ASP A 404 24.71 0.10 -68.51
C ASP A 404 24.33 -0.19 -67.07
N LEU A 405 23.52 0.68 -66.45
CA LEU A 405 23.04 0.49 -65.10
C LEU A 405 21.92 1.49 -64.79
N SER A 406 20.77 0.99 -64.35
CA SER A 406 19.66 1.89 -64.03
C SER A 406 19.78 2.36 -62.58
N ILE A 407 18.96 3.33 -62.22
CA ILE A 407 18.95 3.84 -60.85
C ILE A 407 18.31 2.84 -59.89
N GLY A 408 17.24 2.17 -60.32
CA GLY A 408 16.64 1.15 -59.47
C GLY A 408 17.57 -0.03 -59.25
N GLN A 409 18.35 -0.38 -60.27
CA GLN A 409 19.36 -1.43 -60.09
C GLN A 409 20.38 -1.02 -59.04
N LEU A 410 20.81 0.25 -59.06
CA LEU A 410 21.76 0.72 -58.06
C LEU A 410 21.15 0.70 -56.66
N ILE A 411 19.88 1.10 -56.54
CA ILE A 411 19.23 1.08 -55.24
C ILE A 411 19.12 -0.34 -54.70
N ALA A 412 18.72 -1.28 -55.56
CA ALA A 412 18.64 -2.68 -55.15
C ALA A 412 20.00 -3.23 -54.78
N PHE A 413 21.05 -2.85 -55.53
CA PHE A 413 22.39 -3.30 -55.19
C PHE A 413 22.82 -2.77 -53.83
N ASN A 414 22.50 -1.49 -53.54
CA ASN A 414 22.85 -0.93 -52.25
C ASN A 414 22.11 -1.64 -51.12
N MET A 415 20.83 -1.95 -51.32
CA MET A 415 20.08 -2.67 -50.30
C MET A 415 20.64 -4.07 -50.07
N LEU A 416 21.03 -4.75 -51.15
CA LEU A 416 21.65 -6.08 -51.01
C LEU A 416 22.98 -5.99 -50.28
N ALA A 417 23.79 -4.98 -50.60
CA ALA A 417 25.06 -4.80 -49.89
C ALA A 417 24.84 -4.52 -48.42
N GLY A 418 23.82 -3.72 -48.08
CA GLY A 418 23.49 -3.51 -46.68
C GLY A 418 23.00 -4.77 -45.99
N GLN A 419 22.20 -5.59 -46.68
CA GLN A 419 21.73 -6.82 -46.08
C GLN A 419 22.85 -7.84 -45.89
N ILE A 420 23.89 -7.78 -46.73
CA ILE A 420 25.05 -8.64 -46.52
C ILE A 420 25.83 -8.20 -45.28
N VAL A 421 25.98 -6.88 -45.09
CA VAL A 421 26.78 -6.36 -43.99
C VAL A 421 26.06 -6.42 -42.65
N ALA A 422 24.72 -6.37 -42.66
CA ALA A 422 23.97 -6.35 -41.40
C ALA A 422 24.31 -7.52 -40.47
N PRO A 423 24.44 -8.77 -40.91
CA PRO A 423 24.89 -9.81 -39.98
C PRO A 423 26.24 -9.52 -39.37
N VAL A 424 27.17 -8.93 -40.12
CA VAL A 424 28.48 -8.59 -39.57
C VAL A 424 28.35 -7.55 -38.47
N ILE A 425 27.53 -6.53 -38.70
CA ILE A 425 27.31 -5.49 -37.68
C ILE A 425 26.67 -6.09 -36.44
N ARG A 426 25.65 -6.94 -36.63
CA ARG A 426 24.97 -7.54 -35.49
C ARG A 426 25.85 -8.53 -34.74
N LEU A 427 26.82 -9.15 -35.41
CA LEU A 427 27.76 -10.04 -34.77
C LEU A 427 28.93 -9.32 -34.12
N ALA A 428 29.23 -8.09 -34.55
CA ALA A 428 30.37 -7.35 -34.01
C ALA A 428 30.06 -6.73 -32.65
N GLN A 429 28.79 -6.64 -32.25
CA GLN A 429 28.42 -6.10 -30.95
C GLN A 429 28.21 -7.18 -29.90
N ILE A 430 28.43 -8.45 -30.25
CA ILE A 430 28.38 -9.55 -29.29
C ILE A 430 29.72 -10.25 -29.30
N TRP A 431 30.79 -9.49 -29.56
CA TRP A 431 32.13 -10.04 -29.63
C TRP A 431 32.53 -10.66 -28.29
N GLN A 432 32.24 -9.93 -27.21
CA GLN A 432 32.55 -10.42 -25.87
C GLN A 432 31.85 -11.74 -25.60
N ASP A 433 30.66 -11.94 -26.16
CA ASP A 433 29.97 -13.22 -25.97
C ASP A 433 30.76 -14.36 -26.59
N PHE A 434 31.31 -14.17 -27.78
CA PHE A 434 32.11 -15.20 -28.42
C PHE A 434 33.36 -15.51 -27.59
N GLN A 435 34.12 -14.46 -27.24
CA GLN A 435 35.34 -14.70 -26.47
C GLN A 435 35.04 -15.30 -25.11
N GLN A 436 33.96 -14.86 -24.46
CA GLN A 436 33.61 -15.36 -23.14
C GLN A 436 33.12 -16.79 -23.19
N VAL A 437 32.42 -17.19 -24.26
CA VAL A 437 32.03 -18.60 -24.34
C VAL A 437 33.26 -19.46 -24.59
N GLY A 438 34.23 -18.97 -25.36
CA GLY A 438 35.49 -19.70 -25.48
C GLY A 438 36.18 -19.89 -24.13
N ILE A 439 36.24 -18.82 -23.34
CA ILE A 439 36.91 -18.89 -22.05
C ILE A 439 36.12 -19.77 -21.07
N SER A 440 34.79 -19.70 -21.12
CA SER A 440 33.97 -20.55 -20.27
C SER A 440 34.16 -22.01 -20.62
N VAL A 441 34.28 -22.32 -21.91
CA VAL A 441 34.58 -23.68 -22.32
C VAL A 441 35.94 -24.11 -21.79
N THR A 442 36.93 -23.22 -21.84
CA THR A 442 38.25 -23.54 -21.30
C THR A 442 38.18 -23.86 -19.81
N ARG A 443 37.41 -23.08 -19.05
CA ARG A 443 37.30 -23.31 -17.61
C ARG A 443 36.52 -24.59 -17.30
N LEU A 444 35.44 -24.86 -18.05
CA LEU A 444 34.74 -26.13 -17.91
C LEU A 444 35.68 -27.30 -18.20
N GLY A 445 36.57 -27.13 -19.18
CA GLY A 445 37.58 -28.15 -19.42
C GLY A 445 38.54 -28.30 -18.26
N ASP A 446 38.93 -27.17 -17.65
CA ASP A 446 39.79 -27.23 -16.47
C ASP A 446 39.13 -28.05 -15.35
N VAL A 447 37.83 -27.89 -15.17
CA VAL A 447 37.13 -28.70 -14.17
C VAL A 447 37.02 -30.16 -14.63
N LEU A 448 36.69 -30.39 -15.89
CA LEU A 448 36.32 -31.70 -16.40
C LEU A 448 37.49 -32.54 -16.87
N ASN A 449 38.69 -31.99 -16.93
CA ASN A 449 39.86 -32.75 -17.37
C ASN A 449 40.67 -33.33 -16.22
N SER A 450 40.28 -33.07 -14.99
CA SER A 450 40.97 -33.68 -13.87
C SER A 450 40.50 -35.11 -13.63
N PRO A 451 41.39 -36.00 -13.21
CA PRO A 451 40.99 -37.40 -13.00
C PRO A 451 39.98 -37.55 -11.88
N THR A 452 39.16 -38.58 -12.00
CA THR A 452 38.09 -38.84 -11.03
C THR A 452 38.39 -40.09 -10.21
N GLU A 453 38.05 -40.00 -8.93
CA GLU A 453 37.97 -41.17 -8.05
C GLU A 453 36.58 -41.80 -8.17
N SER A 454 36.26 -42.21 -9.40
CA SER A 454 34.87 -42.42 -9.78
C SER A 454 34.35 -43.78 -9.33
N TYR A 455 34.89 -44.87 -9.89
CA TYR A 455 34.26 -46.17 -9.74
C TYR A 455 35.27 -47.28 -9.92
N HIS A 456 34.92 -48.45 -9.41
CA HIS A 456 35.61 -49.71 -9.66
C HIS A 456 34.53 -50.76 -9.91
N GLY A 457 34.12 -50.88 -11.17
CA GLY A 457 33.04 -51.80 -11.51
C GLY A 457 33.53 -53.18 -11.90
N LYS A 458 33.52 -54.11 -10.95
CA LYS A 458 33.99 -55.47 -11.19
C LYS A 458 33.17 -56.41 -10.31
N LEU A 459 32.22 -57.11 -10.92
CA LEU A 459 31.44 -58.21 -10.34
C LEU A 459 30.46 -57.76 -9.25
N ALA A 460 30.40 -56.48 -8.91
CA ALA A 460 29.45 -55.96 -7.93
C ALA A 460 29.60 -56.69 -6.59
N LEU A 461 30.77 -56.46 -5.98
CA LEU A 461 31.22 -57.17 -4.78
C LEU A 461 30.16 -57.05 -3.69
N PRO A 462 29.87 -58.11 -2.95
CA PRO A 462 28.70 -58.13 -2.07
C PRO A 462 28.89 -57.29 -0.82
N GLU A 463 27.91 -57.40 0.08
CA GLU A 463 27.85 -56.55 1.26
C GLU A 463 29.02 -56.81 2.20
N ILE A 464 29.13 -55.98 3.24
CA ILE A 464 30.23 -56.03 4.19
C ILE A 464 29.78 -56.69 5.48
N ASN A 465 30.54 -57.66 5.94
CA ASN A 465 30.52 -58.09 7.33
C ASN A 465 31.65 -57.38 8.06
N GLY A 466 31.39 -57.02 9.32
CA GLY A 466 32.29 -56.12 10.02
C GLY A 466 33.63 -56.72 10.39
N ASN A 467 34.44 -57.05 9.39
CA ASN A 467 35.77 -57.61 9.59
C ASN A 467 36.79 -56.65 8.99
N ILE A 468 37.51 -55.95 9.85
CA ILE A 468 38.54 -55.00 9.44
C ILE A 468 39.90 -55.50 9.94
N THR A 469 40.90 -55.46 9.06
CA THR A 469 42.25 -55.82 9.44
C THR A 469 43.24 -54.96 8.67
N PHE A 470 44.34 -54.60 9.34
CA PHE A 470 45.41 -53.83 8.74
C PHE A 470 46.66 -54.70 8.63
N ARG A 471 47.40 -54.56 7.54
CA ARG A 471 48.59 -55.36 7.28
C ARG A 471 49.73 -54.45 6.83
N ASN A 472 50.64 -54.15 7.75
CA ASN A 472 51.86 -53.40 7.47
C ASN A 472 51.54 -52.05 6.82
N ILE A 473 50.75 -51.26 7.54
CA ILE A 473 50.34 -49.94 7.07
C ILE A 473 51.31 -48.89 7.62
N ARG A 474 51.86 -48.08 6.73
CA ARG A 474 52.54 -46.85 7.13
C ARG A 474 51.98 -45.71 6.29
N PHE A 475 51.79 -44.56 6.93
CA PHE A 475 51.08 -43.46 6.29
C PHE A 475 51.84 -42.16 6.52
N ARG A 476 51.86 -41.33 5.48
CA ARG A 476 52.51 -40.02 5.52
C ARG A 476 51.52 -38.99 5.00
N TYR A 477 51.39 -37.87 5.73
CA TYR A 477 50.46 -36.83 5.31
C TYR A 477 50.79 -36.32 3.92
N LYS A 478 52.04 -35.95 3.70
CA LYS A 478 52.56 -35.57 2.40
C LYS A 478 53.84 -36.34 2.17
N PRO A 479 54.27 -36.50 0.92
CA PRO A 479 55.56 -37.17 0.65
C PRO A 479 56.75 -36.45 1.28
N ASP A 480 56.60 -35.18 1.64
CA ASP A 480 57.63 -34.40 2.31
C ASP A 480 57.17 -33.97 3.70
N SER A 481 56.58 -34.90 4.44
CA SER A 481 56.08 -34.64 5.79
C SER A 481 56.48 -35.80 6.68
N PRO A 482 56.59 -35.58 7.99
CA PRO A 482 56.97 -36.66 8.89
C PRO A 482 55.96 -37.79 8.89
N VAL A 483 56.48 -39.00 9.10
CA VAL A 483 55.64 -40.21 9.10
C VAL A 483 54.83 -40.26 10.39
N ILE A 484 53.61 -40.81 10.29
CA ILE A 484 52.71 -40.89 11.43
C ILE A 484 52.64 -42.34 11.92
N LEU A 485 52.20 -43.24 11.05
CA LEU A 485 52.12 -44.67 11.36
C LEU A 485 53.26 -45.39 10.65
N ASP A 486 53.82 -46.39 11.31
CA ASP A 486 54.97 -47.11 10.79
C ASP A 486 54.66 -48.56 10.45
N ASN A 487 54.20 -49.36 11.43
CA ASN A 487 53.92 -50.77 11.22
C ASN A 487 52.64 -51.17 11.96
N ILE A 488 51.61 -50.34 11.84
CA ILE A 488 50.33 -50.62 12.49
C ILE A 488 49.71 -51.87 11.89
N ASN A 489 49.60 -52.93 12.68
CA ASN A 489 48.96 -54.18 12.29
C ASN A 489 47.79 -54.43 13.22
N LEU A 490 46.62 -54.69 12.64
CA LEU A 490 45.39 -54.80 13.42
C LEU A 490 44.47 -55.81 12.74
N SER A 491 43.54 -56.35 13.54
CA SER A 491 42.53 -57.27 13.03
C SER A 491 41.33 -57.22 13.97
N ILE A 492 40.18 -56.85 13.44
CA ILE A 492 38.96 -56.69 14.22
C ILE A 492 37.90 -57.64 13.67
N LYS A 493 37.25 -58.38 14.56
CA LYS A 493 36.24 -59.35 14.18
C LYS A 493 34.85 -58.72 14.20
N GLN A 494 33.89 -59.45 13.65
CA GLN A 494 32.52 -58.96 13.55
C GLN A 494 31.90 -58.83 14.94
N GLY A 495 31.12 -57.76 15.14
CA GLY A 495 30.44 -57.57 16.40
C GLY A 495 31.34 -57.29 17.58
N GLU A 496 32.55 -56.80 17.34
CA GLU A 496 33.53 -56.55 18.39
C GLU A 496 33.62 -55.05 18.64
N VAL A 497 33.26 -54.64 19.85
CA VAL A 497 33.35 -53.24 20.26
C VAL A 497 34.78 -53.02 20.76
N ILE A 498 35.61 -52.36 19.96
CA ILE A 498 37.01 -52.15 20.25
C ILE A 498 37.25 -50.66 20.48
N GLY A 499 37.99 -50.34 21.54
CA GLY A 499 38.33 -48.97 21.87
C GLY A 499 39.80 -48.71 21.61
N ILE A 500 40.09 -47.53 21.05
CA ILE A 500 41.45 -47.12 20.72
C ILE A 500 41.73 -45.81 21.42
N VAL A 501 42.79 -45.77 22.23
CA VAL A 501 43.11 -44.60 23.03
C VAL A 501 44.52 -44.13 22.72
N GLY A 502 44.92 -43.03 23.33
CA GLY A 502 46.24 -42.47 23.13
C GLY A 502 46.26 -41.01 23.52
N ARG A 503 47.37 -40.36 23.15
CA ARG A 503 47.56 -38.93 23.38
C ARG A 503 47.54 -38.19 22.05
N SER A 504 47.64 -36.86 22.15
CA SER A 504 47.71 -36.04 20.94
C SER A 504 48.97 -36.37 20.16
N GLY A 505 48.82 -36.51 18.84
CA GLY A 505 49.93 -36.91 17.99
C GLY A 505 50.21 -38.39 17.95
N SER A 506 49.38 -39.21 18.61
CA SER A 506 49.61 -40.65 18.60
C SER A 506 49.31 -41.27 17.24
N GLY A 507 48.51 -40.61 16.43
CA GLY A 507 48.12 -41.13 15.13
C GLY A 507 46.85 -41.94 15.11
N LYS A 508 46.11 -42.00 16.21
CA LYS A 508 44.86 -42.75 16.25
C LYS A 508 43.75 -42.08 15.47
N SER A 509 43.87 -40.79 15.18
CA SER A 509 42.82 -40.07 14.48
C SER A 509 42.78 -40.36 12.99
N THR A 510 43.85 -40.93 12.42
CA THR A 510 43.90 -41.20 10.99
C THR A 510 43.30 -42.54 10.62
N LEU A 511 42.99 -43.40 11.59
CA LEU A 511 42.44 -44.71 11.28
C LEU A 511 41.05 -44.58 10.64
N THR A 512 40.24 -43.64 11.13
CA THR A 512 38.90 -43.47 10.58
C THR A 512 38.95 -42.97 9.14
N LYS A 513 39.90 -42.09 8.82
CA LYS A 513 40.07 -41.63 7.45
C LYS A 513 40.83 -42.61 6.59
N LEU A 514 41.45 -43.62 7.19
CA LEU A 514 42.06 -44.70 6.43
C LEU A 514 41.06 -45.80 6.08
N ILE A 515 40.11 -46.08 6.97
CA ILE A 515 39.11 -47.10 6.69
C ILE A 515 38.26 -46.72 5.48
N GLN A 516 37.73 -45.49 5.49
CA GLN A 516 37.25 -44.91 4.25
C GLN A 516 38.45 -44.60 3.37
N ARG A 517 38.33 -44.83 2.07
CA ARG A 517 39.54 -44.68 1.25
C ARG A 517 39.70 -43.20 0.94
N PHE A 518 39.99 -42.41 1.97
CA PHE A 518 40.35 -41.00 1.84
C PHE A 518 41.87 -40.83 1.88
N TYR A 519 42.51 -41.40 2.89
CA TYR A 519 43.96 -41.41 3.00
C TYR A 519 44.50 -42.69 2.36
N ILE A 520 45.46 -42.53 1.47
CA ILE A 520 46.09 -43.65 0.78
C ILE A 520 47.40 -43.97 1.48
N PRO A 521 47.56 -45.16 2.05
CA PRO A 521 48.80 -45.47 2.77
C PRO A 521 50.01 -45.48 1.85
N GLU A 522 51.17 -45.18 2.44
CA GLU A 522 52.42 -45.23 1.69
C GLU A 522 52.66 -46.62 1.11
N ASN A 523 52.59 -47.64 1.95
CA ASN A 523 52.66 -49.02 1.50
C ASN A 523 51.93 -49.90 2.51
N GLY A 524 51.34 -50.97 2.00
CA GLY A 524 50.50 -51.85 2.77
C GLY A 524 49.11 -51.92 2.17
N GLN A 525 48.22 -52.65 2.86
CA GLN A 525 46.88 -52.87 2.36
C GLN A 525 45.91 -52.89 3.53
N VAL A 526 44.76 -52.24 3.36
CA VAL A 526 43.69 -52.22 4.35
C VAL A 526 42.60 -53.17 3.84
N LEU A 527 42.31 -54.20 4.61
CA LEU A 527 41.40 -55.26 4.20
C LEU A 527 40.12 -55.19 5.02
N ILE A 528 38.99 -55.10 4.34
CA ILE A 528 37.68 -55.16 4.97
C ILE A 528 36.94 -56.36 4.41
N ASP A 529 36.61 -57.31 5.29
CA ASP A 529 35.96 -58.56 4.92
C ASP A 529 36.77 -59.30 3.85
N GLY A 530 38.09 -59.24 3.97
CA GLY A 530 38.99 -59.98 3.11
C GLY A 530 39.35 -59.30 1.80
N HIS A 531 38.67 -58.21 1.46
CA HIS A 531 38.84 -57.57 0.16
C HIS A 531 39.59 -56.25 0.30
N ASP A 532 40.54 -56.02 -0.60
CA ASP A 532 41.34 -54.80 -0.55
C ASP A 532 40.48 -53.58 -0.86
N LEU A 533 40.69 -52.51 -0.11
CA LEU A 533 39.93 -51.28 -0.30
C LEU A 533 40.48 -50.41 -1.43
N ALA A 534 41.71 -50.67 -1.89
CA ALA A 534 42.26 -49.89 -2.98
C ALA A 534 41.68 -50.26 -4.34
N LEU A 535 40.99 -51.40 -4.43
CA LEU A 535 40.40 -51.85 -5.68
C LEU A 535 38.87 -51.91 -5.65
N ALA A 536 38.25 -51.55 -4.53
CA ALA A 536 36.81 -51.64 -4.37
C ALA A 536 36.14 -50.32 -4.75
N ASP A 537 34.81 -50.37 -4.80
CA ASP A 537 34.02 -49.18 -5.13
C ASP A 537 34.02 -48.23 -3.94
N PRO A 538 34.49 -46.99 -4.09
CA PRO A 538 34.49 -46.06 -2.94
C PRO A 538 33.11 -45.79 -2.38
N ASN A 539 32.11 -45.61 -3.25
CA ASN A 539 30.77 -45.31 -2.77
C ASN A 539 30.20 -46.46 -1.96
N TRP A 540 30.41 -47.70 -2.42
CA TRP A 540 29.94 -48.87 -1.69
C TRP A 540 30.57 -48.93 -0.30
N LEU A 541 31.89 -48.80 -0.22
CA LEU A 541 32.58 -48.85 1.06
C LEU A 541 32.10 -47.74 2.00
N ARG A 542 32.05 -46.51 1.51
CA ARG A 542 31.67 -45.39 2.36
C ARG A 542 30.18 -45.40 2.70
N ARG A 543 29.36 -46.12 1.93
CA ARG A 543 27.97 -46.33 2.31
C ARG A 543 27.83 -47.38 3.40
N GLN A 544 28.65 -48.43 3.37
CA GLN A 544 28.55 -49.45 4.40
C GLN A 544 29.09 -49.00 5.75
N VAL A 545 29.84 -47.90 5.80
CA VAL A 545 30.54 -47.47 7.01
C VAL A 545 29.99 -46.13 7.45
N GLY A 546 29.61 -46.03 8.72
CA GLY A 546 29.15 -44.78 9.31
C GLY A 546 30.11 -44.24 10.35
N VAL A 547 30.45 -42.95 10.24
CA VAL A 547 31.48 -42.34 11.07
C VAL A 547 30.92 -41.08 11.71
N VAL A 548 31.15 -40.93 13.02
CA VAL A 548 30.82 -39.71 13.75
C VAL A 548 32.12 -39.09 14.22
N LEU A 549 32.33 -37.82 13.88
CA LEU A 549 33.58 -37.13 14.12
C LEU A 549 33.47 -36.22 15.34
N GLN A 550 34.58 -35.58 15.69
CA GLN A 550 34.59 -34.65 16.82
C GLN A 550 33.65 -33.47 16.56
N ASP A 551 33.71 -32.90 15.36
CA ASP A 551 32.78 -31.87 14.92
C ASP A 551 32.13 -32.29 13.61
N ASN A 552 30.81 -32.18 13.54
CA ASN A 552 30.06 -32.63 12.39
C ASN A 552 29.39 -31.45 11.70
N VAL A 553 29.24 -31.55 10.39
CA VAL A 553 28.66 -30.50 9.56
C VAL A 553 27.34 -30.99 9.00
N LEU A 554 26.27 -30.27 9.30
CA LEU A 554 24.96 -30.57 8.75
C LEU A 554 24.71 -29.65 7.56
N LEU A 555 23.49 -29.73 7.02
CA LEU A 555 23.08 -28.87 5.91
C LEU A 555 22.05 -27.86 6.39
N ASN A 556 21.77 -26.88 5.54
CA ASN A 556 20.81 -25.84 5.88
C ASN A 556 19.38 -26.33 5.65
N ARG A 557 19.04 -27.47 6.24
CA ARG A 557 17.71 -28.06 6.08
C ARG A 557 17.10 -28.34 7.45
N SER A 558 15.96 -29.01 7.47
CA SER A 558 15.34 -29.38 8.74
C SER A 558 16.14 -30.51 9.39
N ILE A 559 15.82 -30.77 10.66
CA ILE A 559 16.50 -31.84 11.40
C ILE A 559 16.22 -33.19 10.77
N ILE A 560 14.96 -33.45 10.41
CA ILE A 560 14.63 -34.73 9.79
C ILE A 560 15.23 -34.84 8.39
N ASP A 561 15.41 -33.72 7.69
CA ASP A 561 16.06 -33.76 6.38
C ASP A 561 17.54 -34.07 6.51
N ASN A 562 18.14 -33.74 7.66
CA ASN A 562 19.54 -34.07 7.87
C ASN A 562 19.73 -35.49 8.38
N ILE A 563 18.82 -35.96 9.24
CA ILE A 563 18.92 -37.32 9.75
C ILE A 563 18.71 -38.32 8.62
N SER A 564 17.75 -38.06 7.74
CA SER A 564 17.41 -38.96 6.63
C SER A 564 18.02 -38.48 5.32
N LEU A 565 19.25 -37.96 5.37
CA LEU A 565 19.89 -37.43 4.17
C LEU A 565 20.12 -38.53 3.14
N ALA A 566 20.52 -39.72 3.58
CA ALA A 566 20.82 -40.82 2.67
C ALA A 566 19.58 -41.48 2.10
N ASN A 567 18.40 -41.16 2.61
CA ASN A 567 17.15 -41.74 2.13
C ASN A 567 15.98 -40.84 2.53
N PRO A 568 15.76 -39.73 1.81
CA PRO A 568 14.71 -38.78 2.23
C PRO A 568 13.30 -39.34 2.18
N GLY A 569 13.05 -40.42 1.44
CA GLY A 569 11.70 -40.97 1.34
C GLY A 569 11.42 -42.01 2.40
N MET A 570 12.27 -42.05 3.42
CA MET A 570 12.20 -43.05 4.47
C MET A 570 11.14 -42.68 5.52
N SER A 571 10.62 -43.71 6.18
CA SER A 571 9.55 -43.53 7.14
C SER A 571 10.00 -42.68 8.32
N VAL A 572 9.07 -41.86 8.84
CA VAL A 572 9.39 -40.97 9.94
C VAL A 572 9.62 -41.74 11.24
N GLU A 573 8.95 -42.89 11.41
CA GLU A 573 9.12 -43.66 12.63
C GLU A 573 10.56 -44.11 12.83
N LYS A 574 11.24 -44.48 11.74
CA LYS A 574 12.65 -44.83 11.84
C LYS A 574 13.49 -43.64 12.30
N VAL A 575 13.18 -42.45 11.78
CA VAL A 575 13.90 -41.25 12.20
C VAL A 575 13.69 -40.98 13.68
N ILE A 576 12.44 -41.11 14.15
CA ILE A 576 12.15 -40.87 15.57
C ILE A 576 12.87 -41.90 16.44
N TYR A 577 12.87 -43.17 16.02
CA TYR A 577 13.56 -44.19 16.79
C TYR A 577 15.05 -43.93 16.85
N ALA A 578 15.66 -43.55 15.73
CA ALA A 578 17.09 -43.25 15.73
C ALA A 578 17.40 -42.04 16.61
N ALA A 579 16.56 -41.01 16.56
CA ALA A 579 16.76 -39.85 17.42
C ALA A 579 16.62 -40.20 18.89
N LYS A 580 15.68 -41.08 19.23
CA LYS A 580 15.54 -41.51 20.61
C LYS A 580 16.74 -42.34 21.06
N LEU A 581 17.30 -43.14 20.15
CA LEU A 581 18.48 -43.93 20.49
C LEU A 581 19.67 -43.03 20.84
N ALA A 582 19.85 -41.95 20.08
CA ALA A 582 20.94 -41.02 20.33
C ALA A 582 20.63 -40.01 21.42
N GLY A 583 19.43 -40.03 21.99
CA GLY A 583 19.06 -39.05 22.98
C GLY A 583 18.73 -37.69 22.42
N ALA A 584 18.52 -37.59 21.11
CA ALA A 584 18.25 -36.32 20.46
C ALA A 584 16.79 -35.89 20.55
N HIS A 585 15.88 -36.80 20.91
CA HIS A 585 14.47 -36.45 20.99
C HIS A 585 14.20 -35.44 22.11
N ASP A 586 14.93 -35.58 23.22
CA ASP A 586 14.66 -34.74 24.39
C ASP A 586 14.87 -33.27 24.07
N PHE A 587 16.03 -32.91 23.50
CA PHE A 587 16.29 -31.51 23.24
C PHE A 587 15.47 -30.98 22.07
N ILE A 588 15.06 -31.84 21.13
CA ILE A 588 14.14 -31.41 20.09
C ILE A 588 12.76 -31.10 20.68
N SER A 589 12.41 -31.76 21.79
CA SER A 589 11.11 -31.51 22.41
C SER A 589 10.94 -30.04 22.82
N GLU A 590 12.01 -29.37 23.24
CA GLU A 590 11.90 -27.95 23.59
C GLU A 590 12.04 -27.03 22.39
N LEU A 591 11.93 -27.54 21.17
CA LEU A 591 11.96 -26.72 19.97
C LEU A 591 10.53 -26.50 19.50
N ARG A 592 10.19 -25.22 19.26
CA ARG A 592 8.83 -24.88 18.87
C ARG A 592 8.45 -25.50 17.53
N GLU A 593 9.35 -25.46 16.57
CA GLU A 593 9.07 -25.99 15.24
C GLU A 593 9.15 -27.51 15.19
N GLY A 594 9.80 -28.14 16.17
CA GLY A 594 9.88 -29.59 16.19
C GLY A 594 10.96 -30.10 15.28
N TYR A 595 10.72 -31.26 14.67
CA TYR A 595 11.68 -31.84 13.73
C TYR A 595 11.81 -31.04 12.44
N ASN A 596 10.92 -30.08 12.21
CA ASN A 596 11.01 -29.21 11.04
C ASN A 596 11.94 -28.03 11.28
N THR A 597 12.55 -27.93 12.46
CA THR A 597 13.45 -26.83 12.75
C THR A 597 14.61 -26.82 11.76
N ILE A 598 14.84 -25.69 11.11
CA ILE A 598 15.88 -25.58 10.10
C ILE A 598 17.18 -25.23 10.79
N VAL A 599 18.20 -26.06 10.60
CA VAL A 599 19.54 -25.77 11.09
C VAL A 599 20.06 -24.58 10.27
N GLY A 600 20.42 -23.49 10.97
CA GLY A 600 20.65 -22.23 10.29
C GLY A 600 21.76 -22.27 9.25
N GLU A 601 22.75 -23.13 9.46
CA GLU A 601 23.90 -23.21 8.58
C GLU A 601 24.50 -24.61 8.75
N GLN A 602 25.78 -24.76 8.36
CA GLN A 602 26.49 -26.01 8.58
C GLN A 602 26.19 -26.60 9.95
N GLY A 603 26.25 -25.77 10.99
CA GLY A 603 25.84 -26.21 12.32
C GLY A 603 25.20 -25.13 13.15
N ALA A 604 24.95 -23.96 12.55
CA ALA A 604 24.37 -22.86 13.30
C ALA A 604 22.94 -23.17 13.70
N GLY A 605 22.53 -22.59 14.83
CA GLY A 605 21.21 -22.83 15.38
C GLY A 605 21.15 -23.97 16.38
N LEU A 606 22.17 -24.83 16.41
CA LEU A 606 22.27 -25.90 17.38
C LEU A 606 23.62 -25.84 18.07
N SER A 607 23.66 -26.29 19.32
CA SER A 607 24.90 -26.30 20.08
C SER A 607 25.79 -27.45 19.61
N GLY A 608 26.97 -27.56 20.22
CA GLY A 608 27.88 -28.64 19.85
C GLY A 608 27.35 -30.00 20.23
N GLY A 609 26.82 -30.14 21.44
CA GLY A 609 26.27 -31.42 21.85
C GLY A 609 25.04 -31.82 21.05
N GLN A 610 24.17 -30.84 20.75
CA GLN A 610 23.01 -31.13 19.92
C GLN A 610 23.44 -31.59 18.53
N ARG A 611 24.46 -30.93 17.97
CA ARG A 611 24.96 -31.34 16.65
C ARG A 611 25.57 -32.74 16.70
N GLN A 612 26.25 -33.07 17.78
CA GLN A 612 26.83 -34.39 17.91
C GLN A 612 25.76 -35.45 18.01
N ARG A 613 24.69 -35.16 18.75
CA ARG A 613 23.59 -36.11 18.87
C ARG A 613 22.84 -36.27 17.54
N ILE A 614 22.68 -35.17 16.81
CA ILE A 614 22.04 -35.25 15.49
C ILE A 614 22.90 -36.09 14.54
N ALA A 615 24.21 -35.92 14.59
CA ALA A 615 25.09 -36.71 13.73
C ALA A 615 25.06 -38.18 14.12
N ILE A 616 24.99 -38.48 15.42
CA ILE A 616 24.88 -39.86 15.85
C ILE A 616 23.58 -40.47 15.35
N ALA A 617 22.48 -39.72 15.43
CA ALA A 617 21.20 -40.20 14.91
C ALA A 617 21.28 -40.43 13.41
N ARG A 618 21.93 -39.53 12.68
CA ARG A 618 22.07 -39.69 11.24
C ARG A 618 22.89 -40.93 10.90
N ALA A 619 23.95 -41.19 11.64
CA ALA A 619 24.75 -42.39 11.41
C ALA A 619 23.96 -43.66 11.75
N LEU A 620 23.15 -43.61 12.81
CA LEU A 620 22.44 -44.80 13.27
C LEU A 620 21.15 -45.09 12.51
N VAL A 621 20.60 -44.09 11.81
CA VAL A 621 19.28 -44.29 11.23
C VAL A 621 19.34 -45.24 10.05
N ASN A 622 20.51 -45.36 9.41
CA ASN A 622 20.75 -46.40 8.42
C ASN A 622 21.05 -47.69 9.17
N ASN A 623 21.60 -48.68 8.48
CA ASN A 623 22.04 -49.93 9.11
C ASN A 623 23.50 -50.14 8.77
N PRO A 624 24.41 -49.35 9.36
CA PRO A 624 25.83 -49.48 9.05
C PRO A 624 26.42 -50.71 9.73
N LYS A 625 27.17 -51.50 8.97
CA LYS A 625 27.86 -52.64 9.55
C LYS A 625 29.01 -52.24 10.44
N ILE A 626 29.59 -51.06 10.22
CA ILE A 626 30.73 -50.57 10.99
C ILE A 626 30.41 -49.17 11.49
N LEU A 627 30.58 -48.95 12.79
CA LEU A 627 30.42 -47.63 13.39
C LEU A 627 31.76 -47.17 13.96
N ILE A 628 32.10 -45.91 13.72
CA ILE A 628 33.34 -45.32 14.21
C ILE A 628 33.00 -44.08 15.01
N PHE A 629 33.49 -44.02 16.25
CA PHE A 629 33.29 -42.87 17.13
C PHE A 629 34.65 -42.19 17.31
N ASP A 630 34.85 -41.09 16.58
CA ASP A 630 36.13 -40.38 16.57
C ASP A 630 35.96 -39.14 17.45
N GLU A 631 36.15 -39.32 18.76
CA GLU A 631 35.88 -38.28 19.76
C GLU A 631 34.49 -37.68 19.58
N ALA A 632 33.50 -38.56 19.48
CA ALA A 632 32.12 -38.16 19.22
C ALA A 632 31.35 -37.81 20.48
N THR A 633 32.03 -37.66 21.61
CA THR A 633 31.39 -37.29 22.87
C THR A 633 32.07 -36.13 23.56
N SER A 634 32.98 -35.43 22.88
CA SER A 634 33.70 -34.33 23.51
C SER A 634 32.77 -33.16 23.81
N ALA A 635 31.86 -32.84 22.89
CA ALA A 635 30.98 -31.68 23.03
C ALA A 635 29.81 -31.94 23.97
N LEU A 636 29.59 -33.17 24.39
CA LEU A 636 28.45 -33.52 25.22
C LEU A 636 28.77 -33.29 26.70
N ASP A 637 27.75 -32.91 27.46
CA ASP A 637 27.88 -32.78 28.90
C ASP A 637 27.81 -34.17 29.53
N TYR A 638 27.77 -34.24 30.86
CA TYR A 638 27.74 -35.54 31.51
C TYR A 638 26.41 -36.23 31.32
N GLU A 639 25.30 -35.49 31.37
CA GLU A 639 23.98 -36.11 31.26
C GLU A 639 23.76 -36.71 29.88
N SER A 640 24.05 -35.95 28.82
CA SER A 640 23.85 -36.45 27.47
C SER A 640 24.77 -37.63 27.18
N GLU A 641 26.03 -37.55 27.63
CA GLU A 641 26.95 -38.66 27.44
C GLU A 641 26.47 -39.90 28.19
N HIS A 642 25.95 -39.73 29.41
CA HIS A 642 25.42 -40.86 30.14
C HIS A 642 24.24 -41.49 29.43
N ILE A 643 23.33 -40.66 28.90
CA ILE A 643 22.18 -41.17 28.17
C ILE A 643 22.63 -41.95 26.94
N ILE A 644 23.65 -41.45 26.24
CA ILE A 644 24.15 -42.16 25.07
C ILE A 644 24.81 -43.48 25.47
N MET A 645 25.60 -43.46 26.55
CA MET A 645 26.30 -44.67 26.98
C MET A 645 25.35 -45.73 27.53
N ARG A 646 24.18 -45.34 28.06
CA ARG A 646 23.21 -46.33 28.47
C ARG A 646 22.59 -47.06 27.28
N ASN A 647 22.47 -46.38 26.14
CA ASN A 647 21.93 -46.98 24.92
C ASN A 647 23.00 -47.65 24.07
N MET A 648 24.24 -47.72 24.56
CA MET A 648 25.34 -48.25 23.76
C MET A 648 25.14 -49.71 23.39
N HIS A 649 24.46 -50.49 24.22
CA HIS A 649 24.23 -51.89 23.88
C HIS A 649 23.19 -52.06 22.78
N LYS A 650 22.25 -51.10 22.68
CA LYS A 650 21.35 -51.08 21.53
C LYS A 650 22.02 -50.51 20.29
N ILE A 651 23.03 -49.65 20.46
CA ILE A 651 23.73 -49.06 19.32
C ILE A 651 24.70 -50.07 18.72
N CYS A 652 25.39 -50.83 19.58
CA CYS A 652 26.44 -51.75 19.15
C CYS A 652 25.89 -53.12 18.75
N LYS A 653 24.57 -53.29 18.76
CA LYS A 653 23.96 -54.60 18.50
C LYS A 653 24.17 -54.99 17.04
N GLY A 654 25.02 -56.00 16.82
CA GLY A 654 25.23 -56.53 15.49
C GLY A 654 26.16 -55.74 14.60
N ARG A 655 26.88 -54.77 15.16
CA ARG A 655 27.78 -53.93 14.39
C ARG A 655 29.19 -53.97 14.98
N THR A 656 30.17 -53.72 14.13
CA THR A 656 31.55 -53.56 14.55
C THR A 656 31.78 -52.09 14.89
N VAL A 657 32.01 -51.79 16.16
CA VAL A 657 32.12 -50.42 16.64
C VAL A 657 33.55 -50.17 17.08
N ILE A 658 34.13 -49.09 16.56
CA ILE A 658 35.48 -48.65 16.94
C ILE A 658 35.34 -47.30 17.63
N ILE A 659 35.82 -47.22 18.87
CA ILE A 659 35.69 -46.02 19.68
C ILE A 659 37.07 -45.40 19.83
N ILE A 660 37.22 -44.16 19.39
CA ILE A 660 38.45 -43.39 19.50
C ILE A 660 38.15 -42.14 20.30
N ALA A 661 38.84 -41.97 21.43
CA ALA A 661 38.61 -40.82 22.29
C ALA A 661 39.85 -40.53 23.11
N HIS A 662 40.02 -39.25 23.45
CA HIS A 662 41.12 -38.86 24.32
C HIS A 662 40.91 -39.38 25.75
N ARG A 663 39.70 -39.19 26.28
CA ARG A 663 39.40 -39.64 27.63
C ARG A 663 39.35 -41.16 27.69
N LEU A 664 39.77 -41.71 28.83
CA LEU A 664 39.81 -43.15 29.01
C LEU A 664 38.51 -43.71 29.57
N SER A 665 37.56 -42.86 29.97
CA SER A 665 36.32 -43.34 30.56
C SER A 665 35.29 -43.78 29.53
N THR A 666 35.51 -43.50 28.25
CA THR A 666 34.56 -43.87 27.22
C THR A 666 34.73 -45.31 26.72
N VAL A 667 35.95 -45.84 26.78
CA VAL A 667 36.24 -47.17 26.26
C VAL A 667 36.28 -48.17 27.41
N LYS A 668 35.72 -47.79 28.55
CA LYS A 668 35.74 -48.67 29.71
C LYS A 668 34.96 -49.96 29.46
N ASN A 669 33.83 -49.87 28.78
CA ASN A 669 32.96 -51.01 28.51
C ASN A 669 33.23 -51.64 27.14
N ALA A 670 34.45 -51.54 26.66
CA ALA A 670 34.81 -52.11 25.35
C ALA A 670 35.31 -53.54 25.50
N ASP A 671 35.17 -54.31 24.42
CA ASP A 671 35.66 -55.67 24.42
C ASP A 671 37.18 -55.74 24.36
N ARG A 672 37.84 -54.69 23.87
CA ARG A 672 39.29 -54.66 23.79
C ARG A 672 39.79 -53.22 23.67
N ILE A 673 40.72 -52.82 24.52
CA ILE A 673 41.26 -51.48 24.52
C ILE A 673 42.69 -51.52 24.00
N ILE A 674 43.02 -50.58 23.12
CA ILE A 674 44.30 -50.55 22.43
C ILE A 674 44.95 -49.19 22.67
N VAL A 675 46.24 -49.21 23.04
CA VAL A 675 47.00 -47.99 23.31
C VAL A 675 48.03 -47.81 22.21
N MET A 676 48.09 -46.61 21.65
CA MET A 676 49.01 -46.28 20.58
C MET A 676 49.98 -45.21 21.04
N GLU A 677 51.24 -45.34 20.60
CA GLU A 677 52.26 -44.35 20.91
C GLU A 677 53.12 -44.13 19.68
N LYS A 678 53.04 -42.93 19.10
CA LYS A 678 53.84 -42.54 17.94
C LYS A 678 53.65 -43.49 16.77
N GLY A 679 52.42 -43.93 16.54
CA GLY A 679 52.13 -44.80 15.42
C GLY A 679 52.45 -46.26 15.62
N LYS A 680 52.62 -46.70 16.87
CA LYS A 680 52.94 -48.09 17.15
C LYS A 680 52.04 -48.61 18.26
N ILE A 681 51.79 -49.91 18.26
CA ILE A 681 51.00 -50.55 19.30
C ILE A 681 51.94 -50.94 20.44
N VAL A 682 51.71 -50.37 21.62
CA VAL A 682 52.57 -50.63 22.77
C VAL A 682 51.83 -51.54 23.76
N GLU A 683 50.50 -51.41 23.83
CA GLU A 683 49.71 -52.17 24.78
C GLU A 683 48.36 -52.51 24.17
N GLN A 684 47.80 -53.64 24.59
CA GLN A 684 46.45 -54.03 24.22
C GLN A 684 45.90 -54.96 25.28
N GLY A 685 44.58 -55.10 25.30
CA GLY A 685 43.92 -55.96 26.27
C GLY A 685 42.70 -55.31 26.89
N LYS A 686 42.13 -55.94 27.91
CA LYS A 686 41.00 -55.34 28.60
C LYS A 686 41.47 -54.19 29.46
N HIS A 687 40.53 -53.38 29.95
CA HIS A 687 40.90 -52.21 30.73
C HIS A 687 41.66 -52.62 31.99
N LYS A 688 41.11 -53.57 32.74
CA LYS A 688 41.79 -54.04 33.95
C LYS A 688 43.08 -54.75 33.60
N GLU A 689 43.03 -55.60 32.58
CA GLU A 689 44.23 -56.30 32.15
C GLU A 689 45.34 -55.30 31.96
N LEU A 690 44.98 -54.06 31.63
CA LEU A 690 45.99 -53.02 31.47
C LEU A 690 46.13 -52.15 32.71
N LEU A 691 45.03 -51.96 33.45
CA LEU A 691 45.08 -51.14 34.66
C LEU A 691 45.76 -51.84 35.82
N SER A 692 45.85 -53.17 35.80
CA SER A 692 46.45 -53.89 36.92
C SER A 692 47.93 -53.57 37.06
N GLU A 693 48.65 -53.46 35.94
CA GLU A 693 50.09 -53.24 35.98
C GLU A 693 50.39 -51.76 35.88
N PRO A 694 50.99 -51.14 36.90
CA PRO A 694 51.40 -49.74 36.78
C PRO A 694 52.53 -49.52 35.78
N GLU A 695 53.24 -50.58 35.38
CA GLU A 695 54.32 -50.44 34.41
C GLU A 695 53.82 -49.95 33.06
N SER A 696 52.55 -50.16 32.75
CA SER A 696 51.99 -49.80 31.46
C SER A 696 51.66 -48.31 31.40
N LEU A 697 51.69 -47.76 30.19
CA LEU A 697 51.31 -46.37 29.97
C LEU A 697 49.81 -46.15 30.12
N TYR A 698 49.00 -47.20 29.98
CA TYR A 698 47.57 -47.07 30.18
C TYR A 698 47.25 -46.64 31.61
N SER A 699 47.94 -47.22 32.59
CA SER A 699 47.74 -46.83 33.98
C SER A 699 48.12 -45.38 34.21
N TYR A 700 49.22 -44.94 33.60
CA TYR A 700 49.64 -43.55 33.73
C TYR A 700 48.60 -42.61 33.13
N LEU A 701 48.08 -42.95 31.94
CA LEU A 701 47.05 -42.13 31.33
C LEU A 701 45.79 -42.07 32.19
N TYR A 702 45.38 -43.22 32.76
CA TYR A 702 44.20 -43.23 33.61
C TYR A 702 44.41 -42.39 34.86
N GLN A 703 45.61 -42.45 35.44
CA GLN A 703 45.90 -41.63 36.62
C GLN A 703 45.85 -40.15 36.27
N LEU A 704 46.40 -39.76 35.12
CA LEU A 704 46.33 -38.36 34.71
C LEU A 704 44.89 -37.92 34.46
N GLN A 705 44.08 -38.78 33.84
CA GLN A 705 42.71 -38.43 33.53
C GLN A 705 41.90 -38.20 34.79
N SER A 706 42.11 -39.02 35.82
CA SER A 706 41.39 -38.89 37.08
C SER A 706 41.78 -37.61 37.81
N ILE B 7 54.81 7.07 16.92
CA ILE B 7 53.59 7.78 17.28
C ILE B 7 52.94 8.37 16.03
N ASP B 8 51.66 8.07 15.84
CA ASP B 8 50.92 8.59 14.70
C ASP B 8 50.46 10.01 15.02
N TYR B 9 50.99 10.99 14.29
CA TYR B 9 50.65 12.38 14.52
C TYR B 9 49.40 12.84 13.78
N GLY B 10 49.02 12.14 12.71
CA GLY B 10 47.78 12.48 12.02
C GLY B 10 46.56 12.32 12.91
N LEU B 11 46.54 11.24 13.71
CA LEU B 11 45.44 11.04 14.64
C LEU B 11 45.36 12.15 15.68
N TYR B 12 46.51 12.56 16.22
CA TYR B 12 46.53 13.65 17.19
C TYR B 12 46.06 14.96 16.56
N ALA B 13 46.51 15.23 15.34
CA ALA B 13 46.07 16.44 14.64
C ALA B 13 44.57 16.42 14.39
N LEU B 14 44.02 15.26 14.01
CA LEU B 14 42.59 15.13 13.83
C LEU B 14 41.85 15.37 15.13
N GLU B 15 42.38 14.83 16.24
CA GLU B 15 41.76 15.04 17.54
C GLU B 15 41.73 16.52 17.91
N ILE B 16 42.85 17.21 17.69
CA ILE B 16 42.92 18.64 18.03
C ILE B 16 41.95 19.44 17.18
N LEU B 17 41.94 19.18 15.87
CA LEU B 17 41.08 19.93 14.97
C LEU B 17 39.61 19.63 15.21
N ALA B 18 39.29 18.42 15.71
CA ALA B 18 37.93 18.12 16.09
C ALA B 18 37.53 18.79 17.39
N GLN B 19 38.48 18.94 18.32
CA GLN B 19 38.23 19.72 19.52
C GLN B 19 37.94 21.17 19.17
N TYR B 20 38.68 21.72 18.21
CA TYR B 20 38.47 23.10 17.81
C TYR B 20 37.08 23.33 17.21
N HIS B 21 36.60 22.39 16.39
CA HIS B 21 35.34 22.56 15.67
C HIS B 21 34.16 21.94 16.42
N ASN B 22 34.29 21.75 17.73
CA ASN B 22 33.17 21.39 18.61
C ASN B 22 32.54 20.05 18.23
N VAL B 23 33.36 19.05 17.96
CA VAL B 23 32.92 17.68 17.76
C VAL B 23 33.79 16.75 18.58
N SER B 24 33.17 15.76 19.20
CA SER B 24 33.88 14.81 20.06
C SER B 24 34.37 13.63 19.23
N VAL B 25 35.66 13.31 19.37
CA VAL B 25 36.29 12.24 18.62
C VAL B 25 36.99 11.30 19.60
N ASN B 26 36.80 9.99 19.40
CA ASN B 26 37.53 8.99 20.15
C ASN B 26 38.67 8.49 19.28
N PRO B 27 39.93 8.74 19.65
CA PRO B 27 41.05 8.30 18.78
C PRO B 27 41.08 6.81 18.54
N GLU B 28 40.68 6.00 19.52
CA GLU B 28 40.69 4.55 19.33
C GLU B 28 39.69 4.13 18.25
N GLU B 29 38.50 4.72 18.25
CA GLU B 29 37.50 4.36 17.25
C GLU B 29 37.94 4.77 15.85
N ILE B 30 38.51 5.96 15.72
CA ILE B 30 38.99 6.41 14.41
C ILE B 30 40.13 5.53 13.92
N LYS B 31 41.05 5.17 14.82
CA LYS B 31 42.13 4.27 14.45
C LYS B 31 41.60 2.90 14.04
N HIS B 32 40.59 2.38 14.75
CA HIS B 32 40.01 1.11 14.37
C HIS B 32 39.37 1.18 12.98
N ARG B 33 38.62 2.25 12.72
CA ARG B 33 37.86 2.31 11.47
C ARG B 33 38.75 2.61 10.26
N PHE B 34 39.69 3.54 10.40
CA PHE B 34 40.39 4.09 9.24
C PHE B 34 41.89 3.81 9.24
N ASP B 35 42.37 2.92 10.11
CA ASP B 35 43.76 2.49 10.14
C ASP B 35 43.84 0.97 10.04
N THR B 36 43.16 0.43 9.04
CA THR B 36 42.92 -1.01 8.95
C THR B 36 44.22 -1.81 8.95
N ASP B 37 45.28 -1.28 8.33
CA ASP B 37 46.53 -2.02 8.19
C ASP B 37 47.62 -1.48 9.11
N GLY B 38 47.27 -0.61 10.05
CA GLY B 38 48.29 -0.05 10.91
C GLY B 38 49.24 0.86 10.13
N THR B 39 50.43 1.04 10.71
CA THR B 39 51.50 1.82 10.09
C THR B 39 51.04 3.23 9.74
N GLY B 40 50.36 3.88 10.67
CA GLY B 40 49.93 5.25 10.48
C GLY B 40 48.64 5.37 9.69
N LEU B 41 48.09 6.59 9.63
CA LEU B 41 46.82 6.79 8.96
C LEU B 41 47.01 6.92 7.45
N GLY B 42 47.77 7.92 7.01
CA GLY B 42 47.87 8.22 5.60
C GLY B 42 46.88 9.29 5.17
N LEU B 43 47.19 9.93 4.05
CA LEU B 43 46.44 11.11 3.63
C LEU B 43 45.00 10.76 3.29
N THR B 44 44.79 9.73 2.46
CA THR B 44 43.44 9.39 2.03
C THR B 44 42.56 8.96 3.21
N SER B 45 43.10 8.11 4.07
CA SER B 45 42.33 7.68 5.24
C SER B 45 42.13 8.81 6.23
N TRP B 46 43.10 9.73 6.34
CA TRP B 46 42.91 10.90 7.19
C TRP B 46 41.77 11.76 6.70
N LEU B 47 41.71 12.00 5.39
CA LEU B 47 40.60 12.78 4.84
C LEU B 47 39.27 12.06 5.01
N LEU B 48 39.25 10.73 4.84
CA LEU B 48 38.02 9.98 5.06
C LEU B 48 37.57 10.06 6.52
N ALA B 49 38.52 9.96 7.46
CA ALA B 49 38.19 10.06 8.87
C ALA B 49 37.67 11.45 9.22
N ALA B 50 38.27 12.49 8.65
CA ALA B 50 37.77 13.84 8.87
C ALA B 50 36.37 14.00 8.32
N LYS B 51 36.12 13.45 7.13
CA LYS B 51 34.77 13.47 6.58
C LYS B 51 33.78 12.70 7.44
N SER B 52 34.27 11.67 8.14
CA SER B 52 33.39 10.89 9.02
C SER B 52 32.87 11.71 10.19
N LEU B 53 33.68 12.63 10.71
CA LEU B 53 33.29 13.48 11.83
C LEU B 53 32.44 14.67 11.41
N GLU B 54 31.87 14.64 10.20
CA GLU B 54 31.06 15.73 9.67
C GLU B 54 31.86 17.02 9.55
N LEU B 55 33.07 16.88 9.01
CA LEU B 55 33.94 18.01 8.68
C LEU B 55 34.11 18.12 7.17
N LYS B 56 34.61 19.27 6.73
CA LYS B 56 34.85 19.55 5.32
C LYS B 56 36.32 19.85 5.15
N VAL B 57 37.06 18.93 4.52
CA VAL B 57 38.50 19.06 4.35
C VAL B 57 38.86 18.84 2.91
N LYS B 58 39.98 19.44 2.50
CA LYS B 58 40.53 19.28 1.16
C LYS B 58 41.93 19.87 1.14
N GLN B 59 42.88 19.14 0.54
CA GLN B 59 44.27 19.57 0.46
C GLN B 59 44.41 20.48 -0.75
N VAL B 60 45.03 21.65 -0.53
CA VAL B 60 45.17 22.66 -1.58
C VAL B 60 46.62 23.06 -1.69
N LYS B 61 46.99 23.56 -2.88
CA LYS B 61 48.30 24.13 -3.11
C LYS B 61 48.24 25.63 -2.81
N LYS B 62 48.90 26.05 -1.75
CA LYS B 62 48.82 27.44 -1.28
C LYS B 62 50.23 28.00 -1.14
N THR B 63 50.47 29.13 -1.80
CA THR B 63 51.74 29.83 -1.66
C THR B 63 51.79 30.56 -0.32
N ILE B 64 53.00 30.80 0.16
CA ILE B 64 53.18 31.52 1.42
C ILE B 64 52.57 32.92 1.34
N ASP B 65 52.63 33.54 0.16
CA ASP B 65 51.97 34.83 -0.01
C ASP B 65 50.46 34.71 0.15
N ARG B 66 49.86 33.67 -0.42
CA ARG B 66 48.43 33.42 -0.28
C ARG B 66 48.06 32.81 1.06
N LEU B 67 49.04 32.48 1.89
CA LEU B 67 48.77 31.84 3.18
C LEU B 67 48.07 32.77 4.16
N ASN B 68 48.01 34.07 3.87
CA ASN B 68 47.39 35.05 4.74
C ASN B 68 45.87 35.10 4.61
N PHE B 69 45.30 34.50 3.56
CA PHE B 69 43.89 34.67 3.23
C PHE B 69 43.07 33.41 3.46
N ILE B 70 43.64 32.39 4.10
CA ILE B 70 42.91 31.17 4.39
C ILE B 70 42.39 31.24 5.82
N SER B 71 41.41 30.38 6.12
CA SER B 71 40.82 30.32 7.45
C SER B 71 41.58 29.30 8.30
N LEU B 72 42.27 29.77 9.31
CA LEU B 72 43.01 28.95 10.25
C LEU B 72 42.10 28.51 11.39
N PRO B 73 42.43 27.39 12.08
CA PRO B 73 43.62 26.54 11.94
C PRO B 73 43.57 25.61 10.73
N ALA B 74 44.75 25.30 10.21
CA ALA B 74 44.90 24.40 9.07
C ALA B 74 46.07 23.46 9.32
N LEU B 75 45.99 22.27 8.75
CA LEU B 75 46.99 21.24 8.96
C LEU B 75 47.94 21.21 7.77
N VAL B 76 49.24 21.19 8.05
CA VAL B 76 50.26 21.08 7.02
C VAL B 76 50.72 19.62 6.99
N TRP B 77 50.41 18.93 5.90
CA TRP B 77 50.72 17.51 5.77
C TRP B 77 52.06 17.36 5.06
N ARG B 78 53.02 16.76 5.75
CA ARG B 78 54.33 16.48 5.18
C ARG B 78 54.40 15.02 4.75
N GLU B 79 55.28 14.72 3.80
CA GLU B 79 55.46 13.35 3.33
C GLU B 79 55.90 12.45 4.47
N ASP B 80 56.88 12.88 5.25
CA ASP B 80 57.21 12.20 6.49
C ASP B 80 56.19 12.57 7.55
N GLY B 81 55.98 11.67 8.51
CA GLY B 81 54.99 11.90 9.54
C GLY B 81 55.44 12.92 10.58
N ARG B 82 55.59 14.17 10.14
CA ARG B 82 56.01 15.26 11.03
C ARG B 82 55.13 16.47 10.76
N HIS B 83 53.82 16.25 10.75
CA HIS B 83 52.87 17.31 10.47
C HIS B 83 52.84 18.33 11.61
N PHE B 84 52.23 19.48 11.34
CA PHE B 84 52.04 20.50 12.36
C PHE B 84 50.83 21.35 11.98
N ILE B 85 50.09 21.78 12.99
CA ILE B 85 48.90 22.60 12.77
C ILE B 85 49.30 24.07 12.77
N LEU B 86 48.89 24.79 11.74
CA LEU B 86 49.22 26.21 11.61
C LEU B 86 48.05 27.04 12.14
N THR B 87 48.38 28.04 12.96
CA THR B 87 47.37 28.90 13.56
C THR B 87 47.95 30.31 13.71
N LYS B 88 47.09 31.32 13.54
CA LYS B 88 47.42 32.71 13.82
C LYS B 88 48.67 33.14 13.03
N VAL B 89 48.51 33.20 11.71
CA VAL B 89 49.55 33.77 10.86
C VAL B 89 49.54 35.28 11.08
N SER B 90 50.62 35.81 11.65
CA SER B 90 50.64 37.19 12.14
C SER B 90 51.26 38.10 11.10
N LYS B 91 50.51 39.11 10.68
CA LYS B 91 51.04 40.18 9.85
C LYS B 91 51.82 41.17 10.72
N GLU B 92 52.65 41.98 10.06
CA GLU B 92 53.42 43.05 10.68
C GLU B 92 54.58 42.48 11.50
N ALA B 93 54.60 41.17 11.69
CA ALA B 93 55.70 40.52 12.39
C ALA B 93 56.18 39.24 11.71
N ASN B 94 55.59 38.86 10.57
CA ASN B 94 55.93 37.65 9.81
C ASN B 94 56.24 36.47 10.72
N ARG B 95 55.35 36.25 11.69
CA ARG B 95 55.48 35.17 12.65
C ARG B 95 54.28 34.23 12.54
N TYR B 96 54.53 32.95 12.85
CA TYR B 96 53.51 31.91 12.71
C TYR B 96 53.40 31.18 14.04
N LEU B 97 52.17 31.04 14.54
CA LEU B 97 51.92 30.36 15.81
C LEU B 97 51.43 28.93 15.51
N ILE B 98 52.37 28.07 15.17
CA ILE B 98 52.04 26.68 14.85
C ILE B 98 51.72 25.95 16.14
N PHE B 99 51.13 24.76 16.01
CA PHE B 99 50.90 23.84 17.13
C PHE B 99 51.77 22.62 16.86
N ASP B 100 52.87 22.50 17.59
CA ASP B 100 53.79 21.39 17.40
C ASP B 100 53.17 20.10 17.90
N LEU B 101 52.94 19.14 16.99
CA LEU B 101 52.31 17.89 17.37
C LEU B 101 53.25 16.98 18.16
N GLU B 102 54.56 17.14 17.99
CA GLU B 102 55.51 16.30 18.72
C GLU B 102 55.71 16.82 20.14
N GLN B 103 55.91 18.13 20.29
CA GLN B 103 56.12 18.72 21.60
C GLN B 103 54.80 18.91 22.34
N ARG B 104 53.67 18.82 21.63
CA ARG B 104 52.33 18.86 22.24
C ARG B 104 52.04 20.20 22.91
N ASN B 105 52.56 21.29 22.37
CA ASN B 105 52.23 22.62 22.86
C ASN B 105 52.46 23.62 21.73
N PRO B 106 51.78 24.76 21.76
CA PRO B 106 52.02 25.78 20.73
C PRO B 106 53.42 26.37 20.88
N ARG B 107 54.00 26.75 19.74
CA ARG B 107 55.30 27.41 19.71
C ARG B 107 55.28 28.50 18.65
N VAL B 108 56.06 29.56 18.89
CA VAL B 108 56.08 30.72 18.02
C VAL B 108 57.28 30.61 17.08
N LEU B 109 57.02 30.69 15.78
CA LEU B 109 58.07 30.69 14.77
C LEU B 109 58.11 32.02 14.03
N GLU B 110 59.20 32.22 13.32
CA GLU B 110 59.41 33.39 12.47
C GLU B 110 59.29 32.97 11.01
N GLN B 111 59.55 33.90 10.09
CA GLN B 111 59.34 33.65 8.68
C GLN B 111 60.28 32.58 8.13
N SER B 112 61.55 32.62 8.54
CA SER B 112 62.57 31.81 7.89
C SER B 112 62.37 30.32 8.15
N GLU B 113 62.19 29.92 9.40
CA GLU B 113 62.03 28.51 9.71
C GLU B 113 60.70 27.98 9.23
N PHE B 114 59.67 28.82 9.19
CA PHE B 114 58.41 28.41 8.58
C PHE B 114 58.58 28.16 7.09
N GLU B 115 59.30 29.04 6.38
CA GLU B 115 59.58 28.80 4.97
C GLU B 115 60.40 27.53 4.77
N ALA B 116 61.29 27.23 5.73
CA ALA B 116 62.03 25.97 5.66
C ALA B 116 61.17 24.76 5.94
N LEU B 117 60.13 24.91 6.76
CA LEU B 117 59.28 23.80 7.18
C LEU B 117 58.04 23.61 6.32
N TYR B 118 57.72 24.55 5.44
CA TYR B 118 56.52 24.49 4.63
C TYR B 118 56.90 24.15 3.19
N GLN B 119 56.23 23.13 2.63
CA GLN B 119 56.60 22.59 1.33
C GLN B 119 55.70 23.06 0.20
N GLY B 120 54.51 23.58 0.50
CA GLY B 120 53.64 24.08 -0.55
C GLY B 120 52.26 23.46 -0.55
N HIS B 121 51.96 22.62 0.43
CA HIS B 121 50.67 21.95 0.52
C HIS B 121 50.12 22.10 1.93
N ILE B 122 48.83 22.45 2.03
CA ILE B 122 48.15 22.63 3.31
C ILE B 122 46.75 22.05 3.19
N ILE B 123 46.19 21.65 4.33
CA ILE B 123 44.87 21.07 4.41
C ILE B 123 43.96 22.06 5.13
N LEU B 124 42.87 22.44 4.47
CA LEU B 124 41.91 23.39 5.03
C LEU B 124 40.77 22.62 5.68
N ILE B 125 40.42 23.00 6.90
CA ILE B 125 39.41 22.31 7.70
C ILE B 125 38.25 23.26 7.95
N ALA B 126 37.04 22.80 7.66
CA ALA B 126 35.83 23.56 7.93
C ALA B 126 34.81 22.64 8.57
N SER B 127 33.94 23.21 9.39
CA SER B 127 32.93 22.46 10.11
C SER B 127 31.62 22.51 9.34
N ARG B 128 31.28 21.40 8.68
CA ARG B 128 30.03 21.26 7.93
C ARG B 128 29.33 20.01 8.42
N SER B 129 28.55 20.14 9.48
CA SER B 129 27.79 19.03 10.04
C SER B 129 26.37 19.07 9.48
N SER B 130 26.01 18.02 8.75
CA SER B 130 24.68 17.94 8.15
C SER B 130 23.65 17.56 9.21
N VAL B 131 22.63 18.39 9.36
CA VAL B 131 21.56 18.14 10.32
C VAL B 131 20.39 17.54 9.55
N THR B 132 20.39 16.21 9.45
CA THR B 132 19.33 15.49 8.77
C THR B 132 19.39 14.02 9.17
N GLY B 133 18.26 13.49 9.64
CA GLY B 133 18.17 12.08 9.93
C GLY B 133 17.05 11.39 9.18
N LYS B 134 17.41 10.53 8.22
CA LYS B 134 16.45 9.78 7.43
C LYS B 134 17.21 8.81 6.55
N LEU B 135 16.58 7.68 6.25
CA LEU B 135 17.10 6.72 5.29
C LEU B 135 16.09 6.54 4.18
N ALA B 136 16.55 6.64 2.93
CA ALA B 136 15.67 6.54 1.78
C ALA B 136 15.61 5.11 1.27
N LYS B 137 14.43 4.71 0.81
CA LYS B 137 14.28 3.39 0.21
C LYS B 137 15.11 3.29 -1.06
N PHE B 138 15.79 2.16 -1.22
CA PHE B 138 16.62 1.95 -2.40
C PHE B 138 15.75 1.61 -3.59
N ASP B 139 15.74 2.48 -4.60
CA ASP B 139 14.99 2.27 -5.82
C ASP B 139 15.84 2.78 -6.99
N PHE B 140 15.20 2.95 -8.14
CA PHE B 140 15.87 3.58 -9.27
C PHE B 140 16.21 5.04 -9.00
N THR B 141 15.59 5.66 -8.00
CA THR B 141 15.88 7.04 -7.65
C THR B 141 17.25 7.21 -7.02
N TRP B 142 17.90 6.13 -6.60
CA TRP B 142 19.24 6.23 -6.05
C TRP B 142 20.24 6.76 -7.06
N PHE B 143 19.99 6.56 -8.35
CA PHE B 143 20.93 6.99 -9.39
C PHE B 143 20.82 8.48 -9.69
N ILE B 144 19.75 9.15 -9.25
CA ILE B 144 19.61 10.58 -9.51
C ILE B 144 20.73 11.39 -8.86
N PRO B 145 21.06 11.20 -7.57
CA PRO B 145 22.25 11.89 -7.04
C PRO B 145 23.53 11.51 -7.75
N ALA B 146 23.64 10.27 -8.22
CA ALA B 146 24.81 9.89 -9.01
C ALA B 146 24.89 10.64 -10.32
N ILE B 147 23.75 10.83 -11.00
CA ILE B 147 23.73 11.62 -12.23
C ILE B 147 24.06 13.08 -11.92
N ILE B 148 23.58 13.60 -10.80
CA ILE B 148 23.88 14.98 -10.42
C ILE B 148 25.38 15.14 -10.17
N LYS B 149 25.99 14.19 -9.46
CA LYS B 149 27.41 14.28 -9.18
C LYS B 149 28.24 14.21 -10.45
N TYR B 150 27.93 13.26 -11.33
CA TYR B 150 28.61 13.12 -12.61
C TYR B 150 27.86 13.84 -13.72
N ARG B 151 27.56 15.13 -13.52
CA ARG B 151 26.74 15.86 -14.49
C ARG B 151 27.55 16.48 -15.61
N LYS B 152 28.82 16.84 -15.36
CA LYS B 152 29.65 17.38 -16.42
C LYS B 152 29.84 16.36 -17.54
N ILE B 153 30.11 15.11 -17.16
CA ILE B 153 30.30 14.06 -18.16
C ILE B 153 29.02 13.83 -18.95
N PHE B 154 27.87 13.82 -18.27
CA PHE B 154 26.63 13.54 -18.98
C PHE B 154 26.22 14.69 -19.89
N ILE B 155 26.50 15.94 -19.51
CA ILE B 155 26.28 17.05 -20.42
C ILE B 155 27.21 16.93 -21.63
N GLU B 156 28.46 16.54 -21.40
CA GLU B 156 29.39 16.31 -22.50
C GLU B 156 28.85 15.25 -23.45
N THR B 157 28.34 14.14 -22.92
CA THR B 157 27.82 13.08 -23.77
C THR B 157 26.55 13.51 -24.49
N LEU B 158 25.72 14.35 -23.87
CA LEU B 158 24.57 14.89 -24.57
C LEU B 158 24.99 15.73 -25.76
N VAL B 159 26.02 16.56 -25.57
CA VAL B 159 26.54 17.36 -26.68
C VAL B 159 27.05 16.47 -27.79
N VAL B 160 27.80 15.42 -27.43
CA VAL B 160 28.34 14.50 -28.43
C VAL B 160 27.19 13.80 -29.18
N SER B 161 26.14 13.43 -28.46
CA SER B 161 24.99 12.79 -29.10
C SER B 161 24.31 13.72 -30.08
N VAL B 162 24.16 15.00 -29.71
CA VAL B 162 23.57 15.97 -30.62
C VAL B 162 24.41 16.09 -31.89
N PHE B 163 25.72 16.17 -31.73
CA PHE B 163 26.59 16.27 -32.91
C PHE B 163 26.52 15.01 -33.77
N LEU B 164 26.48 13.83 -33.14
CA LEU B 164 26.36 12.58 -33.90
C LEU B 164 25.06 12.57 -34.69
N GLN B 165 23.97 13.03 -34.10
CA GLN B 165 22.71 13.14 -34.83
C GLN B 165 22.85 14.12 -35.99
N LEU B 166 23.61 15.20 -35.80
CA LEU B 166 23.81 16.15 -36.90
C LEU B 166 24.52 15.49 -38.08
N PHE B 167 25.59 14.74 -37.82
CA PHE B 167 26.28 14.04 -38.91
C PHE B 167 25.37 12.99 -39.56
N ALA B 168 24.61 12.25 -38.76
CA ALA B 168 23.70 11.25 -39.30
C ALA B 168 22.58 11.88 -40.11
N LEU B 169 22.23 13.14 -39.83
CA LEU B 169 21.31 13.88 -40.68
C LEU B 169 21.98 14.34 -41.96
N ILE B 170 23.26 14.74 -41.88
CA ILE B 170 23.96 15.21 -43.06
C ILE B 170 24.07 14.10 -44.10
N THR B 171 24.39 12.88 -43.68
CA THR B 171 24.79 11.92 -44.71
C THR B 171 23.66 11.44 -45.65
N PRO B 172 22.34 11.50 -45.29
CA PRO B 172 21.32 11.31 -46.33
C PRO B 172 21.34 12.36 -47.44
N LEU B 173 21.65 13.59 -47.05
CA LEU B 173 21.51 14.73 -47.95
C LEU B 173 22.47 14.62 -49.13
N PHE B 174 23.66 14.05 -48.90
CA PHE B 174 24.61 13.89 -49.98
C PHE B 174 24.13 12.88 -51.01
N PHE B 175 23.52 11.78 -50.55
CA PHE B 175 22.90 10.84 -51.49
C PHE B 175 21.77 11.51 -52.27
N GLN B 176 20.94 12.30 -51.59
CA GLN B 176 19.86 12.99 -52.29
C GLN B 176 20.42 13.93 -53.36
N VAL B 177 21.46 14.68 -53.01
CA VAL B 177 22.07 15.61 -53.95
C VAL B 177 22.67 14.87 -55.12
N VAL B 178 23.34 13.74 -54.86
CA VAL B 178 23.92 12.94 -55.94
C VAL B 178 22.82 12.48 -56.90
N MET B 179 21.75 11.90 -56.35
CA MET B 179 20.68 11.39 -57.18
C MET B 179 19.98 12.48 -57.98
N ASP B 180 19.86 13.68 -57.40
CA ASP B 180 19.09 14.74 -58.04
C ASP B 180 19.91 15.67 -58.93
N LYS B 181 21.25 15.66 -58.82
CA LYS B 181 22.03 16.58 -59.65
C LYS B 181 23.14 15.87 -60.41
N VAL B 182 23.80 14.88 -59.79
CA VAL B 182 24.91 14.22 -60.46
C VAL B 182 24.42 13.34 -61.60
N LEU B 183 23.33 12.61 -61.40
CA LEU B 183 22.79 11.74 -62.44
C LEU B 183 21.80 12.47 -63.35
N VAL B 184 21.06 13.44 -62.81
CA VAL B 184 20.01 14.10 -63.59
C VAL B 184 20.63 14.92 -64.72
N HIS B 185 21.41 15.95 -64.37
CA HIS B 185 22.03 16.75 -65.42
C HIS B 185 23.31 16.09 -65.90
N ARG B 186 24.35 16.10 -65.05
CA ARG B 186 25.65 15.45 -65.15
C ARG B 186 26.42 15.79 -63.87
N GLY B 187 27.59 15.18 -63.67
CA GLY B 187 28.46 15.66 -62.63
C GLY B 187 29.73 14.85 -62.43
N PHE B 188 30.86 15.55 -62.44
CA PHE B 188 32.14 14.99 -62.03
C PHE B 188 32.86 15.88 -61.03
N SER B 189 32.73 17.21 -61.16
CA SER B 189 33.35 18.11 -60.19
C SER B 189 32.65 18.04 -58.83
N THR B 190 31.31 18.00 -58.83
CA THR B 190 30.57 17.93 -57.59
C THR B 190 30.62 16.55 -56.95
N LEU B 191 30.78 15.50 -57.74
CA LEU B 191 30.81 14.14 -57.20
C LEU B 191 32.02 13.94 -56.30
N ASN B 192 33.19 14.45 -56.72
CA ASN B 192 34.39 14.32 -55.90
C ASN B 192 34.25 15.10 -54.60
N VAL B 193 33.64 16.29 -54.66
CA VAL B 193 33.43 17.08 -53.45
C VAL B 193 32.51 16.33 -52.48
N ILE B 194 31.42 15.76 -53.01
CA ILE B 194 30.52 14.98 -52.17
C ILE B 194 31.25 13.78 -51.58
N THR B 195 32.11 13.14 -52.36
CA THR B 195 32.84 11.97 -51.88
C THR B 195 33.77 12.33 -50.72
N VAL B 196 34.56 13.39 -50.87
CA VAL B 196 35.51 13.75 -49.82
C VAL B 196 34.77 14.25 -48.58
N ALA B 197 33.68 14.99 -48.77
CA ALA B 197 32.89 15.43 -47.62
C ALA B 197 32.28 14.26 -46.89
N LEU B 198 31.76 13.27 -47.63
CA LEU B 198 31.21 12.08 -46.99
C LEU B 198 32.29 11.32 -46.23
N SER B 199 33.50 11.24 -46.80
CA SER B 199 34.59 10.55 -46.11
C SER B 199 34.90 11.22 -44.78
N VAL B 200 35.07 12.55 -44.78
CA VAL B 200 35.40 13.21 -43.53
C VAL B 200 34.25 13.12 -42.54
N VAL B 201 33.01 13.21 -43.01
CA VAL B 201 31.86 13.12 -42.12
C VAL B 201 31.80 11.76 -41.45
N VAL B 202 31.98 10.68 -42.22
CA VAL B 202 31.86 9.35 -41.62
C VAL B 202 33.01 9.08 -40.67
N VAL B 203 34.23 9.51 -41.01
CA VAL B 203 35.36 9.24 -40.11
C VAL B 203 35.19 10.02 -38.81
N PHE B 204 34.73 11.27 -38.88
CA PHE B 204 34.57 12.04 -37.65
C PHE B 204 33.39 11.54 -36.84
N GLU B 205 32.33 11.04 -37.49
CA GLU B 205 31.23 10.42 -36.76
C GLU B 205 31.70 9.19 -36.01
N ILE B 206 32.52 8.36 -36.65
CA ILE B 206 33.06 7.18 -35.97
C ILE B 206 33.90 7.58 -34.77
N ILE B 207 34.76 8.59 -34.93
CA ILE B 207 35.60 9.02 -33.82
C ILE B 207 34.76 9.55 -32.67
N LEU B 208 33.74 10.36 -32.98
CA LEU B 208 32.89 10.92 -31.95
C LEU B 208 32.12 9.83 -31.21
N SER B 209 31.60 8.83 -31.94
CA SER B 209 30.88 7.75 -31.30
C SER B 209 31.80 6.97 -30.36
N GLY B 210 33.04 6.70 -30.80
CA GLY B 210 33.98 6.01 -29.93
C GLY B 210 34.28 6.80 -28.67
N LEU B 211 34.51 8.11 -28.81
CA LEU B 211 34.79 8.93 -27.63
C LEU B 211 33.60 8.96 -26.66
N ARG B 212 32.39 9.09 -27.20
CA ARG B 212 31.21 9.11 -26.35
C ARG B 212 31.08 7.80 -25.58
N THR B 213 31.26 6.67 -26.27
CA THR B 213 31.17 5.37 -25.60
C THR B 213 32.23 5.25 -24.50
N TYR B 214 33.46 5.67 -24.80
CA TYR B 214 34.53 5.59 -23.82
C TYR B 214 34.18 6.39 -22.56
N ILE B 215 33.79 7.65 -22.73
CA ILE B 215 33.57 8.52 -21.59
C ILE B 215 32.37 8.03 -20.78
N PHE B 216 31.28 7.66 -21.46
CA PHE B 216 30.09 7.19 -20.76
C PHE B 216 30.38 5.91 -19.98
N ALA B 217 31.13 4.99 -20.59
CA ALA B 217 31.47 3.74 -19.90
C ALA B 217 32.32 4.02 -18.67
N HIS B 218 33.29 4.94 -18.78
CA HIS B 218 34.12 5.28 -17.62
C HIS B 218 33.26 5.80 -16.46
N SER B 219 32.36 6.74 -16.75
CA SER B 219 31.57 7.34 -15.68
C SER B 219 30.60 6.35 -15.07
N THR B 220 29.95 5.52 -15.89
CA THR B 220 29.05 4.52 -15.34
C THR B 220 29.80 3.46 -14.55
N SER B 221 31.03 3.14 -14.94
CA SER B 221 31.85 2.24 -14.14
C SER B 221 32.14 2.82 -12.77
N ARG B 222 32.46 4.12 -12.72
CA ARG B 222 32.69 4.76 -11.42
C ARG B 222 31.43 4.74 -10.56
N ILE B 223 30.28 5.00 -11.16
CA ILE B 223 29.02 4.97 -10.42
C ILE B 223 28.76 3.57 -9.87
N ASP B 224 29.02 2.53 -10.68
CA ASP B 224 28.83 1.16 -10.21
C ASP B 224 29.81 0.82 -9.09
N VAL B 225 31.04 1.33 -9.15
CA VAL B 225 31.99 1.10 -8.06
C VAL B 225 31.45 1.69 -6.76
N GLU B 226 30.91 2.92 -6.83
CA GLU B 226 30.33 3.54 -5.65
C GLU B 226 29.18 2.71 -5.11
N LEU B 227 28.31 2.22 -6.00
CA LEU B 227 27.18 1.40 -5.57
C LEU B 227 27.64 0.11 -4.91
N GLY B 228 28.68 -0.52 -5.47
CA GLY B 228 29.17 -1.75 -4.88
C GLY B 228 29.79 -1.54 -3.51
N ALA B 229 30.54 -0.45 -3.35
CA ALA B 229 31.10 -0.13 -2.04
C ALA B 229 29.99 0.08 -1.01
N LYS B 230 28.96 0.84 -1.38
CA LYS B 230 27.84 1.04 -0.46
C LYS B 230 27.15 -0.27 -0.13
N LEU B 231 26.97 -1.14 -1.13
CA LEU B 231 26.31 -2.42 -0.90
C LEU B 231 27.09 -3.28 0.07
N PHE B 232 28.42 -3.34 -0.07
CA PHE B 232 29.19 -4.17 0.85
C PHE B 232 29.21 -3.57 2.26
N ARG B 233 29.31 -2.25 2.38
CA ARG B 233 29.20 -1.63 3.70
C ARG B 233 27.89 -2.03 4.37
N HIS B 234 26.77 -1.88 3.65
CA HIS B 234 25.48 -2.23 4.23
C HIS B 234 25.38 -3.71 4.56
N LEU B 235 25.92 -4.58 3.71
CA LEU B 235 25.86 -6.01 3.98
C LEU B 235 26.62 -6.36 5.24
N LEU B 236 27.81 -5.79 5.43
CA LEU B 236 28.56 -6.04 6.66
C LEU B 236 27.93 -5.38 7.87
N ALA B 237 27.10 -4.36 7.68
CA ALA B 237 26.45 -3.68 8.80
C ALA B 237 25.14 -4.35 9.22
N LEU B 238 24.73 -5.41 8.54
CA LEU B 238 23.45 -6.06 8.82
C LEU B 238 23.52 -6.89 10.10
N PRO B 239 22.38 -7.12 10.75
CA PRO B 239 22.37 -7.95 11.95
C PRO B 239 22.63 -9.41 11.62
N ILE B 240 23.05 -10.15 12.65
CA ILE B 240 23.29 -11.58 12.48
C ILE B 240 21.99 -12.35 12.31
N SER B 241 20.87 -11.81 12.77
CA SER B 241 19.58 -12.45 12.56
C SER B 241 19.22 -12.48 11.09
N TYR B 242 19.70 -11.50 10.32
CA TYR B 242 19.48 -11.49 8.88
C TYR B 242 20.13 -12.71 8.23
N PHE B 243 21.38 -13.00 8.62
CA PHE B 243 22.10 -14.13 8.01
C PHE B 243 21.65 -15.47 8.57
N GLU B 244 21.18 -15.51 9.82
CA GLU B 244 20.78 -16.78 10.42
C GLU B 244 19.53 -17.37 9.77
N SER B 245 18.70 -16.55 9.14
CA SER B 245 17.45 -17.02 8.55
C SER B 245 17.53 -17.21 7.04
N ARG B 246 18.70 -17.03 6.43
CA ARG B 246 18.88 -17.15 4.99
C ARG B 246 19.92 -18.22 4.68
N ARG B 247 20.20 -18.37 3.40
CA ARG B 247 21.26 -19.23 2.90
C ARG B 247 22.32 -18.39 2.21
N VAL B 248 23.54 -18.95 2.13
CA VAL B 248 24.65 -18.20 1.55
C VAL B 248 24.39 -17.88 0.09
N GLY B 249 23.87 -18.85 -0.66
CA GLY B 249 23.67 -18.65 -2.09
C GLY B 249 22.70 -17.52 -2.42
N ASP B 250 21.67 -17.34 -1.58
CA ASP B 250 20.72 -16.27 -1.83
C ASP B 250 21.39 -14.91 -1.82
N THR B 251 22.12 -14.61 -0.76
CA THR B 251 22.81 -13.32 -0.67
C THR B 251 23.91 -13.21 -1.72
N VAL B 252 24.59 -14.32 -2.02
CA VAL B 252 25.63 -14.26 -3.06
C VAL B 252 25.02 -13.87 -4.40
N ALA B 253 23.88 -14.47 -4.76
CA ALA B 253 23.23 -14.10 -6.02
C ALA B 253 22.75 -12.66 -5.99
N ARG B 254 22.19 -12.22 -4.87
CA ARG B 254 21.82 -10.82 -4.74
C ARG B 254 23.00 -9.90 -5.00
N VAL B 255 24.19 -10.29 -4.54
CA VAL B 255 25.38 -9.48 -4.79
C VAL B 255 25.82 -9.54 -6.25
N ARG B 256 25.80 -10.71 -6.89
CA ARG B 256 26.21 -10.77 -8.29
C ARG B 256 25.22 -10.01 -9.20
N GLU B 257 24.02 -9.72 -8.70
CA GLU B 257 23.17 -8.79 -9.44
C GLU B 257 23.86 -7.44 -9.64
N LEU B 258 24.82 -7.09 -8.77
CA LEU B 258 25.66 -5.91 -9.00
C LEU B 258 26.48 -6.06 -10.27
N ASP B 259 27.06 -7.24 -10.50
CA ASP B 259 27.79 -7.46 -11.75
C ASP B 259 26.86 -7.37 -12.94
N GLN B 260 25.63 -7.86 -12.79
CA GLN B 260 24.64 -7.69 -13.85
C GLN B 260 24.40 -6.21 -14.16
N ILE B 261 24.24 -5.40 -13.11
CA ILE B 261 24.01 -3.96 -13.29
C ILE B 261 25.21 -3.31 -13.97
N ARG B 262 26.42 -3.68 -13.56
CA ARG B 262 27.62 -3.13 -14.16
C ARG B 262 27.71 -3.50 -15.64
N ASN B 263 27.37 -4.75 -15.97
CA ASN B 263 27.36 -5.15 -17.38
C ASN B 263 26.38 -4.32 -18.18
N PHE B 264 25.22 -4.02 -17.61
CA PHE B 264 24.24 -3.20 -18.31
C PHE B 264 24.75 -1.77 -18.49
N LEU B 265 25.33 -1.18 -17.44
CA LEU B 265 25.67 0.23 -17.48
C LEU B 265 26.71 0.53 -18.55
N THR B 266 27.71 -0.33 -18.68
CA THR B 266 28.77 -0.15 -19.68
C THR B 266 28.41 -0.85 -20.99
N GLY B 267 27.22 -0.54 -21.52
CA GLY B 267 26.77 -1.14 -22.76
C GLY B 267 26.20 -0.11 -23.72
N GLN B 268 25.45 -0.57 -24.70
CA GLN B 268 24.86 0.32 -25.70
C GLN B 268 23.40 0.67 -25.41
N ALA B 269 22.86 0.24 -24.26
CA ALA B 269 21.46 0.50 -23.97
C ALA B 269 21.20 1.99 -23.76
N LEU B 270 21.99 2.64 -22.91
CA LEU B 270 21.74 4.04 -22.60
C LEU B 270 22.10 4.93 -23.78
N THR B 271 23.16 4.59 -24.52
CA THR B 271 23.48 5.33 -25.73
C THR B 271 22.39 5.18 -26.78
N SER B 272 21.81 3.98 -26.92
CA SER B 272 20.70 3.81 -27.84
C SER B 272 19.48 4.61 -27.41
N VAL B 273 19.22 4.67 -26.10
CA VAL B 273 18.12 5.50 -25.61
C VAL B 273 18.37 6.97 -25.93
N LEU B 274 19.60 7.42 -25.75
CA LEU B 274 19.95 8.80 -26.07
C LEU B 274 19.75 9.09 -27.56
N ASP B 275 20.18 8.14 -28.41
CA ASP B 275 19.99 8.30 -29.85
C ASP B 275 18.50 8.35 -30.21
N LEU B 276 17.70 7.51 -29.56
CA LEU B 276 16.26 7.51 -29.81
C LEU B 276 15.63 8.83 -29.39
N LEU B 277 16.03 9.37 -28.23
CA LEU B 277 15.43 10.62 -27.76
C LEU B 277 15.92 11.82 -28.56
N PHE B 278 17.10 11.73 -29.17
CA PHE B 278 17.63 12.82 -29.99
C PHE B 278 17.35 12.62 -31.47
N SER B 279 16.33 11.83 -31.82
CA SER B 279 16.00 11.56 -33.21
C SER B 279 14.94 12.52 -33.76
N PHE B 280 14.53 13.51 -32.97
CA PHE B 280 13.61 14.53 -33.46
C PHE B 280 14.28 15.53 -34.39
N ILE B 281 15.62 15.56 -34.43
CA ILE B 281 16.32 16.39 -35.40
C ILE B 281 16.03 15.92 -36.81
N PHE B 282 15.95 14.61 -37.03
CA PHE B 282 15.65 14.09 -38.36
C PHE B 282 14.20 14.40 -38.75
N PHE B 283 13.31 14.48 -37.76
CA PHE B 283 11.89 14.67 -38.04
C PHE B 283 11.62 16.00 -38.72
N ALA B 284 12.42 17.02 -38.41
CA ALA B 284 12.25 18.31 -39.07
C ALA B 284 12.45 18.20 -40.58
N VAL B 285 13.55 17.58 -40.99
CA VAL B 285 13.80 17.39 -42.41
C VAL B 285 12.80 16.44 -43.03
N MET B 286 12.38 15.40 -42.29
CA MET B 286 11.38 14.47 -42.81
C MET B 286 10.06 15.17 -43.08
N TRP B 287 9.64 16.06 -42.18
CA TRP B 287 8.41 16.83 -42.40
C TRP B 287 8.60 17.85 -43.51
N TYR B 288 9.81 18.41 -43.64
CA TYR B 288 10.07 19.34 -44.72
C TYR B 288 9.94 18.65 -46.08
N TYR B 289 10.42 17.41 -46.19
CA TYR B 289 10.27 16.66 -47.43
C TYR B 289 8.80 16.43 -47.76
N SER B 290 8.11 15.68 -46.91
CA SER B 290 6.69 15.41 -47.12
C SER B 290 6.01 15.08 -45.80
N PRO B 291 5.08 15.93 -45.33
CA PRO B 291 4.33 15.59 -44.11
C PRO B 291 3.49 14.34 -44.25
N LYS B 292 3.03 14.03 -45.47
CA LYS B 292 2.19 12.85 -45.68
C LYS B 292 2.95 11.58 -45.34
N LEU B 293 4.25 11.54 -45.63
CA LEU B 293 5.08 10.40 -45.30
C LEU B 293 5.51 10.41 -43.83
N THR B 294 5.74 11.59 -43.26
CA THR B 294 6.20 11.66 -41.88
C THR B 294 5.09 11.34 -40.89
N LEU B 295 3.83 11.56 -41.27
CA LEU B 295 2.72 11.18 -40.40
C LEU B 295 2.71 9.68 -40.16
N VAL B 296 3.20 8.89 -41.12
CA VAL B 296 3.29 7.45 -40.94
C VAL B 296 4.22 7.11 -39.78
N ILE B 297 5.38 7.76 -39.73
CA ILE B 297 6.33 7.51 -38.65
C ILE B 297 5.77 8.02 -37.32
N LEU B 298 5.14 9.20 -37.33
CA LEU B 298 4.53 9.74 -36.12
C LEU B 298 3.43 8.84 -35.58
N PHE B 299 2.71 8.13 -36.43
CA PHE B 299 1.74 7.15 -35.97
C PHE B 299 2.36 5.81 -35.63
N SER B 300 3.52 5.49 -36.20
CA SER B 300 4.19 4.23 -35.92
C SER B 300 4.82 4.23 -34.53
N LEU B 301 5.35 5.37 -34.09
CA LEU B 301 5.97 5.43 -32.76
C LEU B 301 5.04 4.98 -31.63
N PRO B 302 3.78 5.43 -31.56
CA PRO B 302 2.88 4.89 -30.53
C PRO B 302 2.68 3.39 -30.64
N CYS B 303 2.75 2.81 -31.84
CA CYS B 303 2.66 1.36 -31.97
C CYS B 303 3.83 0.68 -31.27
N TYR B 304 5.04 1.20 -31.46
CA TYR B 304 6.20 0.66 -30.75
C TYR B 304 6.02 0.79 -29.24
N ALA B 305 5.56 1.96 -28.78
CA ALA B 305 5.38 2.17 -27.36
C ALA B 305 4.35 1.19 -26.78
N ALA B 306 3.23 1.01 -27.48
CA ALA B 306 2.19 0.10 -26.99
C ALA B 306 2.67 -1.34 -26.98
N TRP B 307 3.40 -1.77 -28.03
CA TRP B 307 3.92 -3.12 -28.05
C TRP B 307 4.88 -3.36 -26.90
N SER B 308 5.78 -2.40 -26.65
CA SER B 308 6.72 -2.54 -25.54
C SER B 308 6.00 -2.59 -24.20
N VAL B 309 5.00 -1.73 -24.02
CA VAL B 309 4.26 -1.70 -22.77
C VAL B 309 3.51 -3.01 -22.55
N PHE B 310 2.94 -3.58 -23.62
CA PHE B 310 2.23 -4.84 -23.49
C PHE B 310 3.18 -5.99 -23.18
N ILE B 311 4.37 -6.01 -23.79
CA ILE B 311 5.26 -7.16 -23.63
C ILE B 311 6.03 -7.11 -22.33
N SER B 312 6.38 -5.92 -21.82
CA SER B 312 7.32 -5.82 -20.72
C SER B 312 6.91 -6.56 -19.44
N PRO B 313 5.68 -6.42 -18.91
CA PRO B 313 5.38 -7.09 -17.62
C PRO B 313 5.51 -8.60 -17.67
N ILE B 314 5.13 -9.23 -18.78
CA ILE B 314 5.24 -10.68 -18.89
C ILE B 314 6.70 -11.09 -18.83
N LEU B 315 7.56 -10.37 -19.56
CA LEU B 315 8.99 -10.63 -19.51
C LEU B 315 9.54 -10.43 -18.10
N ARG B 316 9.05 -9.41 -17.39
CA ARG B 316 9.49 -9.18 -16.02
C ARG B 316 9.12 -10.36 -15.11
N ARG B 317 7.90 -10.88 -15.25
CA ARG B 317 7.49 -12.03 -14.45
C ARG B 317 8.35 -13.25 -14.77
N ARG B 318 8.60 -13.49 -16.06
CA ARG B 318 9.42 -14.62 -16.45
C ARG B 318 10.84 -14.51 -15.90
N LEU B 319 11.41 -13.31 -15.94
CA LEU B 319 12.76 -13.13 -15.41
C LEU B 319 12.78 -13.17 -13.89
N ASP B 320 11.67 -12.82 -13.23
CA ASP B 320 11.57 -13.04 -11.79
C ASP B 320 11.64 -14.53 -11.47
N ASP B 321 10.89 -15.34 -12.21
CA ASP B 321 10.98 -16.79 -12.01
C ASP B 321 12.38 -17.30 -12.32
N LYS B 322 13.00 -16.77 -13.37
CA LYS B 322 14.36 -17.17 -13.72
C LYS B 322 15.34 -16.84 -12.60
N PHE B 323 15.21 -15.66 -11.99
CA PHE B 323 16.08 -15.30 -10.88
C PHE B 323 15.84 -16.20 -9.68
N SER B 324 14.58 -16.56 -9.42
CA SER B 324 14.30 -17.48 -8.32
C SER B 324 15.01 -18.81 -8.52
N ARG B 325 14.92 -19.36 -9.73
CA ARG B 325 15.61 -20.61 -10.02
C ARG B 325 17.13 -20.44 -9.94
N ASN B 326 17.65 -19.31 -10.40
CA ASN B 326 19.08 -19.06 -10.34
C ASN B 326 19.57 -18.99 -8.90
N ALA B 327 18.81 -18.33 -8.03
CA ALA B 327 19.18 -18.25 -6.63
C ALA B 327 19.15 -19.62 -5.97
N ASP B 328 18.13 -20.44 -6.30
CA ASP B 328 18.09 -21.80 -5.77
C ASP B 328 19.29 -22.61 -6.23
N ASN B 329 19.66 -22.47 -7.51
CA ASN B 329 20.83 -23.19 -8.02
C ASN B 329 22.11 -22.74 -7.32
N GLN B 330 22.26 -21.44 -7.11
CA GLN B 330 23.45 -20.93 -6.43
C GLN B 330 23.52 -21.45 -5.00
N SER B 331 22.39 -21.44 -4.29
CA SER B 331 22.37 -21.94 -2.92
C SER B 331 22.75 -23.42 -2.88
N PHE B 332 22.15 -24.22 -3.76
CA PHE B 332 22.44 -25.65 -3.77
C PHE B 332 23.91 -25.91 -4.11
N LEU B 333 24.44 -25.20 -5.10
CA LEU B 333 25.83 -25.39 -5.50
C LEU B 333 26.80 -25.01 -4.40
N VAL B 334 26.57 -23.86 -3.75
CA VAL B 334 27.46 -23.42 -2.69
C VAL B 334 27.41 -24.40 -1.52
N GLU B 335 26.20 -24.84 -1.15
CA GLU B 335 26.08 -25.80 -0.05
C GLU B 335 26.75 -27.12 -0.38
N SER B 336 26.61 -27.60 -1.63
CA SER B 336 27.21 -28.87 -2.00
C SER B 336 28.73 -28.80 -2.03
N VAL B 337 29.30 -27.73 -2.59
CA VAL B 337 30.75 -27.61 -2.63
C VAL B 337 31.32 -27.36 -1.23
N THR B 338 30.65 -26.57 -0.41
CA THR B 338 31.15 -26.29 0.94
C THR B 338 31.20 -27.55 1.78
N ALA B 339 30.17 -28.40 1.68
CA ALA B 339 30.06 -29.61 2.50
C ALA B 339 30.41 -30.85 1.69
N ILE B 340 31.41 -30.74 0.82
CA ILE B 340 31.78 -31.88 -0.03
C ILE B 340 32.33 -33.02 0.80
N ASN B 341 32.95 -32.73 1.93
CA ASN B 341 33.47 -33.81 2.79
C ASN B 341 32.34 -34.69 3.30
N THR B 342 31.23 -34.09 3.72
CA THR B 342 30.08 -34.87 4.17
C THR B 342 29.44 -35.64 3.03
N ILE B 343 29.38 -35.04 1.83
CA ILE B 343 28.80 -35.71 0.69
C ILE B 343 29.63 -36.95 0.32
N LYS B 344 30.95 -36.82 0.34
CA LYS B 344 31.81 -37.94 -0.03
C LYS B 344 31.91 -38.99 1.06
N ALA B 345 31.87 -38.56 2.34
CA ALA B 345 31.95 -39.52 3.43
C ALA B 345 30.77 -40.48 3.42
N MET B 346 29.58 -39.95 3.17
CA MET B 346 28.41 -40.79 2.96
C MET B 346 28.36 -41.19 1.49
N ALA B 347 27.24 -41.77 1.05
CA ALA B 347 27.06 -42.09 -0.35
C ALA B 347 25.86 -41.35 -0.91
N VAL B 348 25.76 -40.06 -0.61
CA VAL B 348 24.60 -39.26 -0.98
C VAL B 348 24.80 -38.58 -2.33
N SER B 349 25.75 -39.06 -3.14
CA SER B 349 25.92 -38.50 -4.48
C SER B 349 24.70 -38.69 -5.37
N PRO B 350 24.05 -39.86 -5.45
CA PRO B 350 22.85 -39.95 -6.29
C PRO B 350 21.74 -38.99 -5.90
N GLN B 351 21.51 -38.77 -4.61
CA GLN B 351 20.48 -37.84 -4.20
C GLN B 351 20.82 -36.41 -4.62
N MET B 352 22.08 -36.02 -4.44
CA MET B 352 22.51 -34.69 -4.85
C MET B 352 22.37 -34.51 -6.35
N THR B 353 22.71 -35.55 -7.13
CA THR B 353 22.56 -35.46 -8.57
C THR B 353 21.09 -35.37 -8.98
N ASN B 354 20.21 -36.08 -8.29
CA ASN B 354 18.78 -35.98 -8.59
C ASN B 354 18.27 -34.56 -8.34
N ILE B 355 18.65 -33.99 -7.20
CA ILE B 355 18.23 -32.62 -6.89
C ILE B 355 18.77 -31.65 -7.92
N TRP B 356 20.04 -31.82 -8.29
CA TRP B 356 20.66 -30.95 -9.29
C TRP B 356 19.95 -31.07 -10.63
N ASP B 357 19.59 -32.28 -11.02
CA ASP B 357 18.90 -32.48 -12.30
C ASP B 357 17.54 -31.79 -12.30
N LYS B 358 16.78 -31.92 -11.20
CA LYS B 358 15.49 -31.24 -11.12
C LYS B 358 15.65 -29.73 -11.22
N GLN B 359 16.60 -29.17 -10.45
CA GLN B 359 16.79 -27.73 -10.45
C GLN B 359 17.27 -27.23 -11.80
N LEU B 360 18.19 -27.96 -12.43
CA LEU B 360 18.70 -27.57 -13.74
C LEU B 360 17.59 -27.59 -14.80
N ALA B 361 16.74 -28.62 -14.76
CA ALA B 361 15.63 -28.68 -15.70
C ALA B 361 14.70 -27.48 -15.52
N GLY B 362 14.37 -27.15 -14.27
CA GLY B 362 13.52 -25.99 -14.03
C GLY B 362 14.15 -24.70 -14.52
N TYR B 363 15.45 -24.51 -14.24
CA TYR B 363 16.14 -23.30 -14.67
C TYR B 363 16.17 -23.18 -16.18
N VAL B 364 16.45 -24.28 -16.88
CA VAL B 364 16.51 -24.22 -18.34
C VAL B 364 15.12 -23.95 -18.92
N ALA B 365 14.07 -24.51 -18.31
CA ALA B 365 12.72 -24.22 -18.79
C ALA B 365 12.38 -22.74 -18.64
N ALA B 366 12.74 -22.15 -17.49
CA ALA B 366 12.48 -20.72 -17.30
C ALA B 366 13.26 -19.88 -18.30
N GLY B 367 14.53 -20.22 -18.53
CA GLY B 367 15.32 -19.49 -19.50
C GLY B 367 14.75 -19.58 -20.91
N PHE B 368 14.27 -20.77 -21.29
CA PHE B 368 13.66 -20.92 -22.60
C PHE B 368 12.39 -20.11 -22.74
N LYS B 369 11.57 -20.05 -21.69
CA LYS B 369 10.36 -19.21 -21.76
C LYS B 369 10.73 -17.74 -21.95
N VAL B 370 11.75 -17.28 -21.22
CA VAL B 370 12.20 -15.89 -21.38
C VAL B 370 12.67 -15.65 -22.82
N THR B 371 13.45 -16.58 -23.36
CA THR B 371 13.94 -16.44 -24.73
C THR B 371 12.79 -16.38 -25.73
N VAL B 372 11.77 -17.23 -25.52
CA VAL B 372 10.63 -17.27 -26.44
C VAL B 372 9.90 -15.92 -26.44
N LEU B 373 9.65 -15.36 -25.25
CA LEU B 373 8.95 -14.08 -25.23
C LEU B 373 9.80 -12.95 -25.82
N ALA B 374 11.12 -12.97 -25.58
CA ALA B 374 11.98 -11.98 -26.20
C ALA B 374 11.92 -12.06 -27.72
N THR B 375 11.94 -13.28 -28.26
CA THR B 375 11.84 -13.46 -29.70
C THR B 375 10.51 -12.95 -30.23
N ILE B 376 9.42 -13.22 -29.49
CA ILE B 376 8.11 -12.74 -29.93
C ILE B 376 8.09 -11.22 -30.00
N GLY B 377 8.63 -10.56 -28.97
CA GLY B 377 8.66 -9.10 -28.99
C GLY B 377 9.48 -8.54 -30.13
N GLN B 378 10.66 -9.12 -30.37
CA GLN B 378 11.50 -8.67 -31.47
C GLN B 378 10.79 -8.84 -32.81
N GLN B 379 10.12 -9.98 -33.00
CA GLN B 379 9.39 -10.20 -34.25
C GLN B 379 8.24 -9.22 -34.41
N GLY B 380 7.54 -8.90 -33.32
CA GLY B 380 6.47 -7.90 -33.42
C GLY B 380 6.99 -6.53 -33.83
N ILE B 381 8.10 -6.10 -33.24
CA ILE B 381 8.67 -4.81 -33.62
C ILE B 381 9.12 -4.82 -35.07
N GLN B 382 9.73 -5.93 -35.52
CA GLN B 382 10.12 -6.05 -36.91
C GLN B 382 8.91 -5.98 -37.84
N LEU B 383 7.80 -6.60 -37.44
CA LEU B 383 6.58 -6.55 -38.24
C LEU B 383 6.07 -5.12 -38.37
N ILE B 384 6.06 -4.37 -37.26
CA ILE B 384 5.61 -2.99 -37.31
C ILE B 384 6.50 -2.18 -38.25
N GLN B 385 7.82 -2.35 -38.12
CA GLN B 385 8.75 -1.61 -38.97
C GLN B 385 8.52 -1.92 -40.44
N LYS B 386 8.35 -3.20 -40.78
CA LYS B 386 8.19 -3.58 -42.18
C LYS B 386 6.87 -3.09 -42.74
N THR B 387 5.79 -3.14 -41.94
CA THR B 387 4.51 -2.60 -42.40
C THR B 387 4.63 -1.11 -42.70
N VAL B 388 5.30 -0.37 -41.81
CA VAL B 388 5.51 1.05 -42.06
C VAL B 388 6.32 1.27 -43.32
N MET B 389 7.34 0.43 -43.55
CA MET B 389 8.14 0.55 -44.76
C MET B 389 7.29 0.36 -46.01
N ILE B 390 6.41 -0.64 -46.00
CA ILE B 390 5.55 -0.89 -47.15
C ILE B 390 4.61 0.28 -47.41
N ILE B 391 3.99 0.79 -46.34
CA ILE B 391 3.09 1.93 -46.51
C ILE B 391 3.82 3.14 -47.06
N ASN B 392 5.00 3.44 -46.53
CA ASN B 392 5.78 4.56 -47.05
C ASN B 392 6.19 4.35 -48.49
N LEU B 393 6.54 3.11 -48.87
CA LEU B 393 6.91 2.85 -50.26
C LEU B 393 5.73 3.14 -51.19
N TRP B 394 4.53 2.68 -50.81
CA TRP B 394 3.36 2.89 -51.66
C TRP B 394 3.04 4.39 -51.79
N LEU B 395 2.99 5.09 -50.65
CA LEU B 395 2.69 6.52 -50.68
C LEU B 395 3.76 7.31 -51.42
N GLY B 396 5.03 6.95 -51.24
CA GLY B 396 6.09 7.63 -51.97
C GLY B 396 6.04 7.38 -53.45
N ALA B 397 5.64 6.17 -53.86
CA ALA B 397 5.45 5.90 -55.28
C ALA B 397 4.38 6.81 -55.86
N HIS B 398 3.24 6.94 -55.17
CA HIS B 398 2.22 7.88 -55.65
C HIS B 398 2.74 9.31 -55.66
N LEU B 399 3.47 9.71 -54.63
CA LEU B 399 3.97 11.08 -54.58
C LEU B 399 4.95 11.38 -55.72
N VAL B 400 5.86 10.46 -56.01
CA VAL B 400 6.82 10.67 -57.09
C VAL B 400 6.15 10.65 -58.45
N ILE B 401 5.18 9.76 -58.66
CA ILE B 401 4.46 9.74 -59.94
C ILE B 401 3.67 11.03 -60.13
N SER B 402 2.97 11.47 -59.07
CA SER B 402 2.14 12.67 -59.18
C SER B 402 2.99 13.93 -59.22
N GLY B 403 3.72 14.18 -58.16
CA GLY B 403 4.54 15.38 -58.07
C GLY B 403 4.79 15.75 -56.62
N ASP B 404 5.48 16.88 -56.46
CA ASP B 404 5.89 17.43 -55.17
C ASP B 404 6.89 16.55 -54.45
N LEU B 405 7.51 15.60 -55.13
CA LEU B 405 8.54 14.75 -54.55
C LEU B 405 9.46 14.26 -55.66
N SER B 406 10.73 14.12 -55.33
CA SER B 406 11.75 13.67 -56.27
C SER B 406 12.26 12.30 -55.88
N ILE B 407 13.03 11.69 -56.78
CA ILE B 407 13.61 10.38 -56.51
C ILE B 407 14.66 10.48 -55.40
N GLY B 408 15.54 11.48 -55.48
CA GLY B 408 16.51 11.68 -54.42
C GLY B 408 15.88 12.00 -53.09
N GLN B 409 14.81 12.80 -53.10
CA GLN B 409 14.10 13.10 -51.86
C GLN B 409 13.48 11.84 -51.26
N LEU B 410 12.91 10.98 -52.10
CA LEU B 410 12.36 9.73 -51.60
C LEU B 410 13.44 8.83 -51.00
N ILE B 411 14.59 8.73 -51.67
CA ILE B 411 15.68 7.90 -51.15
C ILE B 411 16.17 8.46 -49.82
N ALA B 412 16.34 9.79 -49.74
CA ALA B 412 16.78 10.41 -48.50
C ALA B 412 15.77 10.20 -47.38
N PHE B 413 14.48 10.30 -47.69
CA PHE B 413 13.46 10.07 -46.67
C PHE B 413 13.49 8.62 -46.19
N ASN B 414 13.68 7.66 -47.10
CA ASN B 414 13.77 6.27 -46.69
C ASN B 414 14.96 6.04 -45.77
N MET B 415 16.11 6.64 -46.10
CA MET B 415 17.27 6.48 -45.23
C MET B 415 17.06 7.14 -43.88
N LEU B 416 16.39 8.31 -43.87
CA LEU B 416 16.09 8.97 -42.61
C LEU B 416 15.15 8.14 -41.74
N ALA B 417 14.14 7.52 -42.34
CA ALA B 417 13.25 6.66 -41.58
C ALA B 417 14.00 5.45 -41.03
N GLY B 418 14.91 4.88 -41.83
CA GLY B 418 15.73 3.80 -41.33
C GLY B 418 16.58 4.22 -40.14
N GLN B 419 17.15 5.42 -40.19
CA GLN B 419 17.93 5.91 -39.07
C GLN B 419 17.07 6.20 -37.85
N ILE B 420 15.82 6.62 -38.06
CA ILE B 420 14.89 6.76 -36.94
C ILE B 420 14.64 5.40 -36.28
N VAL B 421 14.41 4.37 -37.08
CA VAL B 421 13.96 3.10 -36.51
C VAL B 421 15.10 2.22 -36.00
N ALA B 422 16.32 2.43 -36.46
CA ALA B 422 17.43 1.58 -36.04
C ALA B 422 17.63 1.54 -34.53
N PRO B 423 17.60 2.66 -33.78
CA PRO B 423 17.73 2.54 -32.32
C PRO B 423 16.64 1.71 -31.68
N VAL B 424 15.42 1.72 -32.22
CA VAL B 424 14.36 0.89 -31.66
C VAL B 424 14.69 -0.59 -31.81
N ILE B 425 15.21 -0.98 -32.97
CA ILE B 425 15.62 -2.37 -33.16
C ILE B 425 16.77 -2.73 -32.23
N ARG B 426 17.74 -1.82 -32.09
CA ARG B 426 18.87 -2.09 -31.21
C ARG B 426 18.41 -2.28 -29.77
N LEU B 427 17.46 -1.45 -29.31
CA LEU B 427 16.89 -1.63 -27.98
C LEU B 427 16.12 -2.94 -27.87
N ALA B 428 15.37 -3.31 -28.92
CA ALA B 428 14.61 -4.55 -28.88
C ALA B 428 15.51 -5.77 -28.79
N GLN B 429 16.73 -5.68 -29.34
CA GLN B 429 17.65 -6.79 -29.24
C GLN B 429 18.10 -7.03 -27.80
N ILE B 430 18.01 -6.03 -26.94
CA ILE B 430 18.48 -6.12 -25.57
C ILE B 430 17.34 -5.88 -24.57
N TRP B 431 16.13 -6.29 -24.92
CA TRP B 431 14.97 -6.16 -24.02
C TRP B 431 15.20 -6.93 -22.73
N GLN B 432 15.74 -8.15 -22.84
CA GLN B 432 16.00 -8.99 -21.69
C GLN B 432 16.91 -8.28 -20.68
N ASP B 433 17.92 -7.57 -21.18
CA ASP B 433 18.82 -6.84 -20.29
C ASP B 433 18.08 -5.74 -19.53
N PHE B 434 17.18 -5.01 -20.22
CA PHE B 434 16.42 -3.97 -19.55
C PHE B 434 15.60 -4.54 -18.40
N GLN B 435 14.84 -5.62 -18.67
CA GLN B 435 14.01 -6.17 -17.62
C GLN B 435 14.85 -6.81 -16.51
N GLN B 436 15.98 -7.42 -16.89
CA GLN B 436 16.86 -8.03 -15.89
C GLN B 436 17.44 -6.99 -14.97
N VAL B 437 17.74 -5.79 -15.47
CA VAL B 437 18.21 -4.72 -14.60
C VAL B 437 17.08 -4.20 -13.73
N GLY B 438 15.88 -4.09 -14.29
CA GLY B 438 14.74 -3.73 -13.47
C GLY B 438 14.54 -4.66 -12.30
N ILE B 439 14.91 -5.93 -12.47
CA ILE B 439 14.82 -6.89 -11.37
C ILE B 439 16.07 -6.89 -10.47
N SER B 440 17.24 -6.63 -11.05
CA SER B 440 18.47 -6.55 -10.27
C SER B 440 18.41 -5.41 -9.26
N VAL B 441 17.85 -4.28 -9.67
CA VAL B 441 17.68 -3.17 -8.74
C VAL B 441 16.79 -3.58 -7.57
N THR B 442 15.71 -4.32 -7.87
CA THR B 442 14.82 -4.80 -6.80
C THR B 442 15.53 -5.74 -5.85
N ARG B 443 16.36 -6.65 -6.37
CA ARG B 443 17.09 -7.57 -5.49
C ARG B 443 18.11 -6.83 -4.64
N LEU B 444 18.85 -5.92 -5.24
CA LEU B 444 19.78 -5.10 -4.47
C LEU B 444 19.05 -4.28 -3.41
N GLY B 445 17.83 -3.85 -3.70
CA GLY B 445 17.02 -3.20 -2.69
C GLY B 445 16.62 -4.14 -1.57
N ASP B 446 16.24 -5.37 -1.92
CA ASP B 446 15.91 -6.38 -0.92
C ASP B 446 17.05 -6.56 0.07
N VAL B 447 18.29 -6.57 -0.43
CA VAL B 447 19.43 -6.61 0.48
C VAL B 447 19.60 -5.27 1.21
N LEU B 448 19.42 -4.16 0.50
CA LEU B 448 19.77 -2.84 1.01
C LEU B 448 18.64 -2.16 1.78
N ASN B 449 17.44 -2.72 1.80
CA ASN B 449 16.33 -2.15 2.55
C ASN B 449 16.13 -2.83 3.90
N SER B 450 17.00 -3.76 4.26
CA SER B 450 16.93 -4.35 5.58
C SER B 450 17.62 -3.46 6.59
N PRO B 451 17.01 -3.24 7.75
CA PRO B 451 17.63 -2.36 8.76
C PRO B 451 18.94 -2.93 9.26
N THR B 452 19.94 -2.06 9.42
CA THR B 452 21.22 -2.47 9.97
C THR B 452 21.15 -2.52 11.50
N GLU B 453 22.27 -2.88 12.11
CA GLU B 453 22.36 -2.87 13.56
C GLU B 453 22.23 -1.43 14.06
N SER B 454 21.11 -1.12 14.68
CA SER B 454 20.75 0.25 15.02
C SER B 454 21.44 0.69 16.30
N TYR B 455 21.95 1.92 16.29
CA TYR B 455 22.53 2.52 17.49
C TYR B 455 22.19 4.00 17.47
N HIS B 456 21.35 4.43 18.42
CA HIS B 456 20.92 5.83 18.45
C HIS B 456 22.06 6.76 18.82
N GLY B 457 22.96 6.33 19.70
CA GLY B 457 24.04 7.18 20.15
C GLY B 457 25.10 7.45 19.10
N LYS B 458 25.14 8.68 18.61
CA LYS B 458 26.18 9.12 17.70
C LYS B 458 27.43 9.60 18.43
N LEU B 459 27.39 9.66 19.76
CA LEU B 459 28.55 10.06 20.54
C LEU B 459 29.56 8.91 20.62
N ALA B 460 30.82 9.28 20.82
CA ALA B 460 31.91 8.32 20.89
C ALA B 460 32.15 7.96 22.35
N LEU B 461 31.66 6.81 22.78
CA LEU B 461 31.84 6.37 24.14
C LEU B 461 33.31 6.05 24.40
N PRO B 462 33.80 6.24 25.63
CA PRO B 462 35.20 5.95 25.93
C PRO B 462 35.48 4.45 26.01
N GLU B 463 36.70 4.09 26.39
CA GLU B 463 37.08 2.69 26.47
C GLU B 463 36.29 1.98 27.57
N ILE B 464 36.43 0.65 27.60
CA ILE B 464 35.61 -0.20 28.44
C ILE B 464 36.40 -0.61 29.68
N ASN B 465 35.81 -0.41 30.85
CA ASN B 465 36.24 -1.08 32.06
C ASN B 465 35.33 -2.29 32.28
N GLY B 466 35.90 -3.37 32.83
CA GLY B 466 35.18 -4.62 32.88
C GLY B 466 34.05 -4.68 33.88
N ASN B 467 33.09 -3.76 33.76
CA ASN B 467 31.90 -3.74 34.60
C ASN B 467 30.71 -4.18 33.75
N ILE B 468 30.29 -5.43 33.93
CA ILE B 468 29.16 -5.99 33.21
C ILE B 468 28.00 -6.14 34.18
N THR B 469 26.80 -5.78 33.72
CA THR B 469 25.62 -5.80 34.58
C THR B 469 24.43 -6.28 33.76
N PHE B 470 23.78 -7.34 34.21
CA PHE B 470 22.52 -7.79 33.66
C PHE B 470 21.39 -7.33 34.58
N ARG B 471 20.43 -6.60 34.01
CA ARG B 471 19.35 -5.99 34.79
C ARG B 471 18.01 -6.54 34.30
N ASN B 472 17.45 -7.50 35.05
CA ASN B 472 16.13 -8.07 34.77
C ASN B 472 16.07 -8.63 33.35
N ILE B 473 17.04 -9.48 33.02
CA ILE B 473 17.17 -9.98 31.65
C ILE B 473 16.15 -11.10 31.42
N ARG B 474 15.34 -10.95 30.38
CA ARG B 474 14.47 -11.99 29.89
C ARG B 474 14.74 -12.21 28.41
N PHE B 475 14.95 -13.46 28.01
CA PHE B 475 15.42 -13.74 26.66
C PHE B 475 14.72 -14.97 26.10
N ARG B 476 14.35 -14.90 24.82
CA ARG B 476 13.83 -16.03 24.07
C ARG B 476 14.60 -16.17 22.77
N TYR B 477 14.80 -17.41 22.33
CA TYR B 477 15.45 -17.65 21.05
C TYR B 477 14.59 -17.13 19.90
N LYS B 478 13.32 -17.48 19.90
CA LYS B 478 12.35 -17.08 18.89
C LYS B 478 11.25 -16.23 19.52
N PRO B 479 10.42 -15.58 18.71
CA PRO B 479 9.35 -14.74 19.28
C PRO B 479 8.38 -15.49 20.19
N ASP B 480 8.17 -16.80 19.98
CA ASP B 480 7.24 -17.54 20.82
C ASP B 480 7.85 -18.78 21.44
N SER B 481 9.17 -18.97 21.36
CA SER B 481 9.80 -20.14 21.95
C SER B 481 9.84 -20.02 23.47
N PRO B 482 10.06 -21.13 24.18
CA PRO B 482 10.13 -21.08 25.63
C PRO B 482 11.22 -20.12 26.12
N VAL B 483 10.95 -19.50 27.26
CA VAL B 483 11.85 -18.52 27.84
C VAL B 483 13.12 -19.22 28.31
N ILE B 484 14.27 -18.69 27.89
CA ILE B 484 15.56 -19.26 28.27
C ILE B 484 16.04 -18.66 29.59
N LEU B 485 16.03 -17.34 29.71
CA LEU B 485 16.38 -16.65 30.93
C LEU B 485 15.17 -15.88 31.43
N ASP B 486 14.76 -16.15 32.67
CA ASP B 486 13.52 -15.55 33.19
C ASP B 486 13.76 -14.16 33.75
N ASN B 487 14.56 -14.05 34.81
CA ASN B 487 14.79 -12.78 35.50
C ASN B 487 16.24 -12.65 35.92
N ILE B 488 17.16 -12.96 35.00
CA ILE B 488 18.58 -12.96 35.34
C ILE B 488 19.02 -11.57 35.76
N ASN B 489 19.55 -11.47 36.97
CA ASN B 489 20.16 -10.24 37.49
C ASN B 489 21.60 -10.55 37.89
N LEU B 490 22.54 -9.76 37.40
CA LEU B 490 23.94 -10.05 37.66
C LEU B 490 24.73 -8.74 37.65
N SER B 491 25.88 -8.77 38.32
CA SER B 491 26.79 -7.62 38.37
C SER B 491 28.20 -8.15 38.52
N ILE B 492 29.06 -7.80 37.57
CA ILE B 492 30.46 -8.24 37.57
C ILE B 492 31.35 -7.00 37.59
N LYS B 493 32.30 -6.98 38.52
CA LYS B 493 33.19 -5.84 38.68
C LYS B 493 34.44 -6.01 37.81
N GLN B 494 35.19 -4.92 37.68
CA GLN B 494 36.39 -4.93 36.85
C GLN B 494 37.46 -5.85 37.45
N GLY B 495 38.17 -6.55 36.57
CA GLY B 495 39.23 -7.43 37.00
C GLY B 495 38.78 -8.66 37.76
N GLU B 496 37.53 -9.05 37.62
CA GLU B 496 36.97 -10.16 38.38
C GLU B 496 36.80 -11.39 37.49
N VAL B 497 37.28 -12.53 37.97
CA VAL B 497 37.16 -13.80 37.26
C VAL B 497 35.88 -14.48 37.73
N ILE B 498 34.99 -14.78 36.80
CA ILE B 498 33.68 -15.33 37.10
C ILE B 498 33.54 -16.68 36.41
N GLY B 499 33.13 -17.69 37.17
CA GLY B 499 32.82 -19.00 36.64
C GLY B 499 31.33 -19.24 36.65
N ILE B 500 30.81 -19.68 35.51
CA ILE B 500 29.39 -19.94 35.33
C ILE B 500 29.22 -21.39 34.92
N VAL B 501 28.49 -22.17 35.70
CA VAL B 501 28.31 -23.60 35.45
C VAL B 501 26.84 -23.96 35.48
N GLY B 502 26.54 -25.21 35.19
CA GLY B 502 25.18 -25.70 35.17
C GLY B 502 25.03 -26.82 34.16
N ARG B 503 23.82 -27.34 34.08
CA ARG B 503 23.50 -28.40 33.14
C ARG B 503 23.26 -27.81 31.75
N SER B 504 23.27 -28.69 30.75
CA SER B 504 22.98 -28.26 29.39
C SER B 504 21.52 -27.81 29.28
N GLY B 505 21.30 -26.66 28.64
CA GLY B 505 19.98 -26.08 28.55
C GLY B 505 19.62 -25.16 29.69
N SER B 506 20.53 -24.94 30.64
CA SER B 506 20.27 -24.05 31.77
C SER B 506 20.28 -22.58 31.38
N GLY B 507 20.71 -22.25 30.16
CA GLY B 507 20.74 -20.88 29.70
C GLY B 507 22.08 -20.19 29.84
N LYS B 508 23.11 -20.89 30.32
CA LYS B 508 24.42 -20.27 30.47
C LYS B 508 25.12 -20.05 29.14
N SER B 509 24.64 -20.66 28.06
CA SER B 509 25.23 -20.46 26.74
C SER B 509 24.75 -19.20 26.06
N THR B 510 23.67 -18.59 26.55
CA THR B 510 23.15 -17.36 25.95
C THR B 510 23.76 -16.10 26.52
N LEU B 511 24.54 -16.20 27.60
CA LEU B 511 25.16 -15.02 28.18
C LEU B 511 26.29 -14.48 27.31
N THR B 512 27.05 -15.38 26.66
CA THR B 512 28.15 -14.94 25.80
C THR B 512 27.63 -14.13 24.62
N LYS B 513 26.53 -14.58 24.01
CA LYS B 513 25.95 -13.86 22.89
C LYS B 513 25.03 -12.74 23.33
N LEU B 514 24.82 -12.56 24.63
CA LEU B 514 24.12 -11.40 25.16
C LEU B 514 25.08 -10.28 25.53
N ILE B 515 26.27 -10.63 26.01
CA ILE B 515 27.30 -9.61 26.26
C ILE B 515 27.69 -8.93 24.95
N GLN B 516 27.96 -9.73 23.92
CA GLN B 516 27.98 -9.19 22.57
C GLN B 516 26.56 -8.90 22.12
N ARG B 517 26.40 -7.95 21.23
CA ARG B 517 25.05 -7.58 20.82
C ARG B 517 24.59 -8.50 19.69
N PHE B 518 24.56 -9.81 19.96
CA PHE B 518 24.01 -10.79 19.03
C PHE B 518 22.59 -11.18 19.43
N TYR B 519 22.31 -11.25 20.72
CA TYR B 519 20.99 -11.56 21.24
C TYR B 519 20.36 -10.30 21.82
N ILE B 520 19.10 -10.05 21.47
CA ILE B 520 18.37 -8.89 21.94
C ILE B 520 17.45 -9.34 23.07
N PRO B 521 17.64 -8.87 24.30
CA PRO B 521 16.78 -9.30 25.40
C PRO B 521 15.34 -8.84 25.19
N GLU B 522 14.40 -9.74 25.43
CA GLU B 522 12.99 -9.38 25.34
C GLU B 522 12.60 -8.36 26.39
N ASN B 523 13.10 -8.50 27.61
CA ASN B 523 12.83 -7.56 28.68
C ASN B 523 14.12 -7.37 29.48
N GLY B 524 14.39 -6.14 29.87
CA GLY B 524 15.60 -5.81 30.62
C GLY B 524 16.66 -5.22 29.72
N GLN B 525 17.85 -5.07 30.30
CA GLN B 525 18.97 -4.48 29.57
C GLN B 525 20.28 -4.98 30.16
N VAL B 526 21.26 -5.21 29.28
CA VAL B 526 22.61 -5.59 29.67
C VAL B 526 23.49 -4.36 29.56
N LEU B 527 24.33 -4.13 30.57
CA LEU B 527 25.08 -2.89 30.70
C LEU B 527 26.57 -3.18 30.76
N ILE B 528 27.34 -2.37 30.05
CA ILE B 528 28.80 -2.36 30.16
C ILE B 528 29.20 -0.97 30.65
N ASP B 529 29.81 -0.92 31.84
CA ASP B 529 30.23 0.34 32.46
C ASP B 529 29.05 1.28 32.67
N GLY B 530 27.86 0.70 32.88
CA GLY B 530 26.67 1.50 33.05
C GLY B 530 26.05 2.01 31.77
N HIS B 531 26.56 1.60 30.61
CA HIS B 531 26.02 2.03 29.33
C HIS B 531 25.16 0.91 28.74
N ASP B 532 23.93 1.25 28.38
CA ASP B 532 23.04 0.26 27.78
C ASP B 532 23.56 -0.15 26.41
N LEU B 533 23.62 -1.46 26.17
CA LEU B 533 24.14 -1.97 24.90
C LEU B 533 23.14 -1.87 23.76
N ALA B 534 21.85 -1.68 24.06
CA ALA B 534 20.86 -1.49 23.01
C ALA B 534 21.04 -0.17 22.28
N LEU B 535 21.88 0.73 22.80
CA LEU B 535 22.10 2.04 22.21
C LEU B 535 23.52 2.24 21.70
N ALA B 536 24.48 1.45 22.16
CA ALA B 536 25.88 1.65 21.82
C ALA B 536 26.18 1.13 20.43
N ASP B 537 27.27 1.66 19.86
CA ASP B 537 27.72 1.19 18.56
C ASP B 537 28.28 -0.23 18.68
N PRO B 538 27.78 -1.19 17.91
CA PRO B 538 28.23 -2.58 18.09
C PRO B 538 29.72 -2.77 17.91
N ASN B 539 30.35 -2.05 16.98
CA ASN B 539 31.78 -2.24 16.75
C ASN B 539 32.59 -1.87 17.99
N TRP B 540 32.16 -0.83 18.69
CA TRP B 540 32.85 -0.40 19.92
C TRP B 540 32.85 -1.52 20.96
N LEU B 541 31.73 -2.24 21.07
CA LEU B 541 31.65 -3.31 22.04
C LEU B 541 32.42 -4.55 21.59
N ARG B 542 32.28 -4.92 20.31
CA ARG B 542 32.92 -6.12 19.80
C ARG B 542 34.45 -6.01 19.80
N ARG B 543 34.99 -4.84 19.44
CA ARG B 543 36.43 -4.70 19.34
C ARG B 543 37.13 -4.77 20.69
N GLN B 544 36.40 -4.68 21.80
CA GLN B 544 36.98 -4.69 23.13
C GLN B 544 36.63 -5.93 23.93
N VAL B 545 35.98 -6.91 23.31
CA VAL B 545 35.57 -8.14 23.99
C VAL B 545 36.14 -9.32 23.23
N GLY B 546 36.92 -10.15 23.92
CA GLY B 546 37.50 -11.35 23.34
C GLY B 546 36.72 -12.58 23.76
N VAL B 547 36.23 -13.32 22.76
CA VAL B 547 35.38 -14.47 22.98
C VAL B 547 36.00 -15.68 22.30
N VAL B 548 36.14 -16.78 23.03
CA VAL B 548 36.61 -18.05 22.48
C VAL B 548 35.46 -19.04 22.58
N LEU B 549 34.97 -19.50 21.44
CA LEU B 549 33.83 -20.41 21.39
C LEU B 549 34.32 -21.85 21.34
N GLN B 550 33.40 -22.78 21.07
CA GLN B 550 33.74 -24.19 20.95
C GLN B 550 34.08 -24.60 19.52
N ASP B 551 33.56 -23.89 18.51
CA ASP B 551 33.86 -24.19 17.12
C ASP B 551 35.09 -23.45 16.61
N ASN B 552 35.06 -22.13 16.71
CA ASN B 552 36.24 -21.34 16.33
C ASN B 552 36.70 -21.60 14.91
N VAL B 553 35.91 -21.14 13.95
CA VAL B 553 36.31 -21.26 12.55
C VAL B 553 37.33 -20.18 12.22
N LEU B 554 38.27 -20.53 11.34
CA LEU B 554 39.33 -19.63 10.91
C LEU B 554 39.09 -19.16 9.47
N LEU B 555 40.03 -18.38 8.96
CA LEU B 555 40.01 -17.89 7.59
C LEU B 555 41.11 -18.55 6.79
N ASN B 556 40.93 -18.57 5.46
CA ASN B 556 41.86 -19.25 4.55
C ASN B 556 43.09 -18.37 4.34
N ARG B 557 43.91 -18.28 5.39
CA ARG B 557 45.14 -17.51 5.36
C ARG B 557 46.20 -18.29 6.13
N SER B 558 47.33 -17.64 6.39
CA SER B 558 48.41 -18.25 7.15
C SER B 558 48.10 -18.20 8.64
N ILE B 559 48.98 -18.82 9.43
CA ILE B 559 48.80 -18.84 10.88
C ILE B 559 48.91 -17.42 11.44
N ILE B 560 49.93 -16.68 11.04
CA ILE B 560 50.14 -15.34 11.57
C ILE B 560 49.11 -14.35 11.06
N ASP B 561 48.55 -14.57 9.87
CA ASP B 561 47.48 -13.69 9.39
C ASP B 561 46.17 -13.95 10.12
N ASN B 562 45.92 -15.19 10.53
CA ASN B 562 44.72 -15.50 11.29
C ASN B 562 44.86 -15.06 12.75
N ILE B 563 46.04 -15.21 13.33
CA ILE B 563 46.25 -14.79 14.71
C ILE B 563 46.16 -13.28 14.83
N SER B 564 46.79 -12.56 13.89
CA SER B 564 46.83 -11.10 13.91
C SER B 564 45.84 -10.49 12.93
N LEU B 565 44.66 -11.09 12.80
CA LEU B 565 43.66 -10.60 11.87
C LEU B 565 43.16 -9.21 12.26
N ALA B 566 42.96 -8.96 13.55
CA ALA B 566 42.40 -7.70 14.02
C ALA B 566 43.34 -6.52 13.84
N ASN B 567 44.63 -6.77 13.63
CA ASN B 567 45.60 -5.69 13.43
C ASN B 567 46.84 -6.21 12.70
N PRO B 568 46.82 -6.21 11.37
CA PRO B 568 47.95 -6.79 10.62
C PRO B 568 49.27 -6.05 10.81
N GLY B 569 49.24 -4.80 11.26
CA GLY B 569 50.45 -4.01 11.38
C GLY B 569 51.23 -4.20 12.66
N MET B 570 50.84 -5.13 13.51
CA MET B 570 51.50 -5.32 14.79
C MET B 570 52.79 -6.13 14.64
N SER B 571 53.58 -6.13 15.71
CA SER B 571 54.86 -6.82 15.70
C SER B 571 54.68 -8.33 15.77
N VAL B 572 55.68 -9.05 15.26
CA VAL B 572 55.66 -10.51 15.29
C VAL B 572 55.88 -11.02 16.70
N GLU B 573 56.69 -10.33 17.51
CA GLU B 573 57.04 -10.82 18.84
C GLU B 573 55.80 -10.96 19.72
N LYS B 574 54.87 -10.02 19.63
CA LYS B 574 53.63 -10.14 20.38
C LYS B 574 52.80 -11.33 19.92
N VAL B 575 52.84 -11.62 18.61
CA VAL B 575 52.16 -12.80 18.09
C VAL B 575 52.77 -14.07 18.68
N ILE B 576 54.11 -14.13 18.75
CA ILE B 576 54.77 -15.29 19.33
C ILE B 576 54.42 -15.43 20.81
N TYR B 577 54.36 -14.30 21.52
CA TYR B 577 53.98 -14.32 22.92
C TYR B 577 52.56 -14.84 23.11
N ALA B 578 51.62 -14.38 22.27
CA ALA B 578 50.25 -14.84 22.36
C ALA B 578 50.14 -16.33 22.04
N ALA B 579 50.90 -16.79 21.04
CA ALA B 579 50.89 -18.21 20.71
C ALA B 579 51.46 -19.04 21.86
N LYS B 580 52.51 -18.54 22.51
CA LYS B 580 53.06 -19.25 23.67
C LYS B 580 52.05 -19.31 24.81
N LEU B 581 51.31 -18.22 25.04
CA LEU B 581 50.30 -18.22 26.09
C LEU B 581 49.23 -19.27 25.82
N ALA B 582 48.79 -19.39 24.57
CA ALA B 582 47.78 -20.38 24.21
C ALA B 582 48.35 -21.79 24.08
N GLY B 583 49.66 -21.96 24.24
CA GLY B 583 50.26 -23.28 24.12
C GLY B 583 50.20 -23.86 22.72
N ALA B 584 50.40 -23.03 21.70
CA ALA B 584 50.31 -23.49 20.32
C ALA B 584 51.58 -23.28 19.51
N HIS B 585 52.50 -22.45 20.03
CA HIS B 585 53.71 -22.16 19.29
C HIS B 585 54.38 -23.45 18.85
N ASP B 586 54.43 -24.44 19.74
CA ASP B 586 55.13 -25.68 19.43
C ASP B 586 54.65 -26.36 18.15
N PHE B 587 53.35 -26.59 18.02
CA PHE B 587 52.86 -27.29 16.85
C PHE B 587 53.04 -26.44 15.59
N ILE B 588 52.89 -25.13 15.73
CA ILE B 588 53.05 -24.24 14.59
C ILE B 588 54.47 -24.37 14.09
N SER B 589 55.41 -24.46 15.02
CA SER B 589 56.81 -24.58 14.64
C SER B 589 57.10 -25.95 14.05
N GLU B 590 56.52 -27.00 14.62
CA GLU B 590 56.71 -28.32 14.02
C GLU B 590 56.31 -28.35 12.56
N LEU B 591 55.53 -27.38 12.08
CA LEU B 591 55.15 -27.33 10.68
C LEU B 591 56.35 -26.90 9.83
N ARG B 592 56.28 -27.22 8.54
CA ARG B 592 57.38 -26.87 7.64
C ARG B 592 57.46 -25.37 7.39
N GLU B 593 56.33 -24.74 7.09
CA GLU B 593 56.32 -23.30 6.88
C GLU B 593 56.20 -22.51 8.17
N GLY B 594 55.89 -23.17 9.28
CA GLY B 594 55.78 -22.50 10.56
C GLY B 594 54.56 -21.61 10.64
N TYR B 595 54.78 -20.30 10.78
CA TYR B 595 53.70 -19.34 10.88
C TYR B 595 53.15 -18.93 9.52
N ASN B 596 53.72 -19.42 8.42
CA ASN B 596 53.27 -19.08 7.08
C ASN B 596 52.44 -20.19 6.45
N THR B 597 52.06 -21.21 7.21
CA THR B 597 51.28 -22.31 6.67
C THR B 597 49.85 -21.88 6.43
N ILE B 598 49.36 -22.08 5.21
CA ILE B 598 47.97 -21.80 4.90
C ILE B 598 47.09 -22.89 5.50
N VAL B 599 46.02 -22.49 6.18
CA VAL B 599 45.17 -23.43 6.90
C VAL B 599 44.05 -24.00 6.04
N GLY B 600 43.77 -23.41 4.88
CA GLY B 600 42.69 -23.88 4.04
C GLY B 600 41.34 -23.33 4.44
N GLU B 601 40.31 -23.84 3.77
CA GLU B 601 38.94 -23.37 4.00
C GLU B 601 38.48 -23.81 5.38
N GLN B 602 38.13 -22.83 6.23
CA GLN B 602 37.59 -23.06 7.56
C GLN B 602 38.55 -23.82 8.47
N GLY B 603 39.85 -23.76 8.19
CA GLY B 603 40.81 -24.50 8.97
C GLY B 603 40.84 -25.98 8.65
N ALA B 604 40.86 -26.30 7.35
CA ALA B 604 40.86 -27.69 6.91
C ALA B 604 42.20 -28.37 7.14
N GLY B 605 43.30 -27.63 7.12
CA GLY B 605 44.62 -28.20 7.28
C GLY B 605 45.07 -28.41 8.71
N LEU B 606 44.21 -28.15 9.69
CA LEU B 606 44.57 -28.28 11.09
C LEU B 606 43.49 -29.08 11.82
N SER B 607 43.91 -29.77 12.87
CA SER B 607 42.98 -30.53 13.69
C SER B 607 42.11 -29.59 14.52
N GLY B 608 41.10 -30.15 15.19
CA GLY B 608 40.19 -29.35 15.99
C GLY B 608 40.86 -28.65 17.15
N GLY B 609 41.68 -29.38 17.90
CA GLY B 609 42.42 -28.76 18.98
C GLY B 609 43.43 -27.75 18.50
N GLN B 610 44.04 -28.00 17.34
CA GLN B 610 45.01 -27.07 16.77
C GLN B 610 44.37 -25.72 16.50
N ARG B 611 43.24 -25.72 15.79
CA ARG B 611 42.58 -24.45 15.52
C ARG B 611 41.91 -23.87 16.76
N GLN B 612 41.57 -24.71 17.75
CA GLN B 612 41.09 -24.19 19.02
C GLN B 612 42.17 -23.36 19.69
N ARG B 613 43.40 -23.87 19.72
CA ARG B 613 44.51 -23.11 20.30
C ARG B 613 44.84 -21.89 19.46
N ILE B 614 44.73 -22.00 18.13
CA ILE B 614 44.95 -20.85 17.26
C ILE B 614 43.93 -19.76 17.58
N ALA B 615 42.67 -20.13 17.79
CA ALA B 615 41.64 -19.16 18.12
C ALA B 615 41.85 -18.56 19.51
N ILE B 616 42.33 -19.36 20.47
CA ILE B 616 42.66 -18.80 21.78
C ILE B 616 43.74 -17.74 21.65
N ALA B 617 44.78 -18.04 20.87
CA ALA B 617 45.84 -17.06 20.63
C ALA B 617 45.29 -15.82 19.91
N ARG B 618 44.38 -16.04 18.95
CA ARG B 618 43.78 -14.92 18.22
C ARG B 618 42.98 -14.01 19.14
N ALA B 619 42.27 -14.60 20.11
CA ALA B 619 41.55 -13.77 21.08
C ALA B 619 42.50 -13.07 22.02
N LEU B 620 43.60 -13.71 22.39
CA LEU B 620 44.53 -13.12 23.35
C LEU B 620 45.50 -12.11 22.73
N VAL B 621 45.63 -12.08 21.40
CA VAL B 621 46.68 -11.26 20.80
C VAL B 621 46.42 -9.77 21.03
N ASN B 622 45.16 -9.36 21.04
CA ASN B 622 44.81 -7.98 21.33
C ASN B 622 44.85 -7.76 22.84
N ASN B 623 44.29 -6.64 23.30
CA ASN B 623 44.16 -6.34 24.72
C ASN B 623 42.66 -6.26 25.03
N PRO B 624 42.00 -7.40 25.21
CA PRO B 624 40.56 -7.38 25.46
C PRO B 624 40.27 -6.94 26.89
N LYS B 625 39.39 -5.94 27.02
CA LYS B 625 38.94 -5.53 28.34
C LYS B 625 38.15 -6.64 29.03
N ILE B 626 37.33 -7.36 28.27
CA ILE B 626 36.54 -8.48 28.78
C ILE B 626 36.90 -9.70 27.96
N LEU B 627 37.21 -10.81 28.63
CA LEU B 627 37.59 -12.05 27.97
C LEU B 627 36.60 -13.13 28.39
N ILE B 628 36.01 -13.80 27.41
CA ILE B 628 34.99 -14.81 27.64
C ILE B 628 35.48 -16.15 27.11
N PHE B 629 35.34 -17.19 27.94
CA PHE B 629 35.70 -18.57 27.59
C PHE B 629 34.41 -19.39 27.63
N ASP B 630 33.81 -19.61 26.45
CA ASP B 630 32.56 -20.35 26.35
C ASP B 630 32.86 -21.80 25.96
N GLU B 631 33.15 -22.61 26.99
CA GLU B 631 33.47 -24.02 26.81
C GLU B 631 34.64 -24.20 25.83
N ALA B 632 35.64 -23.35 25.98
CA ALA B 632 36.76 -23.33 25.04
C ALA B 632 37.61 -24.59 25.13
N THR B 633 37.92 -25.04 26.35
CA THR B 633 38.83 -26.14 26.56
C THR B 633 38.15 -27.50 26.54
N SER B 634 36.83 -27.52 26.32
CA SER B 634 36.12 -28.80 26.25
C SER B 634 36.52 -29.62 25.04
N ALA B 635 36.74 -28.96 23.90
CA ALA B 635 37.13 -29.67 22.68
C ALA B 635 38.59 -30.09 22.70
N LEU B 636 39.40 -29.58 23.62
CA LEU B 636 40.79 -29.96 23.72
C LEU B 636 40.93 -31.26 24.52
N ASP B 637 42.16 -31.78 24.56
CA ASP B 637 42.50 -32.98 25.29
C ASP B 637 43.33 -32.63 26.50
N TYR B 638 43.80 -33.66 27.20
CA TYR B 638 44.78 -33.44 28.24
C TYR B 638 46.12 -33.05 27.61
N GLU B 639 47.07 -32.68 28.47
CA GLU B 639 48.40 -32.18 28.15
C GLU B 639 48.34 -31.01 27.16
N SER B 640 47.18 -30.42 26.93
CA SER B 640 47.01 -29.17 26.22
C SER B 640 46.13 -28.20 27.01
N GLU B 641 45.13 -28.72 27.70
CA GLU B 641 44.32 -27.89 28.60
C GLU B 641 45.09 -27.55 29.87
N HIS B 642 46.00 -28.42 30.28
CA HIS B 642 46.82 -28.16 31.47
C HIS B 642 47.69 -26.92 31.26
N ILE B 643 48.32 -26.81 30.09
CA ILE B 643 49.09 -25.62 29.76
C ILE B 643 48.18 -24.41 29.68
N ILE B 644 46.96 -24.60 29.15
CA ILE B 644 46.00 -23.51 29.09
C ILE B 644 45.70 -22.99 30.49
N MET B 645 45.52 -23.88 31.46
CA MET B 645 45.22 -23.43 32.83
C MET B 645 46.43 -22.76 33.47
N ARG B 646 47.62 -23.36 33.30
CA ARG B 646 48.82 -22.78 33.88
C ARG B 646 49.09 -21.39 33.34
N ASN B 647 48.83 -21.17 32.05
CA ASN B 647 48.95 -19.84 31.47
C ASN B 647 47.79 -18.92 31.82
N MET B 648 46.59 -19.48 32.02
CA MET B 648 45.44 -18.69 32.43
C MET B 648 45.62 -18.16 33.85
N HIS B 649 46.49 -18.77 34.62
CA HIS B 649 46.85 -18.19 35.92
C HIS B 649 47.34 -16.75 35.77
N LYS B 650 47.95 -16.41 34.64
CA LYS B 650 48.40 -15.06 34.37
C LYS B 650 47.70 -14.40 33.18
N ILE B 651 46.85 -15.12 32.46
CA ILE B 651 46.10 -14.52 31.35
C ILE B 651 45.05 -13.55 31.90
N CYS B 652 44.40 -13.92 33.00
CA CYS B 652 43.32 -13.13 33.58
C CYS B 652 43.81 -11.87 34.27
N LYS B 653 45.08 -11.52 34.14
CA LYS B 653 45.63 -10.35 34.83
C LYS B 653 45.18 -9.08 34.13
N GLY B 654 44.45 -8.23 34.86
CA GLY B 654 43.99 -6.97 34.33
C GLY B 654 42.77 -7.03 33.46
N ARG B 655 42.09 -8.18 33.38
CA ARG B 655 40.92 -8.34 32.55
C ARG B 655 39.77 -8.89 33.38
N THR B 656 38.55 -8.65 32.90
CA THR B 656 37.34 -9.25 33.47
C THR B 656 37.05 -10.52 32.67
N VAL B 657 37.35 -11.67 33.27
CA VAL B 657 37.29 -12.95 32.58
C VAL B 657 36.06 -13.72 33.04
N ILE B 658 35.29 -14.23 32.08
CA ILE B 658 34.12 -15.05 32.34
C ILE B 658 34.39 -16.43 31.74
N ILE B 659 34.28 -17.47 32.56
CA ILE B 659 34.53 -18.84 32.13
C ILE B 659 33.21 -19.59 32.23
N ILE B 660 32.68 -20.01 31.08
CA ILE B 660 31.47 -20.81 31.01
C ILE B 660 31.88 -22.21 30.60
N ALA B 661 31.74 -23.17 31.51
CA ALA B 661 32.20 -24.53 31.27
C ALA B 661 31.19 -25.53 31.80
N HIS B 662 31.24 -26.74 31.24
CA HIS B 662 30.43 -27.86 31.71
C HIS B 662 31.07 -28.54 32.91
N ARG B 663 32.35 -28.90 32.78
CA ARG B 663 33.06 -29.51 33.90
C ARG B 663 33.29 -28.48 35.00
N LEU B 664 33.05 -28.89 36.25
CA LEU B 664 33.21 -28.01 37.39
C LEU B 664 34.65 -27.84 37.83
N SER B 665 35.58 -28.64 37.27
CA SER B 665 36.99 -28.47 37.58
C SER B 665 37.62 -27.29 36.85
N THR B 666 36.96 -26.77 35.82
CA THR B 666 37.52 -25.65 35.07
C THR B 666 37.41 -24.34 35.85
N VAL B 667 36.30 -24.13 36.55
CA VAL B 667 36.06 -22.89 37.26
C VAL B 667 36.41 -23.02 38.74
N LYS B 668 37.26 -23.99 39.10
CA LYS B 668 37.60 -24.21 40.50
C LYS B 668 38.36 -23.03 41.09
N ASN B 669 39.14 -22.32 40.28
CA ASN B 669 40.00 -21.25 40.75
C ASN B 669 39.44 -19.87 40.38
N ALA B 670 38.12 -19.71 40.46
CA ALA B 670 37.48 -18.45 40.15
C ALA B 670 37.10 -17.71 41.44
N ASP B 671 36.98 -16.38 41.31
CA ASP B 671 36.57 -15.57 42.45
C ASP B 671 35.13 -15.89 42.86
N ARG B 672 34.24 -16.00 41.89
CA ARG B 672 32.87 -16.42 42.12
C ARG B 672 32.52 -17.59 41.21
N ILE B 673 31.55 -18.38 41.64
CA ILE B 673 31.01 -19.48 40.85
C ILE B 673 29.50 -19.33 40.85
N ILE B 674 28.93 -19.01 39.69
CA ILE B 674 27.50 -18.77 39.55
C ILE B 674 26.87 -20.02 38.96
N VAL B 675 25.93 -20.62 39.69
CA VAL B 675 25.25 -21.83 39.27
C VAL B 675 23.88 -21.45 38.73
N MET B 676 23.54 -21.95 37.55
CA MET B 676 22.27 -21.66 36.91
C MET B 676 21.47 -22.94 36.72
N GLU B 677 20.16 -22.84 36.87
CA GLU B 677 19.28 -23.99 36.73
C GLU B 677 17.99 -23.52 36.08
N LYS B 678 17.74 -23.98 34.85
CA LYS B 678 16.53 -23.63 34.09
C LYS B 678 16.39 -22.12 33.94
N GLY B 679 17.50 -21.44 33.66
CA GLY B 679 17.46 -20.02 33.38
C GLY B 679 17.35 -19.12 34.58
N LYS B 680 17.70 -19.60 35.78
CA LYS B 680 17.68 -18.78 36.98
C LYS B 680 18.94 -19.05 37.78
N ILE B 681 19.43 -18.02 38.44
CA ILE B 681 20.60 -18.14 39.30
C ILE B 681 20.15 -18.68 40.65
N VAL B 682 20.58 -19.88 40.99
CA VAL B 682 20.18 -20.54 42.23
C VAL B 682 21.22 -20.37 43.33
N GLU B 683 22.50 -20.41 42.97
CA GLU B 683 23.58 -20.30 43.95
C GLU B 683 24.69 -19.42 43.37
N GLN B 684 25.51 -18.88 44.27
CA GLN B 684 26.67 -18.10 43.89
C GLN B 684 27.60 -17.98 45.09
N GLY B 685 28.89 -17.96 44.81
CA GLY B 685 29.88 -17.87 45.88
C GLY B 685 31.20 -18.47 45.42
N LYS B 686 32.05 -18.76 46.40
CA LYS B 686 33.33 -19.38 46.12
C LYS B 686 33.15 -20.87 45.88
N HIS B 687 34.27 -21.59 45.74
CA HIS B 687 34.20 -23.03 45.51
C HIS B 687 33.85 -23.77 46.80
N LYS B 688 34.66 -23.58 47.84
CA LYS B 688 34.41 -24.25 49.11
C LYS B 688 33.12 -23.75 49.76
N GLU B 689 32.81 -22.47 49.62
CA GLU B 689 31.57 -21.93 50.18
C GLU B 689 30.34 -22.57 49.56
N LEU B 690 30.44 -22.98 48.29
CA LEU B 690 29.34 -23.68 47.64
C LEU B 690 29.37 -25.18 47.92
N LEU B 691 30.55 -25.77 48.08
CA LEU B 691 30.68 -27.18 48.36
C LEU B 691 30.37 -27.53 49.80
N SER B 692 30.26 -26.54 50.69
CA SER B 692 29.96 -26.81 52.09
C SER B 692 28.58 -27.41 52.26
N GLU B 693 27.60 -26.94 51.49
CA GLU B 693 26.25 -27.48 51.57
C GLU B 693 26.12 -28.68 50.65
N PRO B 694 25.92 -29.88 51.19
CA PRO B 694 25.84 -31.08 50.35
C PRO B 694 24.53 -31.22 49.58
N GLU B 695 23.49 -30.47 49.93
CA GLU B 695 22.22 -30.53 49.25
C GLU B 695 22.10 -29.53 48.11
N SER B 696 23.13 -28.72 47.89
CA SER B 696 23.09 -27.73 46.83
C SER B 696 23.31 -28.38 45.47
N LEU B 697 22.89 -27.67 44.42
CA LEU B 697 23.08 -28.17 43.06
C LEU B 697 24.56 -28.26 42.70
N TYR B 698 25.37 -27.29 43.16
CA TYR B 698 26.80 -27.34 42.89
C TYR B 698 27.45 -28.58 43.47
N SER B 699 27.12 -28.93 44.72
CA SER B 699 27.69 -30.13 45.33
C SER B 699 27.23 -31.38 44.60
N TYR B 700 25.95 -31.43 44.21
CA TYR B 700 25.44 -32.57 43.47
C TYR B 700 26.18 -32.76 42.15
N LEU B 701 26.37 -31.66 41.40
CA LEU B 701 27.10 -31.76 40.13
C LEU B 701 28.55 -32.16 40.36
N TYR B 702 29.18 -31.61 41.39
CA TYR B 702 30.57 -31.94 41.68
C TYR B 702 30.73 -33.43 42.01
N GLN B 703 29.83 -33.97 42.82
CA GLN B 703 29.89 -35.39 43.15
C GLN B 703 29.56 -36.26 41.94
N LEU B 704 28.58 -35.83 41.14
CA LEU B 704 28.17 -36.61 39.98
C LEU B 704 29.29 -36.72 38.96
N GLN B 705 29.96 -35.60 38.67
CA GLN B 705 31.04 -35.62 37.69
C GLN B 705 32.27 -36.33 38.24
N SER B 706 32.52 -36.22 39.53
CA SER B 706 33.67 -36.87 40.16
C SER B 706 33.43 -38.37 40.28
N ILE C 7 -36.79 19.56 38.86
CA ILE C 7 -35.66 18.67 39.07
C ILE C 7 -34.94 18.41 37.76
N ASP C 8 -35.03 17.18 37.26
CA ASP C 8 -34.37 16.83 36.00
C ASP C 8 -35.36 16.14 35.11
N TYR C 9 -36.47 16.79 34.84
CA TYR C 9 -37.47 16.23 33.95
C TYR C 9 -36.82 15.99 32.61
N GLY C 10 -35.89 16.85 32.23
CA GLY C 10 -35.18 16.67 30.98
C GLY C 10 -34.43 15.35 30.94
N LEU C 11 -33.80 14.96 32.04
CA LEU C 11 -33.13 13.67 32.06
C LEU C 11 -34.13 12.52 32.09
N TYR C 12 -35.17 12.65 32.93
CA TYR C 12 -36.16 11.59 33.02
C TYR C 12 -36.93 11.43 31.71
N ALA C 13 -37.31 12.55 31.08
CA ALA C 13 -37.99 12.47 29.80
C ALA C 13 -37.10 11.83 28.74
N LEU C 14 -35.83 12.22 28.69
CA LEU C 14 -34.92 11.67 27.69
C LEU C 14 -34.71 10.18 27.89
N GLU C 15 -34.56 9.74 29.14
CA GLU C 15 -34.35 8.31 29.37
C GLU C 15 -35.62 7.52 29.12
N ILE C 16 -36.80 8.09 29.37
CA ILE C 16 -38.05 7.40 29.03
C ILE C 16 -38.18 7.26 27.52
N LEU C 17 -37.83 8.32 26.78
CA LEU C 17 -37.91 8.27 25.33
C LEU C 17 -36.86 7.34 24.72
N ALA C 18 -35.70 7.20 25.37
CA ALA C 18 -34.75 6.18 24.96
C ALA C 18 -35.23 4.78 25.30
N GLN C 19 -35.96 4.66 26.41
CA GLN C 19 -36.67 3.44 26.77
C GLN C 19 -37.63 2.98 25.69
N TYR C 20 -38.46 3.89 25.17
CA TYR C 20 -39.44 3.51 24.17
C TYR C 20 -38.78 3.06 22.87
N HIS C 21 -37.74 3.76 22.45
CA HIS C 21 -37.10 3.50 21.16
C HIS C 21 -35.97 2.48 21.25
N ASN C 22 -35.71 1.92 22.42
CA ASN C 22 -34.71 0.87 22.61
C ASN C 22 -33.32 1.31 22.13
N VAL C 23 -32.81 2.35 22.79
CA VAL C 23 -31.44 2.80 22.59
C VAL C 23 -30.78 2.93 23.97
N SER C 24 -29.46 2.87 23.98
CA SER C 24 -28.69 2.88 25.22
C SER C 24 -28.52 4.31 25.69
N VAL C 25 -28.90 4.57 26.95
CA VAL C 25 -28.79 5.89 27.55
C VAL C 25 -27.91 5.79 28.79
N ASN C 26 -27.13 6.84 29.01
CA ASN C 26 -26.25 6.94 30.18
C ASN C 26 -26.58 8.24 30.89
N PRO C 27 -27.52 8.23 31.84
CA PRO C 27 -28.01 9.50 32.42
C PRO C 27 -26.93 10.35 33.06
N GLU C 28 -25.96 9.74 33.76
CA GLU C 28 -24.93 10.55 34.39
C GLU C 28 -23.92 11.09 33.36
N GLU C 29 -23.67 10.34 32.30
CA GLU C 29 -22.87 10.87 31.20
C GLU C 29 -23.55 12.07 30.55
N ILE C 30 -24.87 11.99 30.36
CA ILE C 30 -25.61 13.13 29.81
C ILE C 30 -25.54 14.31 30.77
N LYS C 31 -25.69 14.05 32.07
CA LYS C 31 -25.59 15.13 33.05
C LYS C 31 -24.20 15.78 33.00
N HIS C 32 -23.16 14.98 32.85
CA HIS C 32 -21.80 15.52 32.78
C HIS C 32 -21.60 16.37 31.53
N ARG C 33 -21.96 15.83 30.36
CA ARG C 33 -21.61 16.50 29.11
C ARG C 33 -22.52 17.69 28.82
N PHE C 34 -23.82 17.57 29.09
CA PHE C 34 -24.78 18.57 28.66
C PHE C 34 -25.44 19.33 29.81
N ASP C 35 -25.17 18.95 31.05
CA ASP C 35 -25.73 19.66 32.20
C ASP C 35 -24.59 20.18 33.06
N THR C 36 -23.62 20.84 32.43
CA THR C 36 -22.39 21.25 33.09
C THR C 36 -22.66 21.99 34.41
N ASP C 37 -23.35 23.12 34.33
CA ASP C 37 -23.57 23.92 35.53
C ASP C 37 -24.72 23.38 36.37
N GLY C 38 -25.89 23.20 35.76
CA GLY C 38 -27.04 22.70 36.48
C GLY C 38 -28.34 23.32 36.02
N THR C 39 -29.30 23.46 36.93
CA THR C 39 -30.61 24.07 36.64
C THR C 39 -31.29 23.38 35.47
N GLY C 40 -31.18 22.06 35.41
CA GLY C 40 -31.77 21.28 34.34
C GLY C 40 -30.97 21.40 33.06
N LEU C 41 -31.48 20.73 32.02
CA LEU C 41 -30.81 20.73 30.73
C LEU C 41 -31.12 22.00 29.94
N GLY C 42 -32.39 22.22 29.62
CA GLY C 42 -32.78 23.24 28.68
C GLY C 42 -33.00 22.68 27.29
N LEU C 43 -33.64 23.50 26.45
CA LEU C 43 -34.09 23.04 25.14
C LEU C 43 -32.91 22.61 24.26
N THR C 44 -31.93 23.50 24.09
CA THR C 44 -30.83 23.22 23.17
C THR C 44 -30.00 22.03 23.63
N SER C 45 -29.68 21.98 24.93
CA SER C 45 -28.88 20.87 25.43
C SER C 45 -29.66 19.56 25.43
N TRP C 46 -30.97 19.61 25.65
CA TRP C 46 -31.78 18.40 25.53
C TRP C 46 -31.77 17.88 24.10
N LEU C 47 -31.90 18.77 23.12
CA LEU C 47 -31.82 18.35 21.72
C LEU C 47 -30.43 17.79 21.41
N LEU C 48 -29.38 18.40 21.95
CA LEU C 48 -28.03 17.90 21.73
C LEU C 48 -27.85 16.51 22.34
N ALA C 49 -28.37 16.29 23.55
CA ALA C 49 -28.27 14.97 24.17
C ALA C 49 -29.03 13.93 23.36
N ALA C 50 -30.23 14.28 22.89
CA ALA C 50 -30.99 13.36 22.06
C ALA C 50 -30.26 13.03 20.77
N LYS C 51 -29.62 14.03 20.16
CA LYS C 51 -28.82 13.77 18.97
C LYS C 51 -27.65 12.86 19.29
N SER C 52 -27.02 13.06 20.44
CA SER C 52 -25.91 12.20 20.86
C SER C 52 -26.36 10.77 21.10
N LEU C 53 -27.61 10.55 21.51
CA LEU C 53 -28.16 9.21 21.66
C LEU C 53 -28.63 8.62 20.33
N GLU C 54 -28.21 9.20 19.20
CA GLU C 54 -28.60 8.72 17.87
C GLU C 54 -30.11 8.72 17.68
N LEU C 55 -30.72 9.84 18.07
CA LEU C 55 -32.16 10.04 17.91
C LEU C 55 -32.41 11.21 16.98
N LYS C 56 -33.56 11.18 16.31
CA LYS C 56 -34.00 12.26 15.43
C LYS C 56 -35.02 13.10 16.20
N VAL C 57 -34.65 14.33 16.54
CA VAL C 57 -35.52 15.21 17.31
C VAL C 57 -35.61 16.56 16.61
N LYS C 58 -36.74 17.24 16.81
CA LYS C 58 -36.99 18.55 16.26
C LYS C 58 -38.22 19.13 16.93
N GLN C 59 -38.13 20.40 17.30
CA GLN C 59 -39.27 21.10 17.90
C GLN C 59 -40.07 21.77 16.81
N VAL C 60 -41.39 21.57 16.84
CA VAL C 60 -42.28 22.01 15.77
C VAL C 60 -43.44 22.80 16.37
N LYS C 61 -44.11 23.54 15.50
CA LYS C 61 -45.31 24.32 15.85
C LYS C 61 -46.53 23.52 15.43
N LYS C 62 -47.23 22.96 16.40
CA LYS C 62 -48.45 22.20 16.14
C LYS C 62 -49.59 22.73 17.01
N THR C 63 -50.80 22.59 16.50
CA THR C 63 -52.01 23.03 17.19
C THR C 63 -52.68 21.83 17.86
N ILE C 64 -53.84 22.10 18.47
CA ILE C 64 -54.53 21.05 19.21
C ILE C 64 -55.09 19.98 18.28
N ASP C 65 -55.46 20.34 17.05
CA ASP C 65 -56.05 19.36 16.13
C ASP C 65 -54.98 18.61 15.34
N ARG C 66 -53.81 19.20 15.15
CA ARG C 66 -52.75 18.55 14.38
C ARG C 66 -52.06 17.43 15.15
N LEU C 67 -52.37 17.27 16.44
CA LEU C 67 -51.77 16.21 17.24
C LEU C 67 -52.31 14.83 16.90
N ASN C 68 -53.35 14.75 16.07
CA ASN C 68 -53.89 13.46 15.66
C ASN C 68 -53.14 12.84 14.50
N PHE C 69 -52.28 13.60 13.83
CA PHE C 69 -51.51 13.10 12.69
C PHE C 69 -50.03 12.92 13.00
N ILE C 70 -49.59 13.30 14.19
CA ILE C 70 -48.19 13.11 14.57
C ILE C 70 -48.02 11.72 15.16
N SER C 71 -46.77 11.28 15.26
CA SER C 71 -46.44 9.95 15.78
C SER C 71 -46.00 10.11 17.23
N LEU C 72 -46.75 9.51 18.14
CA LEU C 72 -46.50 9.52 19.57
C LEU C 72 -45.62 8.34 19.95
N PRO C 73 -44.90 8.43 21.09
CA PRO C 73 -44.87 9.49 22.09
C PRO C 73 -44.10 10.74 21.66
N ALA C 74 -44.53 11.89 22.16
CA ALA C 74 -43.87 13.16 21.90
C ALA C 74 -43.77 13.94 23.19
N LEU C 75 -42.74 14.78 23.29
CA LEU C 75 -42.47 15.57 24.48
C LEU C 75 -43.00 16.98 24.28
N VAL C 76 -43.81 17.45 25.22
CA VAL C 76 -44.33 18.82 25.20
C VAL C 76 -43.40 19.63 26.09
N TRP C 77 -42.59 20.49 25.46
CA TRP C 77 -41.59 21.27 26.18
C TRP C 77 -42.23 22.52 26.76
N ARG C 78 -42.58 22.48 28.04
CA ARG C 78 -43.08 23.66 28.72
C ARG C 78 -41.94 24.65 28.97
N GLU C 79 -42.24 25.93 28.80
CA GLU C 79 -41.21 26.96 28.94
C GLU C 79 -40.84 27.19 30.41
N ASP C 80 -41.73 26.85 31.33
CA ASP C 80 -41.57 27.20 32.74
C ASP C 80 -41.09 26.03 33.61
N GLY C 81 -40.59 24.97 32.99
CA GLY C 81 -40.13 23.85 33.80
C GLY C 81 -40.81 22.53 33.48
N ARG C 82 -41.67 22.09 34.40
CA ARG C 82 -42.31 20.76 34.36
C ARG C 82 -42.87 20.43 32.99
N HIS C 83 -42.33 19.37 32.38
CA HIS C 83 -42.78 18.89 31.09
C HIS C 83 -43.69 17.69 31.27
N PHE C 84 -44.19 17.17 30.15
CA PHE C 84 -44.96 15.93 30.15
C PHE C 84 -44.87 15.30 28.77
N ILE C 85 -45.09 13.99 28.73
CA ILE C 85 -44.97 13.20 27.52
C ILE C 85 -46.37 12.81 27.06
N LEU C 86 -46.71 13.18 25.83
CA LEU C 86 -48.00 12.80 25.24
C LEU C 86 -47.88 11.39 24.70
N THR C 87 -48.64 10.47 25.28
CA THR C 87 -48.56 9.05 24.91
C THR C 87 -49.59 8.64 23.87
N LYS C 88 -50.85 9.00 24.05
CA LYS C 88 -51.89 8.62 23.10
C LYS C 88 -52.98 9.68 23.08
N VAL C 89 -53.39 10.08 21.88
CA VAL C 89 -54.48 11.01 21.67
C VAL C 89 -55.69 10.25 21.18
N SER C 90 -56.83 10.46 21.83
CA SER C 90 -58.06 9.74 21.52
C SER C 90 -59.15 10.72 21.11
N LYS C 91 -59.88 10.37 20.05
CA LYS C 91 -61.02 11.16 19.60
C LYS C 91 -62.36 10.47 19.82
N GLU C 92 -62.37 9.15 20.05
CA GLU C 92 -63.62 8.47 20.36
C GLU C 92 -64.18 8.93 21.70
N ALA C 93 -63.30 9.36 22.62
CA ALA C 93 -63.73 9.89 23.90
C ALA C 93 -63.20 11.29 24.18
N ASN C 94 -62.43 11.88 23.26
CA ASN C 94 -61.87 13.22 23.41
C ASN C 94 -61.02 13.32 24.68
N ARG C 95 -60.08 12.38 24.83
CA ARG C 95 -59.18 12.35 25.97
C ARG C 95 -57.73 12.29 25.49
N TYR C 96 -56.84 12.86 26.28
CA TYR C 96 -55.41 12.93 25.97
C TYR C 96 -54.66 12.15 27.04
N LEU C 97 -54.24 10.94 26.72
CA LEU C 97 -53.47 10.11 27.65
C LEU C 97 -52.01 10.54 27.61
N ILE C 98 -51.51 11.07 28.73
CA ILE C 98 -50.13 11.54 28.80
C ILE C 98 -49.37 10.75 29.86
N PHE C 99 -48.06 10.99 29.94
CA PHE C 99 -47.20 10.39 30.96
C PHE C 99 -46.65 11.54 31.81
N ASP C 100 -47.29 11.78 32.95
CA ASP C 100 -46.85 12.87 33.82
C ASP C 100 -45.49 12.54 34.44
N LEU C 101 -44.56 13.48 34.32
CA LEU C 101 -43.19 13.25 34.77
C LEU C 101 -43.03 13.47 36.28
N GLU C 102 -43.70 14.49 36.84
CA GLU C 102 -43.59 14.72 38.28
C GLU C 102 -44.19 13.56 39.07
N GLN C 103 -45.35 13.06 38.64
CA GLN C 103 -46.00 11.96 39.34
C GLN C 103 -45.43 10.60 38.99
N ARG C 104 -44.57 10.51 37.97
CA ARG C 104 -43.89 9.28 37.59
C ARG C 104 -44.86 8.16 37.22
N ASN C 105 -46.03 8.51 36.69
CA ASN C 105 -47.00 7.52 36.27
C ASN C 105 -47.91 8.14 35.22
N PRO C 106 -48.41 7.35 34.27
CA PRO C 106 -49.34 7.89 33.28
C PRO C 106 -50.68 8.26 33.90
N ARG C 107 -51.33 9.26 33.29
CA ARG C 107 -52.65 9.68 33.73
C ARG C 107 -53.41 10.24 32.54
N VAL C 108 -54.74 10.24 32.65
CA VAL C 108 -55.63 10.63 31.56
C VAL C 108 -56.16 12.03 31.85
N LEU C 109 -56.14 12.88 30.83
CA LEU C 109 -56.65 14.24 30.91
C LEU C 109 -57.88 14.39 30.02
N GLU C 110 -58.38 15.62 29.94
CA GLU C 110 -59.50 15.93 29.04
C GLU C 110 -59.08 17.00 28.05
N GLN C 111 -60.03 17.48 27.24
CA GLN C 111 -59.69 18.48 26.22
C GLN C 111 -59.30 19.81 26.87
N SER C 112 -60.08 20.26 27.86
CA SER C 112 -59.79 21.54 28.51
C SER C 112 -58.47 21.50 29.26
N GLU C 113 -58.19 20.39 29.96
CA GLU C 113 -56.94 20.29 30.71
C GLU C 113 -55.73 20.36 29.78
N PHE C 114 -55.79 19.64 28.66
CA PHE C 114 -54.68 19.67 27.72
C PHE C 114 -54.56 21.04 27.06
N GLU C 115 -55.69 21.67 26.73
CA GLU C 115 -55.65 23.01 26.15
C GLU C 115 -54.98 24.00 27.10
N ALA C 116 -55.28 23.89 28.39
CA ALA C 116 -54.59 24.72 29.39
C ALA C 116 -53.11 24.38 29.46
N LEU C 117 -52.76 23.09 29.42
CA LEU C 117 -51.36 22.69 29.54
C LEU C 117 -50.58 22.90 28.25
N TYR C 118 -51.21 22.70 27.10
CA TYR C 118 -50.51 22.81 25.82
C TYR C 118 -50.15 24.26 25.55
N GLN C 119 -48.89 24.51 25.20
CA GLN C 119 -48.38 25.85 24.96
C GLN C 119 -48.14 26.14 23.48
N GLY C 120 -48.36 25.15 22.61
CA GLY C 120 -48.19 25.32 21.17
C GLY C 120 -46.90 24.76 20.63
N HIS C 121 -46.02 24.22 21.47
CA HIS C 121 -44.75 23.69 21.04
C HIS C 121 -44.63 22.24 21.48
N ILE C 122 -44.24 21.36 20.56
CA ILE C 122 -44.04 19.95 20.84
C ILE C 122 -42.76 19.49 20.16
N ILE C 123 -42.22 18.38 20.67
CA ILE C 123 -40.97 17.82 20.17
C ILE C 123 -41.25 16.47 19.55
N LEU C 124 -40.90 16.31 18.28
CA LEU C 124 -41.08 15.05 17.56
C LEU C 124 -39.81 14.22 17.63
N ILE C 125 -39.96 12.93 17.88
CA ILE C 125 -38.85 12.03 18.15
C ILE C 125 -38.98 10.78 17.29
N ALA C 126 -37.87 10.40 16.65
CA ALA C 126 -37.84 9.20 15.82
C ALA C 126 -36.44 8.60 15.89
N SER C 127 -36.36 7.30 15.62
CA SER C 127 -35.09 6.58 15.65
C SER C 127 -34.95 5.77 14.39
N ARG C 128 -33.74 5.77 13.81
CA ARG C 128 -33.42 5.00 12.62
C ARG C 128 -32.27 4.04 12.93
N SER C 129 -31.90 3.25 11.93
CA SER C 129 -30.84 2.28 12.06
C SER C 129 -29.49 2.88 11.65
N SER C 130 -28.43 2.19 12.03
CA SER C 130 -27.08 2.63 11.69
C SER C 130 -26.17 1.41 11.61
N VAL C 131 -25.23 1.47 10.68
CA VAL C 131 -24.27 0.39 10.47
C VAL C 131 -22.84 0.88 10.62
N THR C 132 -22.65 2.09 11.16
CA THR C 132 -21.30 2.65 11.29
C THR C 132 -20.54 2.01 12.44
N GLY C 133 -21.04 2.18 13.66
CA GLY C 133 -20.35 1.64 14.82
C GLY C 133 -18.96 2.19 14.96
N LYS C 134 -17.98 1.30 15.10
CA LYS C 134 -16.57 1.67 15.17
C LYS C 134 -15.72 0.71 14.35
N LEU C 135 -16.33 0.03 13.37
CA LEU C 135 -15.62 -0.93 12.54
C LEU C 135 -15.04 -0.31 11.27
N ALA C 136 -15.39 0.94 10.96
CA ALA C 136 -14.90 1.59 9.75
C ALA C 136 -13.51 2.16 10.01
N LYS C 137 -12.54 1.71 9.22
CA LYS C 137 -11.19 2.26 9.33
C LYS C 137 -11.18 3.71 8.87
N PHE C 138 -10.28 4.49 9.46
CA PHE C 138 -10.25 5.93 9.19
C PHE C 138 -9.86 6.19 7.75
N ASP C 139 -10.76 6.84 7.02
CA ASP C 139 -10.55 7.20 5.62
C ASP C 139 -11.33 8.50 5.38
N PHE C 140 -11.56 8.85 4.12
CA PHE C 140 -12.30 10.06 3.79
C PHE C 140 -13.76 9.96 4.19
N THR C 141 -14.20 8.78 4.61
CA THR C 141 -15.57 8.61 5.07
C THR C 141 -15.86 9.34 6.37
N TRP C 142 -14.80 9.73 7.10
CA TRP C 142 -14.94 10.52 8.32
C TRP C 142 -15.40 11.95 8.06
N PHE C 143 -15.29 12.43 6.82
CA PHE C 143 -15.62 13.81 6.50
C PHE C 143 -16.89 13.95 5.67
N ILE C 144 -17.27 12.93 4.91
CA ILE C 144 -18.38 12.99 3.96
C ILE C 144 -19.71 13.39 4.62
N PRO C 145 -20.09 12.81 5.78
CA PRO C 145 -21.36 13.24 6.39
C PRO C 145 -21.44 14.71 6.71
N ALA C 146 -20.31 15.36 7.05
CA ALA C 146 -20.31 16.79 7.32
C ALA C 146 -20.16 17.64 6.08
N ILE C 147 -19.83 17.05 4.93
CA ILE C 147 -19.67 17.80 3.70
C ILE C 147 -20.92 17.74 2.83
N ILE C 148 -21.58 16.58 2.78
CA ILE C 148 -22.81 16.46 2.02
C ILE C 148 -23.92 17.32 2.62
N LYS C 149 -23.77 17.73 3.87
CA LYS C 149 -24.78 18.55 4.54
C LYS C 149 -25.02 19.88 3.83
N TYR C 150 -24.08 20.34 3.02
CA TYR C 150 -24.15 21.64 2.36
C TYR C 150 -24.29 21.48 0.84
N ARG C 151 -25.10 20.51 0.42
CA ARG C 151 -25.21 20.19 -0.99
C ARG C 151 -25.89 21.30 -1.79
N LYS C 152 -26.89 21.98 -1.20
CA LYS C 152 -27.50 23.10 -1.92
C LYS C 152 -26.50 24.21 -2.16
N ILE C 153 -25.69 24.52 -1.16
CA ILE C 153 -24.66 25.55 -1.32
C ILE C 153 -23.65 25.14 -2.38
N PHE C 154 -23.22 23.87 -2.36
CA PHE C 154 -22.27 23.42 -3.38
C PHE C 154 -22.87 23.46 -4.77
N ILE C 155 -24.17 23.12 -4.90
CA ILE C 155 -24.84 23.20 -6.20
C ILE C 155 -24.89 24.65 -6.69
N GLU C 156 -25.21 25.58 -5.78
CA GLU C 156 -25.20 26.99 -6.16
C GLU C 156 -23.84 27.43 -6.65
N THR C 157 -22.78 27.04 -5.93
CA THR C 157 -21.43 27.42 -6.35
C THR C 157 -21.09 26.81 -7.71
N LEU C 158 -21.48 25.56 -7.95
CA LEU C 158 -21.23 24.94 -9.25
C LEU C 158 -21.95 25.69 -10.38
N VAL C 159 -23.21 26.08 -10.14
CA VAL C 159 -23.95 26.81 -11.16
C VAL C 159 -23.29 28.16 -11.44
N VAL C 160 -22.87 28.86 -10.38
CA VAL C 160 -22.22 30.15 -10.58
C VAL C 160 -20.92 29.99 -11.37
N SER C 161 -20.14 28.95 -11.06
CA SER C 161 -18.92 28.69 -11.81
C SER C 161 -19.21 28.42 -13.27
N VAL C 162 -20.26 27.64 -13.55
CA VAL C 162 -20.65 27.36 -14.93
C VAL C 162 -20.96 28.65 -15.66
N PHE C 163 -21.78 29.51 -15.05
CA PHE C 163 -22.14 30.76 -15.71
C PHE C 163 -20.92 31.66 -15.92
N LEU C 164 -20.01 31.69 -14.95
CA LEU C 164 -18.80 32.49 -15.08
C LEU C 164 -17.96 32.02 -16.27
N GLN C 165 -17.82 30.70 -16.43
CA GLN C 165 -16.99 30.22 -17.53
C GLN C 165 -17.68 30.35 -18.88
N LEU C 166 -19.02 30.27 -18.94
CA LEU C 166 -19.68 30.68 -20.18
C LEU C 166 -19.46 32.15 -20.48
N PHE C 167 -19.41 33.01 -19.46
CA PHE C 167 -19.06 34.41 -19.72
C PHE C 167 -17.66 34.53 -20.29
N ALA C 168 -16.71 33.79 -19.71
CA ALA C 168 -15.33 33.82 -20.18
C ALA C 168 -15.22 33.32 -21.62
N LEU C 169 -16.06 32.34 -21.97
CA LEU C 169 -16.10 31.87 -23.36
C LEU C 169 -16.76 32.88 -24.28
N ILE C 170 -17.76 33.61 -23.78
CA ILE C 170 -18.52 34.52 -24.62
C ILE C 170 -17.69 35.74 -25.01
N THR C 171 -16.92 36.29 -24.07
CA THR C 171 -16.19 37.53 -24.34
C THR C 171 -15.35 37.52 -25.61
N PRO C 172 -14.54 36.49 -25.90
CA PRO C 172 -13.79 36.49 -27.16
C PRO C 172 -14.67 36.58 -28.40
N LEU C 173 -15.89 36.04 -28.35
CA LEU C 173 -16.80 36.20 -29.48
C LEU C 173 -17.18 37.65 -29.69
N PHE C 174 -17.39 38.40 -28.60
CA PHE C 174 -17.64 39.83 -28.74
C PHE C 174 -16.45 40.54 -29.37
N PHE C 175 -15.24 40.18 -28.95
CA PHE C 175 -14.05 40.78 -29.56
C PHE C 175 -13.96 40.43 -31.04
N GLN C 176 -14.29 39.17 -31.38
CA GLN C 176 -14.33 38.73 -32.77
C GLN C 176 -15.30 39.54 -33.60
N VAL C 177 -16.52 39.74 -33.09
CA VAL C 177 -17.52 40.48 -33.83
C VAL C 177 -17.07 41.92 -34.03
N VAL C 178 -16.50 42.55 -32.99
CA VAL C 178 -15.96 43.90 -33.17
C VAL C 178 -14.94 43.92 -34.29
N MET C 179 -13.90 43.09 -34.19
CA MET C 179 -12.80 43.14 -35.13
C MET C 179 -13.19 42.73 -36.55
N ASP C 180 -14.27 41.96 -36.72
CA ASP C 180 -14.64 41.47 -38.03
C ASP C 180 -15.86 42.15 -38.65
N LYS C 181 -16.58 42.99 -37.91
CA LYS C 181 -17.73 43.68 -38.47
C LYS C 181 -17.75 45.18 -38.21
N VAL C 182 -17.15 45.66 -37.13
CA VAL C 182 -17.20 47.09 -36.84
C VAL C 182 -16.12 47.86 -37.61
N LEU C 183 -15.00 47.22 -37.92
CA LEU C 183 -13.89 47.90 -38.58
C LEU C 183 -14.01 47.88 -40.10
N VAL C 184 -14.27 46.71 -40.69
CA VAL C 184 -14.36 46.61 -42.14
C VAL C 184 -15.56 47.39 -42.67
N HIS C 185 -16.71 47.25 -42.02
CA HIS C 185 -17.88 48.06 -42.31
C HIS C 185 -18.06 49.08 -41.19
N ARG C 186 -18.06 50.36 -41.55
CA ARG C 186 -18.16 51.43 -40.56
C ARG C 186 -19.54 51.39 -39.90
N GLY C 187 -19.63 50.78 -38.72
CA GLY C 187 -20.93 50.55 -38.14
C GLY C 187 -21.49 51.67 -37.30
N PHE C 188 -20.80 52.01 -36.20
CA PHE C 188 -21.22 53.00 -35.20
C PHE C 188 -22.50 52.60 -34.48
N SER C 189 -23.12 51.49 -34.85
CA SER C 189 -24.34 51.00 -34.21
C SER C 189 -24.15 49.63 -33.58
N THR C 190 -23.54 48.70 -34.30
CA THR C 190 -23.15 47.44 -33.68
C THR C 190 -22.11 47.65 -32.59
N LEU C 191 -21.27 48.68 -32.75
CA LEU C 191 -20.26 48.97 -31.75
C LEU C 191 -20.89 49.31 -30.41
N ASN C 192 -21.94 50.14 -30.42
CA ASN C 192 -22.61 50.50 -29.18
C ASN C 192 -23.27 49.30 -28.53
N VAL C 193 -23.93 48.45 -29.32
CA VAL C 193 -24.60 47.28 -28.78
C VAL C 193 -23.57 46.33 -28.15
N ILE C 194 -22.45 46.12 -28.84
CA ILE C 194 -21.43 45.24 -28.31
C ILE C 194 -20.80 45.83 -27.05
N THR C 195 -20.60 47.14 -27.01
CA THR C 195 -20.06 47.78 -25.81
C THR C 195 -20.99 47.58 -24.63
N VAL C 196 -22.29 47.77 -24.84
CA VAL C 196 -23.26 47.57 -23.75
C VAL C 196 -23.25 46.11 -23.30
N ALA C 197 -23.23 45.18 -24.26
CA ALA C 197 -23.21 43.76 -23.91
C ALA C 197 -21.97 43.39 -23.13
N LEU C 198 -20.81 43.90 -23.55
CA LEU C 198 -19.56 43.63 -22.86
C LEU C 198 -19.57 44.20 -21.45
N SER C 199 -20.10 45.42 -21.28
CA SER C 199 -20.18 46.01 -19.96
C SER C 199 -21.07 45.17 -19.04
N VAL C 200 -22.22 44.74 -19.55
CA VAL C 200 -23.11 43.90 -18.76
C VAL C 200 -22.41 42.60 -18.38
N VAL C 201 -21.73 41.97 -19.35
CA VAL C 201 -21.07 40.70 -19.10
C VAL C 201 -20.01 40.84 -18.03
N VAL C 202 -19.18 41.89 -18.11
CA VAL C 202 -18.09 42.01 -17.17
C VAL C 202 -18.60 42.35 -15.77
N VAL C 203 -19.59 43.24 -15.66
CA VAL C 203 -20.09 43.58 -14.33
C VAL C 203 -20.77 42.38 -13.69
N PHE C 204 -21.55 41.62 -14.47
CA PHE C 204 -22.20 40.45 -13.89
C PHE C 204 -21.19 39.35 -13.57
N GLU C 205 -20.12 39.21 -14.36
CA GLU C 205 -19.08 38.25 -14.03
C GLU C 205 -18.40 38.61 -12.72
N ILE C 206 -18.10 39.89 -12.52
CA ILE C 206 -17.47 40.33 -11.28
C ILE C 206 -18.39 40.05 -10.09
N ILE C 207 -19.67 40.41 -10.23
CA ILE C 207 -20.62 40.23 -9.13
C ILE C 207 -20.78 38.75 -8.81
N LEU C 208 -20.89 37.90 -9.84
CA LEU C 208 -21.06 36.48 -9.62
C LEU C 208 -19.82 35.84 -9.00
N SER C 209 -18.63 36.27 -9.41
CA SER C 209 -17.41 35.76 -8.78
C SER C 209 -17.37 36.12 -7.31
N GLY C 210 -17.71 37.37 -6.98
CA GLY C 210 -17.75 37.77 -5.59
C GLY C 210 -18.76 36.97 -4.78
N LEU C 211 -19.96 36.76 -5.34
CA LEU C 211 -20.98 36.00 -4.63
C LEU C 211 -20.56 34.56 -4.42
N ARG C 212 -19.98 33.94 -5.45
CA ARG C 212 -19.51 32.55 -5.31
C ARG C 212 -18.45 32.45 -4.23
N THR C 213 -17.48 33.36 -4.23
CA THR C 213 -16.43 33.32 -3.21
C THR C 213 -17.02 33.48 -1.82
N TYR C 214 -17.94 34.43 -1.66
CA TYR C 214 -18.57 34.66 -0.35
C TYR C 214 -19.30 33.42 0.13
N ILE C 215 -20.14 32.84 -0.72
CA ILE C 215 -20.97 31.71 -0.32
C ILE C 215 -20.11 30.49 -0.02
N PHE C 216 -19.13 30.20 -0.87
CA PHE C 216 -18.26 29.05 -0.63
C PHE C 216 -17.44 29.24 0.64
N ALA C 217 -16.97 30.47 0.90
CA ALA C 217 -16.24 30.73 2.14
C ALA C 217 -17.10 30.48 3.36
N HIS C 218 -18.36 30.92 3.31
CA HIS C 218 -19.26 30.68 4.44
C HIS C 218 -19.46 29.19 4.68
N SER C 219 -19.74 28.43 3.61
CA SER C 219 -19.99 27.00 3.77
C SER C 219 -18.76 26.27 4.30
N THR C 220 -17.59 26.57 3.73
CA THR C 220 -16.37 25.91 4.19
C THR C 220 -16.01 26.31 5.61
N SER C 221 -16.31 27.55 6.01
CA SER C 221 -16.07 27.96 7.39
C SER C 221 -16.93 27.15 8.35
N ARG C 222 -18.21 26.96 8.01
CA ARG C 222 -19.07 26.16 8.88
C ARG C 222 -18.60 24.71 8.95
N ILE C 223 -18.18 24.15 7.81
CA ILE C 223 -17.65 22.78 7.80
C ILE C 223 -16.41 22.68 8.68
N ASP C 224 -15.52 23.68 8.59
CA ASP C 224 -14.33 23.70 9.42
C ASP C 224 -14.68 23.73 10.91
N VAL C 225 -15.66 24.56 11.28
CA VAL C 225 -16.08 24.64 12.67
C VAL C 225 -16.55 23.28 13.16
N GLU C 226 -17.44 22.64 12.40
CA GLU C 226 -18.00 21.36 12.82
C GLU C 226 -16.91 20.31 12.96
N LEU C 227 -16.05 20.19 11.94
CA LEU C 227 -15.01 19.17 11.97
C LEU C 227 -14.03 19.40 13.11
N GLY C 228 -13.61 20.65 13.33
CA GLY C 228 -12.68 20.94 14.40
C GLY C 228 -13.27 20.64 15.77
N ALA C 229 -14.52 21.04 16.00
CA ALA C 229 -15.14 20.77 17.29
C ALA C 229 -15.25 19.27 17.55
N LYS C 230 -15.68 18.50 16.54
CA LYS C 230 -15.86 17.07 16.75
C LYS C 230 -14.52 16.37 16.92
N LEU C 231 -13.49 16.85 16.20
CA LEU C 231 -12.14 16.33 16.40
C LEU C 231 -11.63 16.58 17.82
N PHE C 232 -11.86 17.80 18.34
CA PHE C 232 -11.42 18.09 19.69
C PHE C 232 -12.15 17.24 20.72
N ARG C 233 -13.45 17.03 20.52
CA ARG C 233 -14.20 16.14 21.41
C ARG C 233 -13.60 14.73 21.41
N HIS C 234 -13.31 14.20 20.22
CA HIS C 234 -12.71 12.87 20.15
C HIS C 234 -11.34 12.84 20.82
N LEU C 235 -10.54 13.90 20.62
CA LEU C 235 -9.21 13.95 21.21
C LEU C 235 -9.28 13.94 22.74
N LEU C 236 -10.19 14.72 23.31
CA LEU C 236 -10.35 14.72 24.76
C LEU C 236 -10.93 13.41 25.27
N ALA C 237 -11.72 12.70 24.46
CA ALA C 237 -12.31 11.45 24.91
C ALA C 237 -11.29 10.32 25.05
N LEU C 238 -10.09 10.47 24.48
CA LEU C 238 -9.13 9.39 24.48
C LEU C 238 -8.60 9.12 25.88
N PRO C 239 -8.23 7.87 26.18
CA PRO C 239 -7.66 7.56 27.49
C PRO C 239 -6.24 8.07 27.64
N ILE C 240 -5.80 8.15 28.90
CA ILE C 240 -4.46 8.66 29.19
C ILE C 240 -3.36 7.76 28.66
N SER C 241 -3.61 6.45 28.57
CA SER C 241 -2.60 5.53 28.07
C SER C 241 -2.21 5.85 26.63
N TYR C 242 -3.11 6.44 25.85
CA TYR C 242 -2.77 6.90 24.52
C TYR C 242 -1.69 7.98 24.57
N PHE C 243 -1.87 8.95 25.46
CA PHE C 243 -0.94 10.07 25.56
C PHE C 243 0.32 9.75 26.36
N GLU C 244 0.34 8.61 27.07
CA GLU C 244 1.55 8.23 27.78
C GLU C 244 2.70 7.94 26.83
N SER C 245 2.40 7.34 25.67
CA SER C 245 3.44 6.95 24.71
C SER C 245 3.79 8.08 23.74
N ARG C 246 2.77 8.75 23.20
CA ARG C 246 3.00 9.77 22.20
C ARG C 246 3.61 11.02 22.82
N ARG C 247 4.19 11.86 21.97
CA ARG C 247 4.74 13.14 22.37
C ARG C 247 3.61 14.19 22.41
N VAL C 248 3.98 15.45 22.58
CA VAL C 248 3.02 16.55 22.58
C VAL C 248 2.98 17.24 21.21
N GLY C 249 4.14 17.59 20.67
CA GLY C 249 4.18 18.22 19.36
C GLY C 249 3.66 17.32 18.26
N ASP C 250 3.88 16.01 18.39
CA ASP C 250 3.38 15.06 17.38
C ASP C 250 1.85 15.09 17.34
N THR C 251 1.21 15.02 18.51
CA THR C 251 -0.25 15.03 18.56
C THR C 251 -0.80 16.37 18.08
N VAL C 252 -0.14 17.47 18.44
CA VAL C 252 -0.59 18.79 18.00
C VAL C 252 -0.49 18.90 16.49
N ALA C 253 0.61 18.41 15.90
CA ALA C 253 0.76 18.45 14.45
C ALA C 253 -0.29 17.59 13.77
N ARG C 254 -0.56 16.39 14.30
CA ARG C 254 -1.59 15.54 13.71
C ARG C 254 -2.96 16.20 13.79
N VAL C 255 -3.27 16.87 14.90
CA VAL C 255 -4.53 17.59 15.01
C VAL C 255 -4.60 18.72 13.99
N ARG C 256 -3.51 19.48 13.84
CA ARG C 256 -3.48 20.59 12.91
C ARG C 256 -3.49 20.14 11.45
N GLU C 257 -3.22 18.87 11.20
CA GLU C 257 -3.17 18.35 9.84
C GLU C 257 -4.59 18.07 9.28
N LEU C 258 -5.62 18.66 9.88
CA LEU C 258 -7.00 18.48 9.45
C LEU C 258 -7.41 19.49 8.37
N ASP C 259 -6.86 20.71 8.45
CA ASP C 259 -7.24 21.75 7.52
C ASP C 259 -6.83 21.42 6.08
N GLN C 260 -5.69 20.76 5.90
CA GLN C 260 -5.26 20.37 4.57
C GLN C 260 -6.25 19.37 3.95
N ILE C 261 -6.68 18.39 4.73
CA ILE C 261 -7.65 17.42 4.23
C ILE C 261 -8.97 18.10 3.90
N ARG C 262 -9.43 19.00 4.78
CA ARG C 262 -10.68 19.70 4.51
C ARG C 262 -10.57 20.53 3.24
N ASN C 263 -9.45 21.23 3.05
CA ASN C 263 -9.27 22.08 1.88
C ASN C 263 -9.24 21.25 0.61
N PHE C 264 -8.56 20.08 0.65
CA PHE C 264 -8.55 19.21 -0.51
C PHE C 264 -9.95 18.70 -0.83
N LEU C 265 -10.71 18.33 0.20
CA LEU C 265 -12.04 17.76 -0.04
C LEU C 265 -13.02 18.81 -0.54
N THR C 266 -12.89 20.06 -0.11
CA THR C 266 -13.86 21.08 -0.47
C THR C 266 -13.46 21.93 -1.67
N GLY C 267 -12.25 22.47 -1.69
CA GLY C 267 -11.89 23.44 -2.72
C GLY C 267 -10.96 22.93 -3.79
N GLN C 268 -10.81 21.61 -3.89
CA GLN C 268 -9.98 21.05 -4.94
C GLN C 268 -10.70 20.02 -5.79
N ALA C 269 -11.62 19.25 -5.21
CA ALA C 269 -12.39 18.30 -6.00
C ALA C 269 -13.40 19.00 -6.91
N LEU C 270 -14.11 20.00 -6.36
CA LEU C 270 -15.08 20.73 -7.16
C LEU C 270 -14.40 21.50 -8.27
N THR C 271 -13.26 22.14 -7.97
CA THR C 271 -12.51 22.83 -9.00
C THR C 271 -12.05 21.87 -10.09
N SER C 272 -11.64 20.66 -9.72
CA SER C 272 -11.18 19.69 -10.70
C SER C 272 -12.31 19.21 -11.61
N VAL C 273 -13.47 18.89 -11.01
CA VAL C 273 -14.58 18.41 -11.81
C VAL C 273 -15.16 19.53 -12.68
N LEU C 274 -14.99 20.79 -12.27
CA LEU C 274 -15.33 21.89 -13.17
C LEU C 274 -14.32 22.01 -14.30
N ASP C 275 -13.04 21.92 -13.97
CA ASP C 275 -11.98 22.15 -14.96
C ASP C 275 -12.00 21.10 -16.06
N LEU C 276 -12.28 19.85 -15.71
CA LEU C 276 -12.29 18.80 -16.73
C LEU C 276 -13.33 19.07 -17.80
N LEU C 277 -14.58 19.28 -17.38
CA LEU C 277 -15.65 19.56 -18.32
C LEU C 277 -15.41 20.85 -19.07
N PHE C 278 -14.88 21.87 -18.39
CA PHE C 278 -14.72 23.18 -19.00
C PHE C 278 -13.59 23.16 -20.03
N SER C 279 -12.52 22.41 -19.75
CA SER C 279 -11.49 22.19 -20.76
C SER C 279 -12.04 21.42 -21.95
N PHE C 280 -12.91 20.43 -21.70
CA PHE C 280 -13.55 19.73 -22.81
C PHE C 280 -14.32 20.70 -23.71
N ILE C 281 -15.10 21.59 -23.09
CA ILE C 281 -15.88 22.56 -23.86
C ILE C 281 -14.97 23.50 -24.64
N PHE C 282 -13.91 24.00 -23.99
CA PHE C 282 -12.99 24.92 -24.66
C PHE C 282 -12.29 24.24 -25.83
N PHE C 283 -11.91 22.96 -25.65
CA PHE C 283 -11.29 22.22 -26.76
C PHE C 283 -12.26 22.04 -27.91
N ALA C 284 -13.54 21.76 -27.62
CA ALA C 284 -14.53 21.65 -28.69
C ALA C 284 -14.63 22.95 -29.46
N VAL C 285 -14.69 24.07 -28.76
CA VAL C 285 -14.81 25.37 -29.43
C VAL C 285 -13.57 25.64 -30.28
N MET C 286 -12.37 25.43 -29.73
CA MET C 286 -11.15 25.72 -30.47
C MET C 286 -11.02 24.81 -31.68
N TRP C 287 -11.40 23.54 -31.55
CA TRP C 287 -11.39 22.65 -32.71
C TRP C 287 -12.40 23.09 -33.75
N TYR C 288 -13.51 23.68 -33.34
CA TYR C 288 -14.42 24.28 -34.32
C TYR C 288 -13.75 25.42 -35.06
N TYR C 289 -13.01 26.28 -34.35
CA TYR C 289 -12.32 27.39 -35.01
C TYR C 289 -11.25 26.90 -35.98
N SER C 290 -10.22 26.22 -35.48
CA SER C 290 -9.15 25.78 -36.37
C SER C 290 -8.47 24.53 -35.81
N PRO C 291 -8.60 23.39 -36.48
CA PRO C 291 -7.99 22.15 -35.95
C PRO C 291 -6.46 22.17 -35.89
N LYS C 292 -5.77 22.94 -36.72
CA LYS C 292 -4.31 22.94 -36.70
C LYS C 292 -3.78 23.55 -35.40
N LEU C 293 -4.25 24.75 -35.06
CA LEU C 293 -3.81 25.38 -33.83
C LEU C 293 -4.32 24.63 -32.60
N THR C 294 -5.52 24.04 -32.70
CA THR C 294 -6.00 23.19 -31.64
C THR C 294 -5.07 22.00 -31.41
N LEU C 295 -4.43 21.56 -32.45
CA LEU C 295 -3.52 20.49 -32.31
C LEU C 295 -2.27 20.98 -31.70
N VAL C 296 -1.81 22.17 -32.01
CA VAL C 296 -0.60 22.68 -31.39
C VAL C 296 -0.82 22.83 -29.91
N ILE C 297 -1.94 23.36 -29.51
CA ILE C 297 -2.27 23.49 -28.14
C ILE C 297 -2.36 22.13 -27.51
N LEU C 298 -2.96 21.17 -28.18
CA LEU C 298 -3.09 19.83 -27.66
C LEU C 298 -1.78 19.13 -27.51
N PHE C 299 -0.84 19.39 -28.37
CA PHE C 299 0.49 18.85 -28.26
C PHE C 299 1.29 19.51 -27.17
N SER C 300 1.07 20.77 -26.90
CA SER C 300 1.71 21.36 -25.76
C SER C 300 1.15 20.80 -24.48
N LEU C 301 -0.11 20.43 -24.40
CA LEU C 301 -0.60 19.84 -23.12
C LEU C 301 0.19 18.80 -22.34
N PRO C 302 0.94 17.90 -22.94
CA PRO C 302 1.83 16.99 -22.21
C PRO C 302 3.09 17.66 -21.69
N CYS C 303 3.59 18.69 -22.38
CA CYS C 303 4.74 19.42 -21.86
C CYS C 303 4.41 20.07 -20.53
N TYR C 304 3.24 20.73 -20.44
CA TYR C 304 2.81 21.31 -19.17
C TYR C 304 2.68 20.25 -18.10
N ALA C 305 2.02 19.13 -18.43
CA ALA C 305 1.77 18.10 -17.44
C ALA C 305 3.09 17.52 -16.92
N ALA C 306 4.00 17.18 -17.83
CA ALA C 306 5.28 16.59 -17.44
C ALA C 306 6.12 17.57 -16.63
N TRP C 307 6.15 18.84 -17.05
CA TRP C 307 6.94 19.82 -16.31
C TRP C 307 6.39 20.01 -14.90
N SER C 308 5.07 20.11 -14.76
CA SER C 308 4.48 20.27 -13.43
C SER C 308 4.76 19.06 -12.56
N VAL C 309 4.56 17.86 -13.11
CA VAL C 309 4.78 16.63 -12.34
C VAL C 309 6.24 16.46 -11.95
N PHE C 310 7.18 16.87 -12.80
CA PHE C 310 8.60 16.78 -12.48
C PHE C 310 9.03 17.84 -11.46
N ILE C 311 8.43 19.03 -11.50
CA ILE C 311 8.89 20.11 -10.65
C ILE C 311 8.27 20.04 -9.25
N SER C 312 7.03 19.56 -9.15
CA SER C 312 6.31 19.60 -7.87
C SER C 312 7.01 18.90 -6.72
N PRO C 313 7.50 17.65 -6.85
CA PRO C 313 8.02 16.95 -5.66
C PRO C 313 9.28 17.58 -5.08
N ILE C 314 10.24 17.94 -5.94
CA ILE C 314 11.48 18.51 -5.43
C ILE C 314 11.22 19.86 -4.77
N LEU C 315 10.35 20.68 -5.37
CA LEU C 315 10.00 21.95 -4.76
C LEU C 315 9.30 21.75 -3.42
N ARG C 316 8.40 20.76 -3.34
CA ARG C 316 7.75 20.47 -2.07
C ARG C 316 8.75 20.06 -1.00
N ARG C 317 9.74 19.24 -1.39
CA ARG C 317 10.77 18.84 -0.44
C ARG C 317 11.58 20.04 0.04
N ARG C 318 11.92 20.95 -0.88
CA ARG C 318 12.65 22.15 -0.50
C ARG C 318 11.84 23.01 0.47
N LEU C 319 10.55 23.20 0.20
CA LEU C 319 9.72 23.96 1.13
C LEU C 319 9.61 23.28 2.49
N ASP C 320 9.49 21.95 2.51
CA ASP C 320 9.43 21.25 3.79
C ASP C 320 10.72 21.44 4.59
N ASP C 321 11.87 21.33 3.92
CA ASP C 321 13.15 21.52 4.60
C ASP C 321 13.26 22.95 5.14
N LYS C 322 12.87 23.94 4.32
CA LYS C 322 12.95 25.32 4.76
C LYS C 322 12.03 25.58 5.95
N PHE C 323 10.83 25.00 5.93
CA PHE C 323 9.89 25.19 7.04
C PHE C 323 10.44 24.57 8.32
N SER C 324 11.02 23.37 8.22
CA SER C 324 11.60 22.73 9.39
C SER C 324 12.74 23.56 9.96
N ARG C 325 13.61 24.07 9.08
CA ARG C 325 14.73 24.89 9.54
C ARG C 325 14.24 26.16 10.21
N ASN C 326 13.21 26.79 9.64
CA ASN C 326 12.66 28.01 10.24
C ASN C 326 12.05 27.72 11.61
N ALA C 327 11.32 26.61 11.73
CA ALA C 327 10.74 26.25 13.01
C ALA C 327 11.81 26.01 14.07
N ASP C 328 12.87 25.29 13.70
CA ASP C 328 13.96 25.06 14.64
C ASP C 328 14.66 26.35 15.03
N ASN C 329 14.87 27.26 14.07
CA ASN C 329 15.51 28.54 14.37
C ASN C 329 14.66 29.37 15.32
N GLN C 330 13.35 29.41 15.08
CA GLN C 330 12.45 30.16 15.97
C GLN C 330 12.44 29.54 17.37
N SER C 331 12.43 28.21 17.46
CA SER C 331 12.46 27.56 18.77
C SER C 331 13.75 27.88 19.51
N PHE C 332 14.89 27.84 18.81
CA PHE C 332 16.15 28.18 19.45
C PHE C 332 16.16 29.63 19.91
N LEU C 333 15.63 30.54 19.10
CA LEU C 333 15.61 31.95 19.48
C LEU C 333 14.75 32.17 20.72
N VAL C 334 13.55 31.56 20.76
CA VAL C 334 12.65 31.77 21.88
C VAL C 334 13.20 31.13 23.15
N GLU C 335 13.89 29.99 23.01
CA GLU C 335 14.49 29.37 24.18
C GLU C 335 15.74 30.10 24.65
N SER C 336 16.42 30.82 23.76
CA SER C 336 17.60 31.57 24.15
C SER C 336 17.25 32.91 24.77
N VAL C 337 16.13 33.51 24.36
CA VAL C 337 15.76 34.79 24.95
C VAL C 337 15.11 34.60 26.32
N THR C 338 14.40 33.50 26.54
CA THR C 338 13.77 33.24 27.83
C THR C 338 14.74 32.70 28.87
N ALA C 339 15.94 32.29 28.46
CA ALA C 339 16.96 31.78 29.36
C ALA C 339 18.22 32.63 29.31
N ILE C 340 18.05 33.94 29.28
CA ILE C 340 19.20 34.83 29.21
C ILE C 340 19.91 34.91 30.56
N ASN C 341 19.20 34.67 31.66
CA ASN C 341 19.82 34.74 32.98
C ASN C 341 20.92 33.70 33.13
N THR C 342 20.67 32.46 32.68
CA THR C 342 21.68 31.42 32.77
C THR C 342 22.79 31.59 31.74
N ILE C 343 22.50 32.22 30.60
CA ILE C 343 23.55 32.48 29.61
C ILE C 343 24.51 33.55 30.14
N LYS C 344 23.97 34.61 30.75
CA LYS C 344 24.80 35.68 31.26
C LYS C 344 25.47 35.29 32.58
N ALA C 345 24.84 34.43 33.39
CA ALA C 345 25.49 33.95 34.60
C ALA C 345 26.73 33.14 34.26
N MET C 346 26.63 32.29 33.25
CA MET C 346 27.81 31.66 32.65
C MET C 346 28.38 32.64 31.62
N ALA C 347 29.31 32.19 30.80
CA ALA C 347 29.81 32.98 29.69
C ALA C 347 29.79 32.15 28.41
N VAL C 348 28.66 31.52 28.14
CA VAL C 348 28.49 30.66 26.99
C VAL C 348 27.95 31.43 25.78
N SER C 349 28.02 32.76 25.82
CA SER C 349 27.56 33.57 24.69
C SER C 349 28.25 33.21 23.37
N PRO C 350 29.58 33.04 23.31
CA PRO C 350 30.18 32.65 22.02
C PRO C 350 29.63 31.34 21.46
N GLN C 351 29.38 30.35 22.31
CA GLN C 351 28.84 29.08 21.82
C GLN C 351 27.44 29.27 21.24
N MET C 352 26.60 30.04 21.92
CA MET C 352 25.26 30.30 21.42
C MET C 352 25.29 31.09 20.12
N THR C 353 26.21 32.04 20.01
CA THR C 353 26.35 32.78 18.75
C THR C 353 26.79 31.85 17.62
N ASN C 354 27.70 30.92 17.90
CA ASN C 354 28.12 29.96 16.87
C ASN C 354 26.96 29.10 16.41
N ILE C 355 26.16 28.60 17.37
CA ILE C 355 25.01 27.78 17.01
C ILE C 355 24.02 28.59 16.18
N TRP C 356 23.76 29.83 16.59
CA TRP C 356 22.84 30.69 15.87
C TRP C 356 23.34 30.97 14.46
N ASP C 357 24.65 31.22 14.30
CA ASP C 357 25.20 31.48 12.99
C ASP C 357 25.03 30.27 12.08
N LYS C 358 25.32 29.07 12.59
CA LYS C 358 25.16 27.87 11.79
C LYS C 358 23.71 27.69 11.36
N GLN C 359 22.78 27.84 12.31
CA GLN C 359 21.36 27.64 12.00
C GLN C 359 20.87 28.68 10.99
N LEU C 360 21.27 29.94 11.17
CA LEU C 360 20.84 31.00 10.27
C LEU C 360 21.38 30.79 8.86
N ALA C 361 22.65 30.40 8.76
CA ALA C 361 23.22 30.14 7.44
C ALA C 361 22.50 29.00 6.75
N GLY C 362 22.21 27.92 7.50
CA GLY C 362 21.48 26.81 6.90
C GLY C 362 20.10 27.21 6.42
N TYR C 363 19.37 27.96 7.24
CA TYR C 363 18.02 28.37 6.86
C TYR C 363 18.04 29.28 5.64
N VAL C 364 18.99 30.22 5.59
CA VAL C 364 19.07 31.13 4.46
C VAL C 364 19.43 30.38 3.18
N ALA C 365 20.34 29.41 3.29
CA ALA C 365 20.67 28.60 2.11
C ALA C 365 19.46 27.81 1.63
N ALA C 366 18.68 27.26 2.57
CA ALA C 366 17.47 26.55 2.19
C ALA C 366 16.49 27.47 1.47
N GLY C 367 16.31 28.68 1.98
CA GLY C 367 15.42 29.63 1.33
C GLY C 367 15.88 30.00 -0.07
N PHE C 368 17.19 30.19 -0.24
CA PHE C 368 17.72 30.51 -1.57
C PHE C 368 17.50 29.35 -2.54
N LYS C 369 17.71 28.12 -2.08
CA LYS C 369 17.42 26.96 -2.93
C LYS C 369 15.95 26.92 -3.32
N VAL C 370 15.06 27.20 -2.36
CA VAL C 370 13.62 27.20 -2.63
C VAL C 370 13.30 28.21 -3.73
N THR C 371 13.78 29.44 -3.58
CA THR C 371 13.41 30.47 -4.54
C THR C 371 14.03 30.20 -5.91
N VAL C 372 15.24 29.64 -5.95
CA VAL C 372 15.84 29.29 -7.23
C VAL C 372 15.03 28.23 -7.95
N LEU C 373 14.61 27.19 -7.23
CA LEU C 373 13.81 26.14 -7.86
C LEU C 373 12.46 26.67 -8.34
N ALA C 374 11.81 27.52 -7.55
CA ALA C 374 10.54 28.10 -7.96
C ALA C 374 10.71 28.95 -9.23
N THR C 375 11.78 29.75 -9.27
CA THR C 375 12.05 30.56 -10.46
C THR C 375 12.27 29.68 -11.68
N ILE C 376 13.03 28.59 -11.52
CA ILE C 376 13.27 27.69 -12.65
C ILE C 376 11.96 27.11 -13.16
N GLY C 377 11.10 26.66 -12.26
CA GLY C 377 9.82 26.10 -12.69
C GLY C 377 8.96 27.12 -13.43
N GLN C 378 8.86 28.34 -12.88
CA GLN C 378 8.05 29.36 -13.52
C GLN C 378 8.61 29.72 -14.90
N GLN C 379 9.93 29.83 -15.01
CA GLN C 379 10.53 30.14 -16.31
C GLN C 379 10.31 29.02 -17.32
N GLY C 380 10.35 27.77 -16.89
CA GLY C 380 10.04 26.68 -17.80
C GLY C 380 8.61 26.73 -18.32
N ILE C 381 7.66 26.97 -17.42
CA ILE C 381 6.27 27.09 -17.84
C ILE C 381 6.11 28.23 -18.83
N GLN C 382 6.70 29.38 -18.53
CA GLN C 382 6.57 30.52 -19.43
C GLN C 382 7.27 30.28 -20.76
N LEU C 383 8.37 29.53 -20.76
CA LEU C 383 9.03 29.18 -22.02
C LEU C 383 8.14 28.32 -22.89
N ILE C 384 7.48 27.33 -22.29
CA ILE C 384 6.55 26.50 -23.06
C ILE C 384 5.44 27.37 -23.64
N GLN C 385 4.89 28.27 -22.82
CA GLN C 385 3.82 29.15 -23.28
C GLN C 385 4.27 30.01 -24.46
N LYS C 386 5.48 30.58 -24.35
CA LYS C 386 5.98 31.45 -25.42
C LYS C 386 6.25 30.68 -26.69
N THR C 387 6.78 29.46 -26.59
CA THR C 387 7.00 28.65 -27.79
C THR C 387 5.69 28.34 -28.49
N VAL C 388 4.66 27.96 -27.71
CA VAL C 388 3.35 27.71 -28.31
C VAL C 388 2.82 28.98 -28.95
N MET C 389 3.02 30.13 -28.31
CA MET C 389 2.55 31.39 -28.87
C MET C 389 3.22 31.70 -30.19
N ILE C 390 4.53 31.46 -30.30
CA ILE C 390 5.24 31.71 -31.55
C ILE C 390 4.73 30.80 -32.66
N ILE C 391 4.57 29.51 -32.36
CA ILE C 391 4.10 28.57 -33.38
C ILE C 391 2.70 28.96 -33.85
N ASN C 392 1.82 29.30 -32.90
CA ASN C 392 0.47 29.71 -33.25
C ASN C 392 0.46 31.01 -34.05
N LEU C 393 1.36 31.95 -33.72
CA LEU C 393 1.44 33.18 -34.49
C LEU C 393 1.80 32.89 -35.94
N TRP C 394 2.82 32.04 -36.15
CA TRP C 394 3.21 31.70 -37.52
C TRP C 394 2.07 31.05 -38.28
N LEU C 395 1.48 29.99 -37.69
CA LEU C 395 0.42 29.27 -38.39
C LEU C 395 -0.81 30.15 -38.62
N GLY C 396 -1.18 30.97 -37.64
CA GLY C 396 -2.33 31.84 -37.81
C GLY C 396 -2.11 32.91 -38.86
N ALA C 397 -0.89 33.48 -38.92
CA ALA C 397 -0.59 34.42 -39.98
C ALA C 397 -0.70 33.77 -41.35
N HIS C 398 -0.17 32.54 -41.47
CA HIS C 398 -0.28 31.83 -42.75
C HIS C 398 -1.74 31.56 -43.11
N LEU C 399 -2.55 31.15 -42.12
CA LEU C 399 -3.95 30.87 -42.39
C LEU C 399 -4.70 32.13 -42.81
N VAL C 400 -4.50 33.23 -42.10
CA VAL C 400 -5.17 34.49 -42.44
C VAL C 400 -4.76 34.94 -43.83
N ILE C 401 -3.48 34.78 -44.17
CA ILE C 401 -3.03 35.11 -45.53
C ILE C 401 -3.76 34.24 -46.54
N SER C 402 -3.85 32.94 -46.27
CA SER C 402 -4.47 32.03 -47.23
C SER C 402 -5.99 32.10 -47.14
N GLY C 403 -6.55 31.75 -45.99
CA GLY C 403 -7.99 31.74 -45.83
C GLY C 403 -8.40 30.82 -44.68
N ASP C 404 -9.70 30.52 -44.64
CA ASP C 404 -10.29 29.63 -43.65
C ASP C 404 -10.22 30.22 -42.24
N LEU C 405 -9.71 31.44 -42.11
CA LEU C 405 -9.59 32.06 -40.80
C LEU C 405 -9.42 33.56 -40.98
N SER C 406 -10.37 34.34 -40.45
CA SER C 406 -10.25 35.79 -40.48
C SER C 406 -9.39 36.25 -39.31
N ILE C 407 -9.12 37.55 -39.27
CA ILE C 407 -8.28 38.10 -38.20
C ILE C 407 -8.99 38.02 -36.84
N GLY C 408 -10.28 38.34 -36.81
CA GLY C 408 -11.02 38.23 -35.56
C GLY C 408 -11.09 36.81 -35.04
N GLN C 409 -11.21 35.84 -35.95
CA GLN C 409 -11.17 34.44 -35.55
C GLN C 409 -9.84 34.10 -34.89
N LEU C 410 -8.74 34.58 -35.46
CA LEU C 410 -7.42 34.33 -34.87
C LEU C 410 -7.30 34.98 -33.50
N ILE C 411 -7.81 36.20 -33.35
CA ILE C 411 -7.70 36.89 -32.06
C ILE C 411 -8.52 36.17 -31.00
N ALA C 412 -9.74 35.74 -31.35
CA ALA C 412 -10.56 35.01 -30.40
C ALA C 412 -9.93 33.68 -30.03
N PHE C 413 -9.35 32.98 -31.02
CA PHE C 413 -8.66 31.74 -30.72
C PHE C 413 -7.48 31.97 -29.79
N ASN C 414 -6.76 33.08 -30.00
CA ASN C 414 -5.64 33.40 -29.12
C ASN C 414 -6.10 33.62 -27.69
N MET C 415 -7.20 34.35 -27.52
CA MET C 415 -7.74 34.53 -26.16
C MET C 415 -8.11 33.20 -25.52
N LEU C 416 -8.79 32.33 -26.26
CA LEU C 416 -9.21 31.05 -25.69
C LEU C 416 -8.00 30.18 -25.34
N ALA C 417 -7.01 30.15 -26.23
CA ALA C 417 -5.81 29.35 -25.97
C ALA C 417 -5.05 29.86 -24.76
N GLY C 418 -4.94 31.19 -24.62
CA GLY C 418 -4.33 31.74 -23.42
C GLY C 418 -5.11 31.41 -22.17
N GLN C 419 -6.44 31.40 -22.26
CA GLN C 419 -7.26 31.12 -21.08
C GLN C 419 -7.13 29.67 -20.63
N ILE C 420 -7.06 28.72 -21.56
CA ILE C 420 -7.21 27.31 -21.21
C ILE C 420 -5.98 26.71 -20.54
N VAL C 421 -4.91 27.48 -20.33
CA VAL C 421 -3.63 26.88 -19.92
C VAL C 421 -3.70 26.30 -18.50
N ALA C 422 -4.33 27.00 -17.56
CA ALA C 422 -4.26 26.67 -16.14
C ALA C 422 -4.87 25.32 -15.74
N PRO C 423 -6.07 24.95 -16.22
CA PRO C 423 -6.72 23.73 -15.69
C PRO C 423 -5.89 22.46 -15.84
N VAL C 424 -5.15 22.28 -16.92
CA VAL C 424 -4.36 21.07 -17.07
C VAL C 424 -3.23 21.02 -16.06
N ILE C 425 -2.62 22.18 -15.76
CA ILE C 425 -1.62 22.25 -14.71
C ILE C 425 -2.25 21.89 -13.36
N ARG C 426 -3.47 22.40 -13.12
CA ARG C 426 -4.16 22.09 -11.87
C ARG C 426 -4.42 20.59 -11.73
N LEU C 427 -4.83 19.93 -12.82
CA LEU C 427 -5.06 18.49 -12.77
C LEU C 427 -3.75 17.72 -12.53
N ALA C 428 -2.69 18.10 -13.24
CA ALA C 428 -1.40 17.47 -13.02
C ALA C 428 -0.95 17.63 -11.58
N GLN C 429 -1.29 18.75 -10.95
CA GLN C 429 -0.93 18.94 -9.55
C GLN C 429 -1.82 18.13 -8.60
N ILE C 430 -3.13 18.05 -8.88
CA ILE C 430 -4.02 17.34 -7.96
C ILE C 430 -3.70 15.85 -7.98
N TRP C 431 -3.12 15.35 -9.07
CA TRP C 431 -2.73 13.94 -9.09
C TRP C 431 -1.85 13.60 -7.88
N GLN C 432 -0.83 14.40 -7.61
CA GLN C 432 0.04 14.17 -6.46
C GLN C 432 -0.53 14.77 -5.18
N ASP C 433 -1.39 15.79 -5.29
CA ASP C 433 -2.09 16.29 -4.11
C ASP C 433 -2.91 15.20 -3.46
N PHE C 434 -3.46 14.29 -4.26
CA PHE C 434 -4.20 13.16 -3.71
C PHE C 434 -3.30 12.29 -2.84
N GLN C 435 -2.08 12.01 -3.29
CA GLN C 435 -1.15 11.21 -2.48
C GLN C 435 -0.77 11.95 -1.20
N GLN C 436 -0.54 13.26 -1.30
CA GLN C 436 -0.20 14.04 -0.11
C GLN C 436 -1.34 14.00 0.91
N VAL C 437 -2.58 14.15 0.43
CA VAL C 437 -3.72 14.10 1.34
C VAL C 437 -3.93 12.70 1.89
N GLY C 438 -3.58 11.66 1.13
CA GLY C 438 -3.61 10.31 1.67
C GLY C 438 -2.62 10.14 2.82
N ILE C 439 -1.42 10.70 2.66
CA ILE C 439 -0.45 10.68 3.75
C ILE C 439 -0.99 11.43 4.96
N SER C 440 -1.61 12.59 4.74
CA SER C 440 -2.19 13.33 5.86
C SER C 440 -3.29 12.53 6.55
N VAL C 441 -4.11 11.84 5.77
CA VAL C 441 -5.21 11.05 6.34
C VAL C 441 -4.66 9.90 7.17
N THR C 442 -3.66 9.19 6.66
CA THR C 442 -3.10 8.10 7.44
C THR C 442 -2.36 8.60 8.68
N ARG C 443 -1.84 9.84 8.64
CA ARG C 443 -1.25 10.42 9.84
C ARG C 443 -2.33 10.74 10.87
N LEU C 444 -3.45 11.33 10.42
CA LEU C 444 -4.54 11.67 11.34
C LEU C 444 -5.27 10.43 11.86
N GLY C 445 -5.16 9.31 11.15
CA GLY C 445 -5.73 8.07 11.64
C GLY C 445 -5.12 7.58 12.94
N ASP C 446 -3.91 8.03 13.27
CA ASP C 446 -3.34 7.72 14.57
C ASP C 446 -4.22 8.28 15.69
N VAL C 447 -4.83 9.44 15.46
CA VAL C 447 -5.67 10.08 16.47
C VAL C 447 -7.12 9.63 16.34
N LEU C 448 -7.68 9.60 15.13
CA LEU C 448 -9.12 9.41 14.99
C LEU C 448 -9.54 7.96 14.75
N ASN C 449 -8.62 6.99 14.86
CA ASN C 449 -9.01 5.60 14.74
C ASN C 449 -8.90 4.87 16.07
N SER C 450 -8.23 5.46 17.06
CA SER C 450 -8.09 4.86 18.37
C SER C 450 -9.44 4.80 19.09
N PRO C 451 -9.66 3.77 19.91
CA PRO C 451 -10.94 3.66 20.63
C PRO C 451 -11.15 4.83 21.59
N THR C 452 -12.41 5.23 21.71
CA THR C 452 -12.78 6.42 22.48
C THR C 452 -12.88 6.18 23.97
N GLU C 453 -12.81 4.92 24.43
CA GLU C 453 -12.79 4.59 25.85
C GLU C 453 -14.01 5.16 26.58
N SER C 454 -15.18 4.63 26.21
CA SER C 454 -16.44 5.05 26.80
C SER C 454 -16.89 4.04 27.86
N TYR C 455 -18.01 4.37 28.51
CA TYR C 455 -18.55 3.57 29.60
C TYR C 455 -20.04 3.35 29.36
N HIS C 456 -20.45 2.08 29.43
CA HIS C 456 -21.80 1.71 29.01
C HIS C 456 -22.79 1.66 30.19
N GLY C 457 -22.54 0.79 31.17
CA GLY C 457 -23.51 0.58 32.23
C GLY C 457 -22.98 0.86 33.61
N LYS C 458 -23.54 1.88 34.27
CA LYS C 458 -23.12 2.28 35.60
C LYS C 458 -24.34 2.33 36.51
N LEU C 459 -24.10 2.16 37.81
CA LEU C 459 -25.16 2.00 38.79
C LEU C 459 -25.78 3.33 39.22
N ALA C 460 -25.21 4.47 38.82
CA ALA C 460 -25.73 5.79 39.12
C ALA C 460 -25.83 6.01 40.64
N LEU C 461 -24.64 6.04 41.26
CA LEU C 461 -24.54 6.08 42.70
C LEU C 461 -24.94 7.45 43.24
N PRO C 462 -25.28 7.52 44.54
CA PRO C 462 -25.52 8.83 45.17
C PRO C 462 -24.22 9.53 45.54
N GLU C 463 -24.33 10.66 46.26
CA GLU C 463 -23.15 11.45 46.60
C GLU C 463 -22.22 10.68 47.51
N ILE C 464 -20.92 10.98 47.40
CA ILE C 464 -19.89 10.24 48.13
C ILE C 464 -19.63 10.93 49.47
N ASN C 465 -19.60 10.13 50.54
CA ASN C 465 -18.92 10.50 51.77
C ASN C 465 -17.75 9.55 51.99
N GLY C 466 -16.74 10.02 52.71
CA GLY C 466 -15.43 9.41 52.63
C GLY C 466 -15.23 8.07 53.31
N ASN C 467 -15.84 7.02 52.76
CA ASN C 467 -15.63 5.65 53.22
C ASN C 467 -14.97 4.86 52.10
N ILE C 468 -13.70 4.51 52.29
CA ILE C 468 -12.92 3.77 51.30
C ILE C 468 -12.50 2.44 51.91
N THR C 469 -12.61 1.37 51.11
CA THR C 469 -12.24 0.04 51.58
C THR C 469 -11.65 -0.75 50.43
N PHE C 470 -10.47 -1.33 50.66
CA PHE C 470 -9.85 -2.26 49.74
C PHE C 470 -10.10 -3.68 50.20
N ARG C 471 -10.26 -4.60 49.24
CA ARG C 471 -10.45 -6.01 49.59
C ARG C 471 -9.67 -6.86 48.59
N ASN C 472 -8.62 -7.52 49.09
CA ASN C 472 -7.86 -8.52 48.33
C ASN C 472 -7.34 -7.94 47.02
N ILE C 473 -6.77 -6.73 47.09
CA ILE C 473 -6.32 -6.05 45.89
C ILE C 473 -4.97 -6.61 45.45
N ARG C 474 -4.90 -7.04 44.19
CA ARG C 474 -3.66 -7.46 43.57
C ARG C 474 -3.51 -6.70 42.26
N PHE C 475 -2.30 -6.20 41.99
CA PHE C 475 -2.10 -5.30 40.87
C PHE C 475 -0.74 -5.54 40.24
N ARG C 476 -0.71 -5.48 38.91
CA ARG C 476 0.52 -5.50 38.13
C ARG C 476 0.45 -4.39 37.09
N TYR C 477 1.62 -3.86 36.73
CA TYR C 477 1.67 -2.88 35.65
C TYR C 477 1.39 -3.54 34.31
N LYS C 478 1.93 -4.74 34.10
CA LYS C 478 1.79 -5.49 32.86
C LYS C 478 1.48 -6.94 33.17
N PRO C 479 0.92 -7.69 32.22
CA PRO C 479 0.63 -9.11 32.48
C PRO C 479 1.87 -9.94 32.79
N ASP C 480 3.05 -9.50 32.35
CA ASP C 480 4.29 -10.19 32.66
C ASP C 480 5.10 -9.55 33.77
N SER C 481 4.80 -8.31 34.13
CA SER C 481 5.55 -7.63 35.17
C SER C 481 5.26 -8.26 36.54
N PRO C 482 6.19 -8.15 37.49
CA PRO C 482 5.96 -8.73 38.82
C PRO C 482 4.81 -8.05 39.54
N VAL C 483 4.30 -8.73 40.55
CA VAL C 483 3.17 -8.24 41.33
C VAL C 483 3.62 -7.09 42.21
N ILE C 484 2.89 -5.98 42.15
CA ILE C 484 3.20 -4.80 42.94
C ILE C 484 2.48 -4.82 44.28
N LEU C 485 1.19 -5.17 44.29
CA LEU C 485 0.40 -5.30 45.50
C LEU C 485 -0.04 -6.75 45.63
N ASP C 486 0.31 -7.40 46.74
CA ASP C 486 0.05 -8.83 46.86
C ASP C 486 -1.39 -9.12 47.27
N ASN C 487 -1.76 -8.73 48.49
CA ASN C 487 -3.10 -8.99 49.04
C ASN C 487 -3.55 -7.81 49.88
N ILE C 488 -3.37 -6.59 49.35
CA ILE C 488 -3.64 -5.39 50.12
C ILE C 488 -5.09 -5.38 50.60
N ASN C 489 -5.27 -5.24 51.91
CA ASN C 489 -6.58 -5.14 52.54
C ASN C 489 -6.56 -3.95 53.48
N LEU C 490 -7.38 -2.95 53.17
CA LEU C 490 -7.35 -1.70 53.93
C LEU C 490 -8.75 -1.09 53.94
N SER C 491 -9.13 -0.53 55.09
CA SER C 491 -10.41 0.12 55.27
C SER C 491 -10.20 1.48 55.91
N ILE C 492 -10.80 2.51 55.35
CA ILE C 492 -10.70 3.88 55.84
C ILE C 492 -12.11 4.39 56.12
N LYS C 493 -12.31 4.96 57.30
CA LYS C 493 -13.61 5.47 57.70
C LYS C 493 -13.72 6.96 57.34
N GLN C 494 -14.90 7.52 57.58
CA GLN C 494 -15.14 8.92 57.24
C GLN C 494 -14.42 9.84 58.22
N GLY C 495 -13.75 10.85 57.67
CA GLY C 495 -13.02 11.82 58.46
C GLY C 495 -11.65 11.39 58.91
N GLU C 496 -11.23 10.17 58.60
CA GLU C 496 -9.94 9.68 59.03
C GLU C 496 -8.82 10.30 58.20
N VAL C 497 -7.79 10.78 58.87
CA VAL C 497 -6.60 11.33 58.21
C VAL C 497 -5.53 10.26 58.26
N ILE C 498 -5.42 9.48 57.19
CA ILE C 498 -4.52 8.36 57.13
C ILE C 498 -3.23 8.79 56.46
N GLY C 499 -2.15 8.05 56.74
CA GLY C 499 -0.86 8.30 56.13
C GLY C 499 -0.18 7.01 55.72
N ILE C 500 0.45 7.00 54.55
CA ILE C 500 1.09 5.80 54.02
C ILE C 500 2.55 6.13 53.72
N VAL C 501 3.45 5.29 54.23
CA VAL C 501 4.89 5.46 54.04
C VAL C 501 5.46 4.15 53.50
N GLY C 502 6.74 4.17 53.20
CA GLY C 502 7.43 3.00 52.69
C GLY C 502 8.68 3.41 51.95
N ARG C 503 9.23 2.45 51.20
CA ARG C 503 10.43 2.63 50.41
C ARG C 503 10.08 2.62 48.93
N SER C 504 11.10 2.66 48.09
CA SER C 504 10.88 2.61 46.65
C SER C 504 10.37 1.24 46.23
N GLY C 505 9.40 1.25 45.32
CA GLY C 505 8.81 0.01 44.84
C GLY C 505 7.88 -0.64 45.84
N SER C 506 7.44 0.15 46.83
CA SER C 506 6.55 -0.38 47.85
C SER C 506 5.10 -0.48 47.38
N GLY C 507 4.77 0.12 46.24
CA GLY C 507 3.42 0.11 45.74
C GLY C 507 2.51 1.18 46.31
N LYS C 508 3.02 2.03 47.21
CA LYS C 508 2.23 3.12 47.76
C LYS C 508 1.93 4.21 46.74
N SER C 509 2.65 4.23 45.61
CA SER C 509 2.42 5.23 44.57
C SER C 509 1.30 4.84 43.61
N THR C 510 0.73 3.64 43.76
CA THR C 510 -0.35 3.19 42.88
C THR C 510 -1.73 3.29 43.51
N LEU C 511 -1.81 3.56 44.82
CA LEU C 511 -3.12 3.68 45.47
C LEU C 511 -3.88 4.90 44.98
N THR C 512 -3.17 5.97 44.64
CA THR C 512 -3.83 7.18 44.13
C THR C 512 -4.57 6.88 42.82
N LYS C 513 -3.93 6.12 41.93
CA LYS C 513 -4.56 5.75 40.68
C LYS C 513 -5.48 4.53 40.82
N LEU C 514 -5.59 3.97 42.03
CA LEU C 514 -6.55 2.92 42.30
C LEU C 514 -7.83 3.48 42.91
N ILE C 515 -7.73 4.55 43.68
CA ILE C 515 -8.94 5.23 44.19
C ILE C 515 -9.77 5.71 43.01
N GLN C 516 -9.21 6.59 42.19
CA GLN C 516 -9.78 6.85 40.88
C GLN C 516 -9.49 5.66 39.97
N ARG C 517 -10.22 5.58 38.85
CA ARG C 517 -10.27 4.36 38.06
C ARG C 517 -9.24 4.33 36.93
N PHE C 518 -8.08 4.94 37.14
CA PHE C 518 -7.02 4.86 36.15
C PHE C 518 -6.33 3.50 36.11
N TYR C 519 -6.37 2.75 37.20
CA TYR C 519 -5.80 1.41 37.27
C TYR C 519 -6.89 0.40 37.60
N ILE C 520 -6.85 -0.73 36.91
CA ILE C 520 -7.81 -1.83 37.12
C ILE C 520 -7.08 -2.93 37.88
N PRO C 521 -7.49 -3.26 39.10
CA PRO C 521 -6.80 -4.30 39.87
C PRO C 521 -6.91 -5.66 39.19
N GLU C 522 -5.84 -6.45 39.32
CA GLU C 522 -5.85 -7.81 38.78
C GLU C 522 -6.76 -8.73 39.58
N ASN C 523 -6.77 -8.58 40.91
CA ASN C 523 -7.60 -9.39 41.77
C ASN C 523 -8.20 -8.49 42.84
N GLY C 524 -9.41 -8.81 43.27
CA GLY C 524 -10.12 -7.96 44.21
C GLY C 524 -10.76 -6.77 43.53
N GLN C 525 -11.32 -5.89 44.35
CA GLN C 525 -12.02 -4.72 43.82
C GLN C 525 -12.08 -3.63 44.87
N VAL C 526 -11.80 -2.40 44.45
CA VAL C 526 -11.90 -1.23 45.32
C VAL C 526 -13.34 -0.77 45.37
N LEU C 527 -13.81 -0.39 46.56
CA LEU C 527 -15.17 0.10 46.71
C LEU C 527 -15.17 1.35 47.57
N ILE C 528 -16.04 2.28 47.24
CA ILE C 528 -16.32 3.44 48.08
C ILE C 528 -17.76 3.33 48.55
N ASP C 529 -17.96 3.42 49.87
CA ASP C 529 -19.27 3.35 50.50
C ASP C 529 -19.97 2.03 50.25
N GLY C 530 -19.21 0.94 50.15
CA GLY C 530 -19.78 -0.36 49.89
C GLY C 530 -20.13 -0.63 48.44
N HIS C 531 -19.84 0.31 47.54
CA HIS C 531 -20.20 0.19 46.14
C HIS C 531 -18.94 -0.03 45.32
N ASP C 532 -18.90 -1.15 44.59
CA ASP C 532 -17.75 -1.45 43.75
C ASP C 532 -17.57 -0.38 42.70
N LEU C 533 -16.33 0.10 42.55
CA LEU C 533 -16.05 1.15 41.57
C LEU C 533 -16.16 0.65 40.14
N ALA C 534 -16.21 -0.67 39.93
CA ALA C 534 -16.41 -1.19 38.58
C ALA C 534 -17.82 -0.95 38.06
N LEU C 535 -18.74 -0.54 38.93
CA LEU C 535 -20.12 -0.26 38.53
C LEU C 535 -20.49 1.21 38.70
N ALA C 536 -19.50 2.10 38.79
CA ALA C 536 -19.75 3.52 38.97
C ALA C 536 -19.08 4.32 37.85
N ASP C 537 -19.74 5.39 37.46
CA ASP C 537 -19.21 6.23 36.38
C ASP C 537 -17.98 6.99 36.87
N PRO C 538 -16.83 6.83 36.20
CA PRO C 538 -15.62 7.53 36.67
C PRO C 538 -15.76 9.04 36.68
N ASN C 539 -16.41 9.63 35.69
CA ASN C 539 -16.59 11.08 35.68
C ASN C 539 -17.41 11.56 36.87
N TRP C 540 -18.29 10.70 37.42
CA TRP C 540 -18.95 10.99 38.68
C TRP C 540 -18.01 10.82 39.86
N LEU C 541 -16.97 10.00 39.73
CA LEU C 541 -16.02 9.75 40.80
C LEU C 541 -14.83 10.72 40.76
N ARG C 542 -14.31 10.99 39.57
CA ARG C 542 -13.15 11.89 39.45
C ARG C 542 -13.47 13.28 39.97
N ARG C 543 -14.72 13.72 39.86
CA ARG C 543 -15.12 15.03 40.35
C ARG C 543 -15.36 15.08 41.85
N GLN C 544 -15.45 13.92 42.51
CA GLN C 544 -15.68 13.87 43.94
C GLN C 544 -14.41 13.57 44.73
N VAL C 545 -13.27 13.43 44.07
CA VAL C 545 -12.01 13.09 44.72
C VAL C 545 -10.99 14.18 44.37
N GLY C 546 -10.39 14.78 45.38
CA GLY C 546 -9.37 15.79 45.19
C GLY C 546 -7.99 15.18 45.31
N VAL C 547 -7.22 15.27 44.22
CA VAL C 547 -5.89 14.68 44.13
C VAL C 547 -4.88 15.79 43.89
N VAL C 548 -3.83 15.83 44.70
CA VAL C 548 -2.75 16.80 44.56
C VAL C 548 -1.45 16.02 44.41
N LEU C 549 -0.77 16.22 43.29
CA LEU C 549 0.52 15.57 43.06
C LEU C 549 1.65 16.56 43.29
N GLN C 550 2.89 16.06 43.17
CA GLN C 550 4.06 16.93 43.36
C GLN C 550 4.35 17.79 42.14
N ASP C 551 3.81 17.44 40.98
CA ASP C 551 4.00 18.21 39.75
C ASP C 551 2.65 18.49 39.08
N ASN C 552 2.01 19.55 39.52
CA ASN C 552 0.71 19.96 38.99
C ASN C 552 0.89 20.89 37.80
N VAL C 553 -0.10 20.87 36.92
CA VAL C 553 -0.13 21.72 35.73
C VAL C 553 -1.38 22.59 35.80
N LEU C 554 -1.19 23.90 35.67
CA LEU C 554 -2.29 24.85 35.73
C LEU C 554 -2.38 25.61 34.40
N LEU C 555 -3.61 25.92 33.99
CA LEU C 555 -3.85 26.50 32.69
C LEU C 555 -3.40 27.96 32.65
N ASN C 556 -3.16 28.46 31.44
CA ASN C 556 -2.70 29.82 31.22
C ASN C 556 -3.90 30.75 30.93
N ARG C 557 -4.81 30.83 31.89
CA ARG C 557 -5.95 31.74 31.77
C ARG C 557 -5.91 32.84 32.81
N SER C 558 -5.93 32.49 34.10
CA SER C 558 -5.80 33.42 35.22
C SER C 558 -5.85 32.63 36.52
N ILE C 559 -5.60 33.29 37.65
CA ILE C 559 -5.72 32.60 38.93
C ILE C 559 -7.18 32.30 39.24
N ILE C 560 -8.06 33.28 39.03
CA ILE C 560 -9.48 33.11 39.30
C ILE C 560 -10.10 32.04 38.41
N ASP C 561 -9.57 31.84 37.20
CA ASP C 561 -10.08 30.80 36.32
C ASP C 561 -9.42 29.46 36.63
N ASN C 562 -8.12 29.45 36.95
CA ASN C 562 -7.45 28.21 37.30
C ASN C 562 -8.08 27.58 38.52
N ILE C 563 -8.38 28.38 39.55
CA ILE C 563 -9.02 27.84 40.74
C ILE C 563 -10.45 27.40 40.43
N SER C 564 -11.15 28.15 39.59
CA SER C 564 -12.55 27.86 39.25
C SER C 564 -12.69 27.12 37.93
N LEU C 565 -11.76 26.21 37.62
CA LEU C 565 -11.82 25.48 36.37
C LEU C 565 -13.01 24.54 36.32
N ALA C 566 -13.43 24.00 37.47
CA ALA C 566 -14.54 23.06 37.49
C ALA C 566 -15.84 23.71 37.01
N ASN C 567 -16.09 24.94 37.45
CA ASN C 567 -17.30 25.67 37.04
C ASN C 567 -17.08 27.18 37.04
N PRO C 568 -16.82 27.79 35.88
CA PRO C 568 -16.49 29.22 35.85
C PRO C 568 -17.65 30.11 36.24
N GLY C 569 -18.89 29.63 36.18
CA GLY C 569 -20.04 30.46 36.47
C GLY C 569 -20.40 30.48 37.94
N MET C 570 -19.49 30.01 38.79
CA MET C 570 -19.72 29.93 40.21
C MET C 570 -19.38 31.25 40.89
N SER C 571 -19.64 31.32 42.19
CA SER C 571 -19.42 32.55 42.96
C SER C 571 -17.93 32.86 43.07
N VAL C 572 -17.63 33.97 43.74
CA VAL C 572 -16.25 34.45 43.87
C VAL C 572 -15.74 34.18 45.29
N GLU C 573 -16.59 34.43 46.29
CA GLU C 573 -16.14 34.33 47.68
C GLU C 573 -15.65 32.92 48.01
N LYS C 574 -16.19 31.91 47.33
CA LYS C 574 -15.71 30.55 47.53
C LYS C 574 -14.26 30.40 47.10
N VAL C 575 -13.84 31.15 46.08
CA VAL C 575 -12.44 31.15 45.67
C VAL C 575 -11.56 31.69 46.79
N ILE C 576 -11.99 32.78 47.42
CA ILE C 576 -11.22 33.33 48.54
C ILE C 576 -11.16 32.33 49.70
N TYR C 577 -12.28 31.66 49.97
CA TYR C 577 -12.29 30.66 51.04
C TYR C 577 -11.31 29.52 50.73
N ALA C 578 -11.31 29.04 49.48
CA ALA C 578 -10.39 27.97 49.10
C ALA C 578 -8.94 28.43 49.19
N ALA C 579 -8.66 29.66 48.75
CA ALA C 579 -7.30 30.17 48.82
C ALA C 579 -6.83 30.32 50.27
N LYS C 580 -7.72 30.78 51.16
CA LYS C 580 -7.39 30.85 52.57
C LYS C 580 -7.15 29.46 53.15
N LEU C 581 -7.94 28.48 52.72
CA LEU C 581 -7.76 27.11 53.22
C LEU C 581 -6.39 26.56 52.82
N ALA C 582 -5.96 26.81 51.59
CA ALA C 582 -4.67 26.35 51.11
C ALA C 582 -3.52 27.29 51.46
N GLY C 583 -3.82 28.44 52.07
CA GLY C 583 -2.77 29.38 52.41
C GLY C 583 -2.23 30.17 51.24
N ALA C 584 -2.94 30.19 50.11
CA ALA C 584 -2.50 30.90 48.93
C ALA C 584 -3.07 32.31 48.83
N HIS C 585 -3.86 32.74 49.82
CA HIS C 585 -4.49 34.06 49.75
C HIS C 585 -3.47 35.18 49.85
N ASP C 586 -2.36 34.95 50.54
CA ASP C 586 -1.42 36.02 50.85
C ASP C 586 -0.79 36.59 49.57
N PHE C 587 -0.08 35.77 48.82
CA PHE C 587 0.62 36.27 47.65
C PHE C 587 -0.33 36.69 46.54
N ILE C 588 -1.54 36.11 46.49
CA ILE C 588 -2.53 36.59 45.53
C ILE C 588 -3.00 37.99 45.89
N SER C 589 -3.26 38.23 47.17
CA SER C 589 -3.63 39.58 47.61
C SER C 589 -2.50 40.57 47.38
N GLU C 590 -1.26 40.14 47.61
CA GLU C 590 -0.11 41.02 47.41
C GLU C 590 0.11 41.35 45.94
N LEU C 591 -0.37 40.51 45.03
CA LEU C 591 -0.14 40.71 43.61
C LEU C 591 -0.86 41.96 43.12
N ARG C 592 -0.49 42.40 41.91
CA ARG C 592 -1.01 43.64 41.36
C ARG C 592 -2.50 43.54 41.06
N GLU C 593 -2.88 42.62 40.16
CA GLU C 593 -4.27 42.45 39.81
C GLU C 593 -5.04 41.59 40.79
N GLY C 594 -4.35 40.90 41.70
CA GLY C 594 -5.04 40.05 42.65
C GLY C 594 -5.36 38.70 42.05
N TYR C 595 -6.63 38.28 42.19
CA TYR C 595 -7.05 37.00 41.64
C TYR C 595 -7.17 37.03 40.12
N ASN C 596 -7.08 38.20 39.50
CA ASN C 596 -7.16 38.34 38.05
C ASN C 596 -5.78 38.36 37.39
N THR C 597 -4.73 38.08 38.15
CA THR C 597 -3.38 38.11 37.63
C THR C 597 -3.16 36.93 36.69
N ILE C 598 -2.53 37.20 35.54
CA ILE C 598 -2.22 36.15 34.57
C ILE C 598 -1.07 35.30 35.11
N VAL C 599 -1.24 33.97 35.06
CA VAL C 599 -0.24 33.07 35.60
C VAL C 599 1.02 33.03 34.74
N GLY C 600 0.95 33.49 33.50
CA GLY C 600 2.07 33.43 32.59
C GLY C 600 2.05 32.17 31.74
N GLU C 601 3.00 32.11 30.79
CA GLU C 601 3.03 31.00 29.85
C GLU C 601 3.42 29.70 30.52
N GLN C 602 4.64 29.64 31.06
CA GLN C 602 5.13 28.42 31.70
C GLN C 602 5.45 28.62 33.18
N GLY C 603 6.31 29.58 33.50
CA GLY C 603 6.72 29.78 34.88
C GLY C 603 6.92 31.24 35.25
N ALA C 604 6.22 32.14 34.55
CA ALA C 604 6.41 33.57 34.75
C ALA C 604 5.72 34.02 36.04
N GLY C 605 6.48 34.66 36.92
CA GLY C 605 5.92 35.29 38.10
C GLY C 605 5.80 34.41 39.32
N LEU C 606 5.04 33.31 39.20
CA LEU C 606 4.73 32.48 40.36
C LEU C 606 5.82 31.45 40.60
N SER C 607 6.17 31.26 41.86
CA SER C 607 7.17 30.28 42.26
C SER C 607 6.56 28.88 42.25
N GLY C 608 7.43 27.87 42.34
CA GLY C 608 6.95 26.50 42.36
C GLY C 608 6.05 26.20 43.55
N GLY C 609 6.44 26.67 44.73
CA GLY C 609 5.58 26.50 45.90
C GLY C 609 4.28 27.26 45.78
N GLN C 610 4.33 28.46 45.19
CA GLN C 610 3.11 29.22 44.97
C GLN C 610 2.19 28.51 43.99
N ARG C 611 2.75 27.93 42.92
CA ARG C 611 1.93 27.17 41.98
C ARG C 611 1.34 25.93 42.66
N GLN C 612 2.12 25.27 43.52
CA GLN C 612 1.57 24.12 44.25
C GLN C 612 0.43 24.55 45.16
N ARG C 613 0.56 25.70 45.82
CA ARG C 613 -0.52 26.20 46.65
C ARG C 613 -1.76 26.53 45.83
N ILE C 614 -1.56 27.10 44.63
CA ILE C 614 -2.69 27.34 43.74
C ILE C 614 -3.37 26.02 43.37
N ALA C 615 -2.58 25.00 43.08
CA ALA C 615 -3.14 23.69 42.75
C ALA C 615 -3.92 23.11 43.92
N ILE C 616 -3.39 23.25 45.14
CA ILE C 616 -4.11 22.76 46.32
C ILE C 616 -5.42 23.50 46.50
N ALA C 617 -5.41 24.83 46.30
CA ALA C 617 -6.64 25.60 46.40
C ALA C 617 -7.65 25.17 45.35
N ARG C 618 -7.18 24.91 44.12
CA ARG C 618 -8.07 24.45 43.07
C ARG C 618 -8.67 23.08 43.41
N ALA C 619 -7.86 22.20 44.00
CA ALA C 619 -8.39 20.90 44.44
C ALA C 619 -9.40 21.07 45.56
N LEU C 620 -9.21 22.06 46.42
CA LEU C 620 -10.07 22.29 47.57
C LEU C 620 -11.20 23.28 47.32
N VAL C 621 -11.33 23.79 46.09
CA VAL C 621 -12.34 24.82 45.85
C VAL C 621 -13.74 24.25 45.99
N ASN C 622 -13.94 22.99 45.63
CA ASN C 622 -15.19 22.29 45.88
C ASN C 622 -15.15 21.73 47.29
N ASN C 623 -16.06 20.80 47.60
CA ASN C 623 -16.00 20.13 48.88
C ASN C 623 -15.70 18.65 48.67
N PRO C 624 -14.47 18.28 48.33
CA PRO C 624 -14.15 16.86 48.12
C PRO C 624 -14.10 16.14 49.46
N LYS C 625 -14.91 15.09 49.60
CA LYS C 625 -14.88 14.29 50.81
C LYS C 625 -13.64 13.41 50.90
N ILE C 626 -12.88 13.30 49.83
CA ILE C 626 -11.67 12.47 49.79
C ILE C 626 -10.55 13.31 49.19
N LEU C 627 -9.53 13.60 50.01
CA LEU C 627 -8.31 14.25 49.55
C LEU C 627 -7.17 13.25 49.52
N ILE C 628 -6.36 13.32 48.46
CA ILE C 628 -5.19 12.46 48.32
C ILE C 628 -3.98 13.34 48.11
N PHE C 629 -3.05 13.33 49.07
CA PHE C 629 -1.82 14.11 48.98
C PHE C 629 -0.70 13.18 48.55
N ASP C 630 -0.65 12.92 47.24
CA ASP C 630 0.37 12.04 46.66
C ASP C 630 1.65 12.85 46.45
N GLU C 631 2.52 12.80 47.45
CA GLU C 631 3.81 13.49 47.42
C GLU C 631 3.65 14.99 47.24
N ALA C 632 2.52 15.54 47.72
CA ALA C 632 2.22 16.94 47.47
C ALA C 632 3.21 17.90 48.13
N THR C 633 3.86 17.47 49.21
CA THR C 633 4.84 18.28 49.92
C THR C 633 6.22 17.67 49.85
N SER C 634 6.59 17.16 48.67
CA SER C 634 7.88 16.49 48.49
C SER C 634 8.94 17.41 47.89
N ALA C 635 8.60 18.17 46.85
CA ALA C 635 9.53 19.05 46.16
C ALA C 635 9.22 20.52 46.42
N LEU C 636 8.82 20.84 47.64
CA LEU C 636 8.48 22.19 48.03
C LEU C 636 9.60 22.81 48.85
N ASP C 637 9.84 24.10 48.65
CA ASP C 637 10.80 24.81 49.48
C ASP C 637 10.28 24.93 50.91
N TYR C 638 11.13 25.45 51.80
CA TYR C 638 10.81 25.43 53.22
C TYR C 638 9.56 26.24 53.54
N GLU C 639 9.41 27.40 52.93
CA GLU C 639 8.29 28.28 53.26
C GLU C 639 6.95 27.65 52.86
N SER C 640 6.87 27.15 51.63
CA SER C 640 5.62 26.55 51.16
C SER C 640 5.29 25.28 51.95
N GLU C 641 6.30 24.44 52.20
CA GLU C 641 6.05 23.24 52.98
C GLU C 641 5.59 23.60 54.39
N HIS C 642 6.20 24.61 55.00
CA HIS C 642 5.81 25.03 56.34
C HIS C 642 4.38 25.53 56.37
N ILE C 643 4.00 26.38 55.41
CA ILE C 643 2.65 26.93 55.44
C ILE C 643 1.62 25.82 55.14
N ILE C 644 1.94 24.89 54.25
CA ILE C 644 1.01 23.79 53.97
C ILE C 644 0.84 22.91 55.21
N MET C 645 1.95 22.57 55.87
CA MET C 645 1.85 21.75 57.07
C MET C 645 1.14 22.47 58.21
N ARG C 646 1.24 23.79 58.29
CA ARG C 646 0.51 24.53 59.30
C ARG C 646 -0.98 24.58 58.99
N ASN C 647 -1.34 24.78 57.72
CA ASN C 647 -2.76 24.82 57.35
C ASN C 647 -3.38 23.43 57.25
N MET C 648 -2.58 22.36 57.31
CA MET C 648 -3.12 21.02 57.16
C MET C 648 -4.21 20.71 58.19
N HIS C 649 -4.05 21.20 59.43
CA HIS C 649 -5.01 20.83 60.47
C HIS C 649 -6.41 21.34 60.15
N LYS C 650 -6.53 22.48 59.48
CA LYS C 650 -7.83 22.97 59.04
C LYS C 650 -8.20 22.49 57.65
N ILE C 651 -7.22 22.03 56.86
CA ILE C 651 -7.53 21.46 55.55
C ILE C 651 -8.29 20.15 55.71
N CYS C 652 -7.85 19.29 56.62
CA CYS C 652 -8.46 17.98 56.80
C CYS C 652 -9.58 18.02 57.84
N LYS C 653 -10.53 18.93 57.66
CA LYS C 653 -11.68 19.05 58.54
C LYS C 653 -12.93 18.63 57.76
N GLY C 654 -13.57 17.55 58.20
CA GLY C 654 -14.72 17.03 57.49
C GLY C 654 -14.39 16.33 56.19
N ARG C 655 -13.15 15.87 56.04
CA ARG C 655 -12.71 15.19 54.82
C ARG C 655 -11.91 13.96 55.20
N THR C 656 -11.87 13.01 54.27
CA THR C 656 -11.04 11.82 54.40
C THR C 656 -9.77 12.06 53.58
N VAL C 657 -8.65 12.28 54.26
CA VAL C 657 -7.41 12.69 53.63
C VAL C 657 -6.40 11.55 53.70
N ILE C 658 -5.85 11.18 52.55
CA ILE C 658 -4.80 10.16 52.44
C ILE C 658 -3.51 10.88 52.09
N ILE C 659 -2.52 10.79 52.97
CA ILE C 659 -1.25 11.50 52.81
C ILE C 659 -0.19 10.46 52.48
N ILE C 660 0.14 10.34 51.20
CA ILE C 660 1.19 9.44 50.74
C ILE C 660 2.48 10.25 50.62
N ALA C 661 3.52 9.83 51.33
CA ALA C 661 4.77 10.58 51.34
C ALA C 661 5.92 9.63 51.64
N HIS C 662 7.06 9.85 50.99
CA HIS C 662 8.25 9.07 51.29
C HIS C 662 8.85 9.47 52.63
N ARG C 663 8.88 10.76 52.91
CA ARG C 663 9.37 11.24 54.20
C ARG C 663 8.39 10.89 55.31
N LEU C 664 8.91 10.38 56.42
CA LEU C 664 8.09 9.96 57.55
C LEU C 664 7.74 11.12 58.48
N SER C 665 8.36 12.29 58.31
CA SER C 665 8.09 13.43 59.17
C SER C 665 6.82 14.18 58.80
N THR C 666 6.28 13.94 57.60
CA THR C 666 5.07 14.63 57.17
C THR C 666 3.80 13.92 57.61
N VAL C 667 3.91 12.73 58.21
CA VAL C 667 2.72 11.96 58.61
C VAL C 667 2.77 11.74 60.11
N LYS C 668 3.43 12.64 60.84
CA LYS C 668 3.51 12.51 62.30
C LYS C 668 2.14 12.66 62.94
N ASN C 669 1.32 13.59 62.46
CA ASN C 669 0.02 13.88 63.05
C ASN C 669 -1.11 13.13 62.39
N ALA C 670 -0.82 12.05 61.67
CA ALA C 670 -1.85 11.26 61.01
C ALA C 670 -2.49 10.30 62.00
N ASP C 671 -3.80 10.06 61.81
CA ASP C 671 -4.52 9.14 62.68
C ASP C 671 -3.96 7.73 62.58
N ARG C 672 -3.68 7.28 61.36
CA ARG C 672 -3.10 5.96 61.14
C ARG C 672 -1.92 6.09 60.18
N ILE C 673 -0.93 5.24 60.37
CA ILE C 673 0.28 5.24 59.55
C ILE C 673 0.42 3.84 58.97
N ILE C 674 -0.03 3.66 57.74
CA ILE C 674 0.10 2.38 57.06
C ILE C 674 1.51 2.26 56.49
N VAL C 675 2.21 1.19 56.87
CA VAL C 675 3.57 0.95 56.40
C VAL C 675 3.53 -0.22 55.43
N MET C 676 4.06 -0.02 54.23
CA MET C 676 3.99 -1.00 53.17
C MET C 676 5.39 -1.51 52.81
N GLU C 677 5.45 -2.80 52.47
CA GLU C 677 6.70 -3.43 52.04
C GLU C 677 6.39 -4.40 50.93
N LYS C 678 6.86 -4.10 49.72
CA LYS C 678 6.72 -4.97 48.55
C LYS C 678 5.26 -5.30 48.25
N GLY C 679 4.34 -4.41 48.62
CA GLY C 679 2.93 -4.63 48.37
C GLY C 679 2.13 -5.20 49.52
N LYS C 680 2.71 -5.24 50.72
CA LYS C 680 2.01 -5.78 51.89
C LYS C 680 2.05 -4.77 53.01
N ILE C 681 0.93 -4.63 53.72
CA ILE C 681 0.86 -3.78 54.90
C ILE C 681 1.52 -4.55 56.04
N VAL C 682 2.79 -4.25 56.29
CA VAL C 682 3.53 -4.97 57.32
C VAL C 682 3.28 -4.40 58.72
N GLU C 683 3.05 -3.08 58.83
CA GLU C 683 2.80 -2.45 60.11
C GLU C 683 1.72 -1.39 59.94
N GLN C 684 1.00 -1.12 61.02
CA GLN C 684 0.00 -0.06 61.03
C GLN C 684 -0.26 0.33 62.48
N GLY C 685 -0.81 1.52 62.64
CA GLY C 685 -1.10 2.07 63.96
C GLY C 685 -0.85 3.57 63.97
N LYS C 686 -0.53 4.08 65.15
CA LYS C 686 -0.22 5.48 65.34
C LYS C 686 1.27 5.71 65.16
N HIS C 687 1.73 6.92 65.49
CA HIS C 687 3.14 7.26 65.31
C HIS C 687 3.99 6.73 66.46
N LYS C 688 3.68 7.13 67.69
CA LYS C 688 4.49 6.71 68.83
C LYS C 688 4.39 5.21 69.07
N GLU C 689 3.21 4.62 68.85
CA GLU C 689 3.06 3.18 69.02
C GLU C 689 3.93 2.41 68.04
N LEU C 690 3.98 2.87 66.78
CA LEU C 690 4.84 2.22 65.80
C LEU C 690 6.31 2.46 66.10
N LEU C 691 6.67 3.65 66.58
CA LEU C 691 8.06 3.97 66.87
C LEU C 691 8.57 3.29 68.14
N SER C 692 7.67 2.83 69.01
CA SER C 692 8.09 2.24 70.28
C SER C 692 8.91 0.98 70.05
N GLU C 693 8.48 0.13 69.12
CA GLU C 693 9.19 -1.12 68.89
C GLU C 693 10.55 -0.84 68.27
N PRO C 694 11.64 -1.38 68.84
CA PRO C 694 12.97 -0.99 68.35
C PRO C 694 13.31 -1.54 66.97
N GLU C 695 12.93 -2.79 66.68
CA GLU C 695 13.32 -3.45 65.44
C GLU C 695 12.24 -3.38 64.37
N SER C 696 11.21 -2.56 64.60
CA SER C 696 10.17 -2.38 63.60
C SER C 696 10.70 -1.61 62.40
N LEU C 697 10.04 -1.81 61.25
CA LEU C 697 10.47 -1.13 60.04
C LEU C 697 10.24 0.38 60.12
N TYR C 698 9.16 0.81 60.79
CA TYR C 698 8.90 2.23 60.92
C TYR C 698 10.05 2.92 61.66
N SER C 699 10.48 2.36 62.78
CA SER C 699 11.61 2.92 63.52
C SER C 699 12.90 2.85 62.72
N TYR C 700 13.13 1.77 61.98
CA TYR C 700 14.31 1.67 61.16
C TYR C 700 14.35 2.75 60.08
N LEU C 701 13.23 2.99 59.40
CA LEU C 701 13.17 4.03 58.38
C LEU C 701 13.32 5.41 59.00
N TYR C 702 12.71 5.63 60.17
CA TYR C 702 12.83 6.91 60.85
C TYR C 702 14.28 7.19 61.23
N GLN C 703 14.98 6.17 61.71
CA GLN C 703 16.40 6.32 62.03
C GLN C 703 17.23 6.55 60.77
N LEU C 704 16.92 5.83 59.70
CA LEU C 704 17.69 5.93 58.46
C LEU C 704 17.56 7.34 57.87
N GLN C 705 16.34 7.86 57.79
CA GLN C 705 16.15 9.21 57.27
C GLN C 705 16.70 10.26 58.23
N SER C 706 16.52 10.04 59.53
CA SER C 706 17.03 10.97 60.53
C SER C 706 17.14 10.29 61.90
N LYS D 137 23.26 53.32 16.23
CA LYS D 137 21.84 53.58 16.00
C LYS D 137 21.34 52.80 14.77
N PHE D 138 20.20 52.14 14.93
CA PHE D 138 19.62 51.34 13.86
C PHE D 138 18.35 52.03 13.36
N ASP D 139 18.29 52.25 12.05
CA ASP D 139 17.15 52.91 11.42
C ASP D 139 17.06 52.34 10.00
N PHE D 140 16.38 53.06 9.11
CA PHE D 140 16.36 52.68 7.70
C PHE D 140 17.75 52.81 7.08
N THR D 141 18.68 53.36 7.86
CA THR D 141 20.09 53.39 7.46
C THR D 141 20.71 52.02 7.71
N TRP D 142 22.03 51.95 7.64
CA TRP D 142 22.84 50.75 7.82
C TRP D 142 22.68 49.82 6.62
N PHE D 143 21.74 50.13 5.73
CA PHE D 143 21.60 49.41 4.47
C PHE D 143 22.34 50.10 3.33
N ILE D 144 22.49 51.42 3.39
CA ILE D 144 23.32 52.17 2.46
C ILE D 144 24.76 51.68 2.52
N PRO D 145 25.36 51.46 3.69
CA PRO D 145 26.66 50.77 3.70
C PRO D 145 26.60 49.40 3.05
N ALA D 146 25.51 48.65 3.24
CA ALA D 146 25.39 47.34 2.61
C ALA D 146 25.16 47.48 1.11
N ILE D 147 24.36 48.46 0.69
CA ILE D 147 24.09 48.64 -0.74
C ILE D 147 25.35 49.04 -1.47
N ILE D 148 26.10 50.01 -0.93
CA ILE D 148 27.37 50.39 -1.54
C ILE D 148 28.41 49.30 -1.40
N LYS D 149 28.30 48.44 -0.39
CA LYS D 149 29.14 47.25 -0.34
C LYS D 149 28.90 46.36 -1.55
N TYR D 150 27.63 46.12 -1.88
CA TYR D 150 27.25 45.35 -3.06
C TYR D 150 26.82 46.28 -4.20
N ARG D 151 27.77 47.06 -4.69
CA ARG D 151 27.48 48.02 -5.74
C ARG D 151 27.27 47.33 -7.09
N LYS D 152 28.28 46.58 -7.55
CA LYS D 152 28.30 46.13 -8.93
C LYS D 152 27.13 45.21 -9.24
N ILE D 153 26.81 44.28 -8.33
CA ILE D 153 25.72 43.35 -8.58
C ILE D 153 24.36 44.06 -8.60
N PHE D 154 24.17 45.07 -7.74
CA PHE D 154 22.92 45.82 -7.78
C PHE D 154 22.80 46.62 -9.08
N ILE D 155 23.90 47.22 -9.54
CA ILE D 155 23.87 47.93 -10.82
C ILE D 155 23.60 46.97 -11.96
N GLU D 156 24.16 45.76 -11.89
CA GLU D 156 23.86 44.73 -12.89
C GLU D 156 22.38 44.39 -12.87
N THR D 157 21.79 44.27 -11.68
CA THR D 157 20.36 44.01 -11.59
C THR D 157 19.55 45.13 -12.24
N LEU D 158 19.94 46.38 -12.01
CA LEU D 158 19.23 47.50 -12.60
C LEU D 158 19.31 47.47 -14.12
N VAL D 159 20.50 47.25 -14.68
CA VAL D 159 20.63 47.25 -16.13
C VAL D 159 19.90 46.05 -16.73
N VAL D 160 19.91 44.90 -16.04
CA VAL D 160 19.18 43.74 -16.53
C VAL D 160 17.68 44.02 -16.54
N SER D 161 17.18 44.71 -15.51
CA SER D 161 15.77 45.11 -15.51
C SER D 161 15.45 46.04 -16.66
N VAL D 162 16.34 46.98 -16.95
CA VAL D 162 16.13 47.89 -18.08
C VAL D 162 16.05 47.09 -19.38
N PHE D 163 16.94 46.11 -19.55
CA PHE D 163 16.90 45.31 -20.78
C PHE D 163 15.67 44.42 -20.85
N LEU D 164 15.18 43.96 -19.70
CA LEU D 164 13.91 43.22 -19.68
C LEU D 164 12.77 44.10 -20.16
N GLN D 165 12.73 45.36 -19.70
CA GLN D 165 11.73 46.30 -20.19
C GLN D 165 11.89 46.53 -21.69
N LEU D 166 13.13 46.57 -22.17
CA LEU D 166 13.35 46.73 -23.61
C LEU D 166 12.79 45.56 -24.40
N PHE D 167 12.99 44.33 -23.91
CA PHE D 167 12.42 43.16 -24.59
C PHE D 167 10.90 43.20 -24.58
N ALA D 168 10.31 43.56 -23.43
CA ALA D 168 8.86 43.67 -23.33
C ALA D 168 8.31 44.78 -24.22
N LEU D 169 9.13 45.78 -24.55
CA LEU D 169 8.75 46.73 -25.59
C LEU D 169 8.87 46.13 -26.98
N ILE D 170 9.92 45.34 -27.22
CA ILE D 170 10.19 44.81 -28.55
C ILE D 170 9.08 43.90 -29.03
N THR D 171 8.57 43.02 -28.16
CA THR D 171 7.60 42.02 -28.64
C THR D 171 6.33 42.64 -29.23
N PRO D 172 5.62 43.56 -28.55
CA PRO D 172 4.42 44.13 -29.17
C PRO D 172 4.69 44.88 -30.46
N LEU D 173 5.88 45.47 -30.61
CA LEU D 173 6.23 46.09 -31.88
C LEU D 173 6.27 45.04 -33.00
N PHE D 174 6.79 43.86 -32.69
CA PHE D 174 6.79 42.78 -33.67
C PHE D 174 5.36 42.36 -34.02
N PHE D 175 4.48 42.24 -33.02
CA PHE D 175 3.09 41.93 -33.36
C PHE D 175 2.47 43.00 -34.24
N GLN D 176 2.72 44.27 -33.93
CA GLN D 176 2.14 45.36 -34.71
C GLN D 176 2.64 45.32 -36.14
N VAL D 177 3.95 45.13 -36.33
CA VAL D 177 4.48 45.13 -37.69
C VAL D 177 3.97 43.93 -38.47
N VAL D 178 3.82 42.77 -37.82
CA VAL D 178 3.24 41.62 -38.51
C VAL D 178 1.82 41.94 -38.96
N MET D 179 1.00 42.45 -38.04
CA MET D 179 -0.40 42.68 -38.36
C MET D 179 -0.59 43.80 -39.37
N ASP D 180 0.38 44.70 -39.50
CA ASP D 180 0.26 45.81 -40.43
C ASP D 180 0.87 45.53 -41.80
N LYS D 181 1.94 44.73 -41.89
CA LYS D 181 2.65 44.57 -43.14
C LYS D 181 2.69 43.15 -43.68
N VAL D 182 2.23 42.16 -42.92
CA VAL D 182 2.25 40.78 -43.40
C VAL D 182 0.85 40.39 -43.86
N LEU D 183 -0.17 40.81 -43.11
CA LEU D 183 -1.54 40.51 -43.49
C LEU D 183 -2.05 41.40 -44.61
N VAL D 184 -1.62 42.67 -44.64
CA VAL D 184 -2.07 43.58 -45.69
C VAL D 184 -1.43 43.19 -47.02
N HIS D 185 -0.10 43.23 -47.08
CA HIS D 185 0.65 42.80 -48.25
C HIS D 185 1.29 41.45 -47.96
N ARG D 186 1.13 40.51 -48.88
CA ARG D 186 1.68 39.17 -48.68
C ARG D 186 3.19 39.26 -48.48
N GLY D 187 3.65 38.97 -47.27
CA GLY D 187 5.02 39.24 -46.86
C GLY D 187 5.71 38.06 -46.22
N PHE D 188 5.50 36.86 -46.74
CA PHE D 188 6.02 35.62 -46.18
C PHE D 188 7.46 35.74 -45.70
N SER D 189 8.30 36.46 -46.45
CA SER D 189 9.68 36.68 -46.01
C SER D 189 9.74 37.49 -44.74
N THR D 190 8.92 38.55 -44.65
CA THR D 190 8.89 39.36 -43.44
C THR D 190 8.41 38.54 -42.25
N LEU D 191 7.38 37.71 -42.45
CA LEU D 191 6.92 36.84 -41.37
C LEU D 191 8.00 35.87 -40.95
N ASN D 192 8.73 35.31 -41.92
CA ASN D 192 9.79 34.35 -41.60
C ASN D 192 10.89 35.02 -40.78
N VAL D 193 11.28 36.25 -41.13
CA VAL D 193 12.30 36.96 -40.38
C VAL D 193 11.80 37.26 -38.96
N ILE D 194 10.57 37.79 -38.86
CA ILE D 194 10.05 38.21 -37.57
C ILE D 194 9.86 37.02 -36.65
N THR D 195 9.52 35.84 -37.20
CA THR D 195 9.33 34.67 -36.36
C THR D 195 10.60 34.32 -35.60
N VAL D 196 11.73 34.19 -36.31
CA VAL D 196 12.98 33.83 -35.64
C VAL D 196 13.46 34.97 -34.75
N ALA D 197 13.28 36.23 -35.18
CA ALA D 197 13.68 37.35 -34.34
C ALA D 197 12.94 37.33 -33.00
N LEU D 198 11.62 37.14 -33.05
CA LEU D 198 10.83 37.12 -31.83
C LEU D 198 11.14 35.88 -30.99
N SER D 199 11.46 34.76 -31.64
CA SER D 199 11.84 33.57 -30.89
C SER D 199 13.09 33.81 -30.07
N VAL D 200 14.14 34.37 -30.70
CA VAL D 200 15.36 34.63 -29.95
C VAL D 200 15.12 35.70 -28.88
N VAL D 201 14.27 36.69 -29.17
CA VAL D 201 13.99 37.73 -28.19
C VAL D 201 13.32 37.14 -26.95
N VAL D 202 12.32 36.27 -27.15
CA VAL D 202 11.60 35.73 -25.99
C VAL D 202 12.50 34.77 -25.21
N VAL D 203 13.32 33.97 -25.90
CA VAL D 203 14.22 33.08 -25.18
C VAL D 203 15.20 33.88 -24.34
N PHE D 204 15.77 34.93 -24.91
CA PHE D 204 16.72 35.76 -24.17
C PHE D 204 16.04 36.47 -23.01
N GLU D 205 14.80 36.90 -23.19
CA GLU D 205 14.06 37.53 -22.10
C GLU D 205 13.85 36.56 -20.95
N ILE D 206 13.49 35.30 -21.26
CA ILE D 206 13.31 34.30 -20.22
C ILE D 206 14.61 34.10 -19.45
N ILE D 207 15.71 33.90 -20.16
CA ILE D 207 16.99 33.64 -19.50
C ILE D 207 17.41 34.84 -18.66
N LEU D 208 17.22 36.05 -19.19
CA LEU D 208 17.64 37.26 -18.49
C LEU D 208 16.83 37.46 -17.22
N SER D 209 15.51 37.23 -17.28
CA SER D 209 14.70 37.34 -16.07
C SER D 209 15.11 36.32 -15.02
N GLY D 210 15.37 35.07 -15.44
CA GLY D 210 15.84 34.08 -14.48
C GLY D 210 17.15 34.49 -13.82
N LEU D 211 18.09 35.00 -14.62
CA LEU D 211 19.37 35.43 -14.06
C LEU D 211 19.21 36.60 -13.10
N ARG D 212 18.33 37.54 -13.43
CA ARG D 212 18.09 38.67 -12.53
C ARG D 212 17.52 38.19 -11.21
N THR D 213 16.55 37.28 -11.24
CA THR D 213 15.99 36.76 -10.00
C THR D 213 17.06 36.06 -9.18
N TYR D 214 17.90 35.25 -9.84
CA TYR D 214 18.97 34.55 -9.13
C TYR D 214 19.92 35.52 -8.43
N ILE D 215 20.37 36.55 -9.15
CA ILE D 215 21.33 37.49 -8.59
C ILE D 215 20.71 38.25 -7.43
N PHE D 216 19.47 38.71 -7.59
CA PHE D 216 18.82 39.46 -6.53
C PHE D 216 18.63 38.61 -5.28
N ALA D 217 18.22 37.35 -5.47
CA ALA D 217 18.06 36.45 -4.33
C ALA D 217 19.39 36.23 -3.62
N HIS D 218 20.48 36.06 -4.38
CA HIS D 218 21.80 35.91 -3.77
C HIS D 218 22.15 37.12 -2.90
N SER D 219 21.98 38.32 -3.45
CA SER D 219 22.33 39.54 -2.71
C SER D 219 21.50 39.67 -1.45
N THR D 220 20.20 39.45 -1.56
CA THR D 220 19.32 39.59 -0.39
C THR D 220 19.61 38.53 0.66
N SER D 221 19.99 37.32 0.25
CA SER D 221 20.39 36.30 1.22
C SER D 221 21.63 36.72 2.00
N ARG D 222 22.62 37.29 1.30
CA ARG D 222 23.80 37.77 1.99
C ARG D 222 23.43 38.85 3.01
N ILE D 223 22.58 39.79 2.60
CA ILE D 223 22.18 40.87 3.50
C ILE D 223 21.44 40.31 4.71
N ASP D 224 20.55 39.34 4.50
CA ASP D 224 19.81 38.74 5.60
C ASP D 224 20.74 38.06 6.59
N VAL D 225 21.73 37.31 6.10
CA VAL D 225 22.65 36.64 7.01
C VAL D 225 23.42 37.66 7.84
N GLU D 226 23.87 38.75 7.20
CA GLU D 226 24.58 39.79 7.95
C GLU D 226 23.68 40.40 9.02
N LEU D 227 22.43 40.71 8.65
CA LEU D 227 21.47 41.25 9.61
C LEU D 227 21.29 40.32 10.81
N GLY D 228 21.05 39.04 10.54
CA GLY D 228 20.79 38.11 11.64
C GLY D 228 21.99 37.95 12.56
N ALA D 229 23.18 37.80 11.97
CA ALA D 229 24.38 37.67 12.79
C ALA D 229 24.57 38.88 13.69
N LYS D 230 24.49 40.09 13.11
CA LYS D 230 24.70 41.29 13.91
C LYS D 230 23.64 41.41 15.00
N LEU D 231 22.38 41.14 14.65
CA LEU D 231 21.30 41.32 15.62
C LEU D 231 21.45 40.37 16.80
N PHE D 232 21.74 39.09 16.54
CA PHE D 232 21.87 38.15 17.65
C PHE D 232 23.11 38.45 18.49
N ARG D 233 24.22 38.80 17.83
CA ARG D 233 25.43 39.09 18.59
C ARG D 233 25.27 40.36 19.43
N HIS D 234 24.44 41.30 18.99
CA HIS D 234 24.14 42.46 19.81
C HIS D 234 23.16 42.13 20.93
N LEU D 235 22.19 41.26 20.65
CA LEU D 235 21.20 40.90 21.67
C LEU D 235 21.84 40.16 22.83
N LEU D 236 22.78 39.26 22.55
CA LEU D 236 23.42 38.52 23.64
C LEU D 236 24.42 39.36 24.44
N ALA D 237 24.56 40.65 24.14
CA ALA D 237 25.47 41.52 24.88
C ALA D 237 24.75 42.52 25.75
N LEU D 238 23.41 42.55 25.74
CA LEU D 238 22.66 43.49 26.54
C LEU D 238 22.72 43.10 28.02
N PRO D 239 22.65 44.08 28.92
CA PRO D 239 22.66 43.78 30.36
C PRO D 239 21.37 43.07 30.78
N ILE D 240 21.48 42.36 31.91
CA ILE D 240 20.34 41.63 32.45
C ILE D 240 19.21 42.59 32.83
N SER D 241 19.56 43.84 33.19
CA SER D 241 18.53 44.81 33.55
C SER D 241 17.56 45.05 32.40
N TYR D 242 18.05 44.96 31.17
CA TYR D 242 17.16 45.10 30.01
C TYR D 242 16.12 44.00 29.97
N PHE D 243 16.56 42.75 30.15
CA PHE D 243 15.64 41.62 30.02
C PHE D 243 14.71 41.46 31.21
N GLU D 244 15.19 41.74 32.43
CA GLU D 244 14.35 41.54 33.61
C GLU D 244 13.24 42.59 33.69
N SER D 245 13.42 43.73 33.04
CA SER D 245 12.43 44.81 33.06
C SER D 245 11.39 44.67 31.94
N ARG D 246 11.50 43.65 31.09
CA ARG D 246 10.61 43.49 29.96
C ARG D 246 10.16 42.03 29.89
N ARG D 247 9.08 41.79 29.14
CA ARG D 247 8.53 40.46 28.99
C ARG D 247 9.25 39.72 27.86
N VAL D 248 9.38 38.40 28.03
CA VAL D 248 10.06 37.59 27.03
C VAL D 248 9.29 37.54 25.72
N GLY D 249 7.95 37.56 25.76
CA GLY D 249 7.17 37.54 24.54
C GLY D 249 7.38 38.80 23.71
N ASP D 250 7.41 39.96 24.36
CA ASP D 250 7.64 41.21 23.64
C ASP D 250 9.02 41.20 22.97
N THR D 251 10.04 40.74 23.71
CA THR D 251 11.38 40.70 23.15
C THR D 251 11.47 39.72 21.98
N VAL D 252 10.88 38.53 22.13
CA VAL D 252 10.97 37.56 21.05
C VAL D 252 10.18 38.02 19.82
N ALA D 253 9.09 38.77 20.02
CA ALA D 253 8.40 39.34 18.86
C ALA D 253 9.24 40.42 18.18
N ARG D 254 9.83 41.30 18.97
CA ARG D 254 10.68 42.34 18.40
C ARG D 254 11.87 41.75 17.67
N VAL D 255 12.33 40.57 18.08
CA VAL D 255 13.41 39.90 17.36
C VAL D 255 12.90 39.13 16.14
N ARG D 256 11.76 38.45 16.22
CA ARG D 256 11.22 37.75 15.06
C ARG D 256 10.77 38.72 13.97
N GLU D 257 10.68 40.02 14.29
CA GLU D 257 10.51 41.00 13.24
C GLU D 257 11.61 40.91 12.17
N LEU D 258 12.78 40.39 12.55
CA LEU D 258 13.83 40.12 11.57
C LEU D 258 13.35 39.14 10.50
N ASP D 259 12.56 38.14 10.90
CA ASP D 259 12.06 37.17 9.93
C ASP D 259 11.13 37.83 8.92
N GLN D 260 10.26 38.73 9.38
CA GLN D 260 9.37 39.40 8.44
C GLN D 260 10.13 40.41 7.59
N ILE D 261 11.22 40.97 8.12
CA ILE D 261 12.11 41.77 7.27
C ILE D 261 12.72 40.91 6.16
N ARG D 262 13.15 39.70 6.52
CA ARG D 262 13.68 38.76 5.52
C ARG D 262 12.63 38.46 4.46
N ASN D 263 11.40 38.19 4.88
CA ASN D 263 10.32 37.97 3.92
C ASN D 263 10.06 39.20 3.06
N PHE D 264 10.21 40.40 3.63
CA PHE D 264 10.08 41.62 2.85
C PHE D 264 11.11 41.68 1.73
N LEU D 265 12.39 41.49 2.06
CA LEU D 265 13.44 41.74 1.09
C LEU D 265 13.81 40.51 0.26
N THR D 266 13.14 39.37 0.46
CA THR D 266 13.40 38.18 -0.33
C THR D 266 12.23 37.77 -1.20
N GLY D 267 11.30 38.67 -1.46
CA GLY D 267 10.17 38.38 -2.32
C GLY D 267 10.06 39.31 -3.50
N GLN D 268 8.88 39.37 -4.12
CA GLN D 268 8.65 40.29 -5.24
C GLN D 268 8.52 41.74 -4.77
N ALA D 269 8.79 42.03 -3.50
CA ALA D 269 8.58 43.39 -2.99
C ALA D 269 9.55 44.38 -3.63
N LEU D 270 10.76 43.95 -3.97
CA LEU D 270 11.77 44.85 -4.51
C LEU D 270 11.96 44.74 -6.01
N THR D 271 11.40 43.72 -6.65
CA THR D 271 11.51 43.55 -8.09
C THR D 271 10.37 44.22 -8.85
N SER D 272 9.40 44.81 -8.16
CA SER D 272 8.29 45.49 -8.81
C SER D 272 8.44 47.00 -8.78
N VAL D 273 9.13 47.55 -7.78
CA VAL D 273 9.37 48.99 -7.75
C VAL D 273 10.25 49.41 -8.92
N LEU D 274 11.22 48.57 -9.30
CA LEU D 274 12.03 48.86 -10.47
C LEU D 274 11.20 48.83 -11.75
N ASP D 275 10.25 47.90 -11.85
CA ASP D 275 9.35 47.88 -13.00
C ASP D 275 8.50 49.14 -13.05
N LEU D 276 8.01 49.59 -11.88
CA LEU D 276 7.27 50.85 -11.83
C LEU D 276 8.14 52.02 -12.26
N LEU D 277 9.41 52.03 -11.87
CA LEU D 277 10.33 53.08 -12.28
C LEU D 277 10.53 53.08 -13.80
N PHE D 278 10.69 51.90 -14.39
CA PHE D 278 11.02 51.79 -15.80
C PHE D 278 9.80 51.74 -16.72
N SER D 279 8.58 51.74 -16.17
CA SER D 279 7.39 51.75 -17.02
C SER D 279 7.19 53.06 -17.77
N PHE D 280 7.96 54.11 -17.45
CA PHE D 280 7.83 55.36 -18.18
C PHE D 280 8.18 55.21 -19.65
N ILE D 281 9.02 54.24 -20.01
CA ILE D 281 9.32 53.99 -21.41
C ILE D 281 8.07 53.54 -22.14
N PHE D 282 7.35 52.57 -21.55
CA PHE D 282 6.09 52.12 -22.14
C PHE D 282 5.08 53.26 -22.18
N PHE D 283 5.04 54.08 -21.14
CA PHE D 283 4.11 55.22 -21.12
C PHE D 283 4.41 56.18 -22.26
N ALA D 284 5.69 56.46 -22.50
CA ALA D 284 6.08 57.35 -23.60
C ALA D 284 5.71 56.75 -24.95
N VAL D 285 5.92 55.44 -25.12
CA VAL D 285 5.55 54.80 -26.38
C VAL D 285 4.05 54.87 -26.60
N MET D 286 3.27 54.62 -25.54
CA MET D 286 1.81 54.72 -25.64
C MET D 286 1.37 56.13 -25.99
N TRP D 287 2.01 57.13 -25.42
CA TRP D 287 1.71 58.51 -25.80
C TRP D 287 2.07 58.76 -27.27
N TYR D 288 3.15 58.13 -27.74
CA TYR D 288 3.55 58.26 -29.13
C TYR D 288 2.48 57.70 -30.07
N TYR D 289 1.92 56.53 -29.74
CA TYR D 289 0.83 55.98 -30.56
C TYR D 289 -0.37 56.91 -30.57
N SER D 290 -0.98 57.15 -29.41
CA SER D 290 -2.17 57.98 -29.36
C SER D 290 -2.21 58.77 -28.06
N PRO D 291 -2.27 60.11 -28.13
CA PRO D 291 -2.33 60.91 -26.90
C PRO D 291 -3.64 60.82 -26.15
N LYS D 292 -4.72 60.36 -26.79
CA LYS D 292 -6.02 60.31 -26.14
C LYS D 292 -6.25 59.00 -25.40
N LEU D 293 -5.81 57.87 -25.97
CA LEU D 293 -6.06 56.58 -25.33
C LEU D 293 -5.25 56.39 -24.06
N THR D 294 -3.99 56.83 -24.03
CA THR D 294 -3.18 56.69 -22.83
C THR D 294 -3.57 57.69 -21.75
N LEU D 295 -4.32 58.73 -22.09
CA LEU D 295 -4.86 59.62 -21.08
C LEU D 295 -5.81 58.86 -20.16
N VAL D 296 -6.55 57.90 -20.72
CA VAL D 296 -7.42 57.05 -19.91
C VAL D 296 -6.59 56.23 -18.92
N ILE D 297 -5.45 55.69 -19.36
CA ILE D 297 -4.60 54.91 -18.47
C ILE D 297 -4.04 55.77 -17.36
N LEU D 298 -3.58 56.99 -17.71
CA LEU D 298 -2.98 57.85 -16.69
C LEU D 298 -4.01 58.44 -15.75
N PHE D 299 -5.28 58.50 -16.15
CA PHE D 299 -6.36 58.77 -15.19
C PHE D 299 -6.78 57.53 -14.42
N SER D 300 -6.53 56.34 -14.95
CA SER D 300 -6.91 55.11 -14.26
C SER D 300 -5.96 54.83 -13.09
N LEU D 301 -4.67 55.11 -13.28
CA LEU D 301 -3.70 54.85 -12.22
C LEU D 301 -4.05 55.50 -10.88
N PRO D 302 -4.47 56.77 -10.81
CA PRO D 302 -4.92 57.31 -9.52
C PRO D 302 -6.08 56.56 -8.91
N CYS D 303 -6.99 56.01 -9.72
CA CYS D 303 -8.08 55.21 -9.17
C CYS D 303 -7.52 53.96 -8.49
N TYR D 304 -6.57 53.28 -9.13
CA TYR D 304 -5.91 52.14 -8.52
C TYR D 304 -5.30 52.53 -7.18
N ALA D 305 -4.52 53.61 -7.16
CA ALA D 305 -3.83 54.01 -5.94
C ALA D 305 -4.84 54.34 -4.84
N ALA D 306 -5.86 55.13 -5.16
CA ALA D 306 -6.83 55.56 -4.16
C ALA D 306 -7.60 54.38 -3.59
N TRP D 307 -8.03 53.45 -4.44
CA TRP D 307 -8.83 52.35 -3.91
C TRP D 307 -7.98 51.35 -3.15
N SER D 308 -6.73 51.13 -3.57
CA SER D 308 -5.84 50.28 -2.79
C SER D 308 -5.56 50.90 -1.42
N VAL D 309 -5.35 52.22 -1.37
CA VAL D 309 -5.16 52.89 -0.10
C VAL D 309 -6.41 52.77 0.77
N PHE D 310 -7.59 52.85 0.16
CA PHE D 310 -8.83 52.70 0.90
C PHE D 310 -8.98 51.29 1.49
N ILE D 311 -8.58 50.27 0.73
CA ILE D 311 -8.85 48.89 1.14
C ILE D 311 -7.80 48.36 2.10
N SER D 312 -6.53 48.73 1.92
CA SER D 312 -5.44 48.04 2.62
C SER D 312 -5.54 48.05 4.14
N PRO D 313 -5.78 49.19 4.83
CA PRO D 313 -5.76 49.16 6.30
C PRO D 313 -6.77 48.20 6.93
N ILE D 314 -7.97 48.10 6.36
CA ILE D 314 -8.99 47.22 6.92
C ILE D 314 -8.53 45.77 6.82
N LEU D 315 -8.00 45.38 5.66
CA LEU D 315 -7.49 44.03 5.50
C LEU D 315 -6.31 43.77 6.44
N ARG D 316 -5.51 44.80 6.68
CA ARG D 316 -4.41 44.65 7.62
C ARG D 316 -4.94 44.33 9.00
N ARG D 317 -5.91 45.10 9.47
CA ARG D 317 -6.47 44.88 10.80
C ARG D 317 -7.13 43.51 10.91
N ARG D 318 -7.87 43.11 9.88
CA ARG D 318 -8.53 41.80 9.93
C ARG D 318 -7.51 40.67 9.94
N LEU D 319 -6.44 40.79 9.16
CA LEU D 319 -5.40 39.77 9.17
C LEU D 319 -4.70 39.70 10.51
N ASP D 320 -4.45 40.86 11.14
CA ASP D 320 -3.83 40.87 12.45
C ASP D 320 -4.73 40.20 13.48
N ASP D 321 -6.03 40.50 13.44
CA ASP D 321 -6.96 39.86 14.36
C ASP D 321 -6.99 38.34 14.15
N LYS D 322 -7.03 37.90 12.89
CA LYS D 322 -7.05 36.47 12.60
C LYS D 322 -5.78 35.79 13.09
N PHE D 323 -4.63 36.45 12.90
CA PHE D 323 -3.36 35.87 13.35
C PHE D 323 -3.33 35.75 14.88
N SER D 324 -3.80 36.79 15.59
CA SER D 324 -3.82 36.72 17.05
C SER D 324 -4.75 35.61 17.53
N ARG D 325 -5.91 35.48 16.92
CA ARG D 325 -6.85 34.43 17.31
C ARG D 325 -6.27 33.05 17.03
N ASN D 326 -5.59 32.89 15.89
CA ASN D 326 -4.97 31.60 15.58
C ASN D 326 -3.87 31.26 16.59
N ALA D 327 -3.07 32.26 16.98
CA ALA D 327 -2.03 32.02 17.97
C ALA D 327 -2.63 31.61 19.31
N ASP D 328 -3.71 32.29 19.73
CA ASP D 328 -4.38 31.91 20.98
C ASP D 328 -4.93 30.50 20.91
N ASN D 329 -5.55 30.15 19.78
CA ASN D 329 -6.08 28.80 19.62
C ASN D 329 -4.98 27.75 19.67
N GLN D 330 -3.85 28.03 19.02
CA GLN D 330 -2.72 27.10 19.04
C GLN D 330 -2.18 26.91 20.45
N SER D 331 -2.04 28.01 21.20
CA SER D 331 -1.54 27.91 22.56
C SER D 331 -2.50 27.12 23.43
N PHE D 332 -3.81 27.36 23.29
CA PHE D 332 -4.78 26.60 24.08
C PHE D 332 -4.73 25.11 23.73
N LEU D 333 -4.61 24.79 22.44
CA LEU D 333 -4.55 23.39 22.04
C LEU D 333 -3.32 22.71 22.61
N VAL D 334 -2.16 23.37 22.53
CA VAL D 334 -0.94 22.73 23.01
C VAL D 334 -0.97 22.59 24.53
N GLU D 335 -1.52 23.56 25.26
CA GLU D 335 -1.55 23.44 26.70
C GLU D 335 -2.57 22.40 27.14
N SER D 336 -3.67 22.25 26.39
CA SER D 336 -4.62 21.19 26.70
C SER D 336 -4.01 19.81 26.44
N VAL D 337 -3.19 19.70 25.38
CA VAL D 337 -2.52 18.42 25.13
C VAL D 337 -1.49 18.13 26.23
N THR D 338 -0.73 19.13 26.66
CA THR D 338 0.27 18.90 27.70
C THR D 338 -0.34 18.53 29.05
N ALA D 339 -1.57 18.95 29.32
CA ALA D 339 -2.21 18.71 30.61
C ALA D 339 -3.38 17.74 30.51
N ILE D 340 -3.30 16.75 29.63
CA ILE D 340 -4.42 15.82 29.46
C ILE D 340 -4.63 15.00 30.72
N ASN D 341 -3.55 14.64 31.40
CA ASN D 341 -3.67 13.88 32.64
C ASN D 341 -4.41 14.67 33.71
N THR D 342 -4.13 15.97 33.82
CA THR D 342 -4.86 16.81 34.77
C THR D 342 -6.31 17.00 34.35
N ILE D 343 -6.58 17.08 33.05
CA ILE D 343 -7.97 17.22 32.59
C ILE D 343 -8.77 15.97 32.95
N LYS D 344 -8.21 14.79 32.71
CA LYS D 344 -8.92 13.55 33.02
C LYS D 344 -8.96 13.24 34.51
N ALA D 345 -7.97 13.69 35.28
CA ALA D 345 -8.00 13.48 36.72
C ALA D 345 -9.20 14.19 37.35
N MET D 346 -9.48 15.40 36.90
CA MET D 346 -10.70 16.09 37.24
C MET D 346 -11.78 15.75 36.22
N ALA D 347 -12.94 16.39 36.34
CA ALA D 347 -14.00 16.29 35.34
C ALA D 347 -14.19 17.67 34.74
N VAL D 348 -13.35 18.01 33.77
CA VAL D 348 -13.35 19.34 33.19
C VAL D 348 -13.32 19.25 31.67
N SER D 349 -13.56 18.06 31.12
CA SER D 349 -13.63 17.93 29.67
C SER D 349 -14.75 18.78 29.05
N PRO D 350 -15.97 18.81 29.59
CA PRO D 350 -16.97 19.73 29.03
C PRO D 350 -16.55 21.19 29.07
N GLN D 351 -15.86 21.62 30.13
CA GLN D 351 -15.39 23.00 30.20
C GLN D 351 -14.38 23.29 29.10
N MET D 352 -13.46 22.35 28.87
CA MET D 352 -12.48 22.52 27.80
C MET D 352 -13.15 22.57 26.44
N THR D 353 -14.17 21.72 26.22
CA THR D 353 -14.89 21.77 24.95
C THR D 353 -15.62 23.08 24.77
N ASN D 354 -16.23 23.61 25.83
CA ASN D 354 -16.90 24.91 25.72
C ASN D 354 -15.93 26.03 25.40
N ILE D 355 -14.73 26.01 26.02
CA ILE D 355 -13.73 27.02 25.71
C ILE D 355 -13.27 26.90 24.26
N TRP D 356 -13.02 25.66 23.82
CA TRP D 356 -12.52 25.44 22.47
C TRP D 356 -13.54 25.83 21.42
N ASP D 357 -14.82 25.60 21.70
CA ASP D 357 -15.87 25.98 20.76
C ASP D 357 -15.90 27.49 20.54
N LYS D 358 -15.82 28.25 21.62
CA LYS D 358 -15.79 29.71 21.50
C LYS D 358 -14.56 30.17 20.74
N GLN D 359 -13.39 29.61 21.07
CA GLN D 359 -12.17 30.01 20.39
C GLN D 359 -12.23 29.71 18.90
N LEU D 360 -12.71 28.52 18.54
CA LEU D 360 -12.81 28.13 17.14
C LEU D 360 -13.81 29.00 16.39
N ALA D 361 -14.96 29.29 17.01
CA ALA D 361 -15.96 30.12 16.36
C ALA D 361 -15.41 31.52 16.10
N GLY D 362 -14.72 32.10 17.08
CA GLY D 362 -14.12 33.41 16.87
C GLY D 362 -13.08 33.42 15.77
N TYR D 363 -12.20 32.42 15.78
CA TYR D 363 -11.15 32.35 14.76
C TYR D 363 -11.76 32.19 13.37
N VAL D 364 -12.79 31.35 13.24
CA VAL D 364 -13.39 31.12 11.93
C VAL D 364 -14.14 32.37 11.45
N ALA D 365 -14.79 33.09 12.37
CA ALA D 365 -15.44 34.35 11.99
C ALA D 365 -14.41 35.35 11.50
N ALA D 366 -13.27 35.45 12.18
CA ALA D 366 -12.21 36.35 11.73
C ALA D 366 -11.70 35.95 10.35
N GLY D 367 -11.51 34.65 10.12
CA GLY D 367 -11.07 34.20 8.81
C GLY D 367 -12.08 34.52 7.71
N PHE D 368 -13.37 34.37 8.01
CA PHE D 368 -14.40 34.70 7.04
C PHE D 368 -14.38 36.19 6.70
N LYS D 369 -14.22 37.04 7.72
CA LYS D 369 -14.10 38.48 7.46
C LYS D 369 -12.88 38.78 6.58
N VAL D 370 -11.76 38.13 6.86
CA VAL D 370 -10.56 38.32 6.06
C VAL D 370 -10.81 37.94 4.61
N THR D 371 -11.46 36.80 4.40
CA THR D 371 -11.75 36.34 3.04
C THR D 371 -12.67 37.31 2.31
N VAL D 372 -13.68 37.83 3.01
CA VAL D 372 -14.62 38.76 2.39
C VAL D 372 -13.90 40.03 1.95
N LEU D 373 -13.07 40.59 2.84
CA LEU D 373 -12.33 41.80 2.47
C LEU D 373 -11.37 41.53 1.31
N ALA D 374 -10.69 40.37 1.32
CA ALA D 374 -9.75 40.07 0.25
C ALA D 374 -10.46 39.95 -1.09
N THR D 375 -11.60 39.26 -1.13
CA THR D 375 -12.29 39.11 -2.41
C THR D 375 -12.88 40.42 -2.89
N ILE D 376 -13.36 41.27 -1.97
CA ILE D 376 -13.81 42.60 -2.38
C ILE D 376 -12.66 43.40 -2.98
N GLY D 377 -11.49 43.33 -2.34
CA GLY D 377 -10.33 44.04 -2.86
C GLY D 377 -9.93 43.58 -4.24
N GLN D 378 -9.97 42.26 -4.47
CA GLN D 378 -9.64 41.75 -5.81
C GLN D 378 -10.67 42.19 -6.84
N GLN D 379 -11.96 42.10 -6.49
CA GLN D 379 -13.01 42.42 -7.46
C GLN D 379 -13.01 43.90 -7.82
N GLY D 380 -12.67 44.78 -6.88
CA GLY D 380 -12.60 46.21 -7.22
C GLY D 380 -11.54 46.51 -8.26
N ILE D 381 -10.35 45.94 -8.11
CA ILE D 381 -9.30 46.12 -9.09
C ILE D 381 -9.71 45.53 -10.43
N GLN D 382 -10.34 44.34 -10.40
CA GLN D 382 -10.83 43.75 -11.65
C GLN D 382 -11.82 44.67 -12.35
N LEU D 383 -12.74 45.26 -11.59
CA LEU D 383 -13.75 46.16 -12.17
C LEU D 383 -13.08 47.38 -12.80
N ILE D 384 -12.11 47.98 -12.10
CA ILE D 384 -11.43 49.15 -12.64
C ILE D 384 -10.72 48.78 -13.95
N GLN D 385 -9.99 47.66 -13.94
CA GLN D 385 -9.25 47.25 -15.13
C GLN D 385 -10.19 47.00 -16.30
N LYS D 386 -11.30 46.31 -16.06
CA LYS D 386 -12.23 45.99 -17.15
C LYS D 386 -12.94 47.23 -17.67
N THR D 387 -13.29 48.18 -16.79
CA THR D 387 -13.90 49.42 -17.27
C THR D 387 -12.92 50.20 -18.14
N VAL D 388 -11.67 50.28 -17.73
CA VAL D 388 -10.67 50.97 -18.56
C VAL D 388 -10.50 50.25 -19.89
N MET D 389 -10.50 48.92 -19.87
CA MET D 389 -10.36 48.16 -21.11
C MET D 389 -11.52 48.44 -22.06
N ILE D 390 -12.75 48.49 -21.53
CA ILE D 390 -13.91 48.74 -22.39
C ILE D 390 -13.87 50.14 -22.98
N ILE D 391 -13.52 51.14 -22.15
CA ILE D 391 -13.44 52.51 -22.65
C ILE D 391 -12.37 52.62 -23.73
N ASN D 392 -11.21 52.00 -23.50
CA ASN D 392 -10.16 52.00 -24.50
C ASN D 392 -10.59 51.31 -25.78
N LEU D 393 -11.33 50.21 -25.67
CA LEU D 393 -11.81 49.52 -26.86
C LEU D 393 -12.73 50.43 -27.68
N TRP D 394 -13.65 51.11 -26.99
CA TRP D 394 -14.58 51.99 -27.70
C TRP D 394 -13.85 53.12 -28.41
N LEU D 395 -12.99 53.82 -27.68
CA LEU D 395 -12.25 54.94 -28.28
C LEU D 395 -11.33 54.47 -29.39
N GLY D 396 -10.69 53.31 -29.22
CA GLY D 396 -9.81 52.80 -30.25
C GLY D 396 -10.56 52.39 -31.50
N ALA D 397 -11.75 51.81 -31.32
CA ALA D 397 -12.58 51.47 -32.48
C ALA D 397 -12.95 52.73 -33.26
N HIS D 398 -13.38 53.78 -32.55
CA HIS D 398 -13.70 55.03 -33.24
C HIS D 398 -12.47 55.62 -33.93
N LEU D 399 -11.32 55.57 -33.29
CA LEU D 399 -10.11 56.12 -33.90
C LEU D 399 -9.71 55.34 -35.15
N VAL D 400 -9.72 54.01 -35.06
CA VAL D 400 -9.36 53.18 -36.22
C VAL D 400 -10.33 53.41 -37.37
N ILE D 401 -11.63 53.53 -37.08
CA ILE D 401 -12.58 53.83 -38.14
C ILE D 401 -12.28 55.20 -38.75
N SER D 402 -11.98 56.20 -37.90
CA SER D 402 -11.70 57.53 -38.41
C SER D 402 -10.29 57.62 -38.99
N GLY D 403 -9.28 57.39 -38.18
CA GLY D 403 -7.90 57.45 -38.62
C GLY D 403 -6.97 57.69 -37.46
N ASP D 404 -5.71 57.98 -37.79
CA ASP D 404 -4.62 58.22 -36.86
C ASP D 404 -4.18 56.97 -36.11
N LEU D 405 -4.84 55.82 -36.35
CA LEU D 405 -4.42 54.56 -35.76
C LEU D 405 -4.72 53.43 -36.72
N SER D 406 -3.83 52.45 -36.77
CA SER D 406 -4.05 51.22 -37.52
C SER D 406 -4.65 50.18 -36.58
N ILE D 407 -4.74 48.93 -37.04
CA ILE D 407 -5.22 47.84 -36.19
C ILE D 407 -4.08 47.27 -35.36
N GLY D 408 -2.93 47.03 -35.99
CA GLY D 408 -1.77 46.59 -35.24
C GLY D 408 -1.33 47.60 -34.21
N GLN D 409 -1.46 48.89 -34.50
CA GLN D 409 -1.18 49.92 -33.52
C GLN D 409 -2.09 49.79 -32.31
N LEU D 410 -3.38 49.54 -32.53
CA LEU D 410 -4.31 49.35 -31.43
C LEU D 410 -3.97 48.11 -30.60
N ILE D 411 -3.61 47.02 -31.27
CA ILE D 411 -3.26 45.80 -30.55
C ILE D 411 -2.02 46.02 -29.70
N ALA D 412 -1.00 46.67 -30.28
CA ALA D 412 0.22 46.97 -29.52
C ALA D 412 -0.07 47.89 -28.35
N PHE D 413 -0.95 48.88 -28.55
CA PHE D 413 -1.31 49.78 -27.47
C PHE D 413 -2.00 49.04 -26.34
N ASN D 414 -2.90 48.11 -26.67
CA ASN D 414 -3.57 47.32 -25.64
C ASN D 414 -2.58 46.48 -24.86
N MET D 415 -1.63 45.85 -25.56
CA MET D 415 -0.62 45.04 -24.87
C MET D 415 0.25 45.90 -23.96
N LEU D 416 0.64 47.10 -24.44
CA LEU D 416 1.43 47.99 -23.60
C LEU D 416 0.63 48.46 -22.39
N ALA D 417 -0.66 48.71 -22.57
CA ALA D 417 -1.50 49.11 -21.44
C ALA D 417 -1.55 48.00 -20.40
N GLY D 418 -1.71 46.74 -20.84
CA GLY D 418 -1.71 45.63 -19.90
C GLY D 418 -0.38 45.50 -19.18
N GLN D 419 0.73 45.61 -19.91
CA GLN D 419 2.04 45.47 -19.31
C GLN D 419 2.40 46.62 -18.38
N ILE D 420 1.78 47.79 -18.55
CA ILE D 420 1.95 48.86 -17.58
C ILE D 420 1.08 48.61 -16.35
N VAL D 421 -0.18 48.21 -16.57
CA VAL D 421 -1.11 48.09 -15.45
C VAL D 421 -0.72 46.96 -14.50
N ALA D 422 -0.21 45.84 -15.03
CA ALA D 422 0.07 44.69 -14.18
C ALA D 422 1.03 45.00 -13.03
N PRO D 423 2.18 45.65 -13.23
CA PRO D 423 3.02 46.00 -12.07
C PRO D 423 2.30 46.90 -11.07
N VAL D 424 1.50 47.85 -11.55
CA VAL D 424 0.74 48.70 -10.64
C VAL D 424 -0.25 47.88 -9.83
N ILE D 425 -0.81 46.83 -10.42
CA ILE D 425 -1.66 45.91 -9.65
C ILE D 425 -0.83 45.22 -8.57
N ARG D 426 0.37 44.76 -8.92
CA ARG D 426 1.21 44.07 -7.92
C ARG D 426 1.67 45.00 -6.81
N LEU D 427 1.77 46.30 -7.07
CA LEU D 427 2.28 47.25 -6.07
C LEU D 427 1.37 47.42 -4.85
N ALA D 428 0.22 46.76 -4.77
CA ALA D 428 -0.67 46.96 -3.63
C ALA D 428 -0.02 46.48 -2.34
N GLN D 429 0.48 45.24 -2.34
CA GLN D 429 1.23 44.75 -1.20
C GLN D 429 2.47 45.60 -0.95
N ILE D 430 2.99 46.30 -1.97
CA ILE D 430 4.14 47.16 -1.76
C ILE D 430 3.77 48.41 -0.98
N TRP D 431 2.65 49.05 -1.33
CA TRP D 431 2.17 50.13 -0.46
C TRP D 431 1.95 49.63 0.95
N GLN D 432 1.40 48.41 1.10
CA GLN D 432 1.20 47.88 2.45
C GLN D 432 2.52 47.67 3.19
N ASP D 433 3.51 47.10 2.51
CA ASP D 433 4.76 46.70 3.15
C ASP D 433 5.67 47.89 3.44
N PHE D 434 5.70 48.89 2.57
CA PHE D 434 6.51 50.07 2.82
C PHE D 434 6.05 50.85 4.04
N GLN D 435 4.82 50.60 4.51
CA GLN D 435 4.35 51.19 5.75
C GLN D 435 4.45 50.23 6.94
N GLN D 436 4.34 48.92 6.70
CA GLN D 436 4.53 47.97 7.79
C GLN D 436 5.99 47.93 8.25
N VAL D 437 6.92 47.88 7.30
CA VAL D 437 8.34 47.77 7.65
C VAL D 437 8.82 49.01 8.39
N GLY D 438 8.11 50.13 8.27
CA GLY D 438 8.44 51.30 9.07
C GLY D 438 8.46 51.00 10.55
N ILE D 439 7.30 50.62 11.09
CA ILE D 439 7.24 50.25 12.50
C ILE D 439 8.04 48.99 12.80
N SER D 440 8.16 48.07 11.83
CA SER D 440 8.98 46.89 12.06
C SER D 440 10.42 47.26 12.37
N VAL D 441 11.03 48.08 11.51
CA VAL D 441 12.40 48.54 11.74
C VAL D 441 12.49 49.46 12.95
N THR D 442 11.45 50.25 13.22
CA THR D 442 11.47 51.09 14.42
C THR D 442 11.59 50.25 15.68
N ARG D 443 10.79 49.18 15.78
CA ARG D 443 10.86 48.33 16.96
C ARG D 443 12.17 47.53 17.01
N LEU D 444 12.65 47.07 15.85
CA LEU D 444 13.93 46.38 15.83
C LEU D 444 15.05 47.28 16.31
N GLY D 445 15.04 48.55 15.89
CA GLY D 445 16.01 49.50 16.39
C GLY D 445 15.84 49.82 17.86
N ASP D 446 14.59 49.88 18.34
CA ASP D 446 14.35 50.04 19.77
C ASP D 446 15.02 48.93 20.55
N VAL D 447 15.02 47.71 20.02
CA VAL D 447 15.84 46.64 20.59
C VAL D 447 17.32 46.94 20.43
N LEU D 448 17.73 47.44 19.26
CA LEU D 448 19.14 47.64 18.96
C LEU D 448 19.68 48.98 19.44
N ASN D 449 18.84 49.86 20.00
CA ASN D 449 19.30 51.14 20.53
C ASN D 449 19.48 51.05 22.05
N SER D 450 20.44 50.21 22.46
CA SER D 450 20.74 50.03 23.87
C SER D 450 22.22 49.75 24.02
N PRO D 451 22.86 50.25 25.08
CA PRO D 451 24.29 49.97 25.29
C PRO D 451 24.53 48.50 25.53
N THR D 452 25.72 48.05 25.12
CA THR D 452 26.09 46.65 25.21
C THR D 452 27.05 46.34 26.37
N GLU D 453 27.30 47.32 27.24
CA GLU D 453 28.16 47.17 28.42
C GLU D 453 29.48 46.46 28.10
N SER D 454 29.99 46.65 26.88
CA SER D 454 31.22 45.97 26.47
C SER D 454 32.38 46.34 27.38
N TYR D 455 33.13 45.34 27.81
CA TYR D 455 34.18 45.51 28.80
C TYR D 455 35.52 45.70 28.12
N HIS D 456 36.21 46.78 28.46
CA HIS D 456 37.51 47.10 27.88
C HIS D 456 38.64 47.05 28.90
N GLY D 457 38.39 46.47 30.07
CA GLY D 457 39.41 46.41 31.11
C GLY D 457 39.68 45.01 31.60
N LYS D 458 40.90 44.52 31.36
CA LYS D 458 41.33 43.21 31.83
C LYS D 458 42.83 43.23 32.01
N LEU D 459 43.30 42.84 33.19
CA LEU D 459 44.72 42.84 33.51
C LEU D 459 45.37 41.48 33.29
N ALA D 460 44.78 40.66 32.43
CA ALA D 460 45.29 39.32 32.11
C ALA D 460 45.52 38.50 33.39
N LEU D 461 44.47 38.46 34.21
CA LEU D 461 44.56 37.77 35.49
C LEU D 461 44.71 36.27 35.27
N PRO D 462 45.51 35.59 36.10
CA PRO D 462 45.73 34.15 35.90
C PRO D 462 44.53 33.33 36.36
N GLU D 463 44.68 32.02 36.24
CA GLU D 463 43.66 31.09 36.70
C GLU D 463 43.48 31.25 38.21
N ILE D 464 42.23 31.23 38.66
CA ILE D 464 41.93 31.56 40.06
C ILE D 464 42.11 30.34 40.94
N ASN D 465 42.54 30.57 42.17
CA ASN D 465 42.42 29.58 43.23
C ASN D 465 41.18 29.88 44.06
N GLY D 466 40.80 28.92 44.90
CA GLY D 466 39.56 29.05 45.63
C GLY D 466 39.66 29.77 46.96
N ASN D 467 39.87 31.09 46.92
CA ASN D 467 39.88 31.89 48.15
C ASN D 467 39.14 33.21 47.91
N ILE D 468 37.92 33.29 48.43
CA ILE D 468 37.09 34.47 48.30
C ILE D 468 37.29 35.33 49.54
N THR D 469 37.30 36.65 49.35
CA THR D 469 37.46 37.56 50.47
C THR D 469 36.52 38.74 50.32
N PHE D 470 35.82 39.08 51.40
CA PHE D 470 34.98 40.26 51.47
C PHE D 470 35.60 41.28 52.41
N ARG D 471 35.43 42.56 52.10
CA ARG D 471 36.06 43.63 52.88
C ARG D 471 35.12 44.83 52.92
N ASN D 472 34.49 45.05 54.07
CA ASN D 472 33.63 46.21 54.31
C ASN D 472 32.56 46.34 53.22
N ILE D 473 31.85 45.24 52.97
CA ILE D 473 30.88 45.19 51.90
C ILE D 473 29.56 45.81 52.37
N ARG D 474 29.12 46.85 51.68
CA ARG D 474 27.81 47.45 51.89
C ARG D 474 27.07 47.44 50.56
N PHE D 475 25.80 47.03 50.58
CA PHE D 475 25.07 46.82 49.34
C PHE D 475 23.59 47.14 49.54
N ARG D 476 23.02 47.85 48.56
CA ARG D 476 21.59 48.07 48.47
C ARG D 476 21.13 47.79 47.05
N TYR D 477 19.88 47.36 46.91
CA TYR D 477 19.33 47.08 45.58
C TYR D 477 19.28 48.35 44.74
N LYS D 478 18.70 49.41 45.28
CA LYS D 478 18.59 50.71 44.65
C LYS D 478 19.07 51.78 45.61
N PRO D 479 19.44 52.96 45.12
CA PRO D 479 19.91 54.03 46.02
C PRO D 479 18.87 54.42 47.08
N ASP D 480 17.58 54.26 46.79
CA ASP D 480 16.55 54.56 47.77
C ASP D 480 16.18 53.36 48.64
N SER D 481 16.71 52.17 48.34
CA SER D 481 16.37 50.97 49.09
C SER D 481 17.20 50.87 50.37
N PRO D 482 16.68 50.18 51.38
CA PRO D 482 17.47 49.98 52.61
C PRO D 482 18.65 49.05 52.39
N VAL D 483 19.61 49.13 53.31
CA VAL D 483 20.81 48.30 53.24
C VAL D 483 20.47 46.91 53.78
N ILE D 484 20.87 45.88 53.04
CA ILE D 484 20.63 44.50 53.45
C ILE D 484 21.90 43.84 53.96
N LEU D 485 23.06 44.29 53.48
CA LEU D 485 24.35 43.72 53.81
C LEU D 485 25.25 44.84 54.30
N ASP D 486 25.44 44.93 55.62
CA ASP D 486 26.00 46.16 56.20
C ASP D 486 27.53 46.20 56.12
N ASN D 487 28.20 45.34 56.88
CA ASN D 487 29.66 45.43 57.00
C ASN D 487 30.29 44.04 57.11
N ILE D 488 29.88 43.12 56.25
CA ILE D 488 30.38 41.75 56.38
C ILE D 488 31.87 41.73 56.04
N ASN D 489 32.65 41.02 56.87
CA ASN D 489 34.04 40.73 56.59
C ASN D 489 34.21 39.22 56.55
N LEU D 490 34.71 38.71 55.43
CA LEU D 490 34.79 37.27 55.22
C LEU D 490 36.15 36.91 54.63
N SER D 491 36.61 35.71 54.94
CA SER D 491 37.86 35.19 54.41
C SER D 491 37.75 33.69 54.27
N ILE D 492 37.70 33.21 53.02
CA ILE D 492 37.55 31.81 52.71
C ILE D 492 38.84 31.30 52.10
N LYS D 493 39.23 30.08 52.47
CA LYS D 493 40.49 29.49 52.03
C LYS D 493 40.22 28.41 50.98
N GLN D 494 41.30 27.86 50.43
CA GLN D 494 41.20 26.85 49.39
C GLN D 494 40.86 25.49 49.99
N GLY D 495 39.94 24.78 49.34
CA GLY D 495 39.51 23.48 49.81
C GLY D 495 38.57 23.51 50.99
N GLU D 496 38.11 24.69 51.42
CA GLU D 496 37.25 24.80 52.58
C GLU D 496 35.78 24.74 52.18
N VAL D 497 35.02 23.91 52.88
CA VAL D 497 33.58 23.79 52.67
C VAL D 497 32.91 24.69 53.69
N ILE D 498 32.46 25.86 53.23
CA ILE D 498 31.89 26.88 54.09
C ILE D 498 30.40 26.97 53.86
N GLY D 499 29.63 27.01 54.94
CA GLY D 499 28.19 27.07 54.88
C GLY D 499 27.67 28.39 55.44
N ILE D 500 26.58 28.89 54.85
CA ILE D 500 25.97 30.15 55.27
C ILE D 500 24.49 29.89 55.49
N VAL D 501 23.98 30.29 56.65
CA VAL D 501 22.60 30.07 57.04
C VAL D 501 22.00 31.37 57.55
N GLY D 502 20.70 31.35 57.79
CA GLY D 502 19.98 32.51 58.27
C GLY D 502 18.51 32.42 57.91
N ARG D 503 17.73 33.31 58.50
CA ARG D 503 16.30 33.35 58.24
C ARG D 503 16.02 34.26 57.05
N SER D 504 14.75 34.54 56.79
CA SER D 504 14.39 35.40 55.68
C SER D 504 14.85 36.83 55.93
N GLY D 505 15.34 37.47 54.87
CA GLY D 505 15.85 38.82 54.97
C GLY D 505 17.24 38.95 55.53
N SER D 506 17.92 37.84 55.80
CA SER D 506 19.26 37.87 56.37
C SER D 506 20.30 38.39 55.39
N GLY D 507 19.97 38.53 54.11
CA GLY D 507 20.92 39.02 53.13
C GLY D 507 21.90 38.00 52.61
N LYS D 508 21.69 36.72 52.90
CA LYS D 508 22.58 35.67 52.40
C LYS D 508 22.32 35.31 50.95
N SER D 509 21.19 35.74 50.38
CA SER D 509 20.87 35.43 48.99
C SER D 509 21.57 36.34 48.00
N THR D 510 22.13 37.47 48.45
CA THR D 510 22.83 38.40 47.58
C THR D 510 24.33 38.11 47.49
N LEU D 511 24.85 37.17 48.29
CA LEU D 511 26.27 36.86 48.22
C LEU D 511 26.62 36.14 46.92
N THR D 512 25.74 35.26 46.45
CA THR D 512 26.03 34.53 45.22
C THR D 512 26.10 35.46 44.02
N LYS D 513 25.23 36.47 43.97
CA LYS D 513 25.31 37.45 42.89
C LYS D 513 26.36 38.52 43.14
N LEU D 514 26.84 38.64 44.38
CA LEU D 514 27.95 39.55 44.65
C LEU D 514 29.29 38.95 44.22
N ILE D 515 29.44 37.64 44.37
CA ILE D 515 30.66 36.97 43.92
C ILE D 515 30.79 37.09 42.40
N GLN D 516 29.70 36.87 41.67
CA GLN D 516 29.66 37.24 40.28
C GLN D 516 29.52 38.75 40.15
N ARG D 517 29.74 39.25 38.93
CA ARG D 517 29.69 40.70 38.70
C ARG D 517 28.29 41.14 38.26
N PHE D 518 27.31 40.82 39.10
CA PHE D 518 25.93 41.24 38.89
C PHE D 518 25.48 42.32 39.86
N TYR D 519 26.00 42.34 41.07
CA TYR D 519 25.70 43.36 42.07
C TYR D 519 26.96 44.15 42.37
N ILE D 520 26.85 45.47 42.32
CA ILE D 520 27.98 46.37 42.57
C ILE D 520 27.86 46.91 43.99
N PRO D 521 28.75 46.55 44.91
CA PRO D 521 28.65 47.09 46.26
C PRO D 521 28.90 48.59 46.31
N GLU D 522 28.19 49.26 47.21
CA GLU D 522 28.41 50.69 47.39
C GLU D 522 29.74 50.98 48.07
N ASN D 523 30.08 50.18 49.08
CA ASN D 523 31.32 50.37 49.82
C ASN D 523 32.04 49.03 49.91
N GLY D 524 33.37 49.09 49.88
CA GLY D 524 34.18 47.90 49.95
C GLY D 524 34.52 47.33 48.58
N GLN D 525 34.98 46.09 48.59
CA GLN D 525 35.37 45.43 47.35
C GLN D 525 35.39 43.92 47.57
N VAL D 526 34.88 43.17 46.61
CA VAL D 526 34.97 41.72 46.59
C VAL D 526 36.17 41.36 45.72
N LEU D 527 37.12 40.64 46.31
CA LEU D 527 38.40 40.37 45.65
C LEU D 527 38.70 38.88 45.68
N ILE D 528 39.12 38.34 44.54
CA ILE D 528 39.47 36.93 44.40
C ILE D 528 40.98 36.85 44.18
N ASP D 529 41.64 35.97 44.93
CA ASP D 529 43.10 35.82 44.91
C ASP D 529 43.82 37.10 45.33
N GLY D 530 43.10 38.06 45.91
CA GLY D 530 43.61 39.36 46.18
C GLY D 530 43.30 40.37 45.09
N HIS D 531 42.91 39.90 43.90
CA HIS D 531 42.60 40.78 42.79
C HIS D 531 41.16 41.29 42.91
N ASP D 532 41.00 42.61 42.89
CA ASP D 532 39.68 43.20 42.96
C ASP D 532 38.85 42.81 41.73
N LEU D 533 37.59 42.45 41.97
CA LEU D 533 36.71 42.07 40.87
C LEU D 533 36.20 43.26 40.08
N ALA D 534 36.25 44.46 40.65
CA ALA D 534 35.83 45.65 39.91
C ALA D 534 36.82 46.01 38.80
N LEU D 535 38.02 45.46 38.83
CA LEU D 535 39.04 45.69 37.81
C LEU D 535 39.40 44.38 37.12
N ALA D 536 38.38 43.61 36.73
CA ALA D 536 38.60 42.32 36.10
C ALA D 536 37.52 42.06 35.08
N ASP D 537 37.81 41.16 34.15
CA ASP D 537 36.84 40.79 33.13
C ASP D 537 35.76 39.92 33.75
N PRO D 538 34.50 40.34 33.76
CA PRO D 538 33.46 39.51 34.38
C PRO D 538 33.22 38.19 33.66
N ASN D 539 33.35 38.16 32.34
CA ASN D 539 33.12 36.91 31.62
C ASN D 539 34.13 35.84 32.03
N TRP D 540 35.39 36.22 32.19
CA TRP D 540 36.41 35.28 32.64
C TRP D 540 36.10 34.76 34.05
N LEU D 541 35.67 35.65 34.95
CA LEU D 541 35.32 35.23 36.29
C LEU D 541 34.15 34.26 36.28
N ARG D 542 33.14 34.53 35.45
CA ARG D 542 31.99 33.63 35.36
C ARG D 542 32.35 32.31 34.68
N ARG D 543 33.35 32.31 33.79
CA ARG D 543 33.92 31.04 33.34
C ARG D 543 34.53 30.27 34.51
N GLN D 544 35.26 30.97 35.38
CA GLN D 544 36.00 30.32 36.45
C GLN D 544 35.15 29.93 37.66
N VAL D 545 33.88 30.33 37.70
CA VAL D 545 33.03 30.12 38.87
C VAL D 545 31.78 29.36 38.44
N GLY D 546 31.48 28.27 39.14
CA GLY D 546 30.28 27.48 38.86
C GLY D 546 29.28 27.64 39.99
N VAL D 547 28.04 27.95 39.63
CA VAL D 547 26.97 28.22 40.58
C VAL D 547 25.77 27.35 40.25
N VAL D 548 25.20 26.74 41.28
CA VAL D 548 24.00 25.91 41.16
C VAL D 548 22.87 26.61 41.90
N LEU D 549 21.86 27.04 41.16
CA LEU D 549 20.74 27.78 41.74
C LEU D 549 19.59 26.83 42.05
N GLN D 550 18.45 27.38 42.46
CA GLN D 550 17.27 26.59 42.76
C GLN D 550 16.41 26.32 41.53
N ASP D 551 16.53 27.13 40.48
CA ASP D 551 15.74 26.95 39.27
C ASP D 551 16.46 26.09 38.23
N ASN D 552 17.66 26.51 37.80
CA ASN D 552 18.53 25.73 36.92
C ASN D 552 17.81 25.34 35.63
N VAL D 553 17.51 26.38 34.84
CA VAL D 553 16.87 26.15 33.54
C VAL D 553 17.82 25.42 32.62
N LEU D 554 17.27 24.54 31.80
CA LEU D 554 18.04 23.74 30.85
C LEU D 554 17.56 24.03 29.43
N LEU D 555 18.49 23.97 28.48
CA LEU D 555 18.14 24.15 27.08
C LEU D 555 17.51 22.88 26.51
N ASN D 556 16.69 23.06 25.48
CA ASN D 556 16.00 21.94 24.83
C ASN D 556 16.98 21.25 23.88
N ARG D 557 17.89 20.49 24.46
CA ARG D 557 18.91 19.75 23.72
C ARG D 557 19.07 18.39 24.39
N SER D 558 20.07 17.63 23.95
CA SER D 558 20.37 16.37 24.61
C SER D 558 21.03 16.62 25.97
N ILE D 559 21.05 15.57 26.80
CA ILE D 559 21.63 15.70 28.13
C ILE D 559 23.12 16.02 28.05
N ILE D 560 23.84 15.33 27.16
CA ILE D 560 25.27 15.60 27.01
C ILE D 560 25.51 16.98 26.41
N ASP D 561 24.57 17.47 25.59
CA ASP D 561 24.70 18.83 25.07
C ASP D 561 24.45 19.88 26.15
N ASN D 562 23.54 19.60 27.09
CA ASN D 562 23.33 20.51 28.21
C ASN D 562 24.52 20.50 29.17
N ILE D 563 25.06 19.32 29.45
CA ILE D 563 26.18 19.21 30.37
C ILE D 563 27.41 19.91 29.79
N SER D 564 27.68 19.72 28.51
CA SER D 564 28.85 20.28 27.84
C SER D 564 28.53 21.57 27.11
N LEU D 565 27.62 22.38 27.67
CA LEU D 565 27.24 23.64 27.03
C LEU D 565 28.43 24.60 26.94
N ALA D 566 29.24 24.67 27.99
CA ALA D 566 30.36 25.60 28.03
C ALA D 566 31.50 25.21 27.09
N ASN D 567 31.56 23.95 26.67
CA ASN D 567 32.63 23.48 25.79
C ASN D 567 32.13 22.26 25.03
N PRO D 568 31.50 22.43 23.87
CA PRO D 568 30.89 21.29 23.17
C PRO D 568 31.88 20.29 22.58
N GLY D 569 33.13 20.69 22.37
CA GLY D 569 34.14 19.80 21.82
C GLY D 569 34.84 18.91 22.82
N MET D 570 34.40 18.95 24.08
CA MET D 570 35.08 18.21 25.13
C MET D 570 34.80 16.72 25.02
N SER D 571 35.72 15.92 25.55
CA SER D 571 35.61 14.46 25.47
C SER D 571 34.45 13.96 26.32
N VAL D 572 33.90 12.81 25.91
CA VAL D 572 32.77 12.23 26.62
C VAL D 572 33.18 11.71 28.00
N GLU D 573 34.46 11.36 28.17
CA GLU D 573 34.93 10.84 29.45
C GLU D 573 34.75 11.86 30.56
N LYS D 574 35.05 13.13 30.30
CA LYS D 574 34.86 14.17 31.30
C LYS D 574 33.38 14.33 31.65
N VAL D 575 32.50 14.24 30.65
CA VAL D 575 31.06 14.32 30.90
C VAL D 575 30.60 13.18 31.79
N ILE D 576 31.07 11.96 31.51
CA ILE D 576 30.71 10.81 32.34
C ILE D 576 31.23 11.01 33.76
N TYR D 577 32.45 11.52 33.90
CA TYR D 577 33.00 11.75 35.24
C TYR D 577 32.18 12.78 36.00
N ALA D 578 31.78 13.87 35.34
CA ALA D 578 30.96 14.88 35.99
C ALA D 578 29.60 14.33 36.39
N ALA D 579 28.99 13.53 35.50
CA ALA D 579 27.71 12.92 35.82
C ALA D 579 27.80 11.93 36.97
N LYS D 580 28.91 11.20 37.07
CA LYS D 580 29.11 10.29 38.19
C LYS D 580 29.35 11.04 39.49
N LEU D 581 30.08 12.15 39.45
CA LEU D 581 30.24 12.98 40.64
C LEU D 581 28.91 13.53 41.10
N ALA D 582 28.10 14.03 40.16
CA ALA D 582 26.81 14.59 40.51
C ALA D 582 25.78 13.52 40.87
N GLY D 583 26.08 12.26 40.58
CA GLY D 583 25.14 11.19 40.83
C GLY D 583 24.07 11.04 39.78
N ALA D 584 24.23 11.66 38.61
CA ALA D 584 23.23 11.62 37.56
C ALA D 584 23.42 10.45 36.60
N HIS D 585 24.52 9.70 36.70
CA HIS D 585 24.77 8.60 35.78
C HIS D 585 23.75 7.48 35.91
N ASP D 586 23.35 7.15 37.13
CA ASP D 586 22.48 6.00 37.38
C ASP D 586 21.11 6.13 36.72
N PHE D 587 20.47 7.30 36.80
CA PHE D 587 19.18 7.45 36.17
C PHE D 587 19.27 7.73 34.68
N ILE D 588 20.38 8.33 34.23
CA ILE D 588 20.60 8.49 32.80
C ILE D 588 20.74 7.12 32.13
N SER D 589 21.39 6.18 32.81
CA SER D 589 21.52 4.83 32.27
C SER D 589 20.18 4.14 32.07
N GLU D 590 19.13 4.60 32.73
CA GLU D 590 17.81 3.98 32.63
C GLU D 590 16.88 4.70 31.66
N LEU D 591 17.36 5.71 30.94
CA LEU D 591 16.51 6.48 30.06
C LEU D 591 16.37 5.79 28.71
N ARG D 592 15.56 6.40 27.83
CA ARG D 592 15.29 5.83 26.52
C ARG D 592 16.49 5.95 25.59
N GLU D 593 17.20 7.07 25.62
CA GLU D 593 18.35 7.28 24.74
C GLU D 593 19.65 7.54 25.50
N GLY D 594 19.66 7.36 26.82
CA GLY D 594 20.89 7.60 27.56
C GLY D 594 21.26 9.07 27.56
N TYR D 595 22.51 9.35 27.23
CA TYR D 595 23.00 10.73 27.20
C TYR D 595 22.48 11.52 26.02
N ASN D 596 21.82 10.87 25.06
CA ASN D 596 21.24 11.54 23.90
C ASN D 596 19.77 11.87 24.10
N THR D 597 19.21 11.60 25.27
CA THR D 597 17.81 11.89 25.52
C THR D 597 17.57 13.39 25.52
N ILE D 598 16.57 13.84 24.77
CA ILE D 598 16.22 15.25 24.75
C ILE D 598 15.45 15.57 26.03
N VAL D 599 15.92 16.56 26.78
CA VAL D 599 15.28 16.91 28.05
C VAL D 599 13.90 17.52 27.85
N GLY D 600 13.62 18.06 26.68
CA GLY D 600 12.32 18.65 26.40
C GLY D 600 12.33 20.16 26.55
N GLU D 601 11.12 20.71 26.67
CA GLU D 601 10.93 22.15 26.78
C GLU D 601 11.39 22.60 28.16
N GLN D 602 12.65 23.05 28.24
CA GLN D 602 13.32 23.44 29.47
C GLN D 602 13.34 22.33 30.52
N GLY D 603 13.16 21.08 30.10
CA GLY D 603 13.09 19.96 31.01
C GLY D 603 11.67 19.50 31.24
N ALA D 604 11.25 18.44 30.54
CA ALA D 604 9.90 17.93 30.69
C ALA D 604 9.91 16.41 30.90
N GLY D 605 10.88 15.73 30.30
CA GLY D 605 10.99 14.29 30.46
C GLY D 605 11.55 13.83 31.78
N LEU D 606 12.24 14.70 32.50
CA LEU D 606 12.84 14.38 33.79
C LEU D 606 12.10 15.09 34.91
N SER D 607 12.27 14.57 36.12
CA SER D 607 11.66 15.15 37.30
C SER D 607 12.50 16.35 37.77
N GLY D 608 12.07 16.99 38.85
CA GLY D 608 12.82 18.14 39.36
C GLY D 608 14.18 17.76 39.88
N GLY D 609 14.26 16.67 40.65
CA GLY D 609 15.53 16.23 41.18
C GLY D 609 16.51 15.79 40.11
N GLN D 610 16.01 15.13 39.06
CA GLN D 610 16.87 14.73 37.97
C GLN D 610 17.44 15.94 37.24
N ARG D 611 16.61 16.95 36.99
CA ARG D 611 17.11 18.17 36.36
C ARG D 611 18.11 18.88 37.26
N GLN D 612 17.87 18.87 38.57
CA GLN D 612 18.82 19.47 39.50
C GLN D 612 20.17 18.76 39.46
N ARG D 613 20.15 17.42 39.39
CA ARG D 613 21.39 16.67 39.29
C ARG D 613 22.10 16.93 37.96
N ILE D 614 21.34 17.07 36.88
CA ILE D 614 21.94 17.43 35.59
C ILE D 614 22.60 18.80 35.69
N ALA D 615 21.95 19.75 36.37
CA ALA D 615 22.52 21.07 36.54
C ALA D 615 23.80 21.04 37.37
N ILE D 616 23.82 20.20 38.42
CA ILE D 616 25.03 20.05 39.22
C ILE D 616 26.15 19.47 38.36
N ALA D 617 25.84 18.48 37.54
CA ALA D 617 26.84 17.92 36.64
C ALA D 617 27.36 18.96 35.67
N ARG D 618 26.48 19.80 35.14
CA ARG D 618 26.91 20.88 34.25
C ARG D 618 27.81 21.86 34.97
N ALA D 619 27.50 22.19 36.23
CA ALA D 619 28.35 23.07 36.99
C ALA D 619 29.70 22.45 37.34
N LEU D 620 29.77 21.13 37.45
CA LEU D 620 31.02 20.44 37.79
C LEU D 620 31.73 19.88 36.56
N VAL D 621 31.27 20.19 35.36
CA VAL D 621 31.83 19.56 34.17
C VAL D 621 33.27 20.00 33.95
N ASN D 622 33.57 21.27 34.23
CA ASN D 622 34.93 21.78 34.23
C ASN D 622 35.57 21.47 35.58
N ASN D 623 36.69 22.12 35.87
CA ASN D 623 37.29 22.02 37.19
C ASN D 623 37.24 23.36 37.90
N PRO D 624 36.07 23.79 38.39
CA PRO D 624 35.99 25.09 39.06
C PRO D 624 36.57 25.01 40.46
N LYS D 625 37.46 25.95 40.79
CA LYS D 625 37.98 26.05 42.14
C LYS D 625 37.02 26.70 43.11
N ILE D 626 35.97 27.34 42.61
CA ILE D 626 34.93 27.96 43.43
C ILE D 626 33.59 27.39 42.99
N LEU D 627 32.82 26.88 43.94
CA LEU D 627 31.52 26.29 43.67
C LEU D 627 30.52 26.82 44.69
N ILE D 628 29.34 27.20 44.22
CA ILE D 628 28.31 27.81 45.05
C ILE D 628 27.02 27.01 44.93
N PHE D 629 26.40 26.71 46.08
CA PHE D 629 25.12 26.02 46.15
C PHE D 629 24.09 26.99 46.71
N ASP D 630 23.47 27.77 45.81
CA ASP D 630 22.53 28.82 46.22
C ASP D 630 21.15 28.21 46.38
N GLU D 631 20.93 27.60 47.55
CA GLU D 631 19.73 26.81 47.84
C GLU D 631 19.46 25.79 46.74
N ALA D 632 20.51 25.07 46.33
CA ALA D 632 20.37 24.02 45.33
C ALA D 632 19.73 22.76 45.90
N THR D 633 19.99 22.44 47.17
CA THR D 633 19.44 21.25 47.81
C THR D 633 18.23 21.55 48.66
N SER D 634 17.41 22.52 48.25
CA SER D 634 16.27 22.98 49.05
C SER D 634 14.94 22.49 48.49
N ALA D 635 14.68 22.73 47.20
CA ALA D 635 13.37 22.55 46.62
C ALA D 635 13.27 21.28 45.77
N LEU D 636 13.90 20.19 46.22
CA LEU D 636 13.81 18.91 45.54
C LEU D 636 13.40 17.83 46.53
N ASP D 637 13.02 16.69 46.00
CA ASP D 637 12.40 15.62 46.78
C ASP D 637 13.46 14.65 47.34
N TYR D 638 12.97 13.66 48.09
CA TYR D 638 13.83 12.60 48.58
C TYR D 638 14.26 11.70 47.41
N GLU D 639 15.29 10.89 47.67
CA GLU D 639 15.89 10.00 46.68
C GLU D 639 16.61 10.80 45.59
N SER D 640 16.56 12.13 45.69
CA SER D 640 17.35 13.03 44.87
C SER D 640 18.23 13.93 45.72
N GLU D 641 17.70 14.45 46.83
CA GLU D 641 18.53 15.16 47.79
C GLU D 641 19.48 14.20 48.48
N HIS D 642 19.04 12.96 48.70
CA HIS D 642 19.88 11.97 49.38
C HIS D 642 21.16 11.71 48.60
N ILE D 643 21.05 11.50 47.29
CA ILE D 643 22.22 11.21 46.47
C ILE D 643 23.16 12.41 46.45
N ILE D 644 22.61 13.62 46.32
CA ILE D 644 23.45 14.82 46.28
C ILE D 644 24.20 14.98 47.60
N MET D 645 23.51 14.84 48.72
CA MET D 645 24.17 14.99 50.01
C MET D 645 25.13 13.85 50.31
N ARG D 646 24.92 12.67 49.72
CA ARG D 646 25.86 11.57 49.90
C ARG D 646 27.11 11.76 49.06
N ASN D 647 26.98 12.31 47.85
CA ASN D 647 28.12 12.59 46.99
C ASN D 647 28.79 13.91 47.30
N MET D 648 28.21 14.71 48.20
CA MET D 648 28.79 16.00 48.56
C MET D 648 30.21 15.84 49.10
N HIS D 649 30.52 14.69 49.71
CA HIS D 649 31.86 14.51 50.25
C HIS D 649 32.92 14.45 49.15
N LYS D 650 32.59 13.86 48.01
CA LYS D 650 33.53 13.79 46.90
C LYS D 650 33.37 14.93 45.89
N ILE D 651 32.25 15.66 45.96
CA ILE D 651 32.08 16.82 45.09
C ILE D 651 33.05 17.92 45.49
N CYS D 652 33.25 18.12 46.80
CA CYS D 652 34.04 19.21 47.33
C CYS D 652 35.52 18.86 47.50
N LYS D 653 36.03 17.91 46.74
CA LYS D 653 37.43 17.50 46.84
C LYS D 653 38.27 18.39 45.93
N GLY D 654 39.03 19.30 46.53
CA GLY D 654 39.86 20.20 45.77
C GLY D 654 39.16 21.46 45.30
N ARG D 655 38.02 21.81 45.88
CA ARG D 655 37.28 23.00 45.49
C ARG D 655 36.89 23.78 46.73
N THR D 656 36.78 25.10 46.55
CA THR D 656 36.21 25.97 47.59
C THR D 656 34.71 26.04 47.35
N VAL D 657 33.94 25.42 48.23
CA VAL D 657 32.50 25.28 48.06
C VAL D 657 31.78 26.12 49.11
N ILE D 658 30.81 26.91 48.65
CA ILE D 658 29.97 27.72 49.52
C ILE D 658 28.56 27.16 49.43
N ILE D 659 28.00 26.78 50.58
CA ILE D 659 26.67 26.18 50.62
C ILE D 659 25.70 27.11 51.34
N ILE D 660 24.90 27.85 50.57
CA ILE D 660 23.88 28.71 51.14
C ILE D 660 22.56 27.96 51.13
N ALA D 661 22.02 27.69 52.32
CA ALA D 661 20.79 26.91 52.43
C ALA D 661 20.00 27.40 53.64
N HIS D 662 18.67 27.38 53.51
CA HIS D 662 17.79 27.75 54.60
C HIS D 662 17.74 26.67 55.68
N ARG D 663 17.67 25.40 55.27
CA ARG D 663 17.71 24.31 56.23
C ARG D 663 19.08 24.20 56.86
N LEU D 664 19.11 23.92 58.16
CA LEU D 664 20.36 23.83 58.92
C LEU D 664 20.94 22.44 58.92
N SER D 665 20.29 21.48 58.27
CA SER D 665 20.79 20.10 58.23
C SER D 665 21.79 19.87 57.11
N THR D 666 21.65 20.60 56.00
CA THR D 666 22.54 20.41 54.85
C THR D 666 23.96 20.90 55.13
N VAL D 667 24.14 21.82 56.06
CA VAL D 667 25.45 22.41 56.35
C VAL D 667 26.06 21.82 57.61
N LYS D 668 25.63 20.63 58.02
CA LYS D 668 26.15 20.01 59.23
C LYS D 668 27.64 19.69 59.10
N ASN D 669 28.05 19.21 57.93
CA ASN D 669 29.44 18.79 57.71
C ASN D 669 30.32 19.93 57.21
N ALA D 670 29.84 21.17 57.24
CA ALA D 670 30.63 22.28 56.77
C ALA D 670 31.80 22.55 57.71
N ASP D 671 32.90 23.07 57.14
CA ASP D 671 34.07 23.37 57.94
C ASP D 671 33.88 24.64 58.77
N ARG D 672 33.05 25.57 58.28
CA ARG D 672 32.80 26.83 59.00
C ARG D 672 31.35 27.24 58.73
N ILE D 673 30.46 26.88 59.64
CA ILE D 673 29.08 27.32 59.54
C ILE D 673 28.98 28.76 60.03
N ILE D 674 28.41 29.63 59.20
CA ILE D 674 28.29 31.05 59.50
C ILE D 674 26.82 31.42 59.55
N VAL D 675 26.40 32.01 60.66
CA VAL D 675 25.05 32.54 60.84
C VAL D 675 25.12 34.06 60.69
N MET D 676 24.21 34.61 59.89
CA MET D 676 24.18 36.04 59.65
C MET D 676 22.75 36.54 59.71
N GLU D 677 22.56 37.69 60.34
CA GLU D 677 21.25 38.31 60.47
C GLU D 677 21.36 39.78 60.12
N LYS D 678 20.47 40.23 59.22
CA LYS D 678 20.44 41.62 58.77
C LYS D 678 21.80 42.07 58.22
N GLY D 679 22.47 41.16 57.50
CA GLY D 679 23.76 41.47 56.92
C GLY D 679 24.89 41.60 57.90
N LYS D 680 24.79 40.98 59.08
CA LYS D 680 25.83 41.03 60.09
C LYS D 680 26.23 39.61 60.46
N ILE D 681 27.53 39.32 60.40
CA ILE D 681 28.04 38.00 60.79
C ILE D 681 28.05 37.93 62.31
N VAL D 682 27.00 37.38 62.89
CA VAL D 682 26.91 37.31 64.35
C VAL D 682 27.89 36.30 64.94
N GLU D 683 28.08 35.16 64.29
CA GLU D 683 28.92 34.10 64.85
C GLU D 683 29.30 33.13 63.75
N GLN D 684 30.39 32.41 63.98
CA GLN D 684 30.89 31.43 63.02
C GLN D 684 31.68 30.36 63.75
N GLY D 685 31.61 29.13 63.25
CA GLY D 685 32.32 28.03 63.87
C GLY D 685 31.79 26.70 63.34
N LYS D 686 32.27 25.63 63.97
CA LYS D 686 31.85 24.29 63.60
C LYS D 686 30.42 24.04 64.09
N HIS D 687 29.88 22.89 63.72
CA HIS D 687 28.53 22.54 64.13
C HIS D 687 28.46 22.31 65.64
N LYS D 688 29.36 21.48 66.17
CA LYS D 688 29.36 21.21 67.61
C LYS D 688 29.73 22.45 68.41
N GLU D 689 30.70 23.23 67.92
CA GLU D 689 31.10 24.44 68.62
C GLU D 689 29.95 25.44 68.72
N LEU D 690 29.19 25.62 67.65
CA LEU D 690 28.09 26.57 67.64
C LEU D 690 26.87 26.06 68.40
N LEU D 691 26.56 24.76 68.27
CA LEU D 691 25.37 24.20 68.90
C LEU D 691 25.55 24.02 70.41
N SER D 692 26.79 23.85 70.89
CA SER D 692 27.00 23.63 72.32
C SER D 692 26.62 24.86 73.14
N GLU D 693 26.65 26.05 72.53
CA GLU D 693 26.28 27.27 73.23
C GLU D 693 24.78 27.52 73.07
N PRO D 694 24.00 27.48 74.15
CA PRO D 694 22.54 27.60 74.02
C PRO D 694 22.07 28.98 73.57
N GLU D 695 22.81 30.05 73.88
CA GLU D 695 22.36 31.39 73.54
C GLU D 695 22.61 31.76 72.09
N SER D 696 23.31 30.92 71.34
CA SER D 696 23.61 31.21 69.95
C SER D 696 22.35 31.18 69.10
N LEU D 697 22.30 32.05 68.09
CA LEU D 697 21.19 32.05 67.15
C LEU D 697 21.14 30.76 66.35
N TYR D 698 22.30 30.10 66.19
CA TYR D 698 22.34 28.82 65.48
C TYR D 698 21.48 27.78 66.19
N SER D 699 21.59 27.70 67.52
CA SER D 699 20.78 26.75 68.27
C SER D 699 19.29 27.09 68.20
N TYR D 700 18.95 28.38 68.25
CA TYR D 700 17.55 28.77 68.13
C TYR D 700 16.98 28.37 66.77
N LEU D 701 17.73 28.63 65.69
CA LEU D 701 17.29 28.21 64.37
C LEU D 701 17.21 26.70 64.24
N TYR D 702 18.16 25.96 64.83
CA TYR D 702 18.10 24.51 64.79
C TYR D 702 16.85 23.99 65.50
N GLN D 703 16.52 24.59 66.65
CA GLN D 703 15.31 24.20 67.37
C GLN D 703 14.07 24.49 66.54
N LEU D 704 14.04 25.64 65.86
CA LEU D 704 12.91 25.96 65.00
C LEU D 704 12.78 24.97 63.85
N GLN D 705 13.92 24.58 63.25
CA GLN D 705 13.89 23.67 62.11
C GLN D 705 13.35 22.30 62.51
N SER D 706 13.79 21.79 63.66
CA SER D 706 13.38 20.47 64.10
C SER D 706 11.99 20.51 64.73
N ILE E 7 -8.38 -54.52 2.82
CA ILE E 7 -7.15 -53.76 2.71
C ILE E 7 -7.13 -52.95 1.42
N ASP E 8 -6.55 -51.75 1.48
CA ASP E 8 -6.49 -50.86 0.34
C ASP E 8 -5.12 -50.98 -0.32
N TYR E 9 -5.09 -51.39 -1.59
CA TYR E 9 -3.83 -51.54 -2.29
C TYR E 9 -3.36 -50.25 -2.94
N GLY E 10 -4.29 -49.35 -3.28
CA GLY E 10 -3.89 -48.07 -3.84
C GLY E 10 -3.09 -47.24 -2.86
N LEU E 11 -3.47 -47.27 -1.58
CA LEU E 11 -2.72 -46.53 -0.56
C LEU E 11 -1.30 -47.06 -0.41
N TYR E 12 -1.15 -48.39 -0.37
CA TYR E 12 0.18 -48.98 -0.24
C TYR E 12 1.02 -48.70 -1.48
N ALA E 13 0.42 -48.78 -2.67
CA ALA E 13 1.15 -48.47 -3.89
C ALA E 13 1.59 -47.02 -3.91
N LEU E 14 0.71 -46.10 -3.48
CA LEU E 14 1.09 -44.69 -3.44
C LEU E 14 2.23 -44.46 -2.44
N GLU E 15 2.18 -45.14 -1.30
CA GLU E 15 3.25 -45.02 -0.33
C GLU E 15 4.58 -45.49 -0.91
N ILE E 16 4.56 -46.64 -1.60
CA ILE E 16 5.79 -47.17 -2.19
C ILE E 16 6.33 -46.23 -3.27
N LEU E 17 5.44 -45.74 -4.13
CA LEU E 17 5.87 -44.88 -5.22
C LEU E 17 6.39 -43.54 -4.71
N ALA E 18 5.78 -43.00 -3.64
CA ALA E 18 6.30 -41.79 -3.05
C ALA E 18 7.64 -42.02 -2.36
N GLN E 19 7.83 -43.20 -1.77
CA GLN E 19 9.13 -43.53 -1.18
C GLN E 19 10.20 -43.62 -2.26
N TYR E 20 9.87 -44.18 -3.42
CA TYR E 20 10.85 -44.27 -4.50
C TYR E 20 11.27 -42.89 -4.98
N HIS E 21 10.32 -41.95 -5.07
CA HIS E 21 10.60 -40.59 -5.52
C HIS E 21 11.00 -39.67 -4.39
N ASN E 22 11.54 -40.22 -3.29
CA ASN E 22 12.07 -39.44 -2.17
C ASN E 22 11.02 -38.52 -1.56
N VAL E 23 9.82 -39.06 -1.35
CA VAL E 23 8.75 -38.34 -0.65
C VAL E 23 8.27 -39.21 0.50
N SER E 24 8.23 -38.62 1.70
CA SER E 24 7.75 -39.34 2.88
C SER E 24 6.26 -39.12 3.04
N VAL E 25 5.53 -40.22 3.22
CA VAL E 25 4.07 -40.17 3.27
C VAL E 25 3.55 -41.00 4.43
N ASN E 26 2.59 -40.43 5.18
CA ASN E 26 1.90 -41.17 6.23
C ASN E 26 0.60 -41.70 5.65
N PRO E 27 0.41 -43.02 5.54
CA PRO E 27 -0.82 -43.53 4.92
C PRO E 27 -2.09 -43.12 5.65
N GLU E 28 -2.05 -42.99 6.97
CA GLU E 28 -3.24 -42.58 7.71
C GLU E 28 -3.68 -41.18 7.35
N GLU E 29 -2.73 -40.25 7.21
CA GLU E 29 -3.09 -38.88 6.85
C GLU E 29 -3.71 -38.81 5.46
N ILE E 30 -3.17 -39.55 4.50
CA ILE E 30 -3.75 -39.59 3.17
C ILE E 30 -5.14 -40.21 3.19
N LYS E 31 -5.29 -41.30 3.94
CA LYS E 31 -6.61 -41.94 4.06
C LYS E 31 -7.62 -41.02 4.72
N HIS E 32 -7.17 -40.15 5.63
CA HIS E 32 -8.10 -39.27 6.31
C HIS E 32 -8.72 -38.26 5.35
N ARG E 33 -7.89 -37.58 4.55
CA ARG E 33 -8.36 -36.46 3.75
C ARG E 33 -8.69 -36.83 2.31
N PHE E 34 -8.36 -38.03 1.85
CA PHE E 34 -8.65 -38.43 0.48
C PHE E 34 -9.44 -39.72 0.37
N ASP E 35 -9.91 -40.27 1.48
CA ASP E 35 -10.75 -41.46 1.46
C ASP E 35 -12.03 -41.20 2.24
N THR E 36 -12.69 -40.09 1.91
CA THR E 36 -13.89 -39.66 2.64
C THR E 36 -14.90 -40.80 2.79
N ASP E 37 -15.38 -41.33 1.66
CA ASP E 37 -16.21 -42.52 1.69
C ASP E 37 -15.31 -43.73 1.89
N GLY E 38 -15.54 -44.46 2.97
CA GLY E 38 -14.61 -45.50 3.37
C GLY E 38 -14.57 -46.67 2.40
N THR E 39 -13.60 -47.56 2.66
CA THR E 39 -13.42 -48.80 1.91
C THR E 39 -13.18 -48.52 0.42
N GLY E 40 -12.03 -47.89 0.17
CA GLY E 40 -11.58 -47.71 -1.20
C GLY E 40 -11.21 -46.29 -1.56
N LEU E 41 -10.00 -46.11 -2.10
CA LEU E 41 -9.57 -44.77 -2.53
C LEU E 41 -10.31 -44.35 -3.80
N GLY E 42 -10.14 -45.10 -4.87
CA GLY E 42 -10.68 -44.70 -6.16
C GLY E 42 -9.68 -43.92 -6.99
N LEU E 43 -9.88 -43.96 -8.30
CA LEU E 43 -8.89 -43.40 -9.22
C LEU E 43 -8.74 -41.89 -9.03
N THR E 44 -9.86 -41.16 -8.99
CA THR E 44 -9.79 -39.71 -8.89
C THR E 44 -9.13 -39.28 -7.59
N SER E 45 -9.54 -39.87 -6.47
CA SER E 45 -8.94 -39.51 -5.19
C SER E 45 -7.50 -39.98 -5.09
N TRP E 46 -7.17 -41.11 -5.73
CA TRP E 46 -5.77 -41.54 -5.77
C TRP E 46 -4.90 -40.53 -6.50
N LEU E 47 -5.38 -40.04 -7.65
CA LEU E 47 -4.63 -39.03 -8.39
C LEU E 47 -4.51 -37.73 -7.60
N LEU E 48 -5.59 -37.33 -6.92
CA LEU E 48 -5.52 -36.12 -6.09
C LEU E 48 -4.53 -36.28 -4.95
N ALA E 49 -4.52 -37.45 -4.29
CA ALA E 49 -3.58 -37.70 -3.22
C ALA E 49 -2.15 -37.71 -3.72
N ALA E 50 -1.91 -38.31 -4.89
CA ALA E 50 -0.57 -38.30 -5.46
C ALA E 50 -0.13 -36.88 -5.79
N LYS E 51 -1.02 -36.07 -6.35
CA LYS E 51 -0.70 -34.67 -6.62
C LYS E 51 -0.50 -33.88 -5.33
N SER E 52 -1.09 -34.32 -4.22
CA SER E 52 -0.88 -33.63 -2.94
C SER E 52 0.58 -33.72 -2.50
N LEU E 53 1.27 -34.80 -2.83
CA LEU E 53 2.66 -35.00 -2.47
C LEU E 53 3.62 -34.34 -3.45
N GLU E 54 3.12 -33.49 -4.33
CA GLU E 54 3.93 -32.74 -5.31
C GLU E 54 4.69 -33.69 -6.24
N LEU E 55 3.94 -34.63 -6.81
CA LEU E 55 4.44 -35.48 -7.88
C LEU E 55 3.34 -35.66 -8.90
N LYS E 56 3.68 -35.51 -10.18
CA LYS E 56 2.68 -35.50 -11.23
C LYS E 56 2.38 -36.92 -11.70
N VAL E 57 1.09 -37.21 -11.88
CA VAL E 57 0.61 -38.53 -12.30
C VAL E 57 -0.42 -38.34 -13.40
N LYS E 58 -0.66 -39.42 -14.13
CA LYS E 58 -1.64 -39.40 -15.22
C LYS E 58 -2.00 -40.84 -15.59
N GLN E 59 -3.28 -41.16 -15.54
CA GLN E 59 -3.73 -42.48 -15.97
C GLN E 59 -3.88 -42.49 -17.49
N VAL E 60 -3.13 -43.37 -18.15
CA VAL E 60 -2.93 -43.30 -19.59
C VAL E 60 -3.24 -44.66 -20.21
N LYS E 61 -3.56 -44.63 -21.50
CA LYS E 61 -3.84 -45.83 -22.30
C LYS E 61 -2.55 -46.29 -22.94
N LYS E 62 -2.06 -47.45 -22.51
CA LYS E 62 -0.84 -48.02 -23.07
C LYS E 62 -1.06 -49.50 -23.38
N THR E 63 -0.68 -49.90 -24.59
CA THR E 63 -0.70 -51.31 -24.96
C THR E 63 0.52 -52.02 -24.37
N ILE E 64 0.48 -53.35 -24.41
CA ILE E 64 1.59 -54.13 -23.86
C ILE E 64 2.87 -53.96 -24.66
N ASP E 65 2.78 -53.64 -25.95
CA ASP E 65 3.98 -53.43 -26.75
C ASP E 65 4.65 -52.09 -26.49
N ARG E 66 3.95 -51.14 -25.89
CA ARG E 66 4.50 -49.81 -25.60
C ARG E 66 5.04 -49.70 -24.18
N LEU E 67 5.02 -50.78 -23.39
CA LEU E 67 5.53 -50.70 -22.02
C LEU E 67 7.04 -50.64 -21.96
N ASN E 68 7.74 -50.87 -23.08
CA ASN E 68 9.19 -50.81 -23.10
C ASN E 68 9.73 -49.38 -23.18
N PHE E 69 8.88 -48.41 -23.51
CA PHE E 69 9.31 -47.03 -23.66
C PHE E 69 8.91 -46.13 -22.50
N ILE E 70 7.92 -46.53 -21.71
CA ILE E 70 7.51 -45.72 -20.57
C ILE E 70 8.56 -45.81 -19.47
N SER E 71 8.66 -44.76 -18.67
CA SER E 71 9.55 -44.77 -17.53
C SER E 71 8.92 -45.53 -16.37
N LEU E 72 9.74 -46.30 -15.66
CA LEU E 72 9.28 -47.14 -14.58
C LEU E 72 9.88 -46.67 -13.27
N PRO E 73 9.25 -46.94 -12.11
CA PRO E 73 8.05 -47.76 -11.90
C PRO E 73 6.74 -47.07 -12.25
N ALA E 74 5.76 -47.86 -12.66
CA ALA E 74 4.42 -47.39 -12.99
C ALA E 74 3.39 -48.31 -12.36
N LEU E 75 2.31 -47.72 -11.85
CA LEU E 75 1.25 -48.49 -11.22
C LEU E 75 0.26 -48.98 -12.27
N VAL E 76 -0.07 -50.27 -12.24
CA VAL E 76 -1.05 -50.84 -13.14
C VAL E 76 -2.39 -50.85 -12.40
N TRP E 77 -3.32 -50.03 -12.87
CA TRP E 77 -4.61 -49.86 -12.21
C TRP E 77 -5.58 -50.90 -12.74
N ARG E 78 -5.99 -51.83 -11.89
CA ARG E 78 -6.97 -52.85 -12.25
C ARG E 78 -8.32 -52.53 -11.63
N GLU E 79 -9.37 -52.76 -12.40
CA GLU E 79 -10.73 -52.49 -11.94
C GLU E 79 -11.15 -53.38 -10.78
N ASP E 80 -10.53 -54.56 -10.64
CA ASP E 80 -10.85 -55.43 -9.52
C ASP E 80 -10.35 -54.87 -8.20
N GLY E 81 -9.45 -53.89 -8.22
CA GLY E 81 -8.86 -53.35 -7.02
C GLY E 81 -7.56 -54.02 -6.61
N ARG E 82 -7.09 -55.00 -7.36
CA ARG E 82 -5.84 -55.69 -7.05
C ARG E 82 -4.74 -55.12 -7.94
N HIS E 83 -4.20 -53.98 -7.51
CA HIS E 83 -3.18 -53.29 -8.29
C HIS E 83 -1.80 -53.90 -8.03
N PHE E 84 -0.86 -53.56 -8.91
CA PHE E 84 0.53 -53.97 -8.76
C PHE E 84 1.41 -52.97 -9.48
N ILE E 85 2.70 -52.98 -9.12
CA ILE E 85 3.67 -52.02 -9.64
C ILE E 85 4.60 -52.74 -10.61
N LEU E 86 4.79 -52.14 -11.78
CA LEU E 86 5.64 -52.72 -12.82
C LEU E 86 7.00 -52.06 -12.80
N THR E 87 8.05 -52.89 -12.77
CA THR E 87 9.43 -52.41 -12.73
C THR E 87 10.30 -53.26 -13.64
N LYS E 88 11.22 -52.61 -14.34
CA LYS E 88 12.27 -53.29 -15.11
C LYS E 88 11.67 -54.27 -16.12
N VAL E 89 10.99 -53.71 -17.13
CA VAL E 89 10.54 -54.52 -18.25
C VAL E 89 11.74 -54.91 -19.10
N SER E 90 11.87 -56.21 -19.37
CA SER E 90 13.02 -56.74 -20.11
C SER E 90 12.51 -57.60 -21.26
N LYS E 91 12.96 -57.28 -22.48
CA LYS E 91 12.65 -58.11 -23.63
C LYS E 91 13.70 -59.18 -23.89
N GLU E 92 14.73 -59.27 -23.05
CA GLU E 92 15.73 -60.33 -23.20
C GLU E 92 15.09 -61.70 -23.04
N ALA E 93 14.24 -61.85 -22.02
CA ALA E 93 13.51 -63.09 -21.78
C ALA E 93 12.01 -62.88 -21.77
N ASN E 94 11.53 -61.70 -22.16
CA ASN E 94 10.10 -61.36 -22.17
C ASN E 94 9.47 -61.58 -20.79
N ARG E 95 10.20 -61.15 -19.76
CA ARG E 95 9.73 -61.24 -18.38
C ARG E 95 9.55 -59.86 -17.78
N TYR E 96 8.66 -59.77 -16.81
CA TYR E 96 8.30 -58.50 -16.17
C TYR E 96 8.49 -58.62 -14.66
N LEU E 97 9.45 -57.88 -14.12
CA LEU E 97 9.59 -57.77 -12.68
C LEU E 97 8.45 -56.91 -12.13
N ILE E 98 7.83 -57.39 -11.05
CA ILE E 98 6.65 -56.72 -10.50
C ILE E 98 6.71 -56.77 -8.98
N PHE E 99 6.40 -55.64 -8.35
CA PHE E 99 6.24 -55.55 -6.90
C PHE E 99 4.77 -55.83 -6.58
N ASP E 100 4.49 -57.01 -6.06
CA ASP E 100 3.12 -57.39 -5.74
C ASP E 100 2.70 -56.71 -4.45
N LEU E 101 1.61 -55.94 -4.51
CA LEU E 101 1.12 -55.26 -3.31
C LEU E 101 0.62 -56.26 -2.28
N GLU E 102 -0.26 -57.17 -2.69
CA GLU E 102 -0.54 -58.34 -1.88
C GLU E 102 0.63 -59.31 -2.01
N GLN E 103 0.99 -59.94 -0.89
CA GLN E 103 2.23 -60.71 -0.81
C GLN E 103 3.43 -59.81 -1.14
N ARG E 104 3.64 -58.86 -0.22
CA ARG E 104 4.45 -57.67 -0.42
C ARG E 104 5.77 -57.88 -1.14
N ASN E 105 6.36 -59.06 -1.04
CA ASN E 105 7.64 -59.30 -1.68
C ASN E 105 7.52 -59.23 -3.20
N PRO E 106 8.57 -58.78 -3.89
CA PRO E 106 8.53 -58.74 -5.36
C PRO E 106 8.58 -60.13 -5.95
N ARG E 107 8.14 -60.23 -7.21
CA ARG E 107 8.17 -61.50 -7.91
C ARG E 107 8.20 -61.25 -9.41
N VAL E 108 8.86 -62.16 -10.13
CA VAL E 108 9.03 -62.07 -11.57
C VAL E 108 7.92 -62.86 -12.26
N LEU E 109 7.36 -62.29 -13.32
CA LEU E 109 6.33 -62.96 -14.10
C LEU E 109 6.71 -62.99 -15.57
N GLU E 110 6.26 -64.03 -16.26
CA GLU E 110 6.49 -64.17 -17.68
C GLU E 110 5.46 -63.36 -18.47
N GLN E 111 5.54 -63.44 -19.80
CA GLN E 111 4.65 -62.68 -20.65
C GLN E 111 3.22 -63.20 -20.61
N SER E 112 3.04 -64.53 -20.55
CA SER E 112 1.71 -65.10 -20.64
C SER E 112 0.82 -64.66 -19.47
N GLU E 113 1.35 -64.71 -18.26
CA GLU E 113 0.58 -64.32 -17.08
C GLU E 113 0.56 -62.81 -16.86
N PHE E 114 1.56 -62.08 -17.35
CA PHE E 114 1.44 -60.63 -17.39
C PHE E 114 0.29 -60.20 -18.28
N GLU E 115 0.12 -60.85 -19.43
CA GLU E 115 -1.02 -60.54 -20.29
C GLU E 115 -2.34 -60.80 -19.58
N ALA E 116 -2.41 -61.86 -18.77
CA ALA E 116 -3.62 -62.09 -17.98
C ALA E 116 -3.83 -61.00 -16.94
N LEU E 117 -2.75 -60.56 -16.28
CA LEU E 117 -2.88 -59.52 -15.26
C LEU E 117 -3.12 -58.15 -15.87
N TYR E 118 -2.41 -57.82 -16.94
CA TYR E 118 -2.52 -56.50 -17.54
C TYR E 118 -3.89 -56.31 -18.18
N GLN E 119 -4.42 -55.09 -18.06
CA GLN E 119 -5.74 -54.76 -18.58
C GLN E 119 -5.72 -53.50 -19.45
N GLY E 120 -4.55 -53.09 -19.94
CA GLY E 120 -4.47 -51.90 -20.74
C GLY E 120 -4.59 -50.60 -19.98
N HIS E 121 -4.37 -50.63 -18.67
CA HIS E 121 -4.45 -49.43 -17.85
C HIS E 121 -3.17 -49.30 -17.05
N ILE E 122 -2.53 -48.13 -17.09
CA ILE E 122 -1.31 -47.89 -16.34
C ILE E 122 -1.25 -46.42 -15.96
N ILE E 123 -0.58 -46.14 -14.85
CA ILE E 123 -0.44 -44.78 -14.32
C ILE E 123 1.03 -44.44 -14.28
N LEU E 124 1.39 -43.32 -14.89
CA LEU E 124 2.77 -42.86 -14.94
C LEU E 124 3.04 -41.85 -13.82
N ILE E 125 4.16 -42.04 -13.12
CA ILE E 125 4.48 -41.26 -11.93
C ILE E 125 5.83 -40.59 -12.15
N ALA E 126 5.91 -39.30 -11.81
CA ALA E 126 7.16 -38.57 -11.88
C ALA E 126 7.09 -37.38 -10.92
N SER E 127 8.26 -36.89 -10.54
CA SER E 127 8.40 -35.78 -9.60
C SER E 127 9.32 -34.72 -10.19
N ARG E 128 8.94 -33.45 -10.04
CA ARG E 128 9.69 -32.36 -10.66
C ARG E 128 9.65 -31.15 -9.74
N SER E 129 10.71 -30.97 -8.95
CA SER E 129 10.93 -29.78 -8.10
C SER E 129 9.71 -29.59 -7.21
N SER E 130 9.25 -28.37 -6.97
CA SER E 130 8.12 -28.07 -6.11
C SER E 130 7.66 -26.65 -6.42
N VAL E 131 6.70 -26.16 -5.63
CA VAL E 131 6.15 -24.83 -5.82
C VAL E 131 6.91 -23.85 -4.93
N THR E 132 7.46 -22.81 -5.53
CA THR E 132 8.19 -21.80 -4.78
C THR E 132 7.23 -21.02 -3.87
N GLY E 133 7.70 -20.70 -2.67
CA GLY E 133 6.86 -20.02 -1.70
C GLY E 133 6.52 -18.61 -2.17
N LYS E 134 5.30 -18.18 -1.88
CA LYS E 134 4.84 -16.85 -2.24
C LYS E 134 3.66 -16.48 -1.35
N LEU E 135 3.39 -15.18 -1.27
CA LEU E 135 2.28 -14.64 -0.49
C LEU E 135 1.31 -13.96 -1.45
N ALA E 136 0.35 -14.73 -1.97
CA ALA E 136 -0.60 -14.23 -2.96
C ALA E 136 -1.93 -13.95 -2.28
N LYS E 137 -2.11 -12.70 -1.87
CA LYS E 137 -3.38 -12.27 -1.30
C LYS E 137 -4.46 -12.30 -2.36
N PHE E 138 -5.69 -12.62 -1.96
CA PHE E 138 -6.78 -12.72 -2.91
C PHE E 138 -7.18 -11.34 -3.43
N ASP E 139 -7.28 -11.22 -4.75
CA ASP E 139 -7.69 -10.00 -5.42
C ASP E 139 -8.03 -10.34 -6.86
N PHE E 140 -8.21 -9.31 -7.67
CA PHE E 140 -8.54 -9.49 -9.08
C PHE E 140 -7.43 -10.19 -9.84
N THR E 141 -6.20 -10.15 -9.30
CA THR E 141 -5.09 -10.83 -9.97
C THR E 141 -5.20 -12.34 -9.88
N TRP E 142 -6.07 -12.84 -9.00
CA TRP E 142 -6.30 -14.28 -8.92
C TRP E 142 -6.92 -14.84 -10.19
N PHE E 143 -7.61 -14.02 -10.97
CA PHE E 143 -8.27 -14.48 -12.18
C PHE E 143 -7.32 -14.61 -13.37
N ILE E 144 -6.13 -14.04 -13.29
CA ILE E 144 -5.14 -14.15 -14.37
C ILE E 144 -4.72 -15.61 -14.57
N PRO E 145 -4.31 -16.35 -13.53
CA PRO E 145 -4.00 -17.78 -13.76
C PRO E 145 -5.17 -18.59 -14.26
N ALA E 146 -6.40 -18.27 -13.84
CA ALA E 146 -7.57 -18.97 -14.36
C ALA E 146 -7.75 -18.70 -15.85
N ILE E 147 -7.52 -17.46 -16.28
CA ILE E 147 -7.59 -17.13 -17.70
C ILE E 147 -6.50 -17.87 -18.47
N ILE E 148 -5.30 -17.93 -17.90
CA ILE E 148 -4.20 -18.63 -18.55
C ILE E 148 -4.52 -20.12 -18.70
N LYS E 149 -5.11 -20.72 -17.67
CA LYS E 149 -5.45 -22.15 -17.74
C LYS E 149 -6.48 -22.42 -18.82
N TYR E 150 -7.53 -21.62 -18.89
CA TYR E 150 -8.57 -21.77 -19.90
C TYR E 150 -8.29 -20.90 -21.12
N ARG E 151 -7.09 -21.00 -21.67
CA ARG E 151 -6.66 -20.13 -22.76
C ARG E 151 -7.20 -20.54 -24.11
N LYS E 152 -7.40 -21.85 -24.35
CA LYS E 152 -7.92 -22.28 -25.64
C LYS E 152 -9.34 -21.78 -25.85
N ILE E 153 -10.18 -21.87 -24.82
CA ILE E 153 -11.55 -21.40 -24.92
C ILE E 153 -11.58 -19.90 -25.18
N PHE E 154 -10.74 -19.14 -24.49
CA PHE E 154 -10.75 -17.70 -24.66
C PHE E 154 -10.20 -17.27 -26.01
N ILE E 155 -9.22 -18.00 -26.55
CA ILE E 155 -8.78 -17.74 -27.92
C ILE E 155 -9.90 -18.03 -28.91
N GLU E 156 -10.63 -19.13 -28.71
CA GLU E 156 -11.80 -19.42 -29.53
C GLU E 156 -12.82 -18.30 -29.44
N THR E 157 -13.05 -17.79 -28.23
CA THR E 157 -14.00 -16.70 -28.03
C THR E 157 -13.57 -15.43 -28.75
N LEU E 158 -12.26 -15.13 -28.70
CA LEU E 158 -11.75 -13.96 -29.42
C LEU E 158 -11.95 -14.10 -30.91
N VAL E 159 -11.70 -15.30 -31.45
CA VAL E 159 -11.90 -15.52 -32.88
C VAL E 159 -13.36 -15.33 -33.25
N VAL E 160 -14.27 -15.90 -32.45
CA VAL E 160 -15.69 -15.75 -32.72
C VAL E 160 -16.11 -14.29 -32.60
N SER E 161 -15.52 -13.54 -31.67
CA SER E 161 -15.87 -12.14 -31.50
C SER E 161 -15.43 -11.31 -32.71
N VAL E 162 -14.21 -11.55 -33.20
CA VAL E 162 -13.77 -10.77 -34.37
C VAL E 162 -14.60 -11.15 -35.59
N PHE E 163 -15.00 -12.41 -35.72
CA PHE E 163 -15.85 -12.76 -36.86
C PHE E 163 -17.25 -12.16 -36.72
N LEU E 164 -17.76 -12.06 -35.50
CA LEU E 164 -19.05 -11.39 -35.29
C LEU E 164 -18.95 -9.91 -35.64
N GLN E 165 -17.84 -9.26 -35.27
CA GLN E 165 -17.64 -7.87 -35.63
C GLN E 165 -17.57 -7.70 -37.14
N LEU E 166 -16.90 -8.62 -37.84
CA LEU E 166 -16.90 -8.58 -39.30
C LEU E 166 -18.31 -8.76 -39.85
N PHE E 167 -19.10 -9.65 -39.24
CA PHE E 167 -20.48 -9.86 -39.68
C PHE E 167 -21.32 -8.60 -39.54
N ALA E 168 -21.17 -7.89 -38.41
CA ALA E 168 -21.97 -6.69 -38.19
C ALA E 168 -21.62 -5.58 -39.17
N LEU E 169 -20.46 -5.65 -39.81
CA LEU E 169 -20.04 -4.63 -40.76
C LEU E 169 -20.71 -4.79 -42.12
N ILE E 170 -21.21 -5.98 -42.43
CA ILE E 170 -21.75 -6.26 -43.77
C ILE E 170 -23.07 -5.53 -43.99
N THR E 171 -23.94 -5.52 -42.98
CA THR E 171 -25.29 -4.96 -43.17
C THR E 171 -25.28 -3.48 -43.56
N PRO E 172 -24.51 -2.59 -42.92
CA PRO E 172 -24.47 -1.21 -43.42
C PRO E 172 -23.97 -1.10 -44.84
N LEU E 173 -23.01 -1.93 -45.25
CA LEU E 173 -22.55 -1.91 -46.63
C LEU E 173 -23.66 -2.33 -47.58
N PHE E 174 -24.44 -3.34 -47.21
CA PHE E 174 -25.55 -3.77 -48.06
C PHE E 174 -26.62 -2.70 -48.16
N PHE E 175 -26.91 -2.02 -47.04
CA PHE E 175 -27.85 -0.90 -47.10
C PHE E 175 -27.33 0.20 -48.00
N GLN E 176 -26.05 0.47 -47.97
CA GLN E 176 -25.55 1.48 -48.83
C GLN E 176 -25.68 1.05 -50.25
N VAL E 177 -25.30 -0.15 -50.62
CA VAL E 177 -25.38 -0.51 -52.03
C VAL E 177 -26.83 -0.52 -52.50
N VAL E 178 -27.77 -0.94 -51.65
CA VAL E 178 -29.18 -0.90 -52.02
C VAL E 178 -29.59 0.54 -52.32
N MET E 179 -29.29 1.46 -51.40
CA MET E 179 -29.71 2.84 -51.58
C MET E 179 -29.03 3.49 -52.77
N ASP E 180 -27.75 3.19 -53.01
CA ASP E 180 -27.00 3.87 -54.05
C ASP E 180 -27.22 3.30 -55.43
N LYS E 181 -27.55 2.02 -55.57
CA LYS E 181 -27.69 1.39 -56.88
C LYS E 181 -29.09 0.89 -57.14
N VAL E 182 -29.70 0.18 -56.19
CA VAL E 182 -30.99 -0.45 -56.43
C VAL E 182 -32.07 0.59 -56.69
N LEU E 183 -32.12 1.64 -55.86
CA LEU E 183 -33.13 2.68 -56.05
C LEU E 183 -32.83 3.55 -57.27
N VAL E 184 -31.55 3.85 -57.52
CA VAL E 184 -31.20 4.78 -58.59
C VAL E 184 -31.43 4.16 -59.95
N HIS E 185 -30.87 2.97 -60.18
CA HIS E 185 -30.90 2.33 -61.48
C HIS E 185 -32.10 1.41 -61.67
N ARG E 186 -33.06 1.41 -60.74
CA ARG E 186 -34.20 0.51 -60.79
C ARG E 186 -33.74 -0.94 -60.88
N GLY E 187 -32.70 -1.25 -60.09
CA GLY E 187 -31.97 -2.49 -60.25
C GLY E 187 -32.50 -3.70 -59.52
N PHE E 188 -33.58 -4.30 -60.02
CA PHE E 188 -33.98 -5.62 -59.55
C PHE E 188 -32.93 -6.64 -60.00
N SER E 189 -33.05 -7.86 -59.45
CA SER E 189 -32.11 -8.96 -59.65
C SER E 189 -30.79 -8.67 -58.94
N THR E 190 -30.66 -7.47 -58.39
CA THR E 190 -29.60 -7.12 -57.45
C THR E 190 -30.12 -7.03 -56.03
N LEU E 191 -31.35 -6.55 -55.85
CA LEU E 191 -32.00 -6.55 -54.55
C LEU E 191 -32.17 -7.97 -54.02
N ASN E 192 -32.46 -8.92 -54.93
CA ASN E 192 -32.63 -10.31 -54.50
C ASN E 192 -31.33 -10.89 -53.96
N VAL E 193 -30.21 -10.61 -54.64
CA VAL E 193 -28.92 -11.11 -54.17
C VAL E 193 -28.57 -10.52 -52.81
N ILE E 194 -28.80 -9.21 -52.64
CA ILE E 194 -28.55 -8.57 -51.36
C ILE E 194 -29.43 -9.17 -50.27
N THR E 195 -30.70 -9.44 -50.59
CA THR E 195 -31.61 -10.03 -49.61
C THR E 195 -31.14 -11.41 -49.17
N VAL E 196 -30.74 -12.25 -50.12
CA VAL E 196 -30.29 -13.60 -49.78
C VAL E 196 -29.00 -13.53 -48.95
N ALA E 197 -28.06 -12.69 -49.36
CA ALA E 197 -26.81 -12.55 -48.62
C ALA E 197 -27.06 -12.03 -47.21
N LEU E 198 -27.98 -11.07 -47.07
CA LEU E 198 -28.31 -10.54 -45.76
C LEU E 198 -28.94 -11.61 -44.88
N SER E 199 -29.82 -12.44 -45.44
CA SER E 199 -30.42 -13.52 -44.66
C SER E 199 -29.36 -14.49 -44.17
N VAL E 200 -28.43 -14.86 -45.06
CA VAL E 200 -27.35 -15.76 -44.67
C VAL E 200 -26.50 -15.14 -43.56
N VAL E 201 -26.17 -13.85 -43.73
CA VAL E 201 -25.30 -13.18 -42.76
C VAL E 201 -25.96 -13.10 -41.39
N VAL E 202 -27.25 -12.74 -41.35
CA VAL E 202 -27.91 -12.61 -40.05
C VAL E 202 -28.08 -13.97 -39.38
N VAL E 203 -28.39 -15.01 -40.16
CA VAL E 203 -28.51 -16.34 -39.57
C VAL E 203 -27.18 -16.77 -38.97
N PHE E 204 -26.10 -16.58 -39.72
CA PHE E 204 -24.80 -17.02 -39.22
C PHE E 204 -24.34 -16.21 -38.03
N GLU E 205 -24.60 -14.90 -38.01
CA GLU E 205 -24.17 -14.10 -36.87
C GLU E 205 -24.98 -14.44 -35.63
N ILE E 206 -26.28 -14.75 -35.78
CA ILE E 206 -27.07 -15.18 -34.64
C ILE E 206 -26.53 -16.49 -34.08
N ILE E 207 -26.24 -17.45 -34.97
CA ILE E 207 -25.73 -18.74 -34.51
C ILE E 207 -24.40 -18.57 -33.81
N LEU E 208 -23.50 -17.75 -34.37
CA LEU E 208 -22.19 -17.57 -33.76
C LEU E 208 -22.28 -16.84 -32.42
N SER E 209 -23.17 -15.85 -32.30
CA SER E 209 -23.34 -15.19 -31.01
C SER E 209 -23.85 -16.17 -29.96
N GLY E 210 -24.81 -17.03 -30.33
CA GLY E 210 -25.27 -18.05 -29.40
C GLY E 210 -24.16 -18.99 -28.97
N LEU E 211 -23.35 -19.44 -29.93
CA LEU E 211 -22.25 -20.35 -29.59
C LEU E 211 -21.22 -19.67 -28.69
N ARG E 212 -20.89 -18.41 -28.98
CA ARG E 212 -19.93 -17.70 -28.14
C ARG E 212 -20.44 -17.57 -26.71
N THR E 213 -21.72 -17.22 -26.56
CA THR E 213 -22.28 -17.12 -25.22
C THR E 213 -22.24 -18.47 -24.51
N TYR E 214 -22.60 -19.54 -25.22
CA TYR E 214 -22.58 -20.88 -24.63
C TYR E 214 -21.20 -21.24 -24.12
N ILE E 215 -20.18 -21.11 -24.97
CA ILE E 215 -18.84 -21.55 -24.61
C ILE E 215 -18.27 -20.70 -23.47
N PHE E 216 -18.43 -19.38 -23.57
CA PHE E 216 -17.90 -18.50 -22.55
C PHE E 216 -18.58 -18.74 -21.20
N ALA E 217 -19.91 -18.94 -21.22
CA ALA E 217 -20.63 -19.22 -19.98
C ALA E 217 -20.16 -20.52 -19.35
N HIS E 218 -19.96 -21.56 -20.17
CA HIS E 218 -19.48 -22.83 -19.62
C HIS E 218 -18.14 -22.67 -18.94
N SER E 219 -17.19 -22.01 -19.61
CA SER E 219 -15.85 -21.88 -19.04
C SER E 219 -15.85 -21.01 -17.79
N THR E 220 -16.62 -19.91 -17.80
CA THR E 220 -16.69 -19.08 -16.61
C THR E 220 -17.37 -19.80 -15.45
N SER E 221 -18.35 -20.67 -15.75
CA SER E 221 -18.94 -21.48 -14.70
C SER E 221 -17.92 -22.44 -14.08
N ARG E 222 -17.06 -23.04 -14.91
CA ARG E 222 -16.02 -23.90 -14.36
C ARG E 222 -15.04 -23.11 -13.49
N ILE E 223 -14.67 -21.91 -13.93
CA ILE E 223 -13.78 -21.07 -13.13
C ILE E 223 -14.43 -20.74 -11.78
N ASP E 224 -15.72 -20.41 -11.80
CA ASP E 224 -16.42 -20.10 -10.55
C ASP E 224 -16.51 -21.33 -9.65
N VAL E 225 -16.67 -22.51 -10.23
CA VAL E 225 -16.65 -23.74 -9.42
C VAL E 225 -15.32 -23.89 -8.70
N GLU E 226 -14.22 -23.66 -9.44
CA GLU E 226 -12.90 -23.74 -8.81
C GLU E 226 -12.77 -22.73 -7.68
N LEU E 227 -13.23 -21.49 -7.92
CA LEU E 227 -13.14 -20.45 -6.90
C LEU E 227 -13.95 -20.82 -5.66
N GLY E 228 -15.15 -21.37 -5.86
CA GLY E 228 -15.97 -21.74 -4.72
C GLY E 228 -15.38 -22.88 -3.91
N ALA E 229 -14.81 -23.88 -4.60
CA ALA E 229 -14.15 -24.96 -3.89
C ALA E 229 -12.99 -24.44 -3.05
N LYS E 230 -12.18 -23.55 -3.64
CA LYS E 230 -11.07 -22.95 -2.90
C LYS E 230 -11.58 -22.15 -1.71
N LEU E 231 -12.67 -21.40 -1.90
CA LEU E 231 -13.21 -20.59 -0.82
C LEU E 231 -13.66 -21.45 0.35
N PHE E 232 -14.38 -22.53 0.08
CA PHE E 232 -14.85 -23.37 1.17
C PHE E 232 -13.69 -24.09 1.86
N ARG E 233 -12.71 -24.56 1.08
CA ARG E 233 -11.55 -25.21 1.68
C ARG E 233 -10.80 -24.26 2.60
N HIS E 234 -10.66 -23.00 2.18
CA HIS E 234 -10.05 -21.99 3.05
C HIS E 234 -10.91 -21.74 4.28
N LEU E 235 -12.23 -21.67 4.11
CA LEU E 235 -13.11 -21.35 5.22
C LEU E 235 -13.05 -22.40 6.32
N LEU E 236 -13.04 -23.69 5.94
CA LEU E 236 -13.01 -24.73 6.97
C LEU E 236 -11.70 -24.78 7.72
N ALA E 237 -10.63 -24.19 7.19
CA ALA E 237 -9.31 -24.26 7.80
C ALA E 237 -8.99 -23.06 8.69
N LEU E 238 -9.91 -22.11 8.82
CA LEU E 238 -9.67 -20.94 9.64
C LEU E 238 -9.66 -21.30 11.12
N PRO E 239 -8.91 -20.54 11.94
CA PRO E 239 -8.92 -20.82 13.39
C PRO E 239 -10.27 -20.52 14.02
N ILE E 240 -10.56 -21.14 15.16
CA ILE E 240 -11.86 -20.96 15.80
C ILE E 240 -12.05 -19.57 16.38
N SER E 241 -10.96 -18.85 16.65
CA SER E 241 -11.09 -17.48 17.11
C SER E 241 -11.66 -16.57 16.03
N TYR E 242 -11.46 -16.93 14.76
CA TYR E 242 -12.09 -16.19 13.68
C TYR E 242 -13.61 -16.27 13.77
N PHE E 243 -14.14 -17.48 13.95
CA PHE E 243 -15.59 -17.64 14.00
C PHE E 243 -16.16 -17.15 15.31
N GLU E 244 -15.38 -17.17 16.39
CA GLU E 244 -15.89 -16.75 17.69
C GLU E 244 -16.13 -15.25 17.76
N SER E 245 -15.49 -14.45 16.92
CA SER E 245 -15.65 -13.01 16.95
C SER E 245 -16.57 -12.47 15.88
N ARG E 246 -17.10 -13.32 15.00
CA ARG E 246 -18.02 -12.92 13.95
C ARG E 246 -19.42 -13.43 14.24
N ARG E 247 -20.32 -13.16 13.31
CA ARG E 247 -21.67 -13.71 13.31
C ARG E 247 -21.84 -14.63 12.10
N VAL E 248 -22.83 -15.52 12.19
CA VAL E 248 -23.05 -16.50 11.13
C VAL E 248 -23.45 -15.79 9.83
N GLY E 249 -24.34 -14.80 9.94
CA GLY E 249 -24.82 -14.11 8.75
C GLY E 249 -23.72 -13.38 8.00
N ASP E 250 -22.71 -12.89 8.71
CA ASP E 250 -21.59 -12.22 8.05
C ASP E 250 -20.88 -13.16 7.09
N THR E 251 -20.49 -14.33 7.59
CA THR E 251 -19.82 -15.31 6.74
C THR E 251 -20.75 -15.82 5.65
N VAL E 252 -22.03 -15.99 5.95
CA VAL E 252 -22.97 -16.46 4.95
C VAL E 252 -23.06 -15.48 3.78
N ALA E 253 -23.15 -14.18 4.09
CA ALA E 253 -23.18 -13.18 3.02
C ALA E 253 -21.86 -13.13 2.27
N ARG E 254 -20.74 -13.22 2.99
CA ARG E 254 -19.43 -13.25 2.33
C ARG E 254 -19.32 -14.43 1.38
N VAL E 255 -20.02 -15.53 1.64
CA VAL E 255 -20.01 -16.67 0.72
C VAL E 255 -21.00 -16.49 -0.42
N ARG E 256 -22.19 -15.91 -0.16
CA ARG E 256 -23.15 -15.67 -1.23
C ARG E 256 -22.62 -14.64 -2.25
N GLU E 257 -21.64 -13.84 -1.86
CA GLU E 257 -20.99 -13.00 -2.85
C GLU E 257 -20.35 -13.83 -3.96
N LEU E 258 -20.01 -15.08 -3.67
CA LEU E 258 -19.57 -16.00 -4.72
C LEU E 258 -20.69 -16.26 -5.73
N ASP E 259 -21.93 -16.43 -5.25
CA ASP E 259 -23.06 -16.58 -6.17
C ASP E 259 -23.25 -15.31 -7.00
N GLN E 260 -23.01 -14.15 -6.38
CA GLN E 260 -23.05 -12.90 -7.14
C GLN E 260 -22.02 -12.91 -8.27
N ILE E 261 -20.79 -13.34 -7.95
CA ILE E 261 -19.74 -13.42 -8.96
C ILE E 261 -20.13 -14.39 -10.07
N ARG E 262 -20.72 -15.52 -9.71
CA ARG E 262 -21.18 -16.48 -10.71
C ARG E 262 -22.23 -15.86 -11.63
N ASN E 263 -23.20 -15.15 -11.05
CA ASN E 263 -24.21 -14.49 -11.87
C ASN E 263 -23.57 -13.48 -12.81
N PHE E 264 -22.49 -12.83 -12.38
CA PHE E 264 -21.79 -11.91 -13.27
C PHE E 264 -21.09 -12.64 -14.42
N LEU E 265 -20.34 -13.69 -14.11
CA LEU E 265 -19.48 -14.32 -15.11
C LEU E 265 -20.29 -14.93 -16.23
N THR E 266 -21.42 -15.56 -15.90
CA THR E 266 -22.30 -16.14 -16.93
C THR E 266 -23.34 -15.11 -17.36
N GLY E 267 -22.84 -14.00 -17.89
CA GLY E 267 -23.70 -12.91 -18.33
C GLY E 267 -23.19 -12.22 -19.58
N GLN E 268 -23.82 -11.12 -19.96
CA GLN E 268 -23.46 -10.40 -21.17
C GLN E 268 -22.43 -9.30 -20.94
N ALA E 269 -21.96 -9.12 -19.72
CA ALA E 269 -21.04 -8.02 -19.44
C ALA E 269 -19.72 -8.20 -20.16
N LEU E 270 -19.09 -9.36 -20.01
CA LEU E 270 -17.78 -9.58 -20.61
C LEU E 270 -17.87 -9.67 -22.12
N THR E 271 -18.94 -10.26 -22.65
CA THR E 271 -19.15 -10.28 -24.09
C THR E 271 -19.34 -8.87 -24.63
N SER E 272 -20.07 -8.02 -23.90
CA SER E 272 -20.22 -6.62 -24.30
C SER E 272 -18.87 -5.90 -24.29
N VAL E 273 -18.04 -6.16 -23.28
CA VAL E 273 -16.71 -5.56 -23.23
C VAL E 273 -15.88 -6.00 -24.44
N LEU E 274 -15.92 -7.31 -24.76
CA LEU E 274 -15.18 -7.81 -25.90
C LEU E 274 -15.66 -7.16 -27.19
N ASP E 275 -16.97 -7.01 -27.35
CA ASP E 275 -17.50 -6.29 -28.51
C ASP E 275 -17.02 -4.85 -28.54
N LEU E 276 -16.86 -4.24 -27.35
CA LEU E 276 -16.41 -2.86 -27.28
C LEU E 276 -14.97 -2.71 -27.76
N LEU E 277 -14.08 -3.58 -27.30
CA LEU E 277 -12.68 -3.45 -27.71
C LEU E 277 -12.47 -3.75 -29.20
N PHE E 278 -13.38 -4.50 -29.81
CA PHE E 278 -13.25 -4.84 -31.23
C PHE E 278 -14.05 -3.91 -32.14
N SER E 279 -14.19 -2.64 -31.77
CA SER E 279 -14.96 -1.69 -32.56
C SER E 279 -14.10 -0.77 -33.43
N PHE E 280 -12.79 -0.98 -33.48
CA PHE E 280 -11.94 -0.21 -34.39
C PHE E 280 -12.07 -0.65 -35.84
N ILE E 281 -12.53 -1.88 -36.07
CA ILE E 281 -12.82 -2.33 -37.42
C ILE E 281 -13.87 -1.44 -38.06
N PHE E 282 -14.90 -1.06 -37.29
CA PHE E 282 -15.88 -0.10 -37.78
C PHE E 282 -15.25 1.28 -37.95
N PHE E 283 -14.31 1.63 -37.07
CA PHE E 283 -13.68 2.93 -37.14
C PHE E 283 -12.92 3.13 -38.44
N ALA E 284 -12.24 2.09 -38.92
CA ALA E 284 -11.52 2.19 -40.19
C ALA E 284 -12.49 2.48 -41.33
N VAL E 285 -13.61 1.78 -41.37
CA VAL E 285 -14.58 1.96 -42.45
C VAL E 285 -15.18 3.37 -42.40
N MET E 286 -15.57 3.82 -41.20
CA MET E 286 -16.16 5.15 -41.09
C MET E 286 -15.15 6.25 -41.41
N TRP E 287 -13.87 6.05 -41.07
CA TRP E 287 -12.85 6.99 -41.51
C TRP E 287 -12.67 6.96 -43.02
N TYR E 288 -12.86 5.79 -43.65
CA TYR E 288 -12.85 5.72 -45.10
C TYR E 288 -13.98 6.55 -45.69
N TYR E 289 -15.17 6.47 -45.08
CA TYR E 289 -16.30 7.27 -45.56
C TYR E 289 -16.01 8.76 -45.44
N SER E 290 -15.84 9.25 -44.21
CA SER E 290 -15.56 10.67 -44.00
C SER E 290 -14.88 10.88 -42.66
N PRO E 291 -13.67 11.44 -42.65
CA PRO E 291 -12.99 11.72 -41.37
C PRO E 291 -13.70 12.75 -40.51
N LYS E 292 -14.54 13.60 -41.10
CA LYS E 292 -15.15 14.70 -40.35
C LYS E 292 -16.07 14.20 -39.24
N LEU E 293 -16.79 13.11 -39.48
CA LEU E 293 -17.68 12.54 -38.48
C LEU E 293 -17.00 11.49 -37.61
N THR E 294 -16.04 10.76 -38.17
CA THR E 294 -15.22 9.87 -37.36
C THR E 294 -14.48 10.64 -36.29
N LEU E 295 -14.07 11.88 -36.59
CA LEU E 295 -13.47 12.73 -35.58
C LEU E 295 -14.46 13.05 -34.46
N VAL E 296 -15.72 13.28 -34.80
CA VAL E 296 -16.74 13.51 -33.78
C VAL E 296 -16.88 12.28 -32.89
N ILE E 297 -16.89 11.08 -33.48
CA ILE E 297 -17.01 9.86 -32.69
C ILE E 297 -15.80 9.69 -31.78
N LEU E 298 -14.60 9.91 -32.33
CA LEU E 298 -13.37 9.79 -31.54
C LEU E 298 -13.28 10.81 -30.43
N PHE E 299 -13.90 11.99 -30.59
CA PHE E 299 -13.99 12.93 -29.49
C PHE E 299 -15.08 12.56 -28.50
N SER E 300 -16.13 11.88 -28.96
CA SER E 300 -17.21 11.45 -28.08
C SER E 300 -16.74 10.38 -27.10
N LEU E 301 -15.88 9.46 -27.55
CA LEU E 301 -15.44 8.37 -26.67
C LEU E 301 -14.81 8.86 -25.37
N PRO E 302 -13.91 9.85 -25.35
CA PRO E 302 -13.41 10.35 -24.05
C PRO E 302 -14.51 10.88 -23.15
N CYS E 303 -15.60 11.42 -23.70
CA CYS E 303 -16.71 11.85 -22.86
C CYS E 303 -17.33 10.66 -22.14
N TYR E 304 -17.53 9.54 -22.84
CA TYR E 304 -18.01 8.33 -22.20
C TYR E 304 -17.05 7.89 -21.10
N ALA E 305 -15.75 7.88 -21.40
CA ALA E 305 -14.78 7.44 -20.41
C ALA E 305 -14.79 8.33 -19.17
N ALA E 306 -14.83 9.65 -19.37
CA ALA E 306 -14.83 10.58 -18.25
C ALA E 306 -16.11 10.45 -17.42
N TRP E 307 -17.26 10.30 -18.08
CA TRP E 307 -18.50 10.13 -17.34
C TRP E 307 -18.48 8.85 -16.50
N SER E 308 -17.99 7.75 -17.08
CA SER E 308 -17.92 6.50 -16.34
C SER E 308 -16.97 6.62 -15.15
N VAL E 309 -15.81 7.25 -15.37
CA VAL E 309 -14.83 7.40 -14.29
C VAL E 309 -15.38 8.28 -13.19
N PHE E 310 -16.14 9.33 -13.54
CA PHE E 310 -16.71 10.20 -12.52
C PHE E 310 -17.80 9.49 -11.73
N ILE E 311 -18.63 8.68 -12.38
CA ILE E 311 -19.78 8.07 -11.71
C ILE E 311 -19.41 6.81 -10.91
N SER E 312 -18.38 6.06 -11.33
CA SER E 312 -18.10 4.77 -10.70
C SER E 312 -17.83 4.83 -9.19
N PRO E 313 -16.96 5.73 -8.69
CA PRO E 313 -16.66 5.69 -7.24
C PRO E 313 -17.87 5.94 -6.35
N ILE E 314 -18.77 6.84 -6.75
CA ILE E 314 -19.96 7.10 -5.94
C ILE E 314 -20.84 5.87 -5.89
N LEU E 315 -21.02 5.20 -7.03
CA LEU E 315 -21.80 3.96 -7.05
C LEU E 315 -21.15 2.90 -6.19
N ARG E 316 -19.82 2.83 -6.20
CA ARG E 316 -19.13 1.86 -5.36
C ARG E 316 -19.36 2.13 -3.88
N ARG E 317 -19.32 3.41 -3.48
CA ARG E 317 -19.57 3.75 -2.09
C ARG E 317 -21.01 3.42 -1.68
N ARG E 318 -21.96 3.73 -2.55
CA ARG E 318 -23.36 3.41 -2.25
C ARG E 318 -23.56 1.90 -2.14
N LEU E 319 -22.87 1.12 -2.98
CA LEU E 319 -23.00 -0.32 -2.90
C LEU E 319 -22.28 -0.89 -1.68
N ASP E 320 -21.21 -0.24 -1.22
CA ASP E 320 -20.62 -0.60 0.07
C ASP E 320 -21.62 -0.45 1.19
N ASP E 321 -22.31 0.70 1.22
CA ASP E 321 -23.33 0.90 2.26
C ASP E 321 -24.45 -0.12 2.13
N LYS E 322 -24.88 -0.40 0.89
CA LYS E 322 -25.94 -1.37 0.68
C LYS E 322 -25.52 -2.77 1.13
N PHE E 323 -24.28 -3.17 0.86
CA PHE E 323 -23.82 -4.47 1.31
C PHE E 323 -23.72 -4.54 2.83
N SER E 324 -23.30 -3.45 3.48
CA SER E 324 -23.29 -3.44 4.94
C SER E 324 -24.70 -3.64 5.48
N ARG E 325 -25.68 -2.94 4.91
CA ARG E 325 -27.08 -3.14 5.32
C ARG E 325 -27.51 -4.58 5.10
N ASN E 326 -27.18 -5.15 3.94
CA ASN E 326 -27.59 -6.51 3.63
C ASN E 326 -26.96 -7.53 4.58
N ALA E 327 -25.67 -7.36 4.87
CA ALA E 327 -24.99 -8.29 5.78
C ALA E 327 -25.58 -8.22 7.17
N ASP E 328 -25.85 -7.01 7.67
CA ASP E 328 -26.46 -6.90 9.00
C ASP E 328 -27.86 -7.49 9.02
N ASN E 329 -28.63 -7.28 7.96
CA ASN E 329 -29.97 -7.86 7.89
C ASN E 329 -29.91 -9.38 7.87
N GLN E 330 -28.96 -9.94 7.11
CA GLN E 330 -28.81 -11.39 7.06
C GLN E 330 -28.40 -11.95 8.43
N SER E 331 -27.48 -11.27 9.11
CA SER E 331 -27.07 -11.72 10.44
C SER E 331 -28.25 -11.70 11.40
N PHE E 332 -29.03 -10.62 11.39
CA PHE E 332 -30.20 -10.55 12.26
C PHE E 332 -31.19 -11.65 11.95
N LEU E 333 -31.45 -11.89 10.66
CA LEU E 333 -32.40 -12.92 10.27
C LEU E 333 -31.95 -14.30 10.72
N VAL E 334 -30.66 -14.63 10.50
CA VAL E 334 -30.15 -15.94 10.88
C VAL E 334 -30.21 -16.12 12.39
N GLU E 335 -29.78 -15.09 13.14
CA GLU E 335 -29.79 -15.18 14.59
C GLU E 335 -31.20 -15.26 15.17
N SER E 336 -32.19 -14.61 14.54
CA SER E 336 -33.56 -14.67 15.04
C SER E 336 -34.27 -15.96 14.66
N VAL E 337 -33.98 -16.53 13.49
CA VAL E 337 -34.59 -17.80 13.14
C VAL E 337 -33.96 -18.95 13.92
N THR E 338 -32.64 -18.92 14.12
CA THR E 338 -31.98 -19.99 14.87
C THR E 338 -32.46 -20.05 16.31
N ALA E 339 -32.69 -18.90 16.94
CA ALA E 339 -33.14 -18.81 18.32
C ALA E 339 -34.61 -18.45 18.42
N ILE E 340 -35.42 -18.98 17.50
CA ILE E 340 -36.85 -18.64 17.48
C ILE E 340 -37.56 -19.16 18.72
N ASN E 341 -37.07 -20.27 19.30
CA ASN E 341 -37.70 -20.79 20.51
C ASN E 341 -37.58 -19.81 21.66
N THR E 342 -36.42 -19.19 21.83
CA THR E 342 -36.25 -18.18 22.87
C THR E 342 -37.14 -16.96 22.60
N ILE E 343 -37.23 -16.54 21.33
CA ILE E 343 -38.06 -15.39 20.99
C ILE E 343 -39.52 -15.66 21.34
N LYS E 344 -40.01 -16.86 21.02
CA LYS E 344 -41.39 -17.19 21.36
C LYS E 344 -41.58 -17.32 22.87
N ALA E 345 -40.62 -17.93 23.57
CA ALA E 345 -40.78 -18.17 25.00
C ALA E 345 -40.77 -16.87 25.78
N MET E 346 -39.88 -15.94 25.44
CA MET E 346 -39.76 -14.68 26.16
C MET E 346 -40.75 -13.63 25.70
N ALA E 347 -41.50 -13.90 24.63
CA ALA E 347 -42.49 -12.97 24.08
C ALA E 347 -41.86 -11.61 23.78
N VAL E 348 -40.80 -11.65 22.98
CA VAL E 348 -40.07 -10.44 22.59
C VAL E 348 -40.30 -10.17 21.12
N SER E 349 -41.45 -10.58 20.61
CA SER E 349 -41.79 -10.32 19.21
C SER E 349 -41.83 -8.85 18.84
N PRO E 350 -42.43 -7.95 19.63
CA PRO E 350 -42.43 -6.53 19.23
C PRO E 350 -41.05 -5.93 19.05
N GLN E 351 -40.09 -6.27 19.93
CA GLN E 351 -38.74 -5.74 19.79
C GLN E 351 -38.09 -6.23 18.50
N MET E 352 -38.26 -7.52 18.20
CA MET E 352 -37.70 -8.07 16.97
C MET E 352 -38.33 -7.42 15.75
N THR E 353 -39.64 -7.19 15.78
CA THR E 353 -40.29 -6.54 14.65
C THR E 353 -39.81 -5.10 14.47
N ASN E 354 -39.60 -4.38 15.57
CA ASN E 354 -39.09 -3.01 15.46
C ASN E 354 -37.70 -3.00 14.87
N ILE E 355 -36.82 -3.89 15.33
CA ILE E 355 -35.47 -3.97 14.78
C ILE E 355 -35.52 -4.31 13.31
N TRP E 356 -36.37 -5.28 12.93
CA TRP E 356 -36.49 -5.65 11.53
C TRP E 356 -36.98 -4.50 10.68
N ASP E 357 -37.96 -3.75 11.18
CA ASP E 357 -38.48 -2.62 10.41
C ASP E 357 -37.41 -1.57 10.19
N LYS E 358 -36.63 -1.26 11.23
CA LYS E 358 -35.54 -0.28 11.07
C LYS E 358 -34.53 -0.76 10.04
N GLN E 359 -34.09 -2.02 10.15
CA GLN E 359 -33.10 -2.54 9.23
C GLN E 359 -33.61 -2.58 7.80
N LEU E 360 -34.86 -3.01 7.61
CA LEU E 360 -35.44 -3.09 6.28
C LEU E 360 -35.57 -1.70 5.66
N ALA E 361 -35.99 -0.72 6.46
CA ALA E 361 -36.10 0.64 5.94
C ALA E 361 -34.74 1.18 5.50
N GLY E 362 -33.70 0.94 6.31
CA GLY E 362 -32.37 1.37 5.91
C GLY E 362 -31.88 0.69 4.64
N TYR E 363 -32.13 -0.63 4.54
CA TYR E 363 -31.72 -1.38 3.36
C TYR E 363 -32.41 -0.86 2.10
N VAL E 364 -33.72 -0.61 2.20
CA VAL E 364 -34.45 -0.12 1.04
C VAL E 364 -34.01 1.28 0.66
N ALA E 365 -33.71 2.13 1.64
CA ALA E 365 -33.19 3.46 1.33
C ALA E 365 -31.87 3.38 0.57
N ALA E 366 -30.97 2.50 1.03
CA ALA E 366 -29.70 2.34 0.32
C ALA E 366 -29.91 1.83 -1.10
N GLY E 367 -30.79 0.85 -1.27
CA GLY E 367 -31.06 0.34 -2.60
C GLY E 367 -31.64 1.40 -3.52
N PHE E 368 -32.55 2.22 -3.01
CA PHE E 368 -33.13 3.29 -3.82
C PHE E 368 -32.08 4.32 -4.21
N LYS E 369 -31.16 4.65 -3.30
CA LYS E 369 -30.09 5.57 -3.65
C LYS E 369 -29.22 5.00 -4.77
N VAL E 370 -28.88 3.72 -4.69
CA VAL E 370 -28.10 3.09 -5.74
C VAL E 370 -28.85 3.13 -7.07
N THR E 371 -30.15 2.84 -7.04
CA THR E 371 -30.95 2.85 -8.26
C THR E 371 -30.98 4.24 -8.89
N VAL E 372 -31.17 5.27 -8.06
CA VAL E 372 -31.22 6.64 -8.58
C VAL E 372 -29.88 7.02 -9.22
N LEU E 373 -28.77 6.68 -8.57
CA LEU E 373 -27.46 7.02 -9.14
C LEU E 373 -27.23 6.30 -10.46
N ALA E 374 -27.61 5.01 -10.53
CA ALA E 374 -27.46 4.27 -11.77
C ALA E 374 -28.31 4.88 -12.89
N THR E 375 -29.53 5.30 -12.55
CA THR E 375 -30.40 5.92 -13.54
C THR E 375 -29.80 7.21 -14.09
N ILE E 376 -29.27 8.07 -13.19
CA ILE E 376 -28.70 9.31 -13.70
C ILE E 376 -27.46 9.04 -14.53
N GLY E 377 -26.68 8.02 -14.19
CA GLY E 377 -25.55 7.67 -15.05
C GLY E 377 -25.97 7.21 -16.43
N GLN E 378 -26.99 6.35 -16.49
CA GLN E 378 -27.49 5.91 -17.79
C GLN E 378 -28.02 7.06 -18.62
N GLN E 379 -28.76 7.98 -17.98
CA GLN E 379 -29.25 9.15 -18.70
C GLN E 379 -28.13 10.06 -19.17
N GLY E 380 -27.07 10.19 -18.37
CA GLY E 380 -25.91 10.95 -18.81
C GLY E 380 -25.24 10.36 -20.03
N ILE E 381 -25.18 9.04 -20.11
CA ILE E 381 -24.61 8.41 -21.31
C ILE E 381 -25.54 8.61 -22.51
N GLN E 382 -26.86 8.47 -22.29
CA GLN E 382 -27.82 8.73 -23.37
C GLN E 382 -27.67 10.14 -23.92
N LEU E 383 -27.43 11.11 -23.03
CA LEU E 383 -27.28 12.50 -23.47
C LEU E 383 -26.10 12.66 -24.43
N ILE E 384 -24.95 12.07 -24.10
CA ILE E 384 -23.79 12.15 -24.98
C ILE E 384 -24.08 11.47 -26.30
N GLN E 385 -24.70 10.30 -26.26
CA GLN E 385 -25.04 9.58 -27.50
C GLN E 385 -25.91 10.44 -28.40
N LYS E 386 -26.95 11.04 -27.84
CA LYS E 386 -27.89 11.80 -28.67
C LYS E 386 -27.29 13.11 -29.14
N THR E 387 -26.44 13.75 -28.33
CA THR E 387 -25.77 14.97 -28.78
C THR E 387 -24.85 14.67 -29.96
N VAL E 388 -24.09 13.58 -29.89
CA VAL E 388 -23.26 13.19 -31.02
C VAL E 388 -24.12 12.86 -32.23
N MET E 389 -25.28 12.25 -32.00
CA MET E 389 -26.20 11.97 -33.10
C MET E 389 -26.65 13.24 -33.80
N ILE E 390 -27.02 14.26 -33.04
CA ILE E 390 -27.47 15.53 -33.64
C ILE E 390 -26.34 16.20 -34.40
N ILE E 391 -25.14 16.24 -33.80
CA ILE E 391 -24.00 16.85 -34.47
C ILE E 391 -23.70 16.13 -35.78
N ASN E 392 -23.73 14.79 -35.75
CA ASN E 392 -23.48 14.02 -36.97
C ASN E 392 -24.57 14.25 -38.00
N LEU E 393 -25.83 14.39 -37.58
CA LEU E 393 -26.88 14.67 -38.54
C LEU E 393 -26.65 16.00 -39.25
N TRP E 394 -26.32 17.04 -38.49
CA TRP E 394 -26.05 18.35 -39.09
C TRP E 394 -24.87 18.28 -40.04
N LEU E 395 -23.75 17.72 -39.58
CA LEU E 395 -22.55 17.65 -40.41
C LEU E 395 -22.76 16.80 -41.65
N GLY E 396 -23.51 15.70 -41.52
CA GLY E 396 -23.82 14.85 -42.65
C GLY E 396 -24.73 15.54 -43.66
N ALA E 397 -25.69 16.32 -43.17
CA ALA E 397 -26.53 17.07 -44.10
C ALA E 397 -25.69 18.05 -44.91
N HIS E 398 -24.78 18.78 -44.27
CA HIS E 398 -23.90 19.65 -45.03
C HIS E 398 -22.97 18.86 -45.95
N LEU E 399 -22.43 17.74 -45.47
CA LEU E 399 -21.49 16.95 -46.26
C LEU E 399 -22.17 16.17 -47.37
N VAL E 400 -23.49 16.12 -47.40
CA VAL E 400 -24.23 15.52 -48.51
C VAL E 400 -24.72 16.59 -49.49
N ILE E 401 -25.09 17.77 -48.96
CA ILE E 401 -25.55 18.84 -49.82
C ILE E 401 -24.45 19.25 -50.81
N SER E 402 -23.20 19.28 -50.36
CA SER E 402 -22.08 19.74 -51.18
C SER E 402 -21.34 18.61 -51.87
N GLY E 403 -22.02 17.53 -52.23
CA GLY E 403 -21.34 16.40 -52.82
C GLY E 403 -20.44 15.75 -51.79
N ASP E 404 -19.44 14.99 -52.24
CA ASP E 404 -18.37 14.48 -51.38
C ASP E 404 -18.92 13.34 -50.52
N LEU E 405 -20.24 13.15 -50.52
CA LEU E 405 -20.85 12.11 -49.72
C LEU E 405 -22.26 11.81 -50.22
N SER E 406 -22.66 10.55 -50.22
CA SER E 406 -23.97 10.13 -50.71
C SER E 406 -24.89 9.78 -49.56
N ILE E 407 -26.18 9.70 -49.86
CA ILE E 407 -27.18 9.39 -48.84
C ILE E 407 -26.98 7.99 -48.29
N GLY E 408 -26.72 7.02 -49.17
CA GLY E 408 -26.45 5.66 -48.71
C GLY E 408 -25.22 5.60 -47.82
N GLN E 409 -24.17 6.32 -48.20
CA GLN E 409 -22.99 6.38 -47.34
C GLN E 409 -23.31 7.02 -46.00
N LEU E 410 -24.16 8.05 -46.01
CA LEU E 410 -24.55 8.70 -44.76
C LEU E 410 -25.27 7.75 -43.83
N ILE E 411 -26.25 7.01 -44.36
CA ILE E 411 -27.01 6.11 -43.49
C ILE E 411 -26.16 4.92 -43.07
N ALA E 412 -25.24 4.46 -43.93
CA ALA E 412 -24.31 3.42 -43.52
C ALA E 412 -23.42 3.90 -42.38
N PHE E 413 -22.97 5.15 -42.46
CA PHE E 413 -22.20 5.73 -41.36
C PHE E 413 -23.01 5.78 -40.08
N ASN E 414 -24.29 6.17 -40.19
CA ASN E 414 -25.15 6.22 -39.01
C ASN E 414 -25.31 4.83 -38.39
N MET E 415 -25.52 3.82 -39.23
CA MET E 415 -25.65 2.45 -38.73
C MET E 415 -24.37 1.98 -38.05
N LEU E 416 -23.22 2.29 -38.64
CA LEU E 416 -21.95 1.91 -38.03
C LEU E 416 -21.76 2.60 -36.68
N ALA E 417 -22.10 3.88 -36.59
CA ALA E 417 -22.01 4.59 -35.33
C ALA E 417 -22.92 4.00 -34.27
N GLY E 418 -24.15 3.64 -34.67
CA GLY E 418 -25.06 2.98 -33.74
C GLY E 418 -24.52 1.64 -33.27
N GLN E 419 -23.93 0.86 -34.18
CA GLN E 419 -23.36 -0.43 -33.80
C GLN E 419 -22.18 -0.25 -32.86
N ILE E 420 -21.43 0.84 -33.02
CA ILE E 420 -20.33 1.10 -32.10
C ILE E 420 -20.85 1.49 -30.72
N VAL E 421 -21.88 2.34 -30.68
CA VAL E 421 -22.33 2.88 -29.39
C VAL E 421 -23.20 1.89 -28.62
N ALA E 422 -23.83 0.93 -29.29
CA ALA E 422 -24.76 0.03 -28.60
C ALA E 422 -24.11 -0.76 -27.46
N PRO E 423 -22.93 -1.36 -27.62
CA PRO E 423 -22.31 -2.06 -26.47
C PRO E 423 -22.08 -1.14 -25.28
N VAL E 424 -21.78 0.13 -25.51
CA VAL E 424 -21.66 1.07 -24.40
C VAL E 424 -22.98 1.20 -23.66
N ILE E 425 -24.09 1.25 -24.40
CA ILE E 425 -25.40 1.35 -23.78
C ILE E 425 -25.70 0.11 -22.94
N ARG E 426 -25.45 -1.08 -23.50
CA ARG E 426 -25.74 -2.30 -22.75
C ARG E 426 -24.78 -2.49 -21.58
N LEU E 427 -23.58 -1.91 -21.65
CA LEU E 427 -22.71 -1.90 -20.48
C LEU E 427 -23.24 -0.95 -19.42
N ALA E 428 -23.78 0.20 -19.84
CA ALA E 428 -24.36 1.14 -18.89
C ALA E 428 -25.59 0.55 -18.21
N GLN E 429 -26.31 -0.34 -18.88
CA GLN E 429 -27.48 -0.96 -18.26
C GLN E 429 -27.10 -1.88 -17.11
N ILE E 430 -25.85 -2.31 -17.04
CA ILE E 430 -25.41 -3.26 -16.01
C ILE E 430 -24.24 -2.67 -15.21
N TRP E 431 -24.24 -1.35 -15.04
CA TRP E 431 -23.22 -0.68 -14.25
C TRP E 431 -23.22 -1.18 -12.82
N GLN E 432 -24.41 -1.30 -12.24
CA GLN E 432 -24.55 -1.80 -10.87
C GLN E 432 -23.92 -3.18 -10.73
N ASP E 433 -24.04 -4.02 -11.76
CA ASP E 433 -23.42 -5.34 -11.71
C ASP E 433 -21.90 -5.25 -11.64
N PHE E 434 -21.29 -4.37 -12.44
CA PHE E 434 -19.85 -4.20 -12.39
C PHE E 434 -19.39 -3.77 -11.00
N GLN E 435 -20.02 -2.73 -10.46
CA GLN E 435 -19.59 -2.25 -9.15
C GLN E 435 -19.84 -3.30 -8.07
N GLN E 436 -20.98 -3.98 -8.12
CA GLN E 436 -21.28 -5.02 -7.13
C GLN E 436 -20.30 -6.17 -7.23
N VAL E 437 -19.78 -6.46 -8.43
CA VAL E 437 -18.79 -7.53 -8.56
C VAL E 437 -17.46 -7.10 -7.96
N GLY E 438 -17.08 -5.84 -8.15
CA GLY E 438 -15.91 -5.35 -7.43
C GLY E 438 -16.07 -5.51 -5.92
N ILE E 439 -17.26 -5.16 -5.41
CA ILE E 439 -17.53 -5.30 -3.99
C ILE E 439 -17.49 -6.77 -3.57
N SER E 440 -18.03 -7.64 -4.42
CA SER E 440 -18.05 -9.07 -4.11
C SER E 440 -16.64 -9.62 -4.02
N VAL E 441 -15.76 -9.23 -4.94
CA VAL E 441 -14.39 -9.70 -4.90
C VAL E 441 -13.70 -9.19 -3.63
N THR E 442 -13.92 -7.93 -3.27
CA THR E 442 -13.29 -7.40 -2.06
C THR E 442 -13.78 -8.13 -0.82
N ARG E 443 -15.09 -8.37 -0.71
CA ARG E 443 -15.62 -9.03 0.48
C ARG E 443 -15.29 -10.51 0.51
N LEU E 444 -15.09 -11.14 -0.65
CA LEU E 444 -14.62 -12.51 -0.68
C LEU E 444 -13.17 -12.59 -0.24
N GLY E 445 -12.35 -11.62 -0.64
CA GLY E 445 -11.00 -11.54 -0.12
C GLY E 445 -10.94 -11.24 1.36
N ASP E 446 -11.97 -10.58 1.89
CA ASP E 446 -12.05 -10.39 3.35
C ASP E 446 -12.02 -11.72 4.09
N VAL E 447 -12.46 -12.81 3.46
CA VAL E 447 -12.39 -14.13 4.05
C VAL E 447 -11.16 -14.89 3.57
N LEU E 448 -10.88 -14.82 2.27
CA LEU E 448 -9.76 -15.56 1.69
C LEU E 448 -8.40 -15.01 2.09
N ASN E 449 -8.35 -13.83 2.68
CA ASN E 449 -7.10 -13.25 3.18
C ASN E 449 -7.18 -13.26 4.70
N SER E 450 -6.80 -14.40 5.29
CA SER E 450 -6.83 -14.57 6.74
C SER E 450 -5.93 -15.72 7.09
N PRO E 451 -5.11 -15.61 8.15
CA PRO E 451 -4.20 -16.69 8.50
C PRO E 451 -4.95 -17.95 8.91
N THR E 452 -4.76 -19.01 8.14
CA THR E 452 -5.32 -20.31 8.46
C THR E 452 -4.37 -21.10 9.36
N GLU E 453 -4.94 -21.99 10.16
CA GLU E 453 -4.17 -22.86 11.03
C GLU E 453 -3.87 -24.21 10.39
N SER E 454 -3.95 -24.30 9.07
CA SER E 454 -3.75 -25.58 8.38
C SER E 454 -2.36 -26.14 8.60
N TYR E 455 -1.37 -25.28 8.89
CA TYR E 455 -0.01 -25.70 9.21
C TYR E 455 0.57 -26.56 8.09
N HIS E 456 0.73 -25.95 6.92
CA HIS E 456 1.32 -26.64 5.79
C HIS E 456 2.78 -26.99 6.06
N GLY E 457 3.18 -28.18 5.64
CA GLY E 457 4.54 -28.63 5.89
C GLY E 457 4.78 -29.97 5.25
N LYS E 458 5.90 -30.60 5.63
CA LYS E 458 6.26 -31.88 5.05
C LYS E 458 6.79 -32.87 6.10
N LEU E 459 6.34 -32.76 7.35
CA LEU E 459 6.86 -33.65 8.38
C LEU E 459 6.15 -34.98 8.39
N ALA E 460 4.82 -34.96 8.28
CA ALA E 460 3.99 -36.17 8.28
C ALA E 460 4.23 -37.00 9.56
N LEU E 461 3.81 -36.39 10.68
CA LEU E 461 4.02 -37.00 11.98
C LEU E 461 3.30 -38.34 12.07
N PRO E 462 3.89 -39.31 12.78
CA PRO E 462 3.27 -40.64 12.88
C PRO E 462 2.06 -40.65 13.80
N GLU E 463 1.52 -41.85 14.06
CA GLU E 463 0.37 -41.98 14.93
C GLU E 463 0.74 -41.60 16.37
N ILE E 464 -0.29 -41.51 17.20
CA ILE E 464 -0.15 -41.01 18.57
C ILE E 464 -0.17 -42.18 19.55
N ASN E 465 0.79 -42.18 20.46
CA ASN E 465 0.69 -42.91 21.71
C ASN E 465 0.24 -41.93 22.79
N GLY E 466 -0.63 -42.39 23.68
CA GLY E 466 -1.28 -41.48 24.60
C GLY E 466 -0.38 -40.94 25.69
N ASN E 467 0.65 -40.20 25.30
CA ASN E 467 1.58 -39.57 26.24
C ASN E 467 1.37 -38.07 26.19
N ILE E 468 0.71 -37.52 27.20
CA ILE E 468 0.40 -36.10 27.28
C ILE E 468 1.33 -35.46 28.30
N THR E 469 1.76 -34.23 28.02
CA THR E 469 2.69 -33.54 28.91
C THR E 469 2.40 -32.05 28.86
N PHE E 470 2.12 -31.46 30.01
CA PHE E 470 2.02 -30.01 30.16
C PHE E 470 3.29 -29.49 30.81
N ARG E 471 3.82 -28.41 30.25
CA ARG E 471 5.14 -27.91 30.67
C ARG E 471 5.03 -26.41 30.91
N ASN E 472 4.87 -26.01 32.17
CA ASN E 472 4.80 -24.60 32.58
C ASN E 472 3.69 -23.87 31.83
N ILE E 473 2.49 -24.44 31.87
CA ILE E 473 1.35 -23.90 31.14
C ILE E 473 0.77 -22.71 31.91
N ARG E 474 0.64 -21.59 31.22
CA ARG E 474 -0.06 -20.41 31.74
C ARG E 474 -1.04 -19.94 30.67
N PHE E 475 -2.29 -19.75 31.07
CA PHE E 475 -3.36 -19.49 30.10
C PHE E 475 -4.25 -18.35 30.57
N ARG E 476 -4.53 -17.42 29.66
CA ARG E 476 -5.52 -16.37 29.86
C ARG E 476 -6.56 -16.46 28.73
N TYR E 477 -7.83 -16.28 29.10
CA TYR E 477 -8.90 -16.32 28.10
C TYR E 477 -8.72 -15.21 27.07
N LYS E 478 -8.43 -14.00 27.52
CA LYS E 478 -8.12 -12.86 26.69
C LYS E 478 -6.99 -12.08 27.35
N PRO E 479 -6.27 -11.25 26.59
CA PRO E 479 -5.04 -10.63 27.13
C PRO E 479 -5.24 -9.88 28.44
N ASP E 480 -6.37 -9.21 28.64
CA ASP E 480 -6.61 -8.48 29.87
C ASP E 480 -7.31 -9.32 30.94
N SER E 481 -7.71 -10.55 30.62
CA SER E 481 -8.40 -11.39 31.59
C SER E 481 -7.43 -11.86 32.68
N PRO E 482 -7.94 -12.16 33.87
CA PRO E 482 -7.11 -12.81 34.89
C PRO E 482 -6.67 -14.19 34.44
N VAL E 483 -5.53 -14.62 34.97
CA VAL E 483 -4.93 -15.90 34.58
C VAL E 483 -5.78 -17.04 35.12
N ILE E 484 -5.93 -18.09 34.31
CA ILE E 484 -6.73 -19.25 34.66
C ILE E 484 -5.87 -20.39 35.19
N LEU E 485 -4.74 -20.67 34.52
CA LEU E 485 -3.77 -21.66 34.97
C LEU E 485 -2.44 -20.96 35.17
N ASP E 486 -1.85 -21.11 36.36
CA ASP E 486 -0.64 -20.36 36.67
C ASP E 486 0.62 -21.03 36.12
N ASN E 487 0.96 -22.20 36.64
CA ASN E 487 2.20 -22.89 36.27
C ASN E 487 1.96 -24.40 36.15
N ILE E 488 0.88 -24.78 35.45
CA ILE E 488 0.52 -26.19 35.36
C ILE E 488 1.66 -26.99 34.76
N ASN E 489 2.09 -28.03 35.47
CA ASN E 489 3.11 -28.96 35.00
C ASN E 489 2.55 -30.37 35.20
N LEU E 490 2.24 -31.05 34.11
CA LEU E 490 1.61 -32.36 34.16
C LEU E 490 2.28 -33.32 33.18
N SER E 491 2.17 -34.60 33.47
CA SER E 491 2.73 -35.65 32.61
C SER E 491 1.85 -36.88 32.72
N ILE E 492 1.28 -37.31 31.60
CA ILE E 492 0.41 -38.48 31.55
C ILE E 492 1.02 -39.51 30.61
N LYS E 493 1.11 -40.74 31.08
CA LYS E 493 1.68 -41.84 30.31
C LYS E 493 0.58 -42.57 29.53
N GLN E 494 1.02 -43.43 28.62
CA GLN E 494 0.10 -44.17 27.77
C GLN E 494 -0.72 -45.16 28.59
N GLY E 495 -2.00 -45.29 28.21
CA GLY E 495 -2.88 -46.24 28.87
C GLY E 495 -3.20 -45.91 30.31
N GLU E 496 -2.97 -44.67 30.75
CA GLU E 496 -3.16 -44.27 32.13
C GLU E 496 -4.51 -43.56 32.26
N VAL E 497 -5.46 -44.23 32.91
CA VAL E 497 -6.73 -43.58 33.24
C VAL E 497 -6.50 -42.57 34.34
N ILE E 498 -6.93 -41.33 34.12
CA ILE E 498 -6.61 -40.22 34.99
C ILE E 498 -7.87 -39.40 35.24
N GLY E 499 -7.95 -38.80 36.42
CA GLY E 499 -9.10 -38.00 36.80
C GLY E 499 -8.67 -36.64 37.31
N ILE E 500 -9.38 -35.61 36.88
CA ILE E 500 -9.11 -34.24 37.28
C ILE E 500 -10.36 -33.67 37.92
N VAL E 501 -10.24 -33.14 39.13
CA VAL E 501 -11.37 -32.67 39.91
C VAL E 501 -11.05 -31.29 40.49
N GLY E 502 -12.02 -30.72 41.19
CA GLY E 502 -11.87 -29.41 41.78
C GLY E 502 -13.16 -28.62 41.74
N ARG E 503 -13.12 -27.38 42.22
CA ARG E 503 -14.28 -26.51 42.17
C ARG E 503 -14.39 -25.84 40.80
N SER E 504 -15.55 -25.24 40.54
CA SER E 504 -15.75 -24.48 39.32
C SER E 504 -14.87 -23.23 39.34
N GLY E 505 -14.27 -22.91 38.21
CA GLY E 505 -13.33 -21.82 38.11
C GLY E 505 -11.90 -22.18 38.46
N SER E 506 -11.65 -23.43 38.87
CA SER E 506 -10.28 -23.84 39.17
C SER E 506 -9.43 -23.93 37.91
N GLY E 507 -10.05 -24.23 36.77
CA GLY E 507 -9.31 -24.31 35.52
C GLY E 507 -9.23 -25.71 34.95
N LYS E 508 -9.96 -26.64 35.54
CA LYS E 508 -9.96 -28.01 35.04
C LYS E 508 -10.70 -28.15 33.72
N SER E 509 -11.57 -27.19 33.39
CA SER E 509 -12.40 -27.30 32.19
C SER E 509 -11.67 -26.83 30.93
N THR E 510 -10.54 -26.14 31.07
CA THR E 510 -9.82 -25.64 29.90
C THR E 510 -8.72 -26.58 29.44
N LEU E 511 -8.40 -27.62 30.21
CA LEU E 511 -7.38 -28.58 29.77
C LEU E 511 -7.84 -29.35 28.54
N THR E 512 -9.15 -29.62 28.43
CA THR E 512 -9.68 -30.32 27.27
C THR E 512 -9.44 -29.51 26.00
N LYS E 513 -9.65 -28.20 26.06
CA LYS E 513 -9.42 -27.35 24.90
C LYS E 513 -7.97 -26.89 24.79
N LEU E 514 -7.12 -27.24 25.76
CA LEU E 514 -5.68 -27.08 25.55
C LEU E 514 -5.09 -28.29 24.83
N ILE E 515 -5.55 -29.50 25.15
CA ILE E 515 -5.04 -30.69 24.47
C ILE E 515 -5.32 -30.60 22.98
N GLN E 516 -6.57 -30.31 22.62
CA GLN E 516 -6.86 -29.84 21.27
C GLN E 516 -6.32 -28.42 21.12
N ARG E 517 -5.90 -28.06 19.91
CA ARG E 517 -5.35 -26.73 19.72
C ARG E 517 -6.45 -25.69 19.46
N PHE E 518 -7.36 -25.57 20.42
CA PHE E 518 -8.36 -24.51 20.40
C PHE E 518 -7.92 -23.31 21.24
N TYR E 519 -7.23 -23.57 22.35
CA TYR E 519 -6.69 -22.53 23.21
C TYR E 519 -5.18 -22.50 23.07
N ILE E 520 -4.62 -21.31 22.85
CA ILE E 520 -3.19 -21.12 22.72
C ILE E 520 -2.66 -20.63 24.07
N PRO E 521 -1.79 -21.38 24.74
CA PRO E 521 -1.28 -20.94 26.04
C PRO E 521 -0.44 -19.68 25.91
N GLU E 522 -0.55 -18.81 26.93
CA GLU E 522 0.28 -17.62 26.97
C GLU E 522 1.75 -17.97 27.20
N ASN E 523 2.02 -18.96 28.04
CA ASN E 523 3.38 -19.42 28.31
C ASN E 523 3.34 -20.93 28.49
N GLY E 524 4.39 -21.59 28.02
CA GLY E 524 4.48 -23.04 28.10
C GLY E 524 4.02 -23.69 26.81
N GLN E 525 4.10 -25.02 26.79
CA GLN E 525 3.75 -25.79 25.61
C GLN E 525 3.09 -27.10 26.02
N VAL E 526 2.17 -27.56 25.18
CA VAL E 526 1.52 -28.86 25.36
C VAL E 526 2.17 -29.84 24.38
N LEU E 527 2.63 -30.98 24.90
CA LEU E 527 3.37 -31.94 24.11
C LEU E 527 2.63 -33.27 24.11
N ILE E 528 2.41 -33.82 22.92
CA ILE E 528 1.85 -35.16 22.75
C ILE E 528 2.94 -36.04 22.16
N ASP E 529 3.32 -37.09 22.88
CA ASP E 529 4.37 -38.02 22.46
C ASP E 529 5.71 -37.30 22.27
N GLY E 530 5.92 -36.21 22.98
CA GLY E 530 7.13 -35.44 22.88
C GLY E 530 7.13 -34.39 21.78
N HIS E 531 6.09 -34.34 20.96
CA HIS E 531 5.98 -33.35 19.90
C HIS E 531 5.17 -32.16 20.38
N ASP E 532 5.71 -30.96 20.22
CA ASP E 532 4.99 -29.75 20.59
C ASP E 532 3.85 -29.52 19.61
N LEU E 533 2.66 -29.22 20.15
CA LEU E 533 1.48 -29.04 19.33
C LEU E 533 1.35 -27.64 18.77
N ALA E 534 2.22 -26.71 19.16
CA ALA E 534 2.04 -25.30 18.80
C ALA E 534 1.95 -25.10 17.30
N LEU E 535 2.63 -25.93 16.51
CA LEU E 535 2.60 -25.80 15.05
C LEU E 535 2.32 -27.13 14.36
N ALA E 536 1.69 -28.08 15.06
CA ALA E 536 1.38 -29.37 14.49
C ALA E 536 0.15 -29.30 13.60
N ASP E 537 -0.09 -30.36 12.85
CA ASP E 537 -1.25 -30.43 11.97
C ASP E 537 -2.51 -30.65 12.80
N PRO E 538 -3.50 -29.74 12.73
CA PRO E 538 -4.73 -29.96 13.50
C PRO E 538 -5.46 -31.23 13.12
N ASN E 539 -5.43 -31.61 11.85
CA ASN E 539 -6.11 -32.84 11.43
C ASN E 539 -5.39 -34.07 11.98
N TRP E 540 -4.07 -33.98 12.16
CA TRP E 540 -3.34 -35.07 12.79
C TRP E 540 -3.74 -35.22 14.25
N LEU E 541 -3.93 -34.10 14.94
CA LEU E 541 -4.18 -34.15 16.38
C LEU E 541 -5.64 -34.50 16.69
N ARG E 542 -6.58 -33.69 16.19
CA ARG E 542 -7.98 -33.84 16.57
C ARG E 542 -8.66 -35.07 15.98
N ARG E 543 -8.04 -35.72 14.99
CA ARG E 543 -8.57 -36.98 14.49
C ARG E 543 -8.37 -38.11 15.48
N GLN E 544 -7.28 -38.09 16.25
CA GLN E 544 -6.94 -39.15 17.17
C GLN E 544 -7.27 -38.84 18.62
N VAL E 545 -7.94 -37.71 18.88
CA VAL E 545 -8.37 -37.34 20.23
C VAL E 545 -9.90 -37.32 20.24
N GLY E 546 -10.49 -38.15 21.09
CA GLY E 546 -11.93 -38.17 21.24
C GLY E 546 -12.39 -37.41 22.47
N VAL E 547 -13.23 -36.40 22.28
CA VAL E 547 -13.66 -35.52 23.35
C VAL E 547 -15.18 -35.55 23.43
N VAL E 548 -15.70 -35.83 24.62
CA VAL E 548 -17.13 -35.75 24.91
C VAL E 548 -17.35 -34.58 25.86
N LEU E 549 -18.19 -33.64 25.45
CA LEU E 549 -18.43 -32.42 26.22
C LEU E 549 -19.73 -32.55 27.01
N GLN E 550 -19.97 -31.56 27.87
CA GLN E 550 -21.20 -31.53 28.64
C GLN E 550 -22.42 -31.33 27.74
N ASP E 551 -22.27 -30.54 26.67
CA ASP E 551 -23.34 -30.30 25.72
C ASP E 551 -22.81 -30.40 24.29
N ASN E 552 -23.21 -31.45 23.58
CA ASN E 552 -22.79 -31.68 22.21
C ASN E 552 -23.94 -31.43 21.25
N VAL E 553 -23.59 -31.07 20.02
CA VAL E 553 -24.57 -30.80 18.98
C VAL E 553 -24.40 -31.83 17.88
N LEU E 554 -25.50 -32.12 17.19
CA LEU E 554 -25.54 -33.11 16.13
C LEU E 554 -25.99 -32.46 14.83
N LEU E 555 -25.84 -33.21 13.74
CA LEU E 555 -26.29 -32.77 12.42
C LEU E 555 -27.49 -33.59 11.99
N ASN E 556 -28.46 -32.93 11.35
CA ASN E 556 -29.72 -33.57 10.98
C ASN E 556 -29.52 -34.50 9.78
N ARG E 557 -28.82 -35.61 10.04
CA ARG E 557 -28.55 -36.59 9.00
C ARG E 557 -29.25 -37.92 9.29
N SER E 558 -28.94 -38.54 10.43
CA SER E 558 -29.61 -39.71 10.96
C SER E 558 -28.91 -40.10 12.26
N ILE E 559 -29.42 -41.10 12.96
CA ILE E 559 -28.71 -41.60 14.12
C ILE E 559 -27.39 -42.26 13.69
N ILE E 560 -27.46 -43.14 12.69
CA ILE E 560 -26.28 -43.87 12.27
C ILE E 560 -25.29 -42.95 11.55
N ASP E 561 -25.77 -42.01 10.73
CA ASP E 561 -24.86 -41.08 10.06
C ASP E 561 -24.24 -40.09 11.02
N ASN E 562 -24.91 -39.78 12.14
CA ASN E 562 -24.29 -38.96 13.16
C ASN E 562 -23.26 -39.74 13.96
N ILE E 563 -23.55 -41.02 14.26
CA ILE E 563 -22.61 -41.83 15.01
C ILE E 563 -21.34 -42.09 14.19
N SER E 564 -21.49 -42.48 12.93
CA SER E 564 -20.37 -42.82 12.07
C SER E 564 -20.02 -41.67 11.13
N LEU E 565 -20.14 -40.43 11.60
CA LEU E 565 -19.88 -39.28 10.74
C LEU E 565 -18.40 -39.19 10.35
N ALA E 566 -17.50 -39.45 11.30
CA ALA E 566 -16.07 -39.30 11.04
C ALA E 566 -15.55 -40.34 10.05
N ASN E 567 -16.21 -41.48 9.92
CA ASN E 567 -15.90 -42.47 8.89
C ASN E 567 -17.18 -43.18 8.50
N PRO E 568 -17.80 -42.77 7.39
CA PRO E 568 -19.04 -43.44 6.95
C PRO E 568 -18.84 -44.90 6.56
N GLY E 569 -17.60 -45.38 6.50
CA GLY E 569 -17.31 -46.75 6.15
C GLY E 569 -17.42 -47.75 7.29
N MET E 570 -17.78 -47.31 8.49
CA MET E 570 -18.02 -48.24 9.59
C MET E 570 -19.14 -49.20 9.25
N SER E 571 -18.90 -50.49 9.51
CA SER E 571 -19.94 -51.49 9.38
C SER E 571 -21.00 -51.28 10.46
N VAL E 572 -22.22 -51.73 10.16
CA VAL E 572 -23.32 -51.56 11.11
C VAL E 572 -23.03 -52.26 12.43
N GLU E 573 -22.27 -53.35 12.41
CA GLU E 573 -21.95 -54.05 13.64
C GLU E 573 -21.14 -53.17 14.59
N LYS E 574 -20.15 -52.44 14.06
CA LYS E 574 -19.36 -51.56 14.92
C LYS E 574 -20.18 -50.41 15.46
N VAL E 575 -21.11 -49.86 14.66
CA VAL E 575 -21.98 -48.80 15.15
C VAL E 575 -22.88 -49.33 16.26
N ILE E 576 -23.41 -50.55 16.09
CA ILE E 576 -24.25 -51.16 17.12
C ILE E 576 -23.44 -51.38 18.40
N TYR E 577 -22.19 -51.84 18.26
CA TYR E 577 -21.35 -52.05 19.43
C TYR E 577 -21.07 -50.73 20.15
N ALA E 578 -20.78 -49.67 19.40
CA ALA E 578 -20.51 -48.37 20.02
C ALA E 578 -21.76 -47.83 20.71
N ALA E 579 -22.93 -48.02 20.11
CA ALA E 579 -24.16 -47.61 20.76
C ALA E 579 -24.43 -48.42 22.03
N LYS E 580 -24.14 -49.72 22.00
CA LYS E 580 -24.32 -50.55 23.19
C LYS E 580 -23.40 -50.13 24.31
N LEU E 581 -22.15 -49.78 23.98
CA LEU E 581 -21.21 -49.35 25.02
C LEU E 581 -21.70 -48.09 25.72
N ALA E 582 -22.22 -47.14 24.95
CA ALA E 582 -22.73 -45.89 25.53
C ALA E 582 -24.09 -46.06 26.19
N GLY E 583 -24.73 -47.22 26.04
CA GLY E 583 -26.06 -47.41 26.57
C GLY E 583 -27.14 -46.74 25.77
N ALA E 584 -26.88 -46.42 24.50
CA ALA E 584 -27.83 -45.72 23.65
C ALA E 584 -28.59 -46.63 22.71
N HIS E 585 -28.17 -47.89 22.55
CA HIS E 585 -28.81 -48.78 21.59
C HIS E 585 -30.26 -49.07 21.96
N ASP E 586 -30.56 -49.08 23.26
CA ASP E 586 -31.91 -49.47 23.72
C ASP E 586 -32.96 -48.49 23.21
N PHE E 587 -32.75 -47.19 23.44
CA PHE E 587 -33.77 -46.23 23.03
C PHE E 587 -33.71 -45.95 21.52
N ILE E 588 -32.58 -46.23 20.87
CA ILE E 588 -32.51 -46.10 19.43
C ILE E 588 -33.34 -47.20 18.75
N SER E 589 -33.22 -48.43 19.25
CA SER E 589 -33.93 -49.54 18.62
C SER E 589 -35.45 -49.40 18.74
N GLU E 590 -35.94 -48.92 19.88
CA GLU E 590 -37.38 -48.82 20.11
C GLU E 590 -38.03 -47.69 19.32
N LEU E 591 -37.25 -46.83 18.68
CA LEU E 591 -37.81 -45.73 17.92
C LEU E 591 -38.62 -46.26 16.73
N ARG E 592 -39.49 -45.39 16.20
CA ARG E 592 -40.36 -45.78 15.10
C ARG E 592 -39.55 -46.22 13.89
N GLU E 593 -38.53 -45.46 13.54
CA GLU E 593 -37.63 -45.83 12.45
C GLU E 593 -36.41 -46.60 12.93
N GLY E 594 -36.19 -46.67 14.24
CA GLY E 594 -34.99 -47.29 14.78
C GLY E 594 -33.79 -46.41 14.53
N TYR E 595 -32.80 -46.91 13.80
CA TYR E 595 -31.76 -46.06 13.26
C TYR E 595 -32.34 -45.30 12.07
N ASN E 596 -31.51 -44.55 11.35
CA ASN E 596 -31.92 -43.76 10.20
C ASN E 596 -32.93 -42.68 10.57
N THR E 597 -33.07 -42.37 11.86
CA THR E 597 -34.04 -41.38 12.31
C THR E 597 -33.42 -40.00 12.24
N ILE E 598 -34.13 -39.06 11.60
CA ILE E 598 -33.64 -37.69 11.53
C ILE E 598 -33.63 -37.07 12.92
N VAL E 599 -32.51 -36.45 13.28
CA VAL E 599 -32.36 -35.85 14.60
C VAL E 599 -32.78 -34.38 14.63
N GLY E 600 -33.00 -33.76 13.48
CA GLY E 600 -33.41 -32.37 13.44
C GLY E 600 -32.26 -31.41 13.65
N GLU E 601 -32.61 -30.13 13.73
CA GLU E 601 -31.63 -29.06 13.84
C GLU E 601 -30.95 -29.15 15.20
N GLN E 602 -29.69 -29.58 15.20
CA GLN E 602 -28.88 -29.70 16.43
C GLN E 602 -29.56 -30.60 17.45
N GLY E 603 -30.17 -31.68 16.96
CA GLY E 603 -30.84 -32.63 17.84
C GLY E 603 -32.11 -32.09 18.45
N ALA E 604 -33.10 -31.76 17.61
CA ALA E 604 -34.36 -31.26 18.13
C ALA E 604 -35.31 -32.38 18.49
N GLY E 605 -35.36 -33.44 17.69
CA GLY E 605 -36.26 -34.55 17.98
C GLY E 605 -35.83 -35.37 19.18
N LEU E 606 -34.53 -35.37 19.48
CA LEU E 606 -34.02 -36.14 20.61
C LEU E 606 -33.99 -35.28 21.88
N SER E 607 -34.10 -35.95 23.02
CA SER E 607 -34.04 -35.27 24.30
C SER E 607 -32.60 -34.81 24.59
N GLY E 608 -32.42 -34.15 25.74
CA GLY E 608 -31.10 -33.69 26.11
C GLY E 608 -30.20 -34.77 26.68
N GLY E 609 -30.78 -35.82 27.25
CA GLY E 609 -29.99 -36.91 27.79
C GLY E 609 -29.72 -37.99 26.77
N GLN E 610 -30.46 -37.95 25.65
CA GLN E 610 -30.22 -38.90 24.58
C GLN E 610 -29.11 -38.41 23.65
N ARG E 611 -29.04 -37.10 23.41
CA ARG E 611 -27.95 -36.55 22.61
C ARG E 611 -26.61 -36.79 23.26
N GLN E 612 -26.55 -36.79 24.59
CA GLN E 612 -25.29 -37.06 25.27
C GLN E 612 -24.80 -38.47 24.99
N ARG E 613 -25.70 -39.45 25.05
CA ARG E 613 -25.33 -40.83 24.72
C ARG E 613 -24.96 -40.98 23.25
N ILE E 614 -25.68 -40.28 22.37
CA ILE E 614 -25.32 -40.30 20.95
C ILE E 614 -23.91 -39.77 20.75
N ALA E 615 -23.56 -38.68 21.45
CA ALA E 615 -22.22 -38.11 21.33
C ALA E 615 -21.17 -39.06 21.90
N ILE E 616 -21.49 -39.74 23.01
CA ILE E 616 -20.54 -40.71 23.58
C ILE E 616 -20.28 -41.82 22.58
N ALA E 617 -21.34 -42.36 21.96
CA ALA E 617 -21.17 -43.41 20.96
C ALA E 617 -20.38 -42.90 19.76
N ARG E 618 -20.66 -41.67 19.33
CA ARG E 618 -19.95 -41.09 18.19
C ARG E 618 -18.46 -40.96 18.49
N ALA E 619 -18.11 -40.55 19.71
CA ALA E 619 -16.70 -40.46 20.08
C ALA E 619 -16.06 -41.83 20.23
N LEU E 620 -16.81 -42.83 20.67
CA LEU E 620 -16.25 -44.16 20.85
C LEU E 620 -16.05 -44.92 19.53
N VAL E 621 -16.87 -44.62 18.52
CA VAL E 621 -16.85 -45.44 17.31
C VAL E 621 -15.57 -45.27 16.52
N ASN E 622 -14.89 -44.14 16.65
CA ASN E 622 -13.73 -43.83 15.82
C ASN E 622 -12.43 -44.41 16.36
N ASN E 623 -12.48 -45.07 17.52
CA ASN E 623 -11.30 -45.67 18.15
C ASN E 623 -10.20 -44.64 18.35
N PRO E 624 -10.41 -43.64 19.22
CA PRO E 624 -9.38 -42.63 19.44
C PRO E 624 -8.25 -43.16 20.30
N LYS E 625 -7.10 -42.49 20.19
CA LYS E 625 -5.95 -42.82 21.02
C LYS E 625 -6.00 -42.15 22.38
N ILE E 626 -6.62 -40.98 22.47
CA ILE E 626 -6.84 -40.28 23.74
C ILE E 626 -8.33 -39.97 23.84
N LEU E 627 -8.94 -40.34 24.95
CA LEU E 627 -10.37 -40.12 25.19
C LEU E 627 -10.52 -39.19 26.38
N ILE E 628 -11.30 -38.13 26.20
CA ILE E 628 -11.52 -37.12 27.24
C ILE E 628 -13.02 -37.06 27.51
N PHE E 629 -13.38 -37.21 28.78
CA PHE E 629 -14.77 -37.10 29.23
C PHE E 629 -14.89 -35.82 30.05
N ASP E 630 -15.13 -34.71 29.37
CA ASP E 630 -15.23 -33.40 30.02
C ASP E 630 -16.66 -33.22 30.52
N GLU E 631 -16.90 -33.71 31.73
CA GLU E 631 -18.19 -33.58 32.41
C GLU E 631 -19.32 -34.16 31.54
N ALA E 632 -19.04 -35.31 30.93
CA ALA E 632 -19.98 -35.90 30.00
C ALA E 632 -21.24 -36.40 30.70
N THR E 633 -21.08 -37.02 31.87
CA THR E 633 -22.18 -37.69 32.55
C THR E 633 -22.87 -36.81 33.59
N SER E 634 -22.93 -35.50 33.34
CA SER E 634 -23.62 -34.58 34.23
C SER E 634 -25.06 -34.30 33.80
N ALA E 635 -25.41 -34.59 32.55
CA ALA E 635 -26.75 -34.36 32.04
C ALA E 635 -27.59 -35.63 31.99
N LEU E 636 -27.06 -36.76 32.46
CA LEU E 636 -27.76 -38.03 32.43
C LEU E 636 -28.37 -38.35 33.79
N ASP E 637 -29.35 -39.24 33.78
CA ASP E 637 -29.97 -39.71 35.01
C ASP E 637 -29.08 -40.76 35.66
N TYR E 638 -29.58 -41.43 36.69
CA TYR E 638 -28.76 -42.41 37.40
C TYR E 638 -28.54 -43.67 36.57
N GLU E 639 -29.56 -44.10 35.82
CA GLU E 639 -29.43 -45.34 35.06
C GLU E 639 -28.41 -45.22 33.94
N SER E 640 -28.48 -44.15 33.14
CA SER E 640 -27.54 -43.98 32.04
C SER E 640 -26.11 -43.80 32.56
N GLU E 641 -25.94 -43.02 33.62
CA GLU E 641 -24.62 -42.85 34.20
C GLU E 641 -24.07 -44.16 34.76
N HIS E 642 -24.94 -44.96 35.40
CA HIS E 642 -24.51 -46.26 35.90
C HIS E 642 -24.07 -47.18 34.77
N ILE E 643 -24.81 -47.18 33.65
CA ILE E 643 -24.41 -47.97 32.50
C ILE E 643 -23.05 -47.51 31.99
N ILE E 644 -22.85 -46.19 31.92
CA ILE E 644 -21.57 -45.66 31.43
C ILE E 644 -20.43 -46.10 32.33
N MET E 645 -20.62 -46.00 33.65
CA MET E 645 -19.55 -46.38 34.57
C MET E 645 -19.30 -47.88 34.55
N ARG E 646 -20.33 -48.70 34.32
CA ARG E 646 -20.08 -50.13 34.24
C ARG E 646 -19.36 -50.51 32.95
N ASN E 647 -19.66 -49.83 31.85
CA ASN E 647 -18.96 -50.09 30.59
C ASN E 647 -17.62 -49.36 30.50
N MET E 648 -17.30 -48.51 31.48
CA MET E 648 -16.06 -47.76 31.45
C MET E 648 -14.84 -48.66 31.38
N HIS E 649 -14.92 -49.87 31.93
CA HIS E 649 -13.76 -50.77 31.89
C HIS E 649 -13.48 -51.25 30.47
N LYS E 650 -14.52 -51.51 29.67
CA LYS E 650 -14.29 -51.80 28.25
C LYS E 650 -13.92 -50.54 27.48
N ILE E 651 -14.45 -49.38 27.89
CA ILE E 651 -14.14 -48.15 27.19
C ILE E 651 -12.67 -47.77 27.33
N CYS E 652 -12.06 -48.06 28.48
CA CYS E 652 -10.73 -47.58 28.81
C CYS E 652 -9.61 -48.51 28.36
N LYS E 653 -9.94 -49.60 27.67
CA LYS E 653 -8.92 -50.57 27.25
C LYS E 653 -8.14 -50.01 26.06
N GLY E 654 -6.84 -49.80 26.26
CA GLY E 654 -5.97 -49.35 25.20
C GLY E 654 -6.00 -47.87 24.90
N ARG E 655 -6.57 -47.05 25.78
CA ARG E 655 -6.68 -45.62 25.57
C ARG E 655 -6.10 -44.88 26.77
N THR E 656 -5.72 -43.62 26.54
CA THR E 656 -5.34 -42.71 27.61
C THR E 656 -6.57 -41.86 27.92
N VAL E 657 -7.29 -42.25 28.97
CA VAL E 657 -8.59 -41.68 29.29
C VAL E 657 -8.43 -40.60 30.35
N ILE E 658 -8.99 -39.43 30.09
CA ILE E 658 -8.99 -38.32 31.04
C ILE E 658 -10.44 -38.04 31.41
N ILE E 659 -10.74 -38.09 32.70
CA ILE E 659 -12.11 -37.92 33.18
C ILE E 659 -12.21 -36.67 34.04
N ILE E 660 -12.74 -35.59 33.46
CA ILE E 660 -12.95 -34.36 34.21
C ILE E 660 -14.42 -34.31 34.64
N ALA E 661 -14.65 -34.20 35.95
CA ALA E 661 -16.00 -34.20 36.48
C ALA E 661 -16.06 -33.38 37.76
N HIS E 662 -17.25 -32.85 38.04
CA HIS E 662 -17.52 -32.15 39.29
C HIS E 662 -17.68 -33.12 40.44
N ARG E 663 -18.38 -34.24 40.21
CA ARG E 663 -18.65 -35.22 41.25
C ARG E 663 -17.45 -36.13 41.44
N LEU E 664 -17.01 -36.29 42.69
CA LEU E 664 -15.82 -37.09 42.95
C LEU E 664 -16.08 -38.58 42.75
N SER E 665 -17.34 -39.00 42.79
CA SER E 665 -17.66 -40.41 42.62
C SER E 665 -17.39 -40.92 41.21
N THR E 666 -17.23 -40.02 40.23
CA THR E 666 -16.97 -40.45 38.86
C THR E 666 -15.53 -40.92 38.66
N VAL E 667 -14.59 -40.35 39.39
CA VAL E 667 -13.17 -40.63 39.19
C VAL E 667 -12.61 -41.53 40.29
N LYS E 668 -13.48 -42.27 41.00
CA LYS E 668 -13.00 -43.11 42.10
C LYS E 668 -12.09 -44.22 41.59
N ASN E 669 -12.40 -44.78 40.42
CA ASN E 669 -11.64 -45.90 39.87
C ASN E 669 -10.46 -45.45 39.01
N ALA E 670 -10.20 -44.15 38.93
CA ALA E 670 -9.09 -43.66 38.12
C ALA E 670 -7.75 -44.05 38.76
N ASP E 671 -6.78 -44.35 37.90
CA ASP E 671 -5.47 -44.76 38.38
C ASP E 671 -4.71 -43.63 39.07
N ARG E 672 -5.13 -42.38 38.86
CA ARG E 672 -4.44 -41.24 39.43
C ARG E 672 -5.37 -40.03 39.37
N ILE E 673 -5.62 -39.41 40.52
CA ILE E 673 -6.53 -38.28 40.62
C ILE E 673 -5.72 -37.01 40.85
N ILE E 674 -6.16 -35.92 40.21
CA ILE E 674 -5.51 -34.63 40.31
C ILE E 674 -6.53 -33.62 40.82
N VAL E 675 -6.20 -32.95 41.92
CA VAL E 675 -7.06 -31.92 42.48
C VAL E 675 -6.47 -30.56 42.12
N MET E 676 -7.31 -29.68 41.59
CA MET E 676 -6.88 -28.37 41.14
C MET E 676 -7.65 -27.29 41.90
N GLU E 677 -6.97 -26.17 42.16
CA GLU E 677 -7.58 -25.07 42.89
C GLU E 677 -6.98 -23.76 42.39
N LYS E 678 -7.81 -22.93 41.77
CA LYS E 678 -7.41 -21.61 41.29
C LYS E 678 -6.22 -21.67 40.34
N GLY E 679 -6.18 -22.68 39.49
CA GLY E 679 -5.14 -22.80 38.49
C GLY E 679 -3.87 -23.50 38.91
N LYS E 680 -3.86 -24.17 40.06
CA LYS E 680 -2.67 -24.87 40.53
C LYS E 680 -3.05 -26.27 40.96
N ILE E 681 -2.19 -27.24 40.64
CA ILE E 681 -2.36 -28.62 41.08
C ILE E 681 -1.86 -28.70 42.52
N VAL E 682 -2.78 -28.69 43.47
CA VAL E 682 -2.38 -28.68 44.88
C VAL E 682 -2.14 -30.09 45.42
N GLU E 683 -2.91 -31.08 44.96
CA GLU E 683 -2.75 -32.46 45.41
C GLU E 683 -2.93 -33.39 44.22
N GLN E 684 -2.32 -34.57 44.32
CA GLN E 684 -2.50 -35.61 43.32
C GLN E 684 -2.08 -36.95 43.91
N GLY E 685 -2.81 -38.00 43.54
CA GLY E 685 -2.52 -39.32 44.05
C GLY E 685 -3.70 -40.25 43.81
N LYS E 686 -3.68 -41.39 44.48
CA LYS E 686 -4.76 -42.36 44.38
C LYS E 686 -5.96 -41.88 45.18
N HIS E 687 -7.07 -42.60 45.09
CA HIS E 687 -8.27 -42.22 45.83
C HIS E 687 -8.05 -42.40 47.33
N LYS E 688 -7.56 -43.57 47.74
CA LYS E 688 -7.36 -43.83 49.16
C LYS E 688 -6.24 -42.96 49.73
N GLU E 689 -5.18 -42.73 48.94
CA GLU E 689 -4.08 -41.90 49.41
C GLU E 689 -4.53 -40.47 49.68
N LEU E 690 -5.35 -39.91 48.79
CA LEU E 690 -5.84 -38.54 48.97
C LEU E 690 -6.95 -38.43 50.01
N LEU E 691 -7.82 -39.44 50.10
CA LEU E 691 -8.96 -39.38 51.01
C LEU E 691 -8.54 -39.58 52.46
N SER E 692 -7.44 -40.28 52.71
CA SER E 692 -7.01 -40.60 54.07
C SER E 692 -6.46 -39.39 54.80
N GLU E 693 -6.25 -38.26 54.14
CA GLU E 693 -5.71 -37.07 54.79
C GLU E 693 -6.84 -36.07 55.03
N PRO E 694 -7.31 -35.90 56.28
CA PRO E 694 -8.36 -34.90 56.54
C PRO E 694 -7.90 -33.47 56.30
N GLU E 695 -6.60 -33.21 56.27
CA GLU E 695 -6.07 -31.85 56.13
C GLU E 695 -5.84 -31.47 54.67
N SER E 696 -6.57 -32.07 53.74
CA SER E 696 -6.43 -31.80 52.31
C SER E 696 -7.73 -31.22 51.76
N LEU E 697 -7.72 -30.96 50.46
CA LEU E 697 -8.91 -30.46 49.77
C LEU E 697 -9.79 -31.58 49.24
N TYR E 698 -9.19 -32.70 48.83
CA TYR E 698 -9.97 -33.84 48.36
C TYR E 698 -10.87 -34.39 49.44
N SER E 699 -10.38 -34.49 50.68
CA SER E 699 -11.21 -34.96 51.78
C SER E 699 -12.38 -34.02 52.04
N TYR E 700 -12.12 -32.70 52.05
CA TYR E 700 -13.19 -31.75 52.26
C TYR E 700 -14.24 -31.82 51.17
N LEU E 701 -13.81 -31.90 49.91
CA LEU E 701 -14.75 -32.01 48.81
C LEU E 701 -15.52 -33.33 48.82
N TYR E 702 -14.90 -34.42 49.27
CA TYR E 702 -15.61 -35.69 49.35
C TYR E 702 -16.63 -35.67 50.47
N GLN E 703 -16.30 -35.05 51.61
CA GLN E 703 -17.26 -34.95 52.70
C GLN E 703 -18.42 -34.02 52.34
N LEU E 704 -18.13 -32.90 51.69
CA LEU E 704 -19.17 -31.93 51.35
C LEU E 704 -20.18 -32.52 50.38
N GLN E 705 -19.71 -33.24 49.36
CA GLN E 705 -20.62 -33.76 48.35
C GLN E 705 -21.37 -34.98 48.85
N SER E 706 -20.75 -35.77 49.73
CA SER E 706 -21.39 -36.96 50.27
C SER E 706 -22.52 -36.59 51.22
N LYS F 137 -53.24 -17.85 0.20
CA LYS F 137 -53.89 -17.00 -0.79
C LYS F 137 -53.08 -15.74 -1.04
N PHE F 138 -51.75 -15.86 -1.02
CA PHE F 138 -50.85 -14.75 -1.30
C PHE F 138 -50.42 -14.85 -2.75
N ASP F 139 -50.89 -13.91 -3.58
CA ASP F 139 -50.63 -13.88 -5.00
C ASP F 139 -50.36 -12.44 -5.41
N PHE F 140 -50.41 -12.17 -6.72
CA PHE F 140 -50.37 -10.80 -7.20
C PHE F 140 -51.66 -10.05 -6.90
N THR F 141 -52.72 -10.78 -6.55
CA THR F 141 -53.92 -10.16 -6.01
C THR F 141 -53.64 -9.42 -4.71
N TRP F 142 -52.52 -9.71 -4.05
CA TRP F 142 -52.05 -8.87 -2.95
C TRP F 142 -51.45 -7.57 -3.48
N PHE F 143 -50.80 -7.62 -4.65
CA PHE F 143 -50.24 -6.41 -5.23
C PHE F 143 -51.30 -5.49 -5.82
N ILE F 144 -52.48 -6.03 -6.15
CA ILE F 144 -53.53 -5.21 -6.74
C ILE F 144 -53.95 -4.06 -5.83
N PRO F 145 -54.30 -4.28 -4.56
CA PRO F 145 -54.67 -3.14 -3.70
C PRO F 145 -53.55 -2.13 -3.51
N ALA F 146 -52.31 -2.59 -3.48
CA ALA F 146 -51.19 -1.65 -3.39
C ALA F 146 -51.10 -0.78 -4.63
N ILE F 147 -51.45 -1.31 -5.80
CA ILE F 147 -51.50 -0.51 -7.01
C ILE F 147 -52.65 0.49 -6.94
N ILE F 148 -53.81 0.05 -6.48
CA ILE F 148 -54.95 0.95 -6.38
C ILE F 148 -54.67 2.08 -5.39
N LYS F 149 -53.88 1.81 -4.35
CA LYS F 149 -53.59 2.84 -3.35
C LYS F 149 -52.76 3.99 -3.94
N TYR F 150 -51.87 3.70 -4.89
CA TYR F 150 -51.03 4.71 -5.51
C TYR F 150 -51.42 4.94 -6.98
N ARG F 151 -52.66 4.57 -7.31
CA ARG F 151 -53.21 4.83 -8.63
C ARG F 151 -52.90 6.22 -9.18
N LYS F 152 -52.88 7.25 -8.33
CA LYS F 152 -52.68 8.61 -8.83
C LYS F 152 -51.28 8.79 -9.40
N ILE F 153 -50.26 8.41 -8.62
CA ILE F 153 -48.89 8.54 -9.13
C ILE F 153 -48.65 7.57 -10.28
N PHE F 154 -49.34 6.43 -10.29
CA PHE F 154 -49.19 5.49 -11.40
C PHE F 154 -49.79 6.07 -12.68
N ILE F 155 -50.91 6.78 -12.57
CA ILE F 155 -51.49 7.45 -13.72
C ILE F 155 -50.56 8.57 -14.20
N GLU F 156 -49.91 9.26 -13.27
CA GLU F 156 -48.90 10.24 -13.66
C GLU F 156 -47.79 9.59 -14.46
N THR F 157 -47.32 8.42 -14.01
CA THR F 157 -46.28 7.72 -14.75
C THR F 157 -46.77 7.30 -16.14
N LEU F 158 -48.04 6.88 -16.24
CA LEU F 158 -48.59 6.53 -17.54
C LEU F 158 -48.59 7.73 -18.49
N VAL F 159 -48.98 8.90 -17.99
CA VAL F 159 -48.98 10.10 -18.82
C VAL F 159 -47.56 10.44 -19.26
N VAL F 160 -46.60 10.35 -18.34
CA VAL F 160 -45.21 10.63 -18.69
C VAL F 160 -44.71 9.67 -19.75
N SER F 161 -45.08 8.39 -19.65
CA SER F 161 -44.69 7.40 -20.64
C SER F 161 -45.28 7.74 -22.01
N VAL F 162 -46.54 8.17 -22.04
CA VAL F 162 -47.17 8.55 -23.30
C VAL F 162 -46.41 9.72 -23.93
N PHE F 163 -46.03 10.71 -23.12
CA PHE F 163 -45.32 11.85 -23.68
C PHE F 163 -43.91 11.48 -24.13
N LEU F 164 -43.26 10.54 -23.43
CA LEU F 164 -41.97 10.04 -23.91
C LEU F 164 -42.12 9.37 -25.28
N GLN F 165 -43.18 8.58 -25.45
CA GLN F 165 -43.44 7.99 -26.75
C GLN F 165 -43.69 9.06 -27.80
N LEU F 166 -44.35 10.16 -27.41
CA LEU F 166 -44.57 11.25 -28.35
C LEU F 166 -43.25 11.89 -28.80
N PHE F 167 -42.33 12.12 -27.87
CA PHE F 167 -41.02 12.66 -28.24
C PHE F 167 -40.28 11.71 -29.17
N ALA F 168 -40.28 10.41 -28.83
CA ALA F 168 -39.64 9.42 -29.66
C ALA F 168 -40.30 9.31 -31.04
N LEU F 169 -41.56 9.70 -31.15
CA LEU F 169 -42.20 9.82 -32.46
C LEU F 169 -41.75 11.08 -33.19
N ILE F 170 -41.56 12.17 -32.46
CA ILE F 170 -41.20 13.44 -33.08
C ILE F 170 -39.85 13.34 -33.78
N THR F 171 -38.88 12.67 -33.15
CA THR F 171 -37.53 12.68 -33.71
C THR F 171 -37.42 12.08 -35.12
N PRO F 172 -37.94 10.88 -35.41
CA PRO F 172 -37.86 10.38 -36.79
C PRO F 172 -38.60 11.24 -37.80
N LEU F 173 -39.61 11.99 -37.36
CA LEU F 173 -40.23 12.96 -38.27
C LEU F 173 -39.22 14.00 -38.71
N PHE F 174 -38.37 14.45 -37.79
CA PHE F 174 -37.31 15.39 -38.16
C PHE F 174 -36.32 14.77 -39.11
N PHE F 175 -35.94 13.49 -38.88
CA PHE F 175 -35.06 12.84 -39.86
C PHE F 175 -35.72 12.75 -41.24
N GLN F 176 -37.01 12.39 -41.29
CA GLN F 176 -37.68 12.27 -42.58
C GLN F 176 -37.74 13.61 -43.29
N VAL F 177 -38.04 14.67 -42.54
CA VAL F 177 -38.11 16.01 -43.14
C VAL F 177 -36.75 16.41 -43.68
N VAL F 178 -35.68 16.18 -42.91
CA VAL F 178 -34.33 16.53 -43.37
C VAL F 178 -33.98 15.75 -44.62
N MET F 179 -34.31 14.46 -44.66
CA MET F 179 -33.96 13.63 -45.81
C MET F 179 -34.76 13.98 -47.05
N ASP F 180 -36.01 14.41 -46.90
CA ASP F 180 -36.90 14.58 -48.04
C ASP F 180 -37.09 16.02 -48.49
N LYS F 181 -36.66 17.02 -47.71
CA LYS F 181 -36.82 18.41 -48.10
C LYS F 181 -35.57 19.27 -47.98
N VAL F 182 -34.65 18.93 -47.09
CA VAL F 182 -33.42 19.72 -46.96
C VAL F 182 -32.40 19.32 -48.02
N LEU F 183 -32.32 18.04 -48.38
CA LEU F 183 -31.35 17.57 -49.34
C LEU F 183 -31.80 17.70 -50.79
N VAL F 184 -33.11 17.82 -51.03
CA VAL F 184 -33.59 17.79 -52.41
C VAL F 184 -33.44 19.14 -53.08
N HIS F 185 -34.01 20.21 -52.52
CA HIS F 185 -33.87 21.53 -53.13
C HIS F 185 -32.56 22.17 -52.71
N ARG F 186 -32.46 22.53 -51.43
CA ARG F 186 -31.31 23.08 -50.70
C ARG F 186 -31.80 23.18 -49.26
N GLY F 187 -30.86 23.47 -48.36
CA GLY F 187 -31.27 23.83 -47.01
C GLY F 187 -30.15 24.35 -46.13
N PHE F 188 -30.34 25.53 -45.55
CA PHE F 188 -29.45 26.03 -44.52
C PHE F 188 -30.17 26.72 -43.37
N SER F 189 -31.43 27.10 -43.54
CA SER F 189 -32.24 27.66 -42.46
C SER F 189 -33.17 26.63 -41.83
N THR F 190 -33.79 25.80 -42.66
CA THR F 190 -34.60 24.70 -42.14
C THR F 190 -33.74 23.71 -41.37
N LEU F 191 -32.54 23.45 -41.87
CA LEU F 191 -31.63 22.54 -41.17
C LEU F 191 -31.27 23.06 -39.79
N ASN F 192 -30.99 24.36 -39.68
CA ASN F 192 -30.60 24.92 -38.39
C ASN F 192 -31.73 24.89 -37.38
N VAL F 193 -32.95 25.25 -37.81
CA VAL F 193 -34.07 25.23 -36.87
C VAL F 193 -34.41 23.79 -36.48
N ILE F 194 -34.30 22.85 -37.42
CA ILE F 194 -34.50 21.44 -37.05
C ILE F 194 -33.44 20.99 -36.06
N THR F 195 -32.18 21.43 -36.25
CA THR F 195 -31.12 21.04 -35.33
C THR F 195 -31.38 21.55 -33.92
N VAL F 196 -31.75 22.83 -33.79
CA VAL F 196 -31.95 23.38 -32.46
C VAL F 196 -33.20 22.79 -31.81
N ALA F 197 -34.27 22.58 -32.59
CA ALA F 197 -35.45 21.94 -32.05
C ALA F 197 -35.15 20.52 -31.59
N LEU F 198 -34.35 19.79 -32.37
CA LEU F 198 -33.98 18.44 -31.99
C LEU F 198 -33.14 18.43 -30.72
N SER F 199 -32.23 19.39 -30.57
CA SER F 199 -31.45 19.46 -29.34
C SER F 199 -32.34 19.69 -28.12
N VAL F 200 -33.29 20.62 -28.24
CA VAL F 200 -34.19 20.89 -27.13
C VAL F 200 -35.02 19.65 -26.81
N VAL F 201 -35.55 19.01 -27.86
CA VAL F 201 -36.38 17.82 -27.66
C VAL F 201 -35.59 16.71 -27.00
N VAL F 202 -34.33 16.51 -27.42
CA VAL F 202 -33.49 15.47 -26.83
C VAL F 202 -33.26 15.73 -25.35
N VAL F 203 -32.89 16.96 -25.00
CA VAL F 203 -32.63 17.27 -23.60
C VAL F 203 -33.88 17.05 -22.76
N PHE F 204 -35.03 17.52 -23.26
CA PHE F 204 -36.28 17.35 -22.53
C PHE F 204 -36.65 15.88 -22.38
N GLU F 205 -36.44 15.09 -23.44
CA GLU F 205 -36.75 13.67 -23.37
C GLU F 205 -35.87 12.96 -22.36
N ILE F 206 -34.58 13.29 -22.32
CA ILE F 206 -33.68 12.67 -21.34
C ILE F 206 -34.14 12.99 -19.92
N ILE F 207 -34.44 14.27 -19.67
CA ILE F 207 -34.86 14.66 -18.33
C ILE F 207 -36.17 13.96 -17.96
N LEU F 208 -37.12 13.91 -18.89
CA LEU F 208 -38.41 13.29 -18.61
C LEU F 208 -38.29 11.80 -18.34
N SER F 209 -37.43 11.11 -19.10
CA SER F 209 -37.22 9.68 -18.87
C SER F 209 -36.60 9.44 -17.50
N GLY F 210 -35.61 10.25 -17.12
CA GLY F 210 -35.04 10.12 -15.79
C GLY F 210 -36.06 10.34 -14.69
N LEU F 211 -36.90 11.37 -14.85
CA LEU F 211 -37.93 11.63 -13.85
C LEU F 211 -38.93 10.49 -13.75
N ARG F 212 -39.33 9.93 -14.90
CA ARG F 212 -40.26 8.81 -14.89
C ARG F 212 -39.67 7.61 -14.15
N THR F 213 -38.40 7.30 -14.44
CA THR F 213 -37.76 6.17 -13.76
C THR F 213 -37.69 6.41 -12.25
N TYR F 214 -37.32 7.63 -11.85
CA TYR F 214 -37.24 7.94 -10.42
C TYR F 214 -38.59 7.77 -9.73
N ILE F 215 -39.65 8.30 -10.36
CA ILE F 215 -40.97 8.23 -9.75
C ILE F 215 -41.44 6.78 -9.64
N PHE F 216 -41.25 5.99 -10.70
CA PHE F 216 -41.67 4.59 -10.65
C PHE F 216 -40.90 3.83 -9.59
N ALA F 217 -39.59 4.06 -9.49
CA ALA F 217 -38.80 3.37 -8.48
C ALA F 217 -39.26 3.72 -7.07
N HIS F 218 -39.56 4.99 -6.82
CA HIS F 218 -40.09 5.41 -5.52
C HIS F 218 -41.39 4.67 -5.21
N SER F 219 -42.32 4.69 -6.16
CA SER F 219 -43.63 4.10 -5.93
C SER F 219 -43.54 2.60 -5.69
N THR F 220 -42.66 1.90 -6.39
CA THR F 220 -42.50 0.47 -6.18
C THR F 220 -41.74 0.13 -4.91
N SER F 221 -40.78 0.96 -4.50
CA SER F 221 -40.08 0.72 -3.25
C SER F 221 -41.01 0.85 -2.05
N ARG F 222 -41.99 1.76 -2.13
CA ARG F 222 -42.98 1.81 -1.05
C ARG F 222 -43.69 0.47 -0.88
N ILE F 223 -44.14 -0.11 -1.99
CA ILE F 223 -44.83 -1.40 -1.95
C ILE F 223 -43.93 -2.51 -1.45
N ASP F 224 -42.66 -2.52 -1.87
CA ASP F 224 -41.78 -3.60 -1.43
C ASP F 224 -41.49 -3.50 0.08
N VAL F 225 -41.39 -2.27 0.61
CA VAL F 225 -41.26 -2.10 2.05
C VAL F 225 -42.48 -2.67 2.77
N GLU F 226 -43.67 -2.35 2.26
CA GLU F 226 -44.89 -2.90 2.83
C GLU F 226 -44.85 -4.43 2.86
N LEU F 227 -44.46 -5.03 1.73
CA LEU F 227 -44.42 -6.48 1.63
C LEU F 227 -43.43 -7.09 2.61
N GLY F 228 -42.24 -6.50 2.74
CA GLY F 228 -41.26 -7.04 3.66
C GLY F 228 -41.71 -6.97 5.11
N ALA F 229 -42.30 -5.84 5.50
CA ALA F 229 -42.81 -5.72 6.86
C ALA F 229 -43.88 -6.77 7.14
N LYS F 230 -44.83 -6.93 6.20
CA LYS F 230 -45.87 -7.94 6.39
C LYS F 230 -45.28 -9.34 6.48
N LEU F 231 -44.28 -9.63 5.64
CA LEU F 231 -43.69 -10.96 5.62
C LEU F 231 -43.05 -11.30 6.95
N PHE F 232 -42.27 -10.37 7.51
CA PHE F 232 -41.60 -10.69 8.77
C PHE F 232 -42.60 -10.74 9.93
N ARG F 233 -43.63 -9.87 9.91
CA ARG F 233 -44.64 -9.93 10.95
C ARG F 233 -45.36 -11.28 10.93
N HIS F 234 -45.66 -11.80 9.74
CA HIS F 234 -46.24 -13.13 9.64
C HIS F 234 -45.26 -14.22 10.09
N LEU F 235 -43.98 -14.07 9.73
CA LEU F 235 -43.00 -15.10 10.07
C LEU F 235 -42.84 -15.27 11.57
N LEU F 236 -42.81 -14.15 12.32
CA LEU F 236 -42.63 -14.27 13.76
C LEU F 236 -43.82 -14.88 14.48
N ALA F 237 -44.98 -15.00 13.81
CA ALA F 237 -46.19 -15.50 14.46
C ALA F 237 -46.43 -16.98 14.22
N LEU F 238 -45.62 -17.65 13.40
CA LEU F 238 -45.84 -19.06 13.11
C LEU F 238 -45.50 -19.91 14.34
N PRO F 239 -46.20 -21.03 14.52
CA PRO F 239 -45.91 -21.92 15.65
C PRO F 239 -44.55 -22.59 15.49
N ILE F 240 -44.02 -23.05 16.62
CA ILE F 240 -42.72 -23.74 16.60
C ILE F 240 -42.78 -25.08 15.88
N SER F 241 -43.98 -25.63 15.68
CA SER F 241 -44.11 -26.84 14.87
C SER F 241 -43.65 -26.57 13.44
N TYR F 242 -43.91 -25.36 12.94
CA TYR F 242 -43.42 -24.98 11.62
C TYR F 242 -41.89 -24.98 11.57
N PHE F 243 -41.25 -24.46 12.61
CA PHE F 243 -39.80 -24.32 12.59
C PHE F 243 -39.07 -25.61 12.91
N GLU F 244 -39.69 -26.54 13.65
CA GLU F 244 -39.01 -27.77 14.00
C GLU F 244 -38.92 -28.76 12.84
N SER F 245 -39.74 -28.58 11.81
CA SER F 245 -39.73 -29.48 10.65
C SER F 245 -38.82 -29.00 9.53
N ARG F 246 -38.21 -27.82 9.66
CA ARG F 246 -37.40 -27.23 8.60
C ARG F 246 -35.98 -26.98 9.09
N ARG F 247 -35.18 -26.44 8.18
CA ARG F 247 -33.81 -26.06 8.52
C ARG F 247 -33.75 -24.55 8.49
N VAL F 248 -32.83 -23.96 9.23
CA VAL F 248 -32.74 -22.51 9.32
C VAL F 248 -32.53 -21.89 7.94
N GLY F 249 -31.66 -22.50 7.14
CA GLY F 249 -31.41 -22.00 5.80
C GLY F 249 -32.63 -22.07 4.90
N ASP F 250 -33.47 -23.09 5.07
CA ASP F 250 -34.64 -23.23 4.23
C ASP F 250 -35.58 -22.03 4.38
N THR F 251 -35.86 -21.62 5.61
CA THR F 251 -36.74 -20.49 5.86
C THR F 251 -36.01 -19.15 5.82
N VAL F 252 -34.67 -19.15 5.80
CA VAL F 252 -33.95 -17.91 5.55
C VAL F 252 -33.90 -17.60 4.06
N ALA F 253 -33.93 -18.65 3.22
CA ALA F 253 -33.83 -18.46 1.78
C ALA F 253 -34.99 -17.65 1.23
N ARG F 254 -36.21 -17.85 1.74
CA ARG F 254 -37.36 -17.13 1.24
C ARG F 254 -37.31 -15.65 1.61
N VAL F 255 -36.97 -15.36 2.88
CA VAL F 255 -36.83 -13.98 3.29
C VAL F 255 -35.70 -13.30 2.54
N ARG F 256 -34.66 -14.06 2.16
CA ARG F 256 -33.59 -13.51 1.35
C ARG F 256 -34.02 -13.25 -0.10
N GLU F 257 -34.76 -14.16 -0.70
CA GLU F 257 -35.25 -13.98 -2.07
C GLU F 257 -36.40 -13.00 -2.16
N LEU F 258 -36.89 -12.48 -1.03
CA LEU F 258 -37.66 -11.25 -1.06
C LEU F 258 -36.90 -10.15 -1.79
N ASP F 259 -35.57 -10.16 -1.69
CA ASP F 259 -34.75 -9.21 -2.43
C ASP F 259 -34.89 -9.36 -3.94
N GLN F 260 -35.31 -10.52 -4.44
CA GLN F 260 -35.57 -10.67 -5.87
C GLN F 260 -36.72 -9.76 -6.30
N ILE F 261 -37.84 -9.80 -5.57
CA ILE F 261 -38.94 -8.90 -5.85
C ILE F 261 -38.52 -7.46 -5.63
N ARG F 262 -37.69 -7.23 -4.61
CA ARG F 262 -37.20 -5.88 -4.35
C ARG F 262 -36.43 -5.32 -5.55
N ASN F 263 -35.56 -6.15 -6.14
CA ASN F 263 -34.79 -5.72 -7.30
C ASN F 263 -35.65 -5.59 -8.54
N PHE F 264 -36.66 -6.44 -8.69
CA PHE F 264 -37.53 -6.39 -9.86
C PHE F 264 -38.39 -5.13 -9.86
N LEU F 265 -39.02 -4.83 -8.72
CA LEU F 265 -39.92 -3.67 -8.67
C LEU F 265 -39.16 -2.37 -8.91
N THR F 266 -37.98 -2.23 -8.32
CA THR F 266 -37.14 -1.05 -8.55
C THR F 266 -36.17 -1.29 -9.70
N GLY F 267 -36.70 -1.70 -10.84
CA GLY F 267 -35.87 -2.00 -12.00
C GLY F 267 -36.42 -1.43 -13.28
N GLN F 268 -35.85 -1.84 -14.41
CA GLN F 268 -36.24 -1.34 -15.72
C GLN F 268 -37.25 -2.24 -16.42
N ALA F 269 -37.71 -3.31 -15.75
CA ALA F 269 -38.63 -4.25 -16.36
C ALA F 269 -39.99 -3.63 -16.63
N LEU F 270 -40.62 -3.08 -15.58
CA LEU F 270 -41.96 -2.55 -15.73
C LEU F 270 -41.98 -1.28 -16.59
N THR F 271 -40.91 -0.49 -16.54
CA THR F 271 -40.83 0.65 -17.46
C THR F 271 -40.78 0.18 -18.91
N SER F 272 -40.03 -0.89 -19.18
CA SER F 272 -40.00 -1.46 -20.53
C SER F 272 -41.35 -2.02 -20.93
N VAL F 273 -42.08 -2.64 -19.99
CA VAL F 273 -43.42 -3.13 -20.30
C VAL F 273 -44.34 -1.97 -20.66
N LEU F 274 -44.27 -0.88 -19.89
CA LEU F 274 -45.08 0.30 -20.20
C LEU F 274 -44.71 0.88 -21.55
N ASP F 275 -43.42 0.92 -21.87
CA ASP F 275 -42.99 1.38 -23.19
C ASP F 275 -43.55 0.50 -24.30
N LEU F 276 -43.54 -0.81 -24.08
CA LEU F 276 -44.04 -1.75 -25.09
C LEU F 276 -45.53 -1.58 -25.31
N LEU F 277 -46.30 -1.46 -24.23
CA LEU F 277 -47.75 -1.39 -24.39
C LEU F 277 -48.24 -0.04 -24.91
N PHE F 278 -47.37 0.97 -24.94
CA PHE F 278 -47.70 2.29 -25.47
C PHE F 278 -47.15 2.51 -26.87
N SER F 279 -47.10 1.47 -27.69
CA SER F 279 -46.49 1.54 -29.01
C SER F 279 -47.51 1.65 -30.13
N PHE F 280 -48.80 1.80 -29.82
CA PHE F 280 -49.78 2.05 -30.87
C PHE F 280 -49.64 3.44 -31.48
N ILE F 281 -48.96 4.35 -30.78
CA ILE F 281 -48.69 5.67 -31.33
C ILE F 281 -47.87 5.55 -32.61
N PHE F 282 -46.84 4.69 -32.58
CA PHE F 282 -46.00 4.49 -33.75
C PHE F 282 -46.75 3.76 -34.86
N PHE F 283 -47.65 2.84 -34.49
CA PHE F 283 -48.46 2.15 -35.48
C PHE F 283 -49.36 3.12 -36.23
N ALA F 284 -49.96 4.07 -35.50
CA ALA F 284 -50.86 5.03 -36.14
C ALA F 284 -50.14 5.88 -37.18
N VAL F 285 -48.83 6.08 -37.02
CA VAL F 285 -48.09 6.90 -37.98
C VAL F 285 -47.57 6.04 -39.13
N MET F 286 -47.06 4.84 -38.82
CA MET F 286 -46.56 3.99 -39.90
C MET F 286 -47.70 3.51 -40.80
N TRP F 287 -48.92 3.43 -40.28
CA TRP F 287 -50.04 3.13 -41.17
C TRP F 287 -50.27 4.26 -42.17
N TYR F 288 -50.05 5.51 -41.74
CA TYR F 288 -50.11 6.62 -42.67
C TYR F 288 -48.98 6.55 -43.69
N TYR F 289 -47.76 6.20 -43.24
CA TYR F 289 -46.66 6.03 -44.19
C TYR F 289 -46.92 4.88 -45.15
N SER F 290 -47.22 3.70 -44.63
CA SER F 290 -47.36 2.54 -45.50
C SER F 290 -48.26 1.48 -44.88
N PRO F 291 -49.36 1.11 -45.55
CA PRO F 291 -50.25 0.07 -45.04
C PRO F 291 -49.81 -1.36 -45.33
N LYS F 292 -48.55 -1.59 -45.72
CA LYS F 292 -48.05 -2.94 -45.95
C LYS F 292 -46.91 -3.30 -45.01
N LEU F 293 -45.87 -2.47 -44.96
CA LEU F 293 -44.80 -2.67 -44.00
C LEU F 293 -45.31 -2.56 -42.58
N THR F 294 -46.47 -1.93 -42.39
CA THR F 294 -47.08 -1.89 -41.07
C THR F 294 -47.66 -3.25 -40.68
N LEU F 295 -48.38 -3.90 -41.60
CA LEU F 295 -48.83 -5.26 -41.35
C LEU F 295 -47.66 -6.21 -41.17
N VAL F 296 -46.51 -5.89 -41.77
CA VAL F 296 -45.33 -6.72 -41.52
C VAL F 296 -45.02 -6.78 -40.03
N ILE F 297 -44.93 -5.62 -39.37
CA ILE F 297 -44.66 -5.59 -37.93
C ILE F 297 -45.85 -6.14 -37.15
N LEU F 298 -47.06 -5.84 -37.60
CA LEU F 298 -48.26 -6.26 -36.89
C LEU F 298 -48.39 -7.77 -36.87
N PHE F 299 -47.87 -8.45 -37.90
CA PHE F 299 -47.80 -9.90 -37.90
C PHE F 299 -46.53 -10.43 -37.24
N SER F 300 -45.48 -9.60 -37.16
CA SER F 300 -44.30 -9.99 -36.40
C SER F 300 -44.60 -10.12 -34.92
N LEU F 301 -45.43 -9.25 -34.38
CA LEU F 301 -45.71 -9.27 -32.93
C LEU F 301 -46.24 -10.62 -32.44
N PRO F 302 -47.21 -11.27 -33.09
CA PRO F 302 -47.62 -12.60 -32.63
C PRO F 302 -46.50 -13.63 -32.65
N CYS F 303 -45.51 -13.48 -33.52
CA CYS F 303 -44.36 -14.37 -33.48
C CYS F 303 -43.58 -14.20 -32.17
N TYR F 304 -43.38 -12.95 -31.74
CA TYR F 304 -42.77 -12.72 -30.44
C TYR F 304 -43.59 -13.36 -29.33
N ALA F 305 -44.91 -13.17 -29.36
CA ALA F 305 -45.76 -13.74 -28.31
C ALA F 305 -45.66 -15.25 -28.28
N ALA F 306 -45.69 -15.89 -29.46
CA ALA F 306 -45.64 -17.34 -29.53
C ALA F 306 -44.28 -17.87 -29.05
N TRP F 307 -43.19 -17.21 -29.42
CA TRP F 307 -41.88 -17.63 -28.96
C TRP F 307 -41.78 -17.50 -27.44
N SER F 308 -42.30 -16.41 -26.88
CA SER F 308 -42.28 -16.24 -25.43
C SER F 308 -43.08 -17.32 -24.74
N VAL F 309 -44.27 -17.63 -25.26
CA VAL F 309 -45.11 -18.67 -24.67
C VAL F 309 -44.42 -20.02 -24.75
N PHE F 310 -43.78 -20.33 -25.87
CA PHE F 310 -43.10 -21.61 -26.03
C PHE F 310 -41.92 -21.74 -25.07
N ILE F 311 -41.17 -20.65 -24.86
CA ILE F 311 -39.94 -20.74 -24.08
C ILE F 311 -40.14 -20.45 -22.59
N SER F 312 -41.34 -20.04 -22.17
CA SER F 312 -41.54 -19.74 -20.75
C SER F 312 -41.47 -20.97 -19.85
N PRO F 313 -42.33 -22.00 -20.01
CA PRO F 313 -42.42 -23.04 -18.97
C PRO F 313 -41.12 -23.79 -18.73
N ILE F 314 -40.32 -24.00 -19.76
CA ILE F 314 -39.09 -24.76 -19.60
C ILE F 314 -38.14 -24.03 -18.65
N LEU F 315 -37.95 -22.73 -18.87
CA LEU F 315 -37.03 -22.00 -18.00
C LEU F 315 -37.66 -21.77 -16.63
N ARG F 316 -38.99 -21.71 -16.57
CA ARG F 316 -39.66 -21.69 -15.27
C ARG F 316 -39.28 -22.92 -14.45
N ARG F 317 -39.36 -24.10 -15.07
CA ARG F 317 -39.00 -25.33 -14.37
C ARG F 317 -37.52 -25.34 -14.00
N ARG F 318 -36.66 -24.90 -14.92
CA ARG F 318 -35.22 -24.90 -14.64
C ARG F 318 -34.88 -23.98 -13.48
N LEU F 319 -35.53 -22.83 -13.40
CA LEU F 319 -35.28 -21.91 -12.30
C LEU F 319 -35.88 -22.42 -10.99
N ASP F 320 -36.98 -23.18 -11.06
CA ASP F 320 -37.47 -23.86 -9.87
C ASP F 320 -36.42 -24.83 -9.33
N ASP F 321 -35.83 -25.63 -10.22
CA ASP F 321 -34.78 -26.55 -9.79
C ASP F 321 -33.59 -25.79 -9.22
N LYS F 322 -33.21 -24.69 -9.86
CA LYS F 322 -32.09 -23.88 -9.37
C LYS F 322 -32.38 -23.31 -7.99
N PHE F 323 -33.62 -22.87 -7.75
CA PHE F 323 -33.97 -22.38 -6.42
C PHE F 323 -33.91 -23.48 -5.37
N SER F 324 -34.34 -24.69 -5.73
CA SER F 324 -34.22 -25.80 -4.78
C SER F 324 -32.76 -26.06 -4.42
N ARG F 325 -31.88 -26.06 -5.44
CA ARG F 325 -30.45 -26.24 -5.17
C ARG F 325 -29.91 -25.12 -4.30
N ASN F 326 -30.34 -23.88 -4.56
CA ASN F 326 -29.88 -22.74 -3.78
C ASN F 326 -30.31 -22.85 -2.32
N ALA F 327 -31.56 -23.27 -2.09
CA ALA F 327 -32.03 -23.45 -0.72
C ALA F 327 -31.24 -24.53 0.00
N ASP F 328 -30.95 -25.64 -0.69
CA ASP F 328 -30.13 -26.68 -0.08
C ASP F 328 -28.74 -26.16 0.26
N ASN F 329 -28.13 -25.40 -0.64
CA ASN F 329 -26.81 -24.84 -0.39
C ASN F 329 -26.82 -23.91 0.81
N GLN F 330 -27.84 -23.05 0.90
CA GLN F 330 -27.93 -22.13 2.02
C GLN F 330 -28.11 -22.87 3.34
N SER F 331 -28.96 -23.91 3.36
CA SER F 331 -29.15 -24.68 4.58
C SER F 331 -27.85 -25.35 5.01
N PHE F 332 -27.14 -25.96 4.06
CA PHE F 332 -25.88 -26.61 4.39
C PHE F 332 -24.86 -25.61 4.93
N LEU F 333 -24.75 -24.44 4.28
CA LEU F 333 -23.78 -23.44 4.71
C LEU F 333 -24.11 -22.91 6.11
N VAL F 334 -25.39 -22.63 6.37
CA VAL F 334 -25.78 -22.13 7.69
C VAL F 334 -25.47 -23.16 8.77
N GLU F 335 -25.84 -24.43 8.51
CA GLU F 335 -25.57 -25.47 9.49
C GLU F 335 -24.08 -25.67 9.71
N SER F 336 -23.27 -25.61 8.66
CA SER F 336 -21.84 -25.79 8.81
C SER F 336 -21.20 -24.65 9.59
N VAL F 337 -21.57 -23.40 9.29
CA VAL F 337 -20.98 -22.29 10.02
C VAL F 337 -21.44 -22.26 11.47
N THR F 338 -22.71 -22.62 11.73
CA THR F 338 -23.21 -22.62 13.10
C THR F 338 -22.48 -23.66 13.95
N ALA F 339 -22.24 -24.85 13.40
CA ALA F 339 -21.64 -25.97 14.13
C ALA F 339 -20.17 -26.17 13.78
N ILE F 340 -19.42 -25.08 13.59
CA ILE F 340 -18.01 -25.20 13.25
C ILE F 340 -17.21 -25.80 14.41
N ASN F 341 -17.68 -25.62 15.64
CA ASN F 341 -16.99 -26.20 16.79
C ASN F 341 -16.93 -27.72 16.69
N THR F 342 -18.05 -28.35 16.32
CA THR F 342 -18.07 -29.81 16.21
C THR F 342 -17.29 -30.28 14.98
N ILE F 343 -17.39 -29.54 13.88
CA ILE F 343 -16.66 -29.92 12.67
C ILE F 343 -15.16 -29.88 12.91
N LYS F 344 -14.66 -28.83 13.57
CA LYS F 344 -13.24 -28.74 13.84
C LYS F 344 -12.79 -29.67 14.97
N ALA F 345 -13.60 -29.81 16.02
CA ALA F 345 -13.23 -30.71 17.12
C ALA F 345 -13.15 -32.14 16.64
N MET F 346 -14.10 -32.57 15.81
CA MET F 346 -13.97 -33.84 15.13
C MET F 346 -13.03 -33.68 13.94
N ALA F 347 -12.88 -34.76 13.16
CA ALA F 347 -11.98 -34.76 12.03
C ALA F 347 -12.68 -34.56 10.69
N VAL F 348 -13.96 -34.18 10.72
CA VAL F 348 -14.70 -34.12 9.46
C VAL F 348 -14.57 -32.75 8.79
N SER F 349 -13.41 -32.50 8.21
CA SER F 349 -13.26 -31.52 7.14
C SER F 349 -13.53 -32.17 5.78
N PRO F 350 -12.94 -33.33 5.47
CA PRO F 350 -13.13 -33.91 4.12
C PRO F 350 -14.57 -34.21 3.77
N GLN F 351 -15.37 -34.70 4.73
CA GLN F 351 -16.75 -35.04 4.42
C GLN F 351 -17.56 -33.78 4.08
N MET F 352 -17.40 -32.73 4.88
CA MET F 352 -18.08 -31.48 4.61
C MET F 352 -17.65 -30.90 3.27
N THR F 353 -16.35 -30.98 2.99
CA THR F 353 -15.84 -30.46 1.72
C THR F 353 -16.39 -31.24 0.53
N ASN F 354 -16.50 -32.57 0.66
CA ASN F 354 -17.07 -33.37 -0.42
C ASN F 354 -18.53 -33.02 -0.66
N ILE F 355 -19.30 -32.88 0.42
CA ILE F 355 -20.71 -32.52 0.29
C ILE F 355 -20.84 -31.15 -0.37
N TRP F 356 -20.02 -30.20 0.06
CA TRP F 356 -20.04 -28.87 -0.54
C TRP F 356 -19.67 -28.93 -2.03
N ASP F 357 -18.69 -29.74 -2.38
CA ASP F 357 -18.29 -29.86 -3.78
C ASP F 357 -19.43 -30.38 -4.64
N LYS F 358 -20.10 -31.43 -4.18
CA LYS F 358 -21.21 -31.99 -4.95
C LYS F 358 -22.34 -30.98 -5.08
N GLN F 359 -22.68 -30.29 -3.99
CA GLN F 359 -23.76 -29.31 -4.03
C GLN F 359 -23.43 -28.15 -4.95
N LEU F 360 -22.19 -27.66 -4.90
CA LEU F 360 -21.77 -26.56 -5.76
C LEU F 360 -21.79 -26.97 -7.23
N ALA F 361 -21.35 -28.19 -7.52
CA ALA F 361 -21.39 -28.67 -8.91
C ALA F 361 -22.82 -28.73 -9.42
N GLY F 362 -23.73 -29.27 -8.62
CA GLY F 362 -25.13 -29.32 -9.04
C GLY F 362 -25.74 -27.95 -9.24
N TYR F 363 -25.47 -27.03 -8.32
CA TYR F 363 -26.01 -25.68 -8.43
C TYR F 363 -25.50 -24.97 -9.67
N VAL F 364 -24.20 -25.11 -9.96
CA VAL F 364 -23.63 -24.45 -11.13
C VAL F 364 -24.16 -25.07 -12.41
N ALA F 365 -24.37 -26.39 -12.42
CA ALA F 365 -24.97 -27.02 -13.59
C ALA F 365 -26.39 -26.50 -13.85
N ALA F 366 -27.18 -26.36 -12.79
CA ALA F 366 -28.53 -25.82 -12.95
C ALA F 366 -28.48 -24.38 -13.47
N GLY F 367 -27.57 -23.57 -12.93
CA GLY F 367 -27.42 -22.21 -13.43
C GLY F 367 -27.03 -22.16 -14.88
N PHE F 368 -26.16 -23.09 -15.31
CA PHE F 368 -25.76 -23.13 -16.71
C PHE F 368 -26.93 -23.51 -17.61
N LYS F 369 -27.77 -24.45 -17.17
CA LYS F 369 -28.96 -24.77 -17.95
C LYS F 369 -29.87 -23.55 -18.10
N VAL F 370 -30.06 -22.80 -17.01
CA VAL F 370 -30.87 -21.59 -17.07
C VAL F 370 -30.28 -20.60 -18.06
N THR F 371 -28.96 -20.40 -18.00
CA THR F 371 -28.29 -19.47 -18.91
C THR F 371 -28.47 -19.89 -20.36
N VAL F 372 -28.35 -21.19 -20.64
CA VAL F 372 -28.50 -21.68 -22.00
C VAL F 372 -29.90 -21.41 -22.52
N LEU F 373 -30.93 -21.69 -21.70
CA LEU F 373 -32.29 -21.43 -22.15
C LEU F 373 -32.53 -19.94 -22.40
N ALA F 374 -32.03 -19.08 -21.51
CA ALA F 374 -32.21 -17.64 -21.72
C ALA F 374 -31.53 -17.18 -23.00
N THR F 375 -30.32 -17.68 -23.26
CA THR F 375 -29.61 -17.32 -24.48
C THR F 375 -30.38 -17.76 -25.72
N ILE F 376 -30.93 -18.98 -25.68
CA ILE F 376 -31.71 -19.47 -26.82
C ILE F 376 -32.92 -18.58 -27.05
N GLY F 377 -33.60 -18.18 -25.97
CA GLY F 377 -34.76 -17.32 -26.13
C GLY F 377 -34.42 -15.97 -26.76
N GLN F 378 -33.37 -15.32 -26.25
CA GLN F 378 -33.05 -14.01 -26.82
C GLN F 378 -32.52 -14.13 -28.24
N GLN F 379 -31.84 -15.23 -28.59
CA GLN F 379 -31.41 -15.40 -29.97
C GLN F 379 -32.59 -15.62 -30.89
N GLY F 380 -33.63 -16.33 -30.42
CA GLY F 380 -34.84 -16.44 -31.20
C GLY F 380 -35.51 -15.09 -31.42
N ILE F 381 -35.53 -14.26 -30.39
CA ILE F 381 -36.09 -12.91 -30.54
C ILE F 381 -35.29 -12.13 -31.59
N GLN F 382 -33.96 -12.21 -31.53
CA GLN F 382 -33.13 -11.54 -32.52
C GLN F 382 -33.41 -12.04 -33.93
N LEU F 383 -33.60 -13.36 -34.07
CA LEU F 383 -33.89 -13.93 -35.39
C LEU F 383 -35.19 -13.38 -35.95
N ILE F 384 -36.23 -13.32 -35.11
CA ILE F 384 -37.51 -12.76 -35.56
C ILE F 384 -37.33 -11.31 -36.00
N GLN F 385 -36.64 -10.52 -35.17
CA GLN F 385 -36.44 -9.11 -35.48
C GLN F 385 -35.71 -8.94 -36.81
N LYS F 386 -34.66 -9.73 -37.03
CA LYS F 386 -33.84 -9.53 -38.22
C LYS F 386 -34.53 -10.04 -39.49
N THR F 387 -35.27 -11.15 -39.41
CA THR F 387 -36.02 -11.57 -40.60
C THR F 387 -37.10 -10.55 -40.95
N VAL F 388 -37.74 -9.96 -39.92
CA VAL F 388 -38.72 -8.91 -40.19
C VAL F 388 -38.04 -7.70 -40.83
N MET F 389 -36.85 -7.35 -40.35
CA MET F 389 -36.12 -6.22 -40.94
C MET F 389 -35.76 -6.49 -42.39
N ILE F 390 -35.37 -7.72 -42.72
CA ILE F 390 -35.02 -8.05 -44.10
C ILE F 390 -36.26 -7.95 -44.99
N ILE F 391 -37.38 -8.50 -44.54
CA ILE F 391 -38.61 -8.43 -45.33
C ILE F 391 -39.02 -6.97 -45.54
N ASN F 392 -38.90 -6.16 -44.49
CA ASN F 392 -39.22 -4.73 -44.61
C ASN F 392 -38.29 -4.04 -45.60
N LEU F 393 -37.01 -4.39 -45.59
CA LEU F 393 -36.07 -3.79 -46.53
C LEU F 393 -36.46 -4.11 -47.97
N TRP F 394 -36.78 -5.38 -48.24
CA TRP F 394 -37.20 -5.78 -49.58
C TRP F 394 -38.44 -5.02 -50.02
N LEU F 395 -39.48 -5.04 -49.17
CA LEU F 395 -40.74 -4.40 -49.53
C LEU F 395 -40.58 -2.90 -49.69
N GLY F 396 -39.82 -2.26 -48.81
CA GLY F 396 -39.62 -0.82 -48.92
C GLY F 396 -38.82 -0.44 -50.16
N ALA F 397 -37.83 -1.26 -50.52
CA ALA F 397 -37.09 -1.00 -51.76
C ALA F 397 -38.02 -1.08 -52.96
N HIS F 398 -38.84 -2.12 -53.02
CA HIS F 398 -39.78 -2.22 -54.14
C HIS F 398 -40.79 -1.07 -54.13
N LEU F 399 -41.23 -0.64 -52.96
CA LEU F 399 -42.18 0.47 -52.90
C LEU F 399 -41.55 1.77 -53.37
N VAL F 400 -40.34 2.07 -52.92
CA VAL F 400 -39.66 3.30 -53.31
C VAL F 400 -39.38 3.30 -54.82
N ILE F 401 -38.92 2.16 -55.34
CA ILE F 401 -38.64 2.08 -56.77
C ILE F 401 -39.89 2.28 -57.61
N SER F 402 -41.04 1.91 -57.06
CA SER F 402 -42.31 2.06 -57.74
C SER F 402 -43.02 3.32 -57.38
N GLY F 403 -42.38 4.18 -56.61
CA GLY F 403 -42.97 5.46 -56.29
C GLY F 403 -44.05 5.70 -55.24
N ASP F 404 -44.43 4.69 -54.48
CA ASP F 404 -45.49 4.85 -53.48
C ASP F 404 -44.98 5.18 -52.11
N LEU F 405 -43.72 5.54 -52.03
CA LEU F 405 -43.09 5.98 -50.80
C LEU F 405 -41.84 6.76 -51.18
N SER F 406 -41.15 7.34 -50.23
CA SER F 406 -39.91 8.01 -50.57
C SER F 406 -38.77 7.50 -49.78
N ILE F 407 -37.56 7.95 -50.03
CA ILE F 407 -36.43 7.48 -49.25
C ILE F 407 -36.55 7.92 -47.80
N GLY F 408 -36.89 9.19 -47.58
CA GLY F 408 -37.03 9.70 -46.22
C GLY F 408 -38.12 9.01 -45.44
N GLN F 409 -39.25 8.73 -46.10
CA GLN F 409 -40.32 8.01 -45.43
C GLN F 409 -39.89 6.60 -45.05
N LEU F 410 -39.12 5.94 -45.92
CA LEU F 410 -38.61 4.61 -45.60
C LEU F 410 -37.65 4.66 -44.42
N ILE F 411 -36.78 5.67 -44.38
CA ILE F 411 -35.85 5.79 -43.25
C ILE F 411 -36.61 6.02 -41.96
N ALA F 412 -37.61 6.91 -41.99
CA ALA F 412 -38.43 7.15 -40.80
C ALA F 412 -39.16 5.89 -40.36
N PHE F 413 -39.68 5.12 -41.33
CA PHE F 413 -40.35 3.87 -40.98
C PHE F 413 -39.38 2.89 -40.32
N ASN F 414 -38.16 2.79 -40.84
CA ASN F 414 -37.17 1.90 -40.23
C ASN F 414 -36.86 2.33 -38.82
N MET F 415 -36.70 3.64 -38.59
CA MET F 415 -36.44 4.11 -37.23
C MET F 415 -37.61 3.80 -36.30
N LEU F 416 -38.84 3.99 -36.77
CA LEU F 416 -40.00 3.70 -35.93
C LEU F 416 -40.10 2.22 -35.60
N ALA F 417 -39.83 1.36 -36.59
CA ALA F 417 -39.85 -0.08 -36.34
C ALA F 417 -38.77 -0.47 -35.33
N GLY F 418 -37.57 0.11 -35.45
CA GLY F 418 -36.55 -0.14 -34.46
C GLY F 418 -36.96 0.33 -33.08
N GLN F 419 -37.65 1.46 -33.00
CA GLN F 419 -38.09 1.98 -31.71
C GLN F 419 -39.14 1.06 -31.08
N ILE F 420 -40.00 0.45 -31.89
CA ILE F 420 -40.96 -0.50 -31.33
C ILE F 420 -40.26 -1.78 -30.89
N VAL F 421 -39.31 -2.28 -31.67
CA VAL F 421 -38.67 -3.55 -31.32
C VAL F 421 -37.63 -3.40 -30.21
N ALA F 422 -37.21 -2.18 -29.88
CA ALA F 422 -36.25 -1.97 -28.81
C ALA F 422 -36.76 -2.43 -27.44
N PRO F 423 -37.99 -2.08 -27.03
CA PRO F 423 -38.49 -2.61 -25.75
C PRO F 423 -38.56 -4.13 -25.70
N VAL F 424 -38.89 -4.79 -26.82
CA VAL F 424 -38.95 -6.25 -26.84
C VAL F 424 -37.56 -6.83 -26.63
N ILE F 425 -36.55 -6.24 -27.27
CA ILE F 425 -35.18 -6.71 -27.10
C ILE F 425 -34.71 -6.47 -25.68
N ARG F 426 -35.04 -5.31 -25.11
CA ARG F 426 -34.64 -5.00 -23.74
C ARG F 426 -35.32 -5.92 -22.74
N LEU F 427 -36.57 -6.32 -23.00
CA LEU F 427 -37.31 -7.20 -22.11
C LEU F 427 -36.91 -8.66 -22.26
N ALA F 428 -36.22 -9.01 -23.34
CA ALA F 428 -35.78 -10.39 -23.56
C ALA F 428 -34.46 -10.70 -22.88
N GLN F 429 -33.74 -9.69 -22.40
CA GLN F 429 -32.49 -9.90 -21.66
C GLN F 429 -32.70 -9.91 -20.16
N ILE F 430 -33.94 -9.78 -19.70
CA ILE F 430 -34.27 -9.83 -18.28
C ILE F 430 -35.36 -10.89 -18.09
N TRP F 431 -35.36 -11.88 -18.99
CA TRP F 431 -36.33 -12.96 -18.92
C TRP F 431 -36.20 -13.76 -17.63
N GLN F 432 -34.95 -14.07 -17.25
CA GLN F 432 -34.70 -14.77 -16.01
C GLN F 432 -35.28 -14.01 -14.82
N ASP F 433 -35.23 -12.68 -14.87
CA ASP F 433 -35.79 -11.88 -13.79
C ASP F 433 -37.30 -12.08 -13.68
N PHE F 434 -38.00 -12.10 -14.81
CA PHE F 434 -39.45 -12.32 -14.80
C PHE F 434 -39.79 -13.68 -14.19
N GLN F 435 -39.14 -14.73 -14.69
CA GLN F 435 -39.46 -16.06 -14.17
C GLN F 435 -39.06 -16.21 -12.70
N GLN F 436 -37.91 -15.64 -12.32
CA GLN F 436 -37.48 -15.70 -10.93
C GLN F 436 -38.42 -14.94 -10.02
N VAL F 437 -39.05 -13.87 -10.52
CA VAL F 437 -40.03 -13.15 -9.72
C VAL F 437 -41.30 -13.96 -9.55
N GLY F 438 -41.73 -14.66 -10.60
CA GLY F 438 -42.85 -15.59 -10.42
C GLY F 438 -42.56 -16.62 -9.35
N ILE F 439 -41.36 -17.22 -9.40
CA ILE F 439 -40.98 -18.22 -8.40
C ILE F 439 -40.86 -17.57 -7.02
N SER F 440 -40.39 -16.33 -6.98
CA SER F 440 -40.26 -15.61 -5.72
C SER F 440 -41.61 -15.42 -5.06
N VAL F 441 -42.62 -15.01 -5.83
CA VAL F 441 -43.96 -14.86 -5.30
C VAL F 441 -44.49 -16.21 -4.83
N THR F 442 -44.21 -17.28 -5.58
CA THR F 442 -44.65 -18.61 -5.16
C THR F 442 -44.06 -19.01 -3.82
N ARG F 443 -42.75 -18.79 -3.63
CA ARG F 443 -42.09 -19.19 -2.38
C ARG F 443 -42.51 -18.31 -1.21
N LEU F 444 -42.63 -17.00 -1.44
CA LEU F 444 -43.14 -16.12 -0.40
C LEU F 444 -44.56 -16.49 0.00
N GLY F 445 -45.36 -16.96 -0.96
CA GLY F 445 -46.67 -17.48 -0.60
C GLY F 445 -46.56 -18.76 0.21
N ASP F 446 -45.63 -19.63 -0.14
CA ASP F 446 -45.41 -20.86 0.64
C ASP F 446 -45.12 -20.52 2.10
N VAL F 447 -44.32 -19.49 2.34
CA VAL F 447 -44.08 -19.05 3.71
C VAL F 447 -45.32 -18.37 4.31
N LEU F 448 -45.99 -17.54 3.52
CA LEU F 448 -47.06 -16.67 4.00
C LEU F 448 -48.43 -17.32 4.03
N ASN F 449 -48.58 -18.53 3.50
CA ASN F 449 -49.86 -19.21 3.49
C ASN F 449 -50.00 -20.21 4.63
N SER F 450 -48.99 -20.37 5.46
CA SER F 450 -49.10 -21.28 6.59
C SER F 450 -49.96 -20.67 7.69
N PRO F 451 -50.76 -21.49 8.37
CA PRO F 451 -51.55 -20.97 9.50
C PRO F 451 -50.65 -20.58 10.65
N THR F 452 -51.04 -19.50 11.34
CA THR F 452 -50.29 -18.99 12.47
C THR F 452 -50.99 -19.34 13.78
N GLU F 453 -50.34 -19.00 14.88
CA GLU F 453 -50.93 -19.14 16.21
C GLU F 453 -52.12 -18.20 16.31
N SER F 454 -53.31 -18.77 16.56
CA SER F 454 -54.54 -17.99 16.53
C SER F 454 -54.58 -16.94 17.64
N TYR F 455 -54.40 -15.67 17.27
CA TYR F 455 -54.53 -14.59 18.22
C TYR F 455 -56.00 -14.40 18.59
N HIS F 456 -56.31 -14.52 19.88
CA HIS F 456 -57.66 -14.37 20.39
C HIS F 456 -57.69 -13.15 21.30
N GLY F 457 -57.91 -11.98 20.70
CA GLY F 457 -57.93 -10.76 21.47
C GLY F 457 -59.32 -10.19 21.67
N LYS F 458 -59.87 -10.39 22.88
CA LYS F 458 -61.14 -9.80 23.27
C LYS F 458 -61.32 -9.98 24.77
N LEU F 459 -61.89 -8.97 25.43
CA LEU F 459 -62.13 -8.85 26.86
C LEU F 459 -60.83 -8.59 27.63
N ALA F 460 -59.66 -8.67 26.99
CA ALA F 460 -58.38 -8.28 27.57
C ALA F 460 -58.13 -9.00 28.89
N LEU F 461 -57.93 -10.32 28.78
CA LEU F 461 -57.63 -11.20 29.91
C LEU F 461 -56.64 -10.54 30.86
N PRO F 462 -56.97 -10.45 32.15
CA PRO F 462 -56.15 -9.67 33.08
C PRO F 462 -54.91 -10.41 33.56
N GLU F 463 -54.12 -9.75 34.40
CA GLU F 463 -52.95 -10.39 34.99
C GLU F 463 -53.38 -11.56 35.86
N ILE F 464 -52.57 -12.61 35.85
CA ILE F 464 -52.93 -13.88 36.47
C ILE F 464 -52.19 -14.06 37.78
N ASN F 465 -52.81 -14.79 38.69
CA ASN F 465 -52.15 -15.36 39.84
C ASN F 465 -52.01 -16.86 39.62
N GLY F 466 -50.88 -17.43 40.07
CA GLY F 466 -50.55 -18.80 39.75
C GLY F 466 -51.58 -19.83 40.15
N ASN F 467 -52.27 -20.40 39.16
CA ASN F 467 -53.27 -21.45 39.39
C ASN F 467 -53.31 -22.30 38.13
N ILE F 468 -52.61 -23.44 38.16
CA ILE F 468 -52.46 -24.30 37.00
C ILE F 468 -53.23 -25.59 37.26
N THR F 469 -54.08 -25.97 36.32
CA THR F 469 -54.86 -27.21 36.40
C THR F 469 -54.72 -27.99 35.10
N PHE F 470 -54.49 -29.29 35.21
CA PHE F 470 -54.47 -30.20 34.07
C PHE F 470 -55.69 -31.11 34.18
N ARG F 471 -56.47 -31.18 33.10
CA ARG F 471 -57.75 -31.89 33.10
C ARG F 471 -57.73 -32.97 32.02
N ASN F 472 -57.43 -34.21 32.43
CA ASN F 472 -57.43 -35.37 31.53
C ASN F 472 -56.52 -35.13 30.33
N ILE F 473 -55.32 -34.65 30.60
CA ILE F 473 -54.37 -34.31 29.54
C ILE F 473 -53.84 -35.60 28.93
N ARG F 474 -54.00 -35.74 27.62
CA ARG F 474 -53.42 -36.84 26.85
C ARG F 474 -52.60 -36.25 25.73
N PHE F 475 -51.32 -36.61 25.68
CA PHE F 475 -50.39 -35.97 24.74
C PHE F 475 -49.47 -37.02 24.13
N ARG F 476 -49.24 -36.88 22.82
CA ARG F 476 -48.24 -37.64 22.11
C ARG F 476 -47.49 -36.72 21.18
N TYR F 477 -46.21 -37.03 20.94
CA TYR F 477 -45.38 -36.17 20.09
C TYR F 477 -45.91 -36.13 18.67
N LYS F 478 -45.98 -37.28 18.00
CA LYS F 478 -46.44 -37.40 16.64
C LYS F 478 -47.62 -38.38 16.59
N PRO F 479 -48.62 -38.13 15.73
CA PRO F 479 -49.77 -39.05 15.66
C PRO F 479 -49.41 -40.51 15.40
N ASP F 480 -48.16 -40.78 15.03
CA ASP F 480 -47.65 -42.13 14.86
C ASP F 480 -46.59 -42.44 15.90
N SER F 481 -46.82 -41.99 17.14
CA SER F 481 -45.91 -42.21 18.25
C SER F 481 -46.70 -42.68 19.46
N PRO F 482 -46.05 -43.41 20.37
CA PRO F 482 -46.74 -43.86 21.59
C PRO F 482 -47.15 -42.70 22.47
N VAL F 483 -48.24 -42.91 23.22
CA VAL F 483 -48.76 -41.86 24.10
C VAL F 483 -47.79 -41.64 25.25
N ILE F 484 -47.47 -40.37 25.50
CA ILE F 484 -46.58 -40.02 26.60
C ILE F 484 -47.40 -39.82 27.87
N LEU F 485 -48.32 -38.88 27.85
CA LEU F 485 -49.17 -38.56 29.00
C LEU F 485 -50.52 -39.24 28.82
N ASP F 486 -50.86 -40.14 29.74
CA ASP F 486 -52.09 -40.93 29.57
C ASP F 486 -53.33 -40.17 30.07
N ASN F 487 -53.41 -39.92 31.36
CA ASN F 487 -54.59 -39.30 31.96
C ASN F 487 -54.20 -38.35 33.09
N ILE F 488 -53.19 -37.52 32.86
CA ILE F 488 -52.67 -36.66 33.92
C ILE F 488 -53.74 -35.67 34.36
N ASN F 489 -54.06 -35.71 35.65
CA ASN F 489 -54.88 -34.70 36.31
C ASN F 489 -54.04 -34.03 37.40
N LEU F 490 -54.06 -32.70 37.41
CA LEU F 490 -53.17 -31.97 38.31
C LEU F 490 -53.83 -30.64 38.66
N SER F 491 -53.49 -30.14 39.85
CA SER F 491 -53.99 -28.86 40.33
C SER F 491 -52.90 -28.20 41.16
N ILE F 492 -52.43 -27.03 40.71
CA ILE F 492 -51.38 -26.27 41.39
C ILE F 492 -51.96 -24.91 41.77
N LYS F 493 -51.77 -24.54 43.03
CA LYS F 493 -52.35 -23.32 43.57
C LYS F 493 -51.28 -22.24 43.75
N GLN F 494 -51.71 -21.09 44.25
CA GLN F 494 -50.80 -19.98 44.49
C GLN F 494 -49.80 -20.29 45.60
N GLY F 495 -48.54 -19.95 45.35
CA GLY F 495 -47.50 -20.09 46.34
C GLY F 495 -47.01 -21.51 46.57
N GLU F 496 -47.49 -22.47 45.81
CA GLU F 496 -47.15 -23.87 46.02
C GLU F 496 -45.88 -24.20 45.22
N VAL F 497 -44.78 -24.44 45.92
CA VAL F 497 -43.54 -24.85 45.27
C VAL F 497 -43.64 -26.35 44.98
N ILE F 498 -44.01 -26.69 43.75
CA ILE F 498 -44.27 -28.08 43.37
C ILE F 498 -42.99 -28.71 42.85
N GLY F 499 -42.72 -29.92 43.29
CA GLY F 499 -41.60 -30.70 42.80
C GLY F 499 -42.07 -31.94 42.08
N ILE F 500 -41.55 -32.16 40.87
CA ILE F 500 -41.92 -33.29 40.04
C ILE F 500 -40.68 -34.12 39.79
N VAL F 501 -40.76 -35.42 40.07
CA VAL F 501 -39.61 -36.31 39.95
C VAL F 501 -40.01 -37.55 39.16
N GLY F 502 -38.99 -38.25 38.66
CA GLY F 502 -39.22 -39.45 37.89
C GLY F 502 -37.95 -39.84 37.16
N ARG F 503 -38.06 -40.88 36.36
CA ARG F 503 -36.95 -41.38 35.55
C ARG F 503 -37.10 -40.90 34.11
N SER F 504 -36.01 -41.03 33.35
CA SER F 504 -36.02 -40.64 31.95
C SER F 504 -36.96 -41.57 31.18
N GLY F 505 -38.05 -41.02 30.68
CA GLY F 505 -39.07 -41.82 30.02
C GLY F 505 -40.47 -41.38 30.41
N SER F 506 -40.59 -40.78 31.60
CA SER F 506 -41.86 -40.25 32.05
C SER F 506 -42.19 -38.97 31.28
N GLY F 507 -43.37 -38.42 31.56
CA GLY F 507 -43.83 -37.24 30.85
C GLY F 507 -43.58 -35.93 31.57
N LYS F 508 -42.68 -35.95 32.54
CA LYS F 508 -42.38 -34.74 33.29
C LYS F 508 -41.58 -33.72 32.49
N SER F 509 -41.02 -34.11 31.35
CA SER F 509 -40.25 -33.21 30.51
C SER F 509 -41.10 -32.46 29.49
N THR F 510 -42.41 -32.74 29.44
CA THR F 510 -43.30 -32.09 28.50
C THR F 510 -44.29 -31.13 29.15
N LEU F 511 -44.39 -31.14 30.48
CA LEU F 511 -45.32 -30.22 31.14
C LEU F 511 -44.89 -28.77 30.99
N THR F 512 -43.58 -28.51 30.99
CA THR F 512 -43.11 -27.14 30.82
C THR F 512 -43.44 -26.60 29.45
N LYS F 513 -43.57 -27.47 28.45
CA LYS F 513 -43.99 -27.07 27.12
C LYS F 513 -45.49 -27.26 26.90
N LEU F 514 -46.21 -27.72 27.92
CA LEU F 514 -47.66 -27.77 27.87
C LEU F 514 -48.28 -26.56 28.56
N ILE F 515 -47.67 -26.09 29.64
CA ILE F 515 -48.11 -24.84 30.27
C ILE F 515 -47.96 -23.69 29.29
N GLN F 516 -46.81 -23.60 28.64
CA GLN F 516 -46.68 -22.79 27.44
C GLN F 516 -47.41 -23.48 26.30
N ARG F 517 -47.95 -22.70 25.36
CA ARG F 517 -48.71 -23.31 24.28
C ARG F 517 -47.79 -23.76 23.17
N PHE F 518 -46.77 -24.55 23.50
CA PHE F 518 -45.90 -25.16 22.50
C PHE F 518 -46.34 -26.56 22.15
N TYR F 519 -46.96 -27.26 23.10
CA TYR F 519 -47.52 -28.58 22.87
C TYR F 519 -49.03 -28.51 22.99
N ILE F 520 -49.73 -28.98 21.96
CA ILE F 520 -51.19 -28.98 21.94
C ILE F 520 -51.67 -30.35 22.43
N PRO F 521 -52.39 -30.42 23.55
CA PRO F 521 -52.86 -31.72 24.05
C PRO F 521 -53.84 -32.37 23.07
N GLU F 522 -53.60 -33.64 22.76
CA GLU F 522 -54.51 -34.38 21.90
C GLU F 522 -55.89 -34.51 22.54
N ASN F 523 -55.93 -34.86 23.82
CA ASN F 523 -57.18 -34.97 24.57
C ASN F 523 -57.01 -34.25 25.89
N GLY F 524 -58.08 -33.62 26.34
CA GLY F 524 -58.04 -32.83 27.56
C GLY F 524 -57.74 -31.38 27.29
N GLN F 525 -57.54 -30.64 28.38
CA GLN F 525 -57.34 -29.21 28.30
C GLN F 525 -56.64 -28.72 29.54
N VAL F 526 -55.69 -27.79 29.36
CA VAL F 526 -54.93 -27.19 30.45
C VAL F 526 -55.50 -25.80 30.73
N LEU F 527 -55.73 -25.50 32.01
CA LEU F 527 -56.36 -24.25 32.40
C LEU F 527 -55.47 -23.53 33.41
N ILE F 528 -55.23 -22.24 33.17
CA ILE F 528 -54.59 -21.37 34.12
C ILE F 528 -55.60 -20.31 34.55
N ASP F 529 -55.83 -20.22 35.87
CA ASP F 529 -56.83 -19.33 36.46
C ASP F 529 -58.23 -19.62 35.96
N GLY F 530 -58.50 -20.89 35.61
CA GLY F 530 -59.81 -21.27 35.13
C GLY F 530 -60.07 -20.99 33.67
N HIS F 531 -59.17 -20.28 32.99
CA HIS F 531 -59.34 -19.99 31.57
C HIS F 531 -58.55 -20.99 30.74
N ASP F 532 -59.22 -21.64 29.80
CA ASP F 532 -58.55 -22.58 28.92
C ASP F 532 -57.52 -21.86 28.05
N LEU F 533 -56.38 -22.51 27.84
CA LEU F 533 -55.32 -21.94 27.03
C LEU F 533 -55.57 -22.09 25.53
N ALA F 534 -56.51 -22.95 25.13
CA ALA F 534 -56.79 -23.15 23.72
C ALA F 534 -57.41 -21.92 23.07
N LEU F 535 -57.86 -20.95 23.86
CA LEU F 535 -58.47 -19.74 23.33
C LEU F 535 -57.82 -18.49 23.92
N ALA F 536 -56.60 -18.62 24.42
CA ALA F 536 -55.89 -17.53 25.06
C ALA F 536 -54.75 -17.04 24.17
N ASP F 537 -54.37 -15.78 24.35
CA ASP F 537 -53.30 -15.18 23.57
C ASP F 537 -51.96 -15.77 23.97
N PRO F 538 -51.20 -16.37 23.04
CA PRO F 538 -49.89 -16.91 23.41
C PRO F 538 -48.93 -15.87 23.95
N ASN F 539 -48.94 -14.66 23.40
CA ASN F 539 -48.03 -13.61 23.86
C ASN F 539 -48.37 -13.19 25.29
N TRP F 540 -49.65 -13.09 25.62
CA TRP F 540 -50.05 -12.75 26.98
C TRP F 540 -49.65 -13.84 27.96
N LEU F 541 -49.80 -15.11 27.57
CA LEU F 541 -49.47 -16.20 28.47
C LEU F 541 -47.97 -16.31 28.69
N ARG F 542 -47.18 -16.28 27.61
CA ARG F 542 -45.75 -16.50 27.73
C ARG F 542 -45.02 -15.33 28.37
N ARG F 543 -45.66 -14.16 28.46
CA ARG F 543 -45.07 -13.04 29.16
C ARG F 543 -45.22 -13.14 30.67
N GLN F 544 -46.04 -14.09 31.15
CA GLN F 544 -46.24 -14.29 32.58
C GLN F 544 -45.39 -15.40 33.17
N VAL F 545 -45.04 -16.40 32.36
CA VAL F 545 -44.32 -17.58 32.84
C VAL F 545 -42.85 -17.46 32.49
N GLY F 546 -41.99 -17.76 33.46
CA GLY F 546 -40.56 -17.76 33.23
C GLY F 546 -39.98 -19.16 33.37
N VAL F 547 -39.46 -19.71 32.29
CA VAL F 547 -39.01 -21.09 32.24
C VAL F 547 -37.50 -21.12 32.08
N VAL F 548 -36.82 -21.78 33.00
CA VAL F 548 -35.37 -22.00 32.92
C VAL F 548 -35.14 -23.44 32.51
N LEU F 549 -34.46 -23.63 31.39
CA LEU F 549 -34.25 -24.95 30.82
C LEU F 549 -32.84 -25.44 31.15
N GLN F 550 -32.47 -26.60 30.61
CA GLN F 550 -31.15 -27.17 30.82
C GLN F 550 -30.11 -26.65 29.83
N ASP F 551 -30.54 -26.27 28.62
CA ASP F 551 -29.63 -25.72 27.61
C ASP F 551 -29.50 -24.21 27.71
N ASN F 552 -30.62 -23.49 27.62
CA ASN F 552 -30.68 -22.04 27.83
C ASN F 552 -29.74 -21.30 26.87
N VAL F 553 -30.10 -21.39 25.59
CA VAL F 553 -29.34 -20.68 24.56
C VAL F 553 -29.48 -19.18 24.78
N LEU F 554 -28.41 -18.44 24.50
CA LEU F 554 -28.37 -17.00 24.66
C LEU F 554 -28.22 -16.32 23.31
N LEU F 555 -28.38 -15.00 23.31
CA LEU F 555 -28.25 -14.18 22.12
C LEU F 555 -26.89 -13.47 22.12
N ASN F 556 -26.45 -13.07 20.93
CA ASN F 556 -25.12 -12.48 20.75
C ASN F 556 -25.14 -11.01 21.18
N ARG F 557 -25.33 -10.80 22.48
CA ARG F 557 -25.31 -9.46 23.06
C ARG F 557 -24.43 -9.45 24.31
N SER F 558 -24.47 -8.36 25.06
CA SER F 558 -23.72 -8.28 26.30
C SER F 558 -24.47 -9.03 27.41
N ILE F 559 -23.81 -9.16 28.56
CA ILE F 559 -24.41 -9.86 29.70
C ILE F 559 -25.67 -9.14 30.15
N ILE F 560 -25.60 -7.82 30.28
CA ILE F 560 -26.75 -7.06 30.75
C ILE F 560 -27.87 -7.04 29.72
N ASP F 561 -27.52 -7.02 28.43
CA ASP F 561 -28.54 -7.08 27.39
C ASP F 561 -29.25 -8.42 27.38
N ASN F 562 -28.50 -9.51 27.53
CA ASN F 562 -29.13 -10.84 27.59
C ASN F 562 -29.99 -10.99 28.83
N ILE F 563 -29.49 -10.55 29.99
CA ILE F 563 -30.27 -10.61 31.22
C ILE F 563 -31.52 -9.76 31.09
N SER F 564 -31.43 -8.62 30.43
CA SER F 564 -32.57 -7.74 30.18
C SER F 564 -33.13 -7.91 28.77
N LEU F 565 -33.09 -9.13 28.24
CA LEU F 565 -33.59 -9.36 26.89
C LEU F 565 -35.10 -9.16 26.81
N ALA F 566 -35.83 -9.64 27.82
CA ALA F 566 -37.29 -9.53 27.80
C ALA F 566 -37.76 -8.08 27.86
N ASN F 567 -36.87 -7.16 28.26
CA ASN F 567 -37.17 -5.73 28.29
C ASN F 567 -35.85 -4.97 28.19
N PRO F 568 -35.41 -4.64 26.97
CA PRO F 568 -34.06 -4.06 26.81
C PRO F 568 -33.85 -2.77 27.57
N GLY F 569 -34.89 -1.96 27.74
CA GLY F 569 -34.79 -0.77 28.55
C GLY F 569 -35.03 -1.04 30.03
N MET F 570 -34.01 -1.56 30.72
CA MET F 570 -34.13 -1.77 32.15
C MET F 570 -32.85 -1.29 32.83
N SER F 571 -33.01 -0.68 33.99
CA SER F 571 -31.89 -0.09 34.71
C SER F 571 -30.99 -1.15 35.30
N VAL F 572 -29.76 -0.76 35.64
CA VAL F 572 -28.78 -1.68 36.19
C VAL F 572 -29.14 -2.15 37.59
N GLU F 573 -30.03 -1.44 38.29
CA GLU F 573 -30.41 -1.86 39.64
C GLU F 573 -31.09 -3.23 39.61
N LYS F 574 -32.07 -3.40 38.72
CA LYS F 574 -32.77 -4.68 38.63
C LYS F 574 -31.83 -5.78 38.13
N VAL F 575 -30.92 -5.44 37.23
CA VAL F 575 -29.94 -6.42 36.76
C VAL F 575 -29.08 -6.92 37.92
N ILE F 576 -28.62 -5.98 38.75
CA ILE F 576 -27.80 -6.34 39.91
C ILE F 576 -28.60 -7.21 40.87
N TYR F 577 -29.85 -6.84 41.13
CA TYR F 577 -30.69 -7.62 42.04
C TYR F 577 -30.89 -9.04 41.53
N ALA F 578 -31.21 -9.17 40.23
CA ALA F 578 -31.43 -10.48 39.65
C ALA F 578 -30.16 -11.32 39.65
N ALA F 579 -29.02 -10.70 39.35
CA ALA F 579 -27.76 -11.43 39.35
C ALA F 579 -27.39 -11.90 40.75
N LYS F 580 -27.64 -11.07 41.77
CA LYS F 580 -27.41 -11.50 43.14
C LYS F 580 -28.34 -12.65 43.52
N LEU F 581 -29.60 -12.59 43.09
CA LEU F 581 -30.55 -13.66 43.39
C LEU F 581 -30.10 -14.97 42.74
N ALA F 582 -29.67 -14.91 41.49
CA ALA F 582 -29.26 -16.11 40.77
C ALA F 582 -27.87 -16.58 41.16
N GLY F 583 -27.10 -15.76 41.89
CA GLY F 583 -25.76 -16.14 42.26
C GLY F 583 -24.72 -15.92 41.19
N ALA F 584 -25.07 -15.20 40.12
CA ALA F 584 -24.12 -14.92 39.05
C ALA F 584 -23.43 -13.57 39.21
N HIS F 585 -23.76 -12.80 40.24
CA HIS F 585 -23.16 -11.47 40.33
C HIS F 585 -21.66 -11.58 40.37
N ASP F 586 -21.15 -12.40 41.30
CA ASP F 586 -19.70 -12.50 41.48
C ASP F 586 -18.91 -12.79 40.21
N PHE F 587 -19.30 -13.81 39.46
CA PHE F 587 -18.51 -14.18 38.28
C PHE F 587 -18.53 -13.07 37.24
N ILE F 588 -19.70 -12.46 37.03
CA ILE F 588 -19.81 -11.38 36.07
C ILE F 588 -18.91 -10.24 36.48
N SER F 589 -18.89 -9.93 37.77
CA SER F 589 -18.04 -8.85 38.26
C SER F 589 -16.56 -9.16 38.07
N GLU F 590 -16.16 -10.40 38.37
CA GLU F 590 -14.75 -10.77 38.27
C GLU F 590 -14.25 -10.58 36.86
N LEU F 591 -15.16 -10.40 35.92
CA LEU F 591 -14.77 -10.21 34.53
C LEU F 591 -14.17 -8.81 34.34
N ARG F 592 -13.58 -8.60 33.16
CA ARG F 592 -12.97 -7.31 32.88
C ARG F 592 -14.00 -6.30 32.37
N GLU F 593 -14.90 -6.74 31.49
CA GLU F 593 -15.98 -5.89 31.02
C GLU F 593 -17.18 -5.86 31.96
N GLY F 594 -17.20 -6.72 32.98
CA GLY F 594 -18.33 -6.76 33.89
C GLY F 594 -19.58 -7.20 33.18
N TYR F 595 -20.66 -6.46 33.37
CA TYR F 595 -21.95 -6.77 32.77
C TYR F 595 -22.03 -6.40 31.31
N ASN F 596 -20.93 -5.97 30.69
CA ASN F 596 -20.92 -5.61 29.28
C ASN F 596 -20.18 -6.64 28.42
N THR F 597 -19.87 -7.80 28.98
CA THR F 597 -19.11 -8.82 28.24
C THR F 597 -19.99 -9.44 27.17
N ILE F 598 -19.46 -9.51 25.94
CA ILE F 598 -20.18 -10.17 24.86
C ILE F 598 -20.02 -11.69 25.00
N VAL F 599 -21.15 -12.39 25.00
CA VAL F 599 -21.12 -13.84 25.22
C VAL F 599 -20.78 -14.61 23.94
N GLY F 600 -20.80 -13.96 22.79
CA GLY F 600 -20.57 -14.66 21.54
C GLY F 600 -21.85 -15.22 20.96
N GLU F 601 -21.69 -16.19 20.05
CA GLU F 601 -22.82 -16.83 19.39
C GLU F 601 -23.37 -17.92 20.28
N GLN F 602 -24.67 -17.81 20.61
CA GLN F 602 -25.36 -18.77 21.48
C GLN F 602 -24.68 -18.89 22.83
N GLY F 603 -24.10 -17.81 23.32
CA GLY F 603 -23.41 -17.83 24.60
C GLY F 603 -22.22 -18.75 24.64
N ALA F 604 -21.44 -18.82 23.55
CA ALA F 604 -20.27 -19.69 23.52
C ALA F 604 -19.17 -19.20 24.44
N GLY F 605 -19.14 -17.91 24.75
CA GLY F 605 -18.09 -17.36 25.60
C GLY F 605 -18.24 -17.70 27.06
N LEU F 606 -19.38 -18.26 27.46
CA LEU F 606 -19.64 -18.61 28.84
C LEU F 606 -19.80 -20.12 28.98
N SER F 607 -19.48 -20.63 30.17
CA SER F 607 -19.56 -22.06 30.44
C SER F 607 -21.02 -22.48 30.58
N GLY F 608 -21.22 -23.78 30.83
CA GLY F 608 -22.57 -24.29 30.99
C GLY F 608 -23.28 -23.74 32.20
N GLY F 609 -22.60 -23.67 33.35
CA GLY F 609 -23.22 -23.12 34.53
C GLY F 609 -23.36 -21.62 34.51
N GLN F 610 -22.41 -20.93 33.88
CA GLN F 610 -22.53 -19.48 33.73
C GLN F 610 -23.76 -19.11 32.93
N ARG F 611 -23.99 -19.81 31.82
CA ARG F 611 -25.21 -19.58 31.04
C ARG F 611 -26.45 -19.93 31.84
N GLN F 612 -26.35 -20.94 32.70
CA GLN F 612 -27.48 -21.31 33.52
C GLN F 612 -27.83 -20.21 34.51
N ARG F 613 -26.82 -19.63 35.14
CA ARG F 613 -27.06 -18.55 36.09
C ARG F 613 -27.46 -17.25 35.41
N ILE F 614 -27.13 -17.11 34.13
CA ILE F 614 -27.57 -15.94 33.37
C ILE F 614 -29.01 -16.13 32.97
N ALA F 615 -29.39 -17.36 32.62
CA ALA F 615 -30.77 -17.65 32.28
C ALA F 615 -31.70 -17.52 33.48
N ILE F 616 -31.24 -17.93 34.66
CA ILE F 616 -32.05 -17.76 35.87
C ILE F 616 -32.29 -16.28 36.13
N ALA F 617 -31.23 -15.46 36.02
CA ALA F 617 -31.40 -14.02 36.20
C ALA F 617 -32.34 -13.45 35.15
N ARG F 618 -32.19 -13.87 33.90
CA ARG F 618 -33.05 -13.39 32.82
C ARG F 618 -34.51 -13.75 33.05
N ALA F 619 -34.77 -14.92 33.63
CA ALA F 619 -36.12 -15.28 34.00
C ALA F 619 -36.62 -14.50 35.20
N LEU F 620 -35.73 -14.06 36.09
CA LEU F 620 -36.15 -13.40 37.31
C LEU F 620 -36.20 -11.87 37.21
N VAL F 621 -35.73 -11.27 36.12
CA VAL F 621 -35.72 -9.80 36.05
C VAL F 621 -37.13 -9.24 36.09
N ASN F 622 -37.98 -9.63 35.12
CA ASN F 622 -39.36 -9.19 35.10
C ASN F 622 -40.20 -10.22 35.83
N ASN F 623 -40.84 -9.79 36.92
CA ASN F 623 -41.54 -10.66 37.87
C ASN F 623 -42.48 -11.63 37.16
N PRO F 624 -42.14 -12.92 37.12
CA PRO F 624 -43.05 -13.90 36.51
C PRO F 624 -44.00 -14.48 37.55
N LYS F 625 -45.30 -14.52 37.23
CA LYS F 625 -46.26 -15.08 38.18
C LYS F 625 -46.08 -16.59 38.34
N ILE F 626 -45.58 -17.28 37.32
CA ILE F 626 -45.28 -18.70 37.38
C ILE F 626 -43.84 -18.89 36.92
N LEU F 627 -43.06 -19.59 37.75
CA LEU F 627 -41.65 -19.85 37.45
C LEU F 627 -41.43 -21.35 37.41
N ILE F 628 -40.79 -21.83 36.34
CA ILE F 628 -40.62 -23.26 36.10
C ILE F 628 -39.14 -23.56 35.99
N PHE F 629 -38.69 -24.58 36.73
CA PHE F 629 -37.31 -25.07 36.66
C PHE F 629 -37.35 -26.46 36.03
N ASP F 630 -36.92 -26.55 34.78
CA ASP F 630 -36.91 -27.81 34.03
C ASP F 630 -35.49 -28.35 34.02
N GLU F 631 -35.13 -29.07 35.09
CA GLU F 631 -33.80 -29.67 35.22
C GLU F 631 -32.70 -28.63 35.05
N ALA F 632 -32.90 -27.46 35.66
CA ALA F 632 -32.00 -26.33 35.49
C ALA F 632 -30.83 -26.35 36.48
N THR F 633 -30.80 -27.30 37.42
CA THR F 633 -29.73 -27.36 38.40
C THR F 633 -28.74 -28.48 38.15
N SER F 634 -29.02 -29.38 37.21
CA SER F 634 -28.15 -30.53 36.99
C SER F 634 -26.81 -30.15 36.35
N ALA F 635 -26.73 -29.01 35.68
CA ALA F 635 -25.52 -28.57 35.00
C ALA F 635 -24.64 -27.69 35.87
N LEU F 636 -24.71 -27.84 37.19
CA LEU F 636 -23.99 -26.97 38.11
C LEU F 636 -23.29 -27.81 39.17
N ASP F 637 -22.20 -27.24 39.71
CA ASP F 637 -21.45 -27.87 40.79
C ASP F 637 -22.22 -27.73 42.09
N TYR F 638 -21.68 -28.28 43.17
CA TYR F 638 -22.38 -28.24 44.46
C TYR F 638 -22.45 -26.82 45.01
N GLU F 639 -21.37 -26.05 44.88
CA GLU F 639 -21.28 -24.73 45.46
C GLU F 639 -22.00 -23.66 44.64
N SER F 640 -22.79 -24.05 43.65
CA SER F 640 -23.70 -23.16 42.94
C SER F 640 -25.15 -23.61 43.09
N GLU F 641 -25.39 -24.91 43.01
CA GLU F 641 -26.71 -25.44 43.34
C GLU F 641 -27.08 -25.12 44.78
N HIS F 642 -26.11 -25.20 45.70
CA HIS F 642 -26.40 -24.85 47.09
C HIS F 642 -26.77 -23.39 47.22
N ILE F 643 -26.10 -22.50 46.49
CA ILE F 643 -26.45 -21.10 46.51
C ILE F 643 -27.86 -20.89 45.98
N ILE F 644 -28.22 -21.59 44.90
CA ILE F 644 -29.55 -21.44 44.34
C ILE F 644 -30.62 -21.92 45.31
N MET F 645 -30.40 -23.08 45.93
CA MET F 645 -31.38 -23.58 46.91
C MET F 645 -31.44 -22.71 48.16
N ARG F 646 -30.35 -22.03 48.52
CA ARG F 646 -30.39 -21.14 49.66
C ARG F 646 -31.13 -19.84 49.33
N ASN F 647 -31.00 -19.36 48.09
CA ASN F 647 -31.72 -18.17 47.66
C ASN F 647 -33.14 -18.48 47.19
N MET F 648 -33.51 -19.76 47.15
CA MET F 648 -34.84 -20.14 46.64
C MET F 648 -35.96 -19.46 47.41
N HIS F 649 -35.84 -19.33 48.74
CA HIS F 649 -36.94 -18.77 49.51
C HIS F 649 -37.18 -17.30 49.17
N LYS F 650 -36.13 -16.58 48.78
CA LYS F 650 -36.31 -15.24 48.21
C LYS F 650 -36.79 -15.29 46.78
N ILE F 651 -36.38 -16.32 46.02
CA ILE F 651 -36.79 -16.44 44.62
C ILE F 651 -38.29 -16.68 44.52
N CYS F 652 -38.82 -17.57 45.37
CA CYS F 652 -40.21 -17.98 45.29
C CYS F 652 -41.12 -17.16 46.18
N LYS F 653 -40.78 -15.89 46.43
CA LYS F 653 -41.61 -15.03 47.26
C LYS F 653 -42.78 -14.52 46.43
N GLY F 654 -43.98 -14.94 46.78
CA GLY F 654 -45.17 -14.57 46.02
C GLY F 654 -45.18 -15.10 44.60
N ARG F 655 -44.77 -16.36 44.42
CA ARG F 655 -44.68 -16.96 43.10
C ARG F 655 -45.15 -18.41 43.18
N THR F 656 -45.57 -18.93 42.03
CA THR F 656 -45.89 -20.35 41.87
C THR F 656 -44.72 -21.00 41.14
N VAL F 657 -44.01 -21.89 41.82
CA VAL F 657 -42.77 -22.47 41.32
C VAL F 657 -42.98 -23.96 41.11
N ILE F 658 -42.61 -24.44 39.92
CA ILE F 658 -42.63 -25.86 39.60
C ILE F 658 -41.20 -26.29 39.31
N ILE F 659 -40.73 -27.30 40.03
CA ILE F 659 -39.36 -27.79 39.91
C ILE F 659 -39.40 -29.22 39.38
N ILE F 660 -38.68 -29.44 38.28
CA ILE F 660 -38.55 -30.76 37.67
C ILE F 660 -37.08 -31.11 37.61
N ALA F 661 -36.72 -32.27 38.16
CA ALA F 661 -35.32 -32.68 38.20
C ALA F 661 -35.22 -34.19 38.28
N HIS F 662 -34.12 -34.73 37.74
CA HIS F 662 -33.85 -36.15 37.87
C HIS F 662 -33.54 -36.51 39.33
N ARG F 663 -32.72 -35.69 39.98
CA ARG F 663 -32.35 -35.94 41.36
C ARG F 663 -33.53 -35.67 42.30
N LEU F 664 -33.40 -36.13 43.53
CA LEU F 664 -34.40 -35.90 44.56
C LEU F 664 -33.93 -34.96 45.66
N SER F 665 -32.64 -34.61 45.67
CA SER F 665 -32.14 -33.67 46.68
C SER F 665 -32.62 -32.25 46.40
N THR F 666 -32.89 -31.93 45.12
CA THR F 666 -33.32 -30.58 44.78
C THR F 666 -34.73 -30.29 45.27
N VAL F 667 -35.61 -31.29 45.31
CA VAL F 667 -37.01 -31.09 45.66
C VAL F 667 -37.33 -31.57 47.06
N LYS F 668 -36.30 -31.80 47.89
CA LYS F 668 -36.54 -32.31 49.24
C LYS F 668 -37.19 -31.27 50.15
N ASN F 669 -37.25 -30.01 49.73
CA ASN F 669 -37.83 -28.94 50.52
C ASN F 669 -38.95 -28.24 49.76
N ALA F 670 -39.78 -29.03 49.08
CA ALA F 670 -40.92 -28.51 48.33
C ALA F 670 -42.22 -28.79 49.06
N ASP F 671 -43.24 -28.00 48.73
CA ASP F 671 -44.54 -28.17 49.37
C ASP F 671 -45.14 -29.52 49.04
N ARG F 672 -45.08 -29.94 47.78
CA ARG F 672 -45.52 -31.26 47.39
C ARG F 672 -44.49 -31.88 46.45
N ILE F 673 -44.43 -33.21 46.46
CA ILE F 673 -43.57 -33.97 45.56
C ILE F 673 -44.44 -34.95 44.79
N ILE F 674 -44.29 -34.97 43.47
CA ILE F 674 -45.12 -35.78 42.59
C ILE F 674 -44.21 -36.68 41.77
N VAL F 675 -44.50 -37.98 41.78
CA VAL F 675 -43.70 -38.98 41.07
C VAL F 675 -44.46 -39.41 39.82
N MET F 676 -43.78 -39.40 38.68
CA MET F 676 -44.37 -39.79 37.41
C MET F 676 -43.64 -41.00 36.85
N GLU F 677 -44.39 -41.97 36.35
CA GLU F 677 -43.85 -43.19 35.75
C GLU F 677 -44.56 -43.47 34.45
N LYS F 678 -43.86 -43.34 33.33
CA LYS F 678 -44.41 -43.57 32.00
C LYS F 678 -45.66 -42.72 31.76
N GLY F 679 -45.56 -41.44 32.11
CA GLY F 679 -46.68 -40.53 31.92
C GLY F 679 -47.90 -40.83 32.78
N LYS F 680 -47.68 -41.13 34.06
CA LYS F 680 -48.78 -41.36 34.99
C LYS F 680 -48.34 -40.94 36.39
N ILE F 681 -49.12 -40.08 37.03
CA ILE F 681 -48.83 -39.67 38.40
C ILE F 681 -49.17 -40.83 39.32
N VAL F 682 -48.14 -41.47 39.88
CA VAL F 682 -48.35 -42.66 40.69
C VAL F 682 -48.76 -42.29 42.10
N GLU F 683 -47.98 -41.43 42.76
CA GLU F 683 -48.32 -40.99 44.11
C GLU F 683 -47.74 -39.60 44.33
N GLN F 684 -48.30 -38.88 45.31
CA GLN F 684 -47.91 -37.52 45.60
C GLN F 684 -47.98 -37.28 47.11
N GLY F 685 -47.27 -36.26 47.56
CA GLY F 685 -47.28 -35.89 48.96
C GLY F 685 -45.99 -35.21 49.35
N LYS F 686 -45.87 -34.99 50.66
CA LYS F 686 -44.68 -34.35 51.21
C LYS F 686 -43.51 -35.34 51.22
N HIS F 687 -42.30 -34.80 51.39
CA HIS F 687 -41.09 -35.63 51.34
C HIS F 687 -41.12 -36.73 52.39
N LYS F 688 -41.49 -36.38 53.62
CA LYS F 688 -41.55 -37.39 54.68
C LYS F 688 -42.63 -38.42 54.41
N GLU F 689 -43.80 -37.98 53.95
CA GLU F 689 -44.88 -38.91 53.63
C GLU F 689 -44.51 -39.81 52.46
N LEU F 690 -43.58 -39.39 51.60
CA LEU F 690 -43.10 -40.21 50.50
C LEU F 690 -42.04 -41.22 50.96
N LEU F 691 -41.10 -40.78 51.80
CA LEU F 691 -40.07 -41.69 52.28
C LEU F 691 -40.59 -42.67 53.33
N SER F 692 -41.73 -42.38 53.95
CA SER F 692 -42.24 -43.25 55.00
C SER F 692 -42.71 -44.60 54.47
N GLU F 693 -42.94 -44.71 53.16
CA GLU F 693 -43.43 -45.95 52.57
C GLU F 693 -42.28 -46.67 51.87
N PRO F 694 -41.78 -47.77 52.41
CA PRO F 694 -40.69 -48.49 51.72
C PRO F 694 -41.11 -49.11 50.40
N GLU F 695 -42.41 -49.33 50.19
CA GLU F 695 -42.89 -49.94 48.96
C GLU F 695 -43.10 -48.93 47.84
N SER F 696 -42.88 -47.64 48.10
CA SER F 696 -43.11 -46.60 47.11
C SER F 696 -41.96 -46.55 46.12
N LEU F 697 -42.26 -46.02 44.93
CA LEU F 697 -41.22 -45.81 43.92
C LEU F 697 -40.24 -44.71 44.34
N TYR F 698 -40.73 -43.71 45.09
CA TYR F 698 -39.85 -42.63 45.54
C TYR F 698 -38.77 -43.14 46.48
N SER F 699 -39.12 -44.08 47.36
CA SER F 699 -38.12 -44.66 48.25
C SER F 699 -37.07 -45.44 47.46
N TYR F 700 -37.50 -46.19 46.44
CA TYR F 700 -36.56 -46.89 45.58
C TYR F 700 -35.63 -45.94 44.85
N LEU F 701 -36.18 -44.84 44.32
CA LEU F 701 -35.36 -43.84 43.65
C LEU F 701 -34.38 -43.17 44.60
N TYR F 702 -34.82 -42.88 45.82
CA TYR F 702 -33.94 -42.27 46.82
C TYR F 702 -32.80 -43.21 47.18
N GLN F 703 -33.11 -44.51 47.33
CA GLN F 703 -32.07 -45.49 47.62
C GLN F 703 -31.08 -45.60 46.47
N LEU F 704 -31.58 -45.60 45.23
CA LEU F 704 -30.70 -45.66 44.07
C LEU F 704 -29.81 -44.43 43.97
N GLN F 705 -30.37 -43.25 44.25
CA GLN F 705 -29.59 -42.02 44.19
C GLN F 705 -28.48 -42.03 45.23
N SER F 706 -28.79 -42.50 46.43
CA SER F 706 -27.79 -42.55 47.50
C SER F 706 -26.84 -43.73 47.32
N SER G 9 -59.11 -15.14 -20.48
CA SER G 9 -59.05 -16.50 -19.96
C SER G 9 -59.86 -16.64 -18.68
N GLU G 10 -59.41 -17.54 -17.80
CA GLU G 10 -60.07 -17.76 -16.52
C GLU G 10 -59.38 -17.02 -15.38
N PHE G 11 -58.04 -17.05 -15.33
CA PHE G 11 -57.33 -16.26 -14.33
C PHE G 11 -57.53 -14.77 -14.56
N LEU G 12 -57.70 -14.36 -15.82
CA LEU G 12 -57.99 -12.96 -16.10
C LEU G 12 -59.32 -12.56 -15.49
N LEU G 13 -60.30 -13.46 -15.50
CA LEU G 13 -61.57 -13.17 -14.85
C LEU G 13 -61.40 -12.96 -13.36
N ARG G 14 -60.59 -13.80 -12.71
CA ARG G 14 -60.34 -13.65 -11.28
C ARG G 14 -59.65 -12.33 -10.98
N TYR G 15 -58.64 -11.97 -11.78
CA TYR G 15 -57.94 -10.70 -11.57
C TYR G 15 -58.87 -9.52 -11.79
N LYS G 16 -59.73 -9.59 -12.81
CA LYS G 16 -60.68 -8.52 -13.05
C LYS G 16 -61.67 -8.39 -11.89
N LEU G 17 -62.14 -9.52 -11.36
CA LEU G 17 -63.07 -9.49 -10.23
C LEU G 17 -62.41 -8.86 -9.01
N VAL G 18 -61.17 -9.25 -8.72
CA VAL G 18 -60.46 -8.68 -7.58
C VAL G 18 -60.24 -7.19 -7.77
N TRP G 19 -59.84 -6.77 -8.98
CA TRP G 19 -59.61 -5.36 -9.24
C TRP G 19 -60.89 -4.55 -9.10
N SER G 20 -62.00 -5.06 -9.64
CA SER G 20 -63.26 -4.35 -9.53
C SER G 20 -63.72 -4.24 -8.07
N GLU G 21 -63.60 -5.34 -7.33
CA GLU G 21 -64.02 -5.32 -5.93
C GLU G 21 -63.18 -4.35 -5.11
N THR G 22 -61.87 -4.29 -5.38
CA THR G 22 -61.01 -3.36 -4.66
C THR G 22 -61.29 -1.92 -5.09
N TRP G 23 -61.63 -1.70 -6.35
CA TRP G 23 -61.94 -0.36 -6.83
C TRP G 23 -63.29 0.14 -6.29
N LYS G 24 -64.21 -0.76 -5.97
CA LYS G 24 -65.44 -0.33 -5.32
C LYS G 24 -65.19 0.20 -3.91
N ILE G 25 -64.30 -0.46 -3.15
CA ILE G 25 -63.97 0.00 -1.81
C ILE G 25 -62.87 1.05 -1.80
N ARG G 26 -62.50 1.57 -2.97
CA ARG G 26 -61.51 2.63 -3.09
C ARG G 26 -61.97 3.87 -2.32
N LYS G 27 -61.02 4.70 -1.89
CA LYS G 27 -61.17 5.90 -1.06
C LYS G 27 -61.34 5.54 0.41
N GLN G 28 -61.37 4.26 0.76
CA GLN G 28 -61.37 3.82 2.15
C GLN G 28 -60.05 3.19 2.57
N LEU G 29 -59.03 3.25 1.72
CA LEU G 29 -57.71 2.67 1.99
C LEU G 29 -56.62 3.68 1.66
N ASP G 30 -56.91 4.95 1.86
CA ASP G 30 -55.98 6.03 1.59
C ASP G 30 -55.38 6.52 2.90
N THR G 31 -54.06 6.68 2.92
CA THR G 31 -53.38 7.15 4.12
C THR G 31 -53.78 8.60 4.39
N PRO G 32 -53.88 9.00 5.65
CA PRO G 32 -54.24 10.40 5.97
C PRO G 32 -53.17 11.36 5.48
N VAL G 33 -53.61 12.55 5.08
CA VAL G 33 -52.67 13.56 4.59
C VAL G 33 -51.92 14.15 5.77
N ARG G 34 -50.60 14.22 5.63
CA ARG G 34 -49.72 14.73 6.68
C ARG G 34 -48.71 15.70 6.09
N GLU G 35 -48.20 16.58 6.94
CA GLU G 35 -47.24 17.58 6.50
C GLU G 35 -45.85 16.95 6.37
N LYS G 36 -44.93 17.73 5.78
CA LYS G 36 -43.58 17.22 5.53
C LYS G 36 -42.86 16.90 6.84
N ASP G 37 -42.98 17.76 7.84
CA ASP G 37 -42.30 17.51 9.11
C ASP G 37 -42.94 16.36 9.87
N GLU G 38 -44.25 16.18 9.73
CA GLU G 38 -44.92 15.07 10.39
C GLU G 38 -44.49 13.73 9.79
N ASN G 39 -44.32 13.68 8.47
CA ASN G 39 -43.89 12.43 7.82
C ASN G 39 -42.44 12.12 8.15
N GLU G 40 -41.61 13.13 8.33
CA GLU G 40 -40.19 12.91 8.61
C GLU G 40 -39.95 12.23 9.94
N PHE G 41 -40.90 12.29 10.87
CA PHE G 41 -40.75 11.70 12.20
C PHE G 41 -41.83 10.63 12.35
N LEU G 42 -41.51 9.42 11.90
CA LEU G 42 -42.40 8.28 11.90
C LEU G 42 -41.56 7.04 12.13
N PRO G 43 -42.19 5.89 12.39
CA PRO G 43 -41.43 4.63 12.39
C PRO G 43 -40.73 4.45 11.05
N ALA G 44 -39.58 3.77 11.10
CA ALA G 44 -38.66 3.78 9.97
C ALA G 44 -39.32 3.28 8.69
N HIS G 45 -40.10 2.20 8.78
CA HIS G 45 -40.79 1.70 7.60
C HIS G 45 -42.03 2.52 7.26
N LEU G 46 -42.72 3.06 8.26
CA LEU G 46 -43.91 3.87 7.99
C LEU G 46 -43.54 5.16 7.27
N GLU G 47 -42.38 5.74 7.56
CA GLU G 47 -41.95 6.93 6.85
C GLU G 47 -41.78 6.64 5.36
N LEU G 48 -41.13 5.52 5.04
CA LEU G 48 -40.96 5.16 3.64
C LEU G 48 -42.29 4.85 2.97
N ILE G 49 -43.19 4.18 3.70
CA ILE G 49 -44.49 3.83 3.12
C ILE G 49 -45.33 5.07 2.84
N GLU G 50 -45.31 6.05 3.75
CA GLU G 50 -46.26 7.15 3.70
C GLU G 50 -45.69 8.47 3.21
N THR G 51 -44.44 8.49 2.74
CA THR G 51 -43.87 9.72 2.21
C THR G 51 -44.06 9.78 0.71
N PRO G 52 -44.87 10.71 0.19
CA PRO G 52 -45.08 10.77 -1.26
C PRO G 52 -43.89 11.39 -2.00
N VAL G 53 -43.94 11.35 -3.33
CA VAL G 53 -42.85 11.89 -4.14
C VAL G 53 -42.80 13.41 -3.97
N SER G 54 -41.58 13.94 -3.95
CA SER G 54 -41.40 15.38 -3.82
C SER G 54 -42.07 16.12 -4.97
N ARG G 55 -42.49 17.36 -4.69
CA ARG G 55 -43.24 18.14 -5.66
C ARG G 55 -42.36 18.68 -6.78
N ARG G 56 -41.06 18.86 -6.55
CA ARG G 56 -40.20 19.44 -7.58
C ARG G 56 -40.08 18.56 -8.83
N PRO G 57 -39.82 17.25 -8.74
CA PRO G 57 -39.80 16.45 -9.97
C PRO G 57 -41.14 16.43 -10.68
N ARG G 58 -42.25 16.42 -9.94
CA ARG G 58 -43.57 16.50 -10.55
C ARG G 58 -43.72 17.79 -11.33
N LEU G 59 -43.30 18.91 -10.74
CA LEU G 59 -43.41 20.20 -11.41
C LEU G 59 -42.53 20.25 -12.66
N VAL G 60 -41.32 19.69 -12.58
CA VAL G 60 -40.44 19.70 -13.74
C VAL G 60 -41.04 18.87 -14.88
N ALA G 61 -41.59 17.69 -14.55
CA ALA G 61 -42.22 16.87 -15.58
C ALA G 61 -43.43 17.58 -16.18
N TYR G 62 -44.25 18.21 -15.34
CA TYR G 62 -45.40 18.96 -15.83
C TYR G 62 -44.95 20.09 -16.76
N PHE G 63 -43.87 20.77 -16.40
CA PHE G 63 -43.35 21.83 -17.25
C PHE G 63 -42.91 21.27 -18.60
N ILE G 64 -42.27 20.11 -18.60
CA ILE G 64 -41.80 19.52 -19.86
C ILE G 64 -42.98 19.16 -20.76
N MET G 65 -43.98 18.44 -20.22
CA MET G 65 -45.12 18.08 -21.05
C MET G 65 -45.89 19.33 -21.50
N GLY G 66 -46.02 20.33 -20.62
CA GLY G 66 -46.70 21.55 -21.01
C GLY G 66 -45.97 22.29 -22.11
N PHE G 67 -44.63 22.32 -22.05
CA PHE G 67 -43.85 22.94 -23.12
C PHE G 67 -44.08 22.22 -24.44
N LEU G 68 -44.09 20.88 -24.41
CA LEU G 68 -44.34 20.13 -25.65
C LEU G 68 -45.73 20.43 -26.20
N VAL G 69 -46.74 20.48 -25.31
CA VAL G 69 -48.11 20.74 -25.76
C VAL G 69 -48.21 22.13 -26.36
N ILE G 70 -47.63 23.13 -25.69
CA ILE G 70 -47.67 24.49 -26.22
C ILE G 70 -46.95 24.58 -27.55
N ALA G 71 -45.83 23.88 -27.70
CA ALA G 71 -45.11 23.88 -28.97
C ALA G 71 -45.94 23.28 -30.09
N VAL G 72 -46.60 22.14 -29.83
CA VAL G 72 -47.37 21.50 -30.89
C VAL G 72 -48.62 22.32 -31.23
N ILE G 73 -49.20 23.00 -30.23
CA ILE G 73 -50.34 23.87 -30.53
C ILE G 73 -49.92 25.11 -31.32
N LEU G 74 -48.81 25.73 -30.96
CA LEU G 74 -48.35 26.92 -31.69
C LEU G 74 -47.92 26.57 -33.10
N SER G 75 -47.27 25.42 -33.29
CA SER G 75 -46.80 25.02 -34.61
C SER G 75 -47.95 24.78 -35.58
N VAL G 76 -49.05 24.17 -35.13
CA VAL G 76 -50.15 23.86 -36.04
C VAL G 76 -50.96 25.11 -36.40
N LEU G 77 -50.86 26.18 -35.61
CA LEU G 77 -51.60 27.40 -35.91
C LEU G 77 -50.66 28.48 -36.44
N SER H 9 44.06 -25.61 -42.30
CA SER H 9 45.19 -25.56 -41.39
C SER H 9 45.43 -26.92 -40.74
N GLU H 10 45.58 -26.94 -39.42
CA GLU H 10 45.81 -28.17 -38.68
C GLU H 10 44.64 -28.49 -37.75
N PHE H 11 44.11 -27.50 -37.04
CA PHE H 11 42.99 -27.76 -36.14
C PHE H 11 41.76 -28.22 -36.91
N LEU H 12 41.49 -27.61 -38.08
CA LEU H 12 40.35 -28.03 -38.88
C LEU H 12 40.47 -29.47 -39.31
N LEU H 13 41.70 -29.94 -39.55
CA LEU H 13 41.90 -31.35 -39.87
C LEU H 13 41.48 -32.24 -38.71
N ARG H 14 41.84 -31.85 -37.48
CA ARG H 14 41.44 -32.63 -36.31
C ARG H 14 39.91 -32.62 -36.15
N TYR H 15 39.29 -31.45 -36.33
CA TYR H 15 37.84 -31.38 -36.21
C TYR H 15 37.15 -32.23 -37.26
N LYS H 16 37.65 -32.22 -38.49
CA LYS H 16 37.06 -33.05 -39.54
C LYS H 16 37.30 -34.53 -39.27
N LEU H 17 38.45 -34.89 -38.72
CA LEU H 17 38.69 -36.28 -38.34
C LEU H 17 37.69 -36.74 -37.29
N VAL H 18 37.47 -35.92 -36.26
CA VAL H 18 36.51 -36.26 -35.22
C VAL H 18 35.11 -36.36 -35.81
N TRP H 19 34.74 -35.41 -36.68
CA TRP H 19 33.42 -35.43 -37.29
C TRP H 19 33.20 -36.70 -38.10
N SER H 20 34.18 -37.09 -38.91
CA SER H 20 34.05 -38.31 -39.70
C SER H 20 33.98 -39.54 -38.79
N GLU H 21 34.79 -39.57 -37.74
CA GLU H 21 34.80 -40.73 -36.85
C GLU H 21 33.45 -40.91 -36.17
N THR H 22 32.85 -39.82 -35.70
CA THR H 22 31.55 -39.93 -35.04
C THR H 22 30.38 -39.92 -36.02
N TRP H 23 30.62 -39.63 -37.30
CA TRP H 23 29.58 -39.75 -38.31
C TRP H 23 29.52 -41.14 -38.93
N LYS H 24 30.63 -41.89 -38.89
CA LYS H 24 30.56 -43.30 -39.28
C LYS H 24 29.78 -44.11 -38.25
N ILE H 25 29.91 -43.78 -36.96
CA ILE H 25 29.22 -44.51 -35.90
C ILE H 25 27.79 -44.02 -35.73
N ARG H 26 27.34 -43.13 -36.61
CA ARG H 26 25.96 -42.62 -36.62
C ARG H 26 24.97 -43.77 -36.71
N LYS H 27 23.70 -43.51 -36.37
CA LYS H 27 22.57 -44.44 -36.22
C LYS H 27 22.61 -45.13 -34.87
N GLN H 28 23.60 -44.87 -34.02
CA GLN H 28 23.61 -45.38 -32.65
C GLN H 28 23.35 -44.30 -31.62
N LEU H 29 23.57 -43.02 -31.96
CA LEU H 29 23.35 -41.94 -31.02
C LEU H 29 21.88 -41.60 -30.83
N ASP H 30 21.04 -41.98 -31.79
CA ASP H 30 19.62 -41.61 -31.73
C ASP H 30 18.91 -42.33 -30.60
N THR H 31 18.02 -41.59 -29.91
CA THR H 31 17.15 -42.11 -28.87
C THR H 31 15.89 -42.72 -29.48
N PRO H 32 15.27 -43.70 -28.80
CA PRO H 32 14.05 -44.30 -29.34
C PRO H 32 12.92 -43.28 -29.44
N VAL H 33 12.05 -43.49 -30.43
CA VAL H 33 10.91 -42.60 -30.61
C VAL H 33 9.87 -42.92 -29.55
N ARG H 34 9.23 -41.87 -29.02
CA ARG H 34 8.29 -42.02 -27.93
C ARG H 34 7.10 -41.09 -28.15
N GLU H 35 5.96 -41.47 -27.58
CA GLU H 35 4.80 -40.60 -27.59
C GLU H 35 5.00 -39.42 -26.64
N LYS H 36 4.15 -38.40 -26.80
CA LYS H 36 4.30 -37.19 -26.00
C LYS H 36 4.08 -37.47 -24.51
N ASP H 37 3.08 -38.29 -24.18
CA ASP H 37 2.79 -38.58 -22.78
C ASP H 37 3.94 -39.34 -22.13
N GLU H 38 4.58 -40.25 -22.86
CA GLU H 38 5.71 -40.99 -22.32
C GLU H 38 6.93 -40.09 -22.15
N ASN H 39 7.10 -39.13 -23.07
CA ASN H 39 8.19 -38.16 -22.93
C ASN H 39 7.96 -37.27 -21.72
N GLU H 40 6.70 -36.92 -21.45
CA GLU H 40 6.39 -36.01 -20.34
C GLU H 40 6.78 -36.60 -19.00
N PHE H 41 6.52 -37.90 -18.80
CA PHE H 41 6.77 -38.56 -17.53
C PHE H 41 8.10 -39.31 -17.57
N LEU H 42 9.17 -38.53 -17.46
CA LEU H 42 10.55 -38.99 -17.43
C LEU H 42 11.25 -38.24 -16.31
N PRO H 43 12.50 -38.63 -15.98
CA PRO H 43 13.31 -37.78 -15.10
C PRO H 43 13.38 -36.35 -15.61
N ALA H 44 13.62 -35.40 -14.69
CA ALA H 44 13.42 -33.99 -15.03
C ALA H 44 14.32 -33.55 -16.18
N HIS H 45 15.59 -33.94 -16.15
CA HIS H 45 16.52 -33.51 -17.19
C HIS H 45 16.30 -34.30 -18.48
N LEU H 46 15.95 -35.59 -18.36
CA LEU H 46 15.81 -36.42 -19.55
C LEU H 46 14.62 -36.01 -20.40
N GLU H 47 13.59 -35.40 -19.80
CA GLU H 47 12.42 -35.03 -20.58
C GLU H 47 12.63 -33.68 -21.27
N LEU H 48 13.68 -32.95 -20.91
CA LEU H 48 14.15 -31.86 -21.77
C LEU H 48 15.11 -32.38 -22.83
N ILE H 49 15.98 -33.33 -22.46
CA ILE H 49 16.96 -33.84 -23.41
C ILE H 49 16.28 -34.58 -24.57
N GLU H 50 15.25 -35.36 -24.28
CA GLU H 50 14.69 -36.29 -25.26
C GLU H 50 13.39 -35.81 -25.89
N THR H 51 12.86 -34.67 -25.50
CA THR H 51 11.62 -34.18 -26.11
C THR H 51 11.93 -33.42 -27.39
N PRO H 52 11.43 -33.87 -28.54
CA PRO H 52 11.69 -33.20 -29.80
C PRO H 52 10.84 -31.94 -29.94
N VAL H 53 11.11 -31.19 -31.02
CA VAL H 53 10.40 -29.96 -31.28
C VAL H 53 8.94 -30.28 -31.63
N SER H 54 8.02 -29.44 -31.18
CA SER H 54 6.61 -29.65 -31.44
C SER H 54 6.34 -29.64 -32.95
N ARG H 55 5.31 -30.38 -33.34
CA ARG H 55 5.02 -30.60 -34.74
C ARG H 55 4.36 -29.39 -35.40
N ARG H 56 3.58 -28.61 -34.65
CA ARG H 56 2.87 -27.48 -35.23
C ARG H 56 3.80 -26.44 -35.84
N PRO H 57 4.85 -25.94 -35.17
CA PRO H 57 5.75 -24.99 -35.84
C PRO H 57 6.44 -25.58 -37.05
N ARG H 58 6.75 -26.88 -37.02
CA ARG H 58 7.37 -27.50 -38.19
C ARG H 58 6.43 -27.46 -39.39
N LEU H 59 5.15 -27.79 -39.18
CA LEU H 59 4.19 -27.67 -40.29
C LEU H 59 3.99 -26.23 -40.72
N VAL H 60 4.01 -25.27 -39.79
CA VAL H 60 3.84 -23.88 -40.20
C VAL H 60 5.01 -23.44 -41.08
N ALA H 61 6.23 -23.77 -40.69
CA ALA H 61 7.40 -23.42 -41.49
C ALA H 61 7.37 -24.11 -42.85
N TYR H 62 7.01 -25.40 -42.86
CA TYR H 62 6.92 -26.13 -44.12
C TYR H 62 5.86 -25.54 -45.03
N PHE H 63 4.72 -25.13 -44.47
CA PHE H 63 3.66 -24.53 -45.25
C PHE H 63 4.11 -23.20 -45.86
N ILE H 64 4.80 -22.37 -45.08
CA ILE H 64 5.29 -21.10 -45.61
C ILE H 64 6.30 -21.34 -46.74
N MET H 65 7.24 -22.26 -46.51
CA MET H 65 8.25 -22.54 -47.53
C MET H 65 7.62 -23.10 -48.80
N GLY H 66 6.67 -24.02 -48.66
CA GLY H 66 5.96 -24.55 -49.81
C GLY H 66 5.14 -23.51 -50.52
N PHE H 67 4.55 -22.57 -49.78
CA PHE H 67 3.81 -21.48 -50.39
C PHE H 67 4.74 -20.63 -51.25
N LEU H 68 5.92 -20.32 -50.74
CA LEU H 68 6.89 -19.57 -51.54
C LEU H 68 7.29 -20.35 -52.79
N VAL H 69 7.56 -21.64 -52.64
CA VAL H 69 7.99 -22.45 -53.79
C VAL H 69 6.88 -22.51 -54.83
N ILE H 70 5.64 -22.71 -54.39
CA ILE H 70 4.52 -22.78 -55.31
C ILE H 70 4.32 -21.45 -56.03
N ALA H 71 4.43 -20.34 -55.30
CA ALA H 71 4.28 -19.03 -55.92
C ALA H 71 5.34 -18.81 -56.99
N VAL H 72 6.60 -19.17 -56.67
CA VAL H 72 7.67 -19.00 -57.65
C VAL H 72 7.43 -19.86 -58.88
N ILE H 73 7.05 -21.12 -58.68
CA ILE H 73 6.94 -22.04 -59.81
C ILE H 73 5.74 -21.68 -60.68
N LEU H 74 4.68 -21.13 -60.07
CA LEU H 74 3.53 -20.71 -60.87
C LEU H 74 3.80 -19.38 -61.59
N SER H 75 4.58 -18.48 -60.98
CA SER H 75 4.90 -17.22 -61.63
C SER H 75 5.91 -17.37 -62.76
N VAL H 76 6.89 -18.27 -62.62
CA VAL H 76 7.86 -18.47 -63.69
C VAL H 76 7.19 -19.08 -64.91
N LEU H 77 6.20 -19.95 -64.70
CA LEU H 77 5.50 -20.59 -65.80
C LEU H 77 4.02 -20.73 -65.50
N SER I 9 9.26 65.35 3.85
CA SER I 9 10.12 65.06 2.70
C SER I 9 11.58 65.20 3.07
N GLU I 10 11.87 65.25 4.38
CA GLU I 10 13.22 65.40 4.86
C GLU I 10 13.95 64.07 5.04
N PHE I 11 13.25 62.94 4.92
CA PHE I 11 13.92 61.65 4.97
C PHE I 11 14.81 61.45 3.75
N LEU I 12 14.33 61.87 2.58
CA LEU I 12 15.10 61.68 1.35
C LEU I 12 16.40 62.47 1.37
N LEU I 13 16.37 63.71 1.87
CA LEU I 13 17.60 64.50 1.91
C LEU I 13 18.62 63.90 2.88
N ARG I 14 18.17 63.44 4.04
CA ARG I 14 19.10 62.79 4.98
C ARG I 14 19.67 61.52 4.37
N TYR I 15 18.84 60.74 3.68
CA TYR I 15 19.32 59.56 2.98
C TYR I 15 20.38 59.94 1.96
N LYS I 16 20.15 61.01 1.21
CA LYS I 16 21.13 61.47 0.22
C LYS I 16 22.44 61.88 0.89
N LEU I 17 22.36 62.61 2.00
CA LEU I 17 23.59 63.04 2.67
C LEU I 17 24.40 61.84 3.17
N VAL I 18 23.74 60.89 3.81
CA VAL I 18 24.48 59.74 4.33
C VAL I 18 25.00 58.87 3.18
N TRP I 19 24.22 58.73 2.11
CA TRP I 19 24.69 58.03 0.92
C TRP I 19 25.96 58.65 0.39
N SER I 20 25.98 59.97 0.23
CA SER I 20 27.15 60.64 -0.31
C SER I 20 28.35 60.52 0.63
N GLU I 21 28.12 60.71 1.93
CA GLU I 21 29.23 60.70 2.88
C GLU I 21 29.86 59.31 2.99
N THR I 22 29.06 58.26 2.92
CA THR I 22 29.63 56.92 2.93
C THR I 22 30.09 56.47 1.55
N TRP I 23 29.67 57.16 0.48
CA TRP I 23 30.22 56.91 -0.84
C TRP I 23 31.60 57.54 -0.99
N LYS I 24 31.87 58.61 -0.26
CA LYS I 24 33.24 59.12 -0.17
C LYS I 24 34.13 58.23 0.68
N ILE I 25 33.56 57.28 1.40
CA ILE I 25 34.33 56.27 2.13
C ILE I 25 34.33 54.94 1.35
N ARG I 26 34.06 55.01 0.04
CA ARG I 26 33.99 53.81 -0.78
C ARG I 26 35.33 53.11 -0.83
N LYS I 27 35.30 51.77 -0.89
CA LYS I 27 36.43 50.85 -0.98
C LYS I 27 37.19 50.76 0.34
N GLN I 28 36.84 51.54 1.36
CA GLN I 28 37.49 51.40 2.66
C GLN I 28 36.94 50.20 3.42
N LEU I 29 35.65 49.88 3.21
CA LEU I 29 34.98 48.83 3.96
C LEU I 29 34.66 47.60 3.12
N ASP I 30 35.10 47.57 1.86
CA ASP I 30 34.80 46.43 1.00
C ASP I 30 35.56 45.19 1.45
N THR I 31 34.93 44.03 1.24
CA THR I 31 35.54 42.76 1.64
C THR I 31 36.74 42.43 0.76
N PRO I 32 37.75 41.78 1.31
CA PRO I 32 38.90 41.37 0.50
C PRO I 32 38.53 40.28 -0.49
N VAL I 33 39.28 40.23 -1.58
CA VAL I 33 39.04 39.25 -2.64
C VAL I 33 39.76 37.95 -2.29
N ARG I 34 39.10 36.83 -2.53
CA ARG I 34 39.64 35.51 -2.24
C ARG I 34 39.29 34.54 -3.36
N GLU I 35 40.03 33.45 -3.42
CA GLU I 35 39.75 32.41 -4.40
C GLU I 35 38.59 31.55 -3.94
N LYS I 36 38.16 30.64 -4.82
CA LYS I 36 37.00 29.80 -4.53
C LYS I 36 37.25 28.89 -3.33
N ASP I 37 38.41 28.25 -3.29
CA ASP I 37 38.72 27.33 -2.20
C ASP I 37 38.81 28.07 -0.87
N GLU I 38 39.39 29.26 -0.87
CA GLU I 38 39.50 30.04 0.36
C GLU I 38 38.12 30.43 0.89
N ASN I 39 37.21 30.80 -0.02
CA ASN I 39 35.86 31.17 0.39
C ASN I 39 35.08 29.96 0.88
N GLU I 40 35.27 28.79 0.24
CA GLU I 40 34.49 27.61 0.61
C GLU I 40 34.79 27.17 2.05
N PHE I 41 36.07 27.22 2.44
CA PHE I 41 36.48 26.72 3.75
C PHE I 41 36.53 27.86 4.77
N LEU I 42 35.36 28.46 5.00
CA LEU I 42 35.17 29.52 5.98
C LEU I 42 34.12 29.07 6.99
N PRO I 43 33.88 29.82 8.07
CA PRO I 43 32.72 29.54 8.92
C PRO I 43 31.43 29.55 8.12
N ALA I 44 30.37 28.96 8.66
CA ALA I 44 29.15 28.74 7.88
C ALA I 44 28.54 30.05 7.40
N HIS I 45 28.44 31.04 8.28
CA HIS I 45 27.87 32.32 7.89
C HIS I 45 28.83 33.18 7.09
N LEU I 46 30.13 33.15 7.43
CA LEU I 46 31.10 33.97 6.71
C LEU I 46 31.27 33.51 5.27
N GLU I 47 31.18 32.22 5.01
CA GLU I 47 31.25 31.73 3.64
C GLU I 47 30.13 32.31 2.79
N LEU I 48 28.90 32.31 3.31
CA LEU I 48 27.78 32.84 2.56
C LEU I 48 27.87 34.36 2.44
N ILE I 49 28.37 35.04 3.46
CA ILE I 49 28.46 36.49 3.43
C ILE I 49 29.51 36.96 2.41
N GLU I 50 30.68 36.32 2.40
CA GLU I 50 31.81 36.82 1.63
C GLU I 50 31.93 36.22 0.23
N THR I 51 31.04 35.31 -0.16
CA THR I 51 31.14 34.65 -1.45
C THR I 51 30.44 35.49 -2.52
N PRO I 52 31.14 35.95 -3.56
CA PRO I 52 30.45 36.61 -4.68
C PRO I 52 29.56 35.63 -5.42
N VAL I 53 28.70 36.16 -6.28
CA VAL I 53 27.67 35.35 -6.91
C VAL I 53 28.29 34.27 -7.77
N SER I 54 28.93 34.68 -8.87
CA SER I 54 29.62 33.77 -9.79
C SER I 54 30.23 34.58 -10.93
N ARG I 55 30.89 33.88 -11.86
CA ARG I 55 31.32 34.50 -13.10
C ARG I 55 30.51 34.04 -14.31
N ARG I 56 29.93 32.85 -14.26
CA ARG I 56 29.24 32.32 -15.44
C ARG I 56 27.91 33.01 -15.70
N PRO I 57 26.97 33.10 -14.75
CA PRO I 57 25.71 33.81 -15.04
C PRO I 57 25.92 35.26 -15.42
N ARG I 58 26.90 35.93 -14.81
CA ARG I 58 27.21 37.30 -15.21
C ARG I 58 27.65 37.34 -16.67
N LEU I 59 28.48 36.39 -17.08
CA LEU I 59 28.91 36.32 -18.48
C LEU I 59 27.72 36.08 -19.41
N VAL I 60 26.81 35.20 -19.01
CA VAL I 60 25.63 34.93 -19.85
C VAL I 60 24.78 36.20 -20.00
N ALA I 61 24.56 36.91 -18.88
CA ALA I 61 23.77 38.14 -18.95
C ALA I 61 24.45 39.19 -19.81
N TYR I 62 25.77 39.35 -19.67
CA TYR I 62 26.50 40.30 -20.49
C TYR I 62 26.43 39.91 -21.97
N PHE I 63 26.54 38.61 -22.27
CA PHE I 63 26.47 38.16 -23.66
C PHE I 63 25.10 38.46 -24.25
N ILE I 64 24.03 38.20 -23.49
CA ILE I 64 22.68 38.46 -23.99
C ILE I 64 22.49 39.95 -24.26
N MET I 65 22.89 40.78 -23.29
CA MET I 65 22.72 42.22 -23.46
C MET I 65 23.56 42.75 -24.62
N GLY I 66 24.79 42.25 -24.75
CA GLY I 66 25.64 42.68 -25.86
C GLY I 66 25.11 42.25 -27.20
N PHE I 67 24.54 41.04 -27.28
CA PHE I 67 23.92 40.59 -28.52
C PHE I 67 22.74 41.49 -28.89
N LEU I 68 21.92 41.84 -27.90
CA LEU I 68 20.81 42.75 -28.17
C LEU I 68 21.32 44.10 -28.66
N VAL I 69 22.36 44.63 -28.02
CA VAL I 69 22.88 45.93 -28.41
C VAL I 69 23.45 45.91 -29.82
N ILE I 70 24.24 44.88 -30.14
CA ILE I 70 24.82 44.81 -31.48
C ILE I 70 23.74 44.60 -32.53
N ALA I 71 22.69 43.83 -32.20
CA ALA I 71 21.61 43.62 -33.16
C ALA I 71 20.87 44.92 -33.44
N VAL I 72 20.55 45.68 -32.37
CA VAL I 72 19.80 46.92 -32.59
C VAL I 72 20.67 47.97 -33.27
N ILE I 73 21.99 47.93 -33.03
CA ILE I 73 22.88 48.86 -33.74
C ILE I 73 22.99 48.49 -35.22
N LEU I 74 23.11 47.20 -35.51
CA LEU I 74 23.21 46.76 -36.90
C LEU I 74 21.92 46.96 -37.67
N SER I 75 20.77 46.93 -36.99
CA SER I 75 19.49 47.09 -37.66
C SER I 75 19.17 48.54 -38.00
N VAL I 76 19.88 49.50 -37.41
CA VAL I 76 19.57 50.92 -37.63
C VAL I 76 20.63 51.55 -38.52
N LEU I 77 21.42 50.73 -39.21
CA LEU I 77 22.42 51.26 -40.13
C LEU I 77 21.76 51.78 -41.41
N LEU J 29 -17.64 47.50 7.55
CA LEU J 29 -16.60 46.61 7.05
C LEU J 29 -15.39 46.58 7.98
N ASP J 30 -15.19 47.68 8.71
CA ASP J 30 -14.06 47.82 9.62
C ASP J 30 -14.39 47.38 11.04
N THR J 31 -15.60 46.87 11.27
CA THR J 31 -15.93 46.48 12.63
C THR J 31 -15.28 45.14 12.98
N PRO J 32 -14.84 44.97 14.22
CA PRO J 32 -14.24 43.69 14.63
C PRO J 32 -15.27 42.57 14.70
N VAL J 33 -14.83 41.37 15.10
CA VAL J 33 -15.73 40.23 15.21
C VAL J 33 -16.68 40.50 16.38
N ARG J 34 -17.95 40.74 16.06
CA ARG J 34 -18.95 41.01 17.08
C ARG J 34 -19.41 39.69 17.71
N GLU J 35 -20.37 39.77 18.63
CA GLU J 35 -20.92 38.55 19.22
C GLU J 35 -21.87 37.84 18.26
N LYS J 36 -22.50 38.58 17.36
CA LYS J 36 -23.38 37.95 16.36
C LYS J 36 -22.59 37.01 15.46
N ASP J 37 -21.42 37.45 15.01
CA ASP J 37 -20.61 36.63 14.11
C ASP J 37 -20.12 35.36 14.80
N GLU J 38 -19.72 35.45 16.06
CA GLU J 38 -19.27 34.26 16.78
C GLU J 38 -20.45 33.33 17.09
N ASN J 39 -21.61 33.90 17.43
CA ASN J 39 -22.79 33.10 17.70
C ASN J 39 -23.30 32.37 16.47
N GLU J 40 -23.17 32.98 15.30
CA GLU J 40 -23.54 32.34 14.05
C GLU J 40 -22.68 31.14 13.71
N PHE J 41 -21.45 31.07 14.22
CA PHE J 41 -20.51 30.02 13.88
C PHE J 41 -20.31 29.03 15.03
N LEU J 42 -21.11 29.10 16.08
CA LEU J 42 -20.93 28.20 17.21
C LEU J 42 -21.29 26.77 16.80
N PRO J 43 -20.49 25.78 17.21
CA PRO J 43 -20.78 24.39 16.84
C PRO J 43 -22.13 23.90 17.35
N ALA J 44 -22.57 24.36 18.52
CA ALA J 44 -23.86 23.95 19.05
C ALA J 44 -25.00 24.40 18.14
N HIS J 45 -24.94 25.64 17.63
CA HIS J 45 -25.98 26.12 16.72
C HIS J 45 -25.91 25.42 15.37
N LEU J 46 -24.72 25.13 14.88
CA LEU J 46 -24.60 24.47 13.58
C LEU J 46 -25.04 23.02 13.63
N GLU J 47 -24.85 22.35 14.77
CA GLU J 47 -25.23 20.95 14.87
C GLU J 47 -26.74 20.75 14.82
N LEU J 48 -27.50 21.63 15.49
CA LEU J 48 -28.95 21.54 15.46
C LEU J 48 -29.56 21.88 14.11
N ILE J 49 -28.96 22.81 13.37
CA ILE J 49 -29.50 23.22 12.08
C ILE J 49 -29.17 22.16 11.05
N GLU J 50 -30.13 21.28 10.77
CA GLU J 50 -29.97 20.27 9.75
C GLU J 50 -30.47 20.79 8.41
N THR J 51 -29.79 20.37 7.34
CA THR J 51 -30.03 20.84 5.98
C THR J 51 -29.96 22.37 5.98
N PRO J 52 -28.77 22.94 6.12
CA PRO J 52 -28.65 24.39 6.20
C PRO J 52 -28.72 25.04 4.81
N VAL J 53 -28.81 26.37 4.82
CA VAL J 53 -28.91 27.17 3.62
C VAL J 53 -27.95 28.34 3.74
N SER J 54 -27.60 28.94 2.61
CA SER J 54 -26.69 30.07 2.58
C SER J 54 -27.26 31.23 3.38
N ARG J 55 -26.39 32.23 3.65
CA ARG J 55 -26.82 33.38 4.44
C ARG J 55 -27.95 34.13 3.77
N ARG J 56 -27.80 34.41 2.47
CA ARG J 56 -28.87 35.00 1.66
C ARG J 56 -29.25 34.00 0.58
N PRO J 57 -30.35 33.26 0.75
CA PRO J 57 -30.65 32.15 -0.17
C PRO J 57 -31.19 32.57 -1.52
N ARG J 58 -31.43 33.85 -1.76
CA ARG J 58 -32.06 34.30 -2.99
C ARG J 58 -31.29 35.46 -3.60
N LEU J 59 -29.97 35.33 -3.67
CA LEU J 59 -29.11 36.29 -4.35
C LEU J 59 -28.55 35.77 -5.66
N VAL J 60 -28.17 34.50 -5.72
CA VAL J 60 -27.66 33.93 -6.96
C VAL J 60 -28.74 33.92 -8.03
N ALA J 61 -29.92 33.38 -7.69
CA ALA J 61 -31.00 33.30 -8.66
C ALA J 61 -31.46 34.69 -9.10
N TYR J 62 -31.51 35.63 -8.16
CA TYR J 62 -31.89 37.01 -8.49
C TYR J 62 -30.95 37.60 -9.54
N PHE J 63 -29.64 37.42 -9.34
CA PHE J 63 -28.68 37.99 -10.27
C PHE J 63 -28.70 37.28 -11.62
N ILE J 64 -28.88 35.95 -11.62
CA ILE J 64 -28.95 35.22 -12.88
C ILE J 64 -30.18 35.66 -13.68
N MET J 65 -31.32 35.77 -13.03
CA MET J 65 -32.53 36.22 -13.72
C MET J 65 -32.40 37.66 -14.18
N GLY J 66 -31.75 38.52 -13.38
CA GLY J 66 -31.51 39.88 -13.83
C GLY J 66 -30.64 39.93 -15.07
N PHE J 67 -29.56 39.12 -15.09
CA PHE J 67 -28.73 39.07 -16.28
C PHE J 67 -29.53 38.59 -17.48
N LEU J 68 -30.36 37.57 -17.29
CA LEU J 68 -31.15 37.05 -18.40
C LEU J 68 -32.11 38.10 -18.95
N VAL J 69 -32.82 38.80 -18.07
CA VAL J 69 -33.78 39.79 -18.55
C VAL J 69 -33.07 40.97 -19.19
N ILE J 70 -31.92 41.39 -18.66
CA ILE J 70 -31.17 42.46 -19.31
C ILE J 70 -30.67 42.03 -20.68
N ALA J 71 -30.22 40.78 -20.80
CA ALA J 71 -29.77 40.27 -22.09
C ALA J 71 -30.92 40.26 -23.10
N VAL J 72 -32.11 39.81 -22.67
CA VAL J 72 -33.26 39.81 -23.56
C VAL J 72 -33.65 41.22 -23.97
N ILE J 73 -33.65 42.17 -23.01
CA ILE J 73 -34.01 43.54 -23.31
C ILE J 73 -33.03 44.16 -24.30
N LEU J 74 -31.73 43.93 -24.09
CA LEU J 74 -30.72 44.41 -25.03
C LEU J 74 -30.83 43.75 -26.39
N SER J 75 -31.18 42.47 -26.46
CA SER J 75 -31.31 41.80 -27.75
C SER J 75 -32.52 42.32 -28.51
N VAL J 76 -33.62 42.62 -27.82
CA VAL J 76 -34.81 43.10 -28.53
C VAL J 76 -34.64 44.57 -28.91
N LEU J 77 -33.99 45.38 -28.05
CA LEU J 77 -33.83 46.79 -28.36
C LEU J 77 -32.64 47.05 -29.27
N GLY J 78 -31.61 46.22 -29.19
CA GLY J 78 -30.41 46.40 -29.98
C GLY J 78 -30.64 46.36 -31.48
N GLN J 79 -29.92 47.19 -32.22
CA GLN J 79 -30.09 47.29 -33.66
C GLN J 79 -28.76 47.07 -34.36
N VAL J 80 -28.81 46.37 -35.49
CA VAL J 80 -27.64 46.04 -36.29
C VAL J 80 -27.89 46.44 -37.73
N GLU J 81 -26.93 47.15 -38.32
CA GLU J 81 -27.05 47.62 -39.69
C GLU J 81 -26.83 46.48 -40.68
N ILE J 82 -27.27 46.71 -41.91
CA ILE J 82 -27.14 45.75 -43.00
C ILE J 82 -26.28 46.39 -44.09
N VAL J 83 -25.20 45.70 -44.45
CA VAL J 83 -24.25 46.18 -45.46
C VAL J 83 -24.27 45.21 -46.63
N ALA J 84 -24.45 45.73 -47.83
CA ALA J 84 -24.48 44.93 -49.05
C ALA J 84 -23.25 45.24 -49.88
N THR J 85 -22.51 44.20 -50.25
CA THR J 85 -21.29 44.36 -51.04
C THR J 85 -21.61 44.41 -52.54
N ASP J 241 -12.50 55.95 -66.18
CA ASP J 241 -11.94 55.90 -64.84
C ASP J 241 -12.61 56.93 -63.93
N ASP J 242 -12.80 58.14 -64.45
CA ASP J 242 -13.47 59.20 -63.70
C ASP J 242 -14.90 58.79 -63.38
N THR J 243 -15.70 58.54 -64.41
CA THR J 243 -17.07 58.10 -64.20
C THR J 243 -17.08 56.63 -63.80
N LEU J 244 -16.70 56.34 -62.57
CA LEU J 244 -16.64 54.96 -62.10
C LEU J 244 -18.03 54.37 -61.89
N GLU J 245 -18.14 53.05 -61.96
CA GLU J 245 -19.42 52.39 -61.74
C GLU J 245 -19.24 51.15 -60.87
N VAL J 246 -20.13 50.96 -59.91
CA VAL J 246 -20.05 49.81 -59.03
C VAL J 246 -21.13 48.82 -59.39
N THR J 247 -21.77 49.02 -60.54
CA THR J 247 -22.81 48.12 -60.98
C THR J 247 -22.37 46.69 -60.74
N ALA J 248 -23.16 45.94 -59.97
CA ALA J 248 -22.77 44.58 -59.63
C ALA J 248 -23.93 43.73 -59.16
N LEU J 249 -23.67 42.45 -58.92
CA LEU J 249 -24.72 41.55 -58.46
C LEU J 249 -25.16 41.89 -57.05
N VAL J 250 -26.45 41.84 -56.79
CA VAL J 250 -26.99 42.13 -55.47
C VAL J 250 -28.49 41.88 -55.51
N GLN J 251 -29.07 41.65 -54.33
CA GLN J 251 -30.51 41.39 -54.25
C GLN J 251 -31.31 42.57 -54.79
N ASN J 252 -32.31 42.28 -55.60
CA ASN J 252 -33.14 43.34 -56.18
C ASN J 252 -33.87 44.12 -55.10
N LYS J 253 -34.35 43.42 -54.07
CA LYS J 253 -35.03 44.07 -52.95
C LYS J 253 -34.07 44.99 -52.20
N ASP J 254 -32.80 44.60 -52.13
CA ASP J 254 -31.80 45.44 -51.49
C ASP J 254 -31.64 46.76 -52.23
N ILE J 255 -31.62 46.70 -53.56
CA ILE J 255 -31.52 47.92 -54.36
C ILE J 255 -32.80 48.74 -54.23
N GLY J 256 -33.95 48.07 -54.20
CA GLY J 256 -35.21 48.78 -54.06
C GLY J 256 -35.31 49.52 -52.74
N PHE J 257 -34.81 48.91 -51.66
CA PHE J 257 -34.78 49.61 -50.37
C PHE J 257 -33.87 50.83 -50.44
N ILE J 258 -32.75 50.72 -51.16
CA ILE J 258 -31.88 51.87 -51.35
C ILE J 258 -32.53 52.87 -52.30
N ASN J 259 -32.08 54.11 -52.20
CA ASN J 259 -32.58 55.19 -53.03
C ASN J 259 -31.42 55.89 -53.72
N VAL J 260 -31.76 56.78 -54.66
CA VAL J 260 -30.73 57.54 -55.37
C VAL J 260 -30.03 58.46 -54.39
N GLY J 261 -28.69 58.46 -54.44
CA GLY J 261 -27.91 59.26 -53.52
C GLY J 261 -27.64 58.62 -52.18
N GLN J 262 -27.91 57.32 -52.03
CA GLN J 262 -27.66 56.65 -50.77
C GLN J 262 -26.17 56.59 -50.47
N ASN J 263 -25.82 56.51 -49.19
CA ASN J 263 -24.42 56.48 -48.80
C ASN J 263 -23.80 55.10 -48.97
N ALA J 264 -23.17 54.86 -50.12
CA ALA J 264 -22.48 53.58 -50.34
C ALA J 264 -21.02 53.85 -50.68
N ILE J 265 -20.11 53.53 -49.77
CA ILE J 265 -18.70 53.81 -49.99
C ILE J 265 -18.03 52.87 -50.97
N ILE J 266 -16.90 53.29 -51.53
CA ILE J 266 -16.17 52.46 -52.49
C ILE J 266 -14.75 52.23 -52.02
N LYS J 267 -14.30 50.97 -52.07
CA LYS J 267 -12.95 50.65 -51.64
C LYS J 267 -12.11 50.18 -52.82
N VAL J 268 -11.11 50.97 -53.19
CA VAL J 268 -10.25 50.60 -54.32
C VAL J 268 -9.31 49.47 -53.92
N GLU J 269 -8.99 48.60 -54.89
CA GLU J 269 -8.12 47.47 -54.60
C GLU J 269 -6.66 47.81 -54.76
N ALA J 270 -6.37 48.85 -55.54
CA ALA J 270 -4.97 49.22 -55.78
C ALA J 270 -4.15 49.14 -54.51
N PHE J 271 -4.71 49.57 -53.39
CA PHE J 271 -4.03 49.51 -52.10
C PHE J 271 -4.98 49.00 -51.04
N PRO J 272 -4.53 48.82 -49.80
CA PRO J 272 -5.43 48.34 -48.74
C PRO J 272 -6.46 49.39 -48.37
N TYR J 273 -7.52 48.91 -47.71
CA TYR J 273 -8.58 49.82 -47.27
C TYR J 273 -8.06 50.84 -46.28
N THR J 274 -7.19 50.42 -45.36
CA THR J 274 -6.66 51.34 -44.36
C THR J 274 -5.73 52.38 -44.99
N ARG J 275 -4.79 51.92 -45.83
CA ARG J 275 -3.81 52.84 -46.40
C ARG J 275 -4.44 53.76 -47.43
N TYR J 276 -5.21 53.20 -48.36
CA TYR J 276 -5.80 54.02 -49.41
C TYR J 276 -7.00 54.81 -48.90
N GLY J 277 -7.77 54.23 -47.99
CA GLY J 277 -8.96 54.87 -47.48
C GLY J 277 -10.22 54.39 -48.18
N TYR J 278 -11.35 54.57 -47.49
CA TYR J 278 -12.66 54.16 -48.01
C TYR J 278 -13.31 55.40 -48.63
N LEU J 279 -13.19 55.51 -49.95
CA LEU J 279 -13.74 56.66 -50.65
C LEU J 279 -15.25 56.53 -50.79
N VAL J 280 -15.89 57.56 -51.34
CA VAL J 280 -17.35 57.54 -51.46
C VAL J 280 -17.83 57.44 -52.90
N GLY J 281 -18.74 56.51 -53.16
CA GLY J 281 -19.29 56.38 -54.49
C GLY J 281 -20.81 56.46 -54.46
N LYS J 282 -21.36 57.63 -54.75
CA LYS J 282 -22.81 57.80 -54.73
C LYS J 282 -23.46 56.79 -55.66
N VAL J 283 -24.52 56.14 -55.19
CA VAL J 283 -25.16 55.11 -55.99
C VAL J 283 -26.21 55.65 -56.95
N LYS J 284 -25.92 55.59 -58.25
CA LYS J 284 -26.90 56.01 -59.23
C LYS J 284 -27.97 54.94 -59.34
N ASN J 285 -29.16 55.31 -59.78
CA ASN J 285 -30.26 54.36 -59.84
C ASN J 285 -29.87 53.12 -60.63
N ILE J 286 -30.23 51.95 -60.11
CA ILE J 286 -29.91 50.70 -60.80
C ILE J 286 -30.75 50.58 -62.05
N ASN J 287 -30.10 50.27 -63.17
CA ASN J 287 -30.80 50.13 -64.43
C ASN J 287 -31.74 48.92 -64.41
N LEU J 288 -32.82 49.02 -65.17
CA LEU J 288 -33.80 47.94 -65.22
C LEU J 288 -33.18 46.67 -65.79
N ASP J 289 -32.40 46.79 -66.85
CA ASP J 289 -31.77 45.63 -67.45
C ASP J 289 -30.54 45.21 -66.66
N ALA J 290 -30.39 43.91 -66.47
CA ALA J 290 -29.22 43.37 -65.77
C ALA J 290 -27.98 43.47 -66.66
N ILE J 291 -26.82 43.69 -66.02
CA ILE J 291 -25.58 43.77 -66.77
C ILE J 291 -25.23 42.43 -67.39
N GLU J 292 -25.31 41.36 -66.61
CA GLU J 292 -25.02 40.01 -67.09
C GLU J 292 -25.82 39.01 -66.29
N ASP J 293 -26.11 37.87 -66.90
CA ASP J 293 -26.84 36.80 -66.22
C ASP J 293 -25.94 35.68 -65.72
N GLN J 294 -24.62 35.82 -65.83
CA GLN J 294 -23.72 34.75 -65.42
C GLN J 294 -23.72 34.57 -63.91
N LYS J 295 -23.59 35.67 -63.17
CA LYS J 295 -23.54 35.56 -61.71
C LYS J 295 -24.86 35.06 -61.15
N LEU J 296 -25.96 35.71 -61.51
CA LEU J 296 -27.30 35.36 -61.04
C LEU J 296 -28.30 36.24 -61.77
N GLY J 297 -29.59 35.99 -61.53
CA GLY J 297 -30.61 36.86 -62.08
C GLY J 297 -30.60 38.24 -61.48
N LEU J 298 -30.34 38.34 -60.18
CA LEU J 298 -30.31 39.63 -59.47
C LEU J 298 -28.94 40.27 -59.67
N VAL J 299 -28.67 40.64 -60.92
CA VAL J 299 -27.41 41.27 -61.31
C VAL J 299 -27.72 42.61 -61.97
N PHE J 300 -28.75 43.30 -61.48
CA PHE J 300 -29.32 44.46 -62.18
C PHE J 300 -28.39 45.67 -62.18
N ASN J 301 -27.13 45.47 -61.76
CA ASN J 301 -26.06 46.43 -61.97
C ASN J 301 -26.36 47.78 -61.31
N VAL J 302 -26.37 47.80 -59.98
CA VAL J 302 -26.58 49.06 -59.28
C VAL J 302 -25.39 49.98 -59.52
N ILE J 303 -25.46 50.80 -60.56
CA ILE J 303 -24.34 51.68 -60.90
C ILE J 303 -24.10 52.71 -59.81
N VAL J 304 -22.83 52.97 -59.51
CA VAL J 304 -22.49 53.97 -58.51
C VAL J 304 -21.30 54.79 -58.96
N SER J 305 -21.38 56.11 -58.81
CA SER J 305 -20.29 56.98 -59.24
C SER J 305 -19.70 57.76 -58.08
N VAL J 306 -18.38 57.95 -58.09
CA VAL J 306 -17.71 58.67 -57.01
C VAL J 306 -18.24 60.09 -56.87
N GLU J 307 -17.85 60.76 -55.79
CA GLU J 307 -18.32 62.12 -55.56
C GLU J 307 -17.31 63.19 -55.92
N GLU J 308 -16.11 62.80 -56.38
CA GLU J 308 -14.99 63.65 -56.77
C GLU J 308 -14.35 64.36 -55.58
N ASN J 309 -14.87 64.19 -54.36
CA ASN J 309 -14.30 64.81 -53.18
C ASN J 309 -13.81 63.79 -52.16
N ASP J 310 -14.01 62.50 -52.42
CA ASP J 310 -13.57 61.45 -51.50
C ASP J 310 -12.11 61.09 -51.69
N LEU J 311 -11.70 60.82 -52.93
CA LEU J 311 -10.31 60.50 -53.22
C LEU J 311 -9.45 61.75 -53.09
N SER J 312 -8.74 61.88 -51.98
CA SER J 312 -7.93 63.05 -51.71
C SER J 312 -6.51 62.84 -52.24
N THR J 313 -5.61 63.75 -51.87
CA THR J 313 -4.22 63.65 -52.30
C THR J 313 -3.54 62.41 -51.71
N GLY J 314 -4.03 61.91 -50.58
CA GLY J 314 -3.45 60.72 -50.00
C GLY J 314 -3.58 59.50 -50.89
N ASN J 315 -4.76 59.29 -51.47
CA ASN J 315 -4.97 58.19 -52.40
C ASN J 315 -4.22 58.44 -53.69
N LYS J 316 -4.57 59.52 -54.39
CA LYS J 316 -3.90 59.94 -55.62
C LYS J 316 -3.94 58.86 -56.69
N HIS J 317 -4.94 57.97 -56.61
CA HIS J 317 -5.08 56.90 -57.60
C HIS J 317 -5.88 57.36 -58.81
N ILE J 318 -5.40 58.42 -59.46
CA ILE J 318 -6.04 58.96 -60.67
C ILE J 318 -6.08 57.87 -61.74
N PRO J 319 -5.01 57.08 -61.89
CA PRO J 319 -5.06 55.97 -62.85
C PRO J 319 -5.94 54.83 -62.34
N LEU J 320 -7.24 55.09 -62.26
CA LEU J 320 -8.17 54.13 -61.67
C LEU J 320 -8.27 52.84 -62.47
N SER J 321 -7.86 52.84 -63.74
CA SER J 321 -7.93 51.65 -64.59
C SER J 321 -9.36 51.15 -64.67
N SER J 322 -10.23 51.92 -65.35
CA SER J 322 -11.68 51.72 -65.35
C SER J 322 -12.09 50.27 -65.55
N GLY J 323 -11.23 49.46 -66.18
CA GLY J 323 -11.45 48.03 -66.23
C GLY J 323 -11.10 47.36 -64.92
N MET J 324 -11.86 47.68 -63.87
CA MET J 324 -11.61 47.16 -62.53
C MET J 324 -12.93 47.05 -61.79
N ALA J 325 -12.93 46.30 -60.69
CA ALA J 325 -14.14 46.16 -59.88
C ALA J 325 -13.88 46.55 -58.44
N VAL J 326 -13.50 47.80 -58.21
CA VAL J 326 -13.30 48.26 -56.84
C VAL J 326 -14.55 47.97 -56.04
N THR J 327 -14.40 47.33 -54.89
CA THR J 327 -15.56 46.95 -54.10
C THR J 327 -16.23 48.17 -53.50
N ALA J 328 -17.48 48.42 -53.89
CA ALA J 328 -18.21 49.54 -53.32
C ALA J 328 -19.25 49.03 -52.34
N GLU J 329 -18.96 49.12 -51.06
CA GLU J 329 -19.88 48.65 -50.05
C GLU J 329 -21.12 49.52 -50.04
N ILE J 330 -22.29 48.88 -50.16
CA ILE J 330 -23.53 49.63 -50.13
C ILE J 330 -24.37 49.20 -48.93
N LYS J 331 -24.48 50.09 -47.95
CA LYS J 331 -25.25 49.78 -46.76
C LYS J 331 -26.60 50.49 -46.79
N THR J 332 -27.67 49.72 -46.75
CA THR J 332 -29.00 50.32 -46.81
C THR J 332 -30.00 49.57 -45.94
N GLY J 333 -29.91 49.76 -44.63
CA GLY J 333 -30.87 49.14 -43.74
C GLY J 333 -30.25 48.80 -42.40
N MET J 334 -31.15 48.60 -41.42
CA MET J 334 -30.77 48.21 -40.08
C MET J 334 -31.72 47.12 -39.60
N ARG J 335 -31.17 46.17 -38.84
CA ARG J 335 -31.89 44.98 -38.40
C ARG J 335 -31.69 44.78 -36.90
N SER J 336 -32.76 44.43 -36.20
CA SER J 336 -32.65 44.19 -34.77
C SER J 336 -31.88 42.90 -34.50
N VAL J 337 -31.26 42.84 -33.31
CA VAL J 337 -30.45 41.67 -32.95
C VAL J 337 -31.34 40.44 -32.79
N ILE J 338 -32.48 40.60 -32.12
CA ILE J 338 -33.39 39.47 -31.93
C ILE J 338 -33.96 39.01 -33.27
N SER J 339 -34.24 39.96 -34.17
CA SER J 339 -34.69 39.58 -35.51
C SER J 339 -33.58 38.88 -36.29
N TYR J 340 -32.34 39.33 -36.10
CA TYR J 340 -31.20 38.69 -36.77
C TYR J 340 -31.07 37.24 -36.29
N LEU J 341 -31.20 37.00 -34.99
CA LEU J 341 -31.07 35.65 -34.47
C LEU J 341 -32.26 34.78 -34.85
N LEU J 342 -33.47 35.34 -34.84
CA LEU J 342 -34.70 34.61 -35.09
C LEU J 342 -35.03 34.50 -36.58
N SER J 343 -34.31 35.22 -37.44
CA SER J 343 -34.65 35.21 -38.86
C SER J 343 -34.63 33.81 -39.47
N PRO J 344 -33.80 32.86 -38.99
CA PRO J 344 -33.88 31.55 -39.64
C PRO J 344 -35.20 30.92 -39.38
N LEU J 345 -35.79 31.21 -38.24
CA LEU J 345 -37.10 30.64 -37.90
C LEU J 345 -38.19 31.12 -38.84
N GLU J 346 -38.18 32.40 -39.17
CA GLU J 346 -39.23 32.98 -40.00
C GLU J 346 -38.98 32.76 -41.49
N GLU J 347 -37.72 32.55 -41.89
CA GLU J 347 -37.44 32.25 -43.29
C GLU J 347 -37.99 30.89 -43.70
N SER J 348 -37.89 29.92 -42.80
CA SER J 348 -38.33 28.56 -43.10
C SER J 348 -39.86 28.52 -43.21
N VAL J 349 -40.35 28.33 -44.43
CA VAL J 349 -41.79 28.26 -44.67
C VAL J 349 -42.13 27.01 -45.46
N LEU K 29 -34.03 -29.96 -24.53
CA LEU K 29 -34.15 -28.68 -23.83
C LEU K 29 -34.78 -28.87 -22.46
N ASP K 30 -35.98 -29.47 -22.43
CA ASP K 30 -36.70 -29.68 -21.18
C ASP K 30 -36.21 -30.95 -20.48
N THR K 31 -34.91 -30.96 -20.17
CA THR K 31 -34.26 -32.07 -19.51
C THR K 31 -33.63 -31.58 -18.21
N PRO K 32 -33.96 -32.20 -17.08
CA PRO K 32 -33.35 -31.78 -15.81
C PRO K 32 -31.86 -32.07 -15.79
N VAL K 33 -31.19 -31.47 -14.82
CA VAL K 33 -29.75 -31.66 -14.67
C VAL K 33 -29.47 -33.13 -14.34
N ARG K 34 -28.84 -33.83 -15.27
CA ARG K 34 -28.52 -35.23 -15.09
C ARG K 34 -27.22 -35.36 -14.31
N GLU K 35 -26.75 -36.59 -14.11
CA GLU K 35 -25.55 -36.82 -13.33
C GLU K 35 -24.28 -36.48 -14.10
N LYS K 36 -24.28 -36.70 -15.41
CA LYS K 36 -23.12 -36.35 -16.23
C LYS K 36 -22.85 -34.86 -16.22
N ASP K 37 -23.91 -34.04 -16.27
CA ASP K 37 -23.74 -32.60 -16.17
C ASP K 37 -23.13 -32.20 -14.82
N GLU K 38 -23.49 -32.91 -13.76
CA GLU K 38 -22.91 -32.61 -12.45
C GLU K 38 -21.44 -33.03 -12.39
N ASN K 39 -21.10 -34.18 -12.98
CA ASN K 39 -19.70 -34.58 -13.05
C ASN K 39 -18.88 -33.62 -13.89
N GLU K 40 -19.48 -33.01 -14.90
CA GLU K 40 -18.75 -32.08 -15.76
C GLU K 40 -18.28 -30.85 -14.99
N PHE K 41 -18.99 -30.49 -13.91
CA PHE K 41 -18.67 -29.31 -13.11
C PHE K 41 -18.08 -29.66 -11.76
N LEU K 42 -17.70 -30.92 -11.55
CA LEU K 42 -17.18 -31.34 -10.25
C LEU K 42 -15.77 -30.77 -10.04
N PRO K 43 -15.53 -30.05 -8.94
CA PRO K 43 -14.19 -29.48 -8.73
C PRO K 43 -13.08 -30.50 -8.66
N ALA K 44 -13.36 -31.72 -8.19
CA ALA K 44 -12.35 -32.76 -8.19
C ALA K 44 -11.89 -33.10 -9.60
N HIS K 45 -12.83 -33.19 -10.55
CA HIS K 45 -12.46 -33.43 -11.93
C HIS K 45 -11.76 -32.23 -12.56
N LEU K 46 -12.17 -31.00 -12.21
CA LEU K 46 -11.52 -29.81 -12.74
C LEU K 46 -10.09 -29.66 -12.24
N GLU K 47 -9.80 -30.08 -11.02
CA GLU K 47 -8.43 -30.02 -10.51
C GLU K 47 -7.51 -30.96 -11.27
N LEU K 48 -7.99 -32.13 -11.67
CA LEU K 48 -7.18 -33.10 -12.39
C LEU K 48 -7.02 -32.77 -13.87
N ILE K 49 -7.86 -31.89 -14.42
CA ILE K 49 -7.80 -31.56 -15.84
C ILE K 49 -7.03 -30.26 -16.04
N GLU K 50 -5.77 -30.37 -16.43
CA GLU K 50 -4.98 -29.21 -16.81
C GLU K 50 -4.98 -29.06 -18.32
N THR K 51 -5.00 -27.81 -18.77
CA THR K 51 -5.19 -27.45 -20.17
C THR K 51 -6.50 -28.05 -20.66
N PRO K 52 -7.63 -27.52 -20.22
CA PRO K 52 -8.92 -28.07 -20.63
C PRO K 52 -9.35 -27.56 -22.00
N VAL K 53 -10.44 -28.15 -22.51
CA VAL K 53 -10.98 -27.83 -23.82
C VAL K 53 -12.46 -27.51 -23.66
N SER K 54 -13.04 -26.93 -24.71
CA SER K 54 -14.47 -26.59 -24.70
C SER K 54 -15.39 -27.78 -24.97
N ARG K 55 -16.68 -27.62 -24.68
CA ARG K 55 -17.63 -28.71 -24.88
C ARG K 55 -17.78 -29.04 -26.35
N ARG K 56 -17.93 -28.03 -27.19
CA ARG K 56 -17.98 -28.25 -28.63
C ARG K 56 -16.58 -27.96 -29.10
N PRO K 57 -15.71 -28.96 -29.08
CA PRO K 57 -14.30 -28.67 -29.41
C PRO K 57 -14.05 -28.24 -30.84
N ARG K 58 -15.02 -28.37 -31.73
CA ARG K 58 -14.73 -28.06 -33.12
C ARG K 58 -16.00 -27.70 -33.89
N LEU K 59 -16.82 -26.82 -33.33
CA LEU K 59 -18.02 -26.37 -34.02
C LEU K 59 -17.87 -24.98 -34.64
N VAL K 60 -17.12 -24.08 -33.99
CA VAL K 60 -16.98 -22.73 -34.52
C VAL K 60 -16.22 -22.76 -35.85
N ALA K 61 -15.18 -23.59 -35.95
CA ALA K 61 -14.45 -23.71 -37.22
C ALA K 61 -15.35 -24.28 -38.31
N TYR K 62 -16.17 -25.26 -37.95
CA TYR K 62 -17.10 -25.84 -38.92
C TYR K 62 -18.08 -24.79 -39.42
N PHE K 63 -18.60 -23.96 -38.52
CA PHE K 63 -19.56 -22.94 -38.92
C PHE K 63 -18.91 -21.85 -39.76
N ILE K 64 -17.67 -21.46 -39.43
CA ILE K 64 -16.96 -20.48 -40.25
C ILE K 64 -16.72 -21.04 -41.65
N MET K 65 -16.28 -22.30 -41.74
CA MET K 65 -16.06 -22.91 -43.04
C MET K 65 -17.36 -23.01 -43.83
N GLY K 66 -18.45 -23.36 -43.16
CA GLY K 66 -19.74 -23.43 -43.83
C GLY K 66 -20.18 -22.08 -44.36
N PHE K 67 -20.01 -21.03 -43.56
CA PHE K 67 -20.35 -19.68 -44.04
C PHE K 67 -19.51 -19.29 -45.24
N LEU K 68 -18.20 -19.57 -45.18
CA LEU K 68 -17.33 -19.23 -46.31
C LEU K 68 -17.75 -19.98 -47.57
N VAL K 69 -18.05 -21.28 -47.44
CA VAL K 69 -18.46 -22.06 -48.59
C VAL K 69 -19.78 -21.54 -49.15
N ILE K 70 -20.72 -21.20 -48.27
CA ILE K 70 -22.00 -20.67 -48.72
C ILE K 70 -21.82 -19.35 -49.44
N ALA K 71 -20.96 -18.48 -48.92
CA ALA K 71 -20.70 -17.20 -49.58
C ALA K 71 -20.08 -17.41 -50.95
N VAL K 72 -19.13 -18.33 -51.06
CA VAL K 72 -18.52 -18.60 -52.35
C VAL K 72 -19.53 -19.15 -53.34
N ILE K 73 -20.38 -20.08 -52.91
CA ILE K 73 -21.40 -20.63 -53.80
C ILE K 73 -22.38 -19.55 -54.23
N LEU K 74 -22.81 -18.69 -53.31
CA LEU K 74 -23.73 -17.62 -53.67
C LEU K 74 -23.07 -16.62 -54.63
N SER K 75 -21.75 -16.41 -54.49
CA SER K 75 -21.06 -15.49 -55.38
C SER K 75 -21.07 -15.98 -56.82
N VAL K 76 -20.87 -17.28 -57.05
CA VAL K 76 -20.84 -17.81 -58.42
C VAL K 76 -22.22 -18.19 -58.93
N LEU K 77 -23.27 -18.03 -58.13
CA LEU K 77 -24.64 -18.27 -58.58
C LEU K 77 -25.48 -16.99 -58.54
N GLY K 78 -24.88 -15.86 -58.16
CA GLY K 78 -25.61 -14.60 -58.04
C GLY K 78 -25.28 -13.68 -59.19
N GLN K 79 -26.30 -13.28 -59.95
CA GLN K 79 -26.08 -12.37 -61.07
C GLN K 79 -26.56 -10.96 -60.79
N VAL K 80 -25.68 -9.98 -60.99
CA VAL K 80 -26.03 -8.59 -60.75
C VAL K 80 -25.86 -7.77 -62.01
N GLU K 81 -26.91 -7.08 -62.42
CA GLU K 81 -26.83 -6.24 -63.62
C GLU K 81 -25.67 -5.26 -63.52
N ASP K 241 -36.97 19.14 -78.41
CA ASP K 241 -37.29 18.72 -77.06
C ASP K 241 -38.09 17.42 -77.06
N ASP K 242 -39.08 17.34 -77.96
CA ASP K 242 -39.88 16.14 -78.11
C ASP K 242 -39.02 14.96 -78.53
N THR K 243 -38.36 15.08 -79.67
CA THR K 243 -37.47 14.02 -80.13
C THR K 243 -36.17 14.08 -79.35
N LEU K 244 -36.19 13.65 -78.10
CA LEU K 244 -35.01 13.70 -77.26
C LEU K 244 -33.97 12.67 -77.68
N GLU K 245 -32.71 12.92 -77.37
CA GLU K 245 -31.65 11.97 -77.69
C GLU K 245 -30.68 11.83 -76.52
N VAL K 246 -30.29 10.59 -76.22
CA VAL K 246 -29.37 10.35 -75.12
C VAL K 246 -28.01 9.99 -75.67
N THR K 247 -27.82 10.20 -76.97
CA THR K 247 -26.54 9.89 -77.59
C THR K 247 -25.43 10.38 -76.70
N ALA K 248 -24.53 9.48 -76.30
CA ALA K 248 -23.46 9.86 -75.37
C ALA K 248 -22.31 8.87 -75.38
N LEU K 249 -21.26 9.20 -74.64
CA LEU K 249 -20.09 8.33 -74.57
C LEU K 249 -20.42 7.03 -73.84
N VAL K 250 -19.92 5.92 -74.35
CA VAL K 250 -20.14 4.62 -73.74
C VAL K 250 -19.35 3.59 -74.51
N GLN K 251 -19.06 2.46 -73.87
CA GLN K 251 -18.29 1.40 -74.52
C GLN K 251 -19.02 0.90 -75.75
N ASN K 252 -18.27 0.72 -76.85
CA ASN K 252 -18.86 0.24 -78.09
C ASN K 252 -19.44 -1.16 -77.93
N LYS K 253 -18.74 -2.02 -77.18
CA LYS K 253 -19.22 -3.36 -76.91
C LYS K 253 -20.51 -3.33 -76.11
N ASP K 254 -20.64 -2.34 -75.21
CA ASP K 254 -21.87 -2.20 -74.44
C ASP K 254 -23.05 -1.88 -75.36
N ILE K 255 -22.85 -1.01 -76.34
CA ILE K 255 -23.91 -0.71 -77.30
C ILE K 255 -24.20 -1.92 -78.18
N GLY K 256 -23.15 -2.65 -78.57
CA GLY K 256 -23.35 -3.83 -79.40
C GLY K 256 -24.15 -4.90 -78.69
N PHE K 257 -23.92 -5.08 -77.39
CA PHE K 257 -24.73 -6.02 -76.62
C PHE K 257 -26.17 -5.57 -76.57
N ILE K 258 -26.41 -4.26 -76.45
CA ILE K 258 -27.77 -3.75 -76.49
C ILE K 258 -28.33 -3.84 -77.90
N ASN K 259 -29.65 -3.85 -77.99
CA ASN K 259 -30.36 -3.93 -79.26
C ASN K 259 -31.35 -2.78 -79.37
N VAL K 260 -31.92 -2.63 -80.57
CA VAL K 260 -32.91 -1.59 -80.79
C VAL K 260 -34.15 -1.89 -79.95
N GLY K 261 -34.64 -0.86 -79.25
CA GLY K 261 -35.78 -1.03 -78.37
C GLY K 261 -35.45 -1.55 -76.99
N GLN K 262 -34.19 -1.56 -76.59
CA GLN K 262 -33.81 -2.02 -75.28
C GLN K 262 -34.35 -1.10 -74.19
N ASN K 263 -34.56 -1.64 -72.99
CA ASN K 263 -35.11 -0.83 -71.91
C ASN K 263 -34.05 0.05 -71.24
N ALA K 264 -33.93 1.29 -71.69
CA ALA K 264 -32.99 2.22 -71.07
C ALA K 264 -33.73 3.46 -70.60
N ILE K 265 -33.89 3.63 -69.30
CA ILE K 265 -34.66 4.76 -68.76
C ILE K 265 -33.92 6.08 -68.85
N ILE K 266 -34.67 7.18 -68.78
CA ILE K 266 -34.05 8.50 -68.84
C ILE K 266 -34.42 9.31 -67.61
N LYS K 267 -33.43 9.96 -66.99
CA LYS K 267 -33.69 10.76 -65.80
C LYS K 267 -33.43 12.22 -66.08
N VAL K 268 -34.48 13.04 -66.07
CA VAL K 268 -34.34 14.46 -66.33
C VAL K 268 -33.69 15.17 -65.14
N GLU K 269 -32.91 16.19 -65.42
CA GLU K 269 -32.22 16.91 -64.34
C GLU K 269 -33.07 18.03 -63.76
N ALA K 270 -34.04 18.51 -64.53
CA ALA K 270 -34.87 19.61 -64.07
C ALA K 270 -35.25 19.45 -62.61
N PHE K 271 -35.58 18.22 -62.21
CA PHE K 271 -35.94 17.92 -60.83
C PHE K 271 -35.23 16.66 -60.38
N PRO K 272 -35.39 16.25 -59.12
CA PRO K 272 -34.76 15.01 -58.65
C PRO K 272 -35.38 13.78 -59.29
N TYR K 273 -34.62 12.69 -59.22
CA TYR K 273 -35.11 11.42 -59.77
C TYR K 273 -36.37 10.95 -59.05
N THR K 274 -36.42 11.12 -57.72
CA THR K 274 -37.58 10.67 -56.96
C THR K 274 -38.80 11.54 -57.27
N ARG K 275 -38.64 12.86 -57.24
CA ARG K 275 -39.78 13.75 -57.44
C ARG K 275 -40.26 13.73 -58.87
N TYR K 276 -39.34 13.87 -59.84
CA TYR K 276 -39.74 13.93 -61.23
C TYR K 276 -40.09 12.53 -61.77
N GLY K 277 -39.38 11.51 -61.30
CA GLY K 277 -39.57 10.17 -61.79
C GLY K 277 -38.57 9.78 -62.87
N TYR K 278 -38.40 8.47 -63.02
CA TYR K 278 -37.48 7.90 -64.01
C TYR K 278 -38.29 7.55 -65.26
N LEU K 279 -38.29 8.45 -66.24
CA LEU K 279 -39.05 8.23 -67.46
C LEU K 279 -38.35 7.23 -68.36
N VAL K 280 -38.98 6.87 -69.47
CA VAL K 280 -38.41 5.88 -70.36
C VAL K 280 -37.96 6.45 -71.70
N GLY K 281 -36.74 6.14 -72.10
CA GLY K 281 -36.24 6.60 -73.39
C GLY K 281 -35.75 5.43 -74.22
N LYS K 282 -36.59 4.96 -75.15
CA LYS K 282 -36.21 3.84 -75.99
C LYS K 282 -34.92 4.16 -76.72
N VAL K 283 -33.99 3.21 -76.75
CA VAL K 283 -32.69 3.47 -77.36
C VAL K 283 -32.68 3.19 -78.86
N LYS K 284 -32.58 4.23 -79.67
CA LYS K 284 -32.48 4.04 -81.11
C LYS K 284 -31.07 3.55 -81.43
N ASN K 285 -30.92 2.85 -82.55
CA ASN K 285 -29.63 2.29 -82.90
C ASN K 285 -28.54 3.35 -82.88
N ILE K 286 -27.39 3.01 -82.30
CA ILE K 286 -26.27 3.95 -82.24
C ILE K 286 -25.70 4.15 -83.64
N ASN K 287 -25.53 5.41 -84.02
CA ASN K 287 -24.97 5.71 -85.32
C ASN K 287 -23.52 5.27 -85.43
N LEU K 288 -23.11 4.92 -86.65
CA LEU K 288 -21.75 4.47 -86.88
C LEU K 288 -20.73 5.56 -86.55
N ASP K 289 -21.02 6.79 -86.96
CA ASP K 289 -20.11 7.90 -86.69
C ASP K 289 -20.29 8.40 -85.27
N ALA K 290 -19.16 8.68 -84.61
CA ALA K 290 -19.20 9.22 -83.25
C ALA K 290 -19.64 10.68 -83.27
N ILE K 291 -20.35 11.08 -82.21
CA ILE K 291 -20.81 12.46 -82.12
C ILE K 291 -19.62 13.41 -81.97
N GLU K 292 -18.70 13.09 -81.06
CA GLU K 292 -17.52 13.91 -80.84
C GLU K 292 -16.39 13.02 -80.33
N ASP K 293 -15.16 13.44 -80.58
CA ASP K 293 -13.99 12.71 -80.13
C ASP K 293 -13.35 13.30 -78.87
N GLN K 294 -13.97 14.32 -78.27
CA GLN K 294 -13.38 14.97 -77.11
C GLN K 294 -13.39 14.04 -75.89
N LYS K 295 -14.54 13.43 -75.61
CA LYS K 295 -14.64 12.56 -74.43
C LYS K 295 -13.75 11.34 -74.58
N LEU K 296 -13.89 10.61 -75.68
CA LEU K 296 -13.13 9.40 -75.95
C LEU K 296 -13.47 8.93 -77.35
N GLY K 297 -12.79 7.86 -77.79
CA GLY K 297 -13.13 7.27 -79.07
C GLY K 297 -14.49 6.59 -79.07
N LEU K 298 -14.83 5.94 -77.95
CA LEU K 298 -16.11 5.24 -77.82
C LEU K 298 -17.20 6.23 -77.42
N VAL K 299 -17.49 7.14 -78.35
CA VAL K 299 -18.48 8.19 -78.15
C VAL K 299 -19.52 8.09 -79.27
N PHE K 300 -19.84 6.87 -79.69
CA PHE K 300 -20.59 6.64 -80.92
C PHE K 300 -22.05 7.06 -80.80
N ASN K 301 -22.39 7.78 -79.72
CA ASN K 301 -23.67 8.49 -79.60
C ASN K 301 -24.86 7.55 -79.70
N VAL K 302 -25.04 6.69 -78.70
CA VAL K 302 -26.20 5.82 -78.70
C VAL K 302 -27.47 6.66 -78.52
N ILE K 303 -28.06 7.09 -79.62
CA ILE K 303 -29.25 7.94 -79.54
C ILE K 303 -30.42 7.20 -78.91
N VAL K 304 -31.17 7.90 -78.07
CA VAL K 304 -32.34 7.30 -77.44
C VAL K 304 -33.49 8.29 -77.39
N SER K 305 -34.69 7.84 -77.75
CA SER K 305 -35.85 8.73 -77.77
C SER K 305 -36.92 8.27 -76.80
N VAL K 306 -37.59 9.21 -76.14
CA VAL K 306 -38.63 8.87 -75.18
C VAL K 306 -39.76 8.08 -75.83
N GLU K 307 -40.66 7.54 -75.02
CA GLU K 307 -41.76 6.75 -75.55
C GLU K 307 -43.07 7.50 -75.60
N GLU K 308 -43.11 8.75 -75.16
CA GLU K 308 -44.26 9.65 -75.12
C GLU K 308 -45.30 9.22 -74.09
N ASN K 309 -45.10 8.09 -73.39
CA ASN K 309 -46.02 7.63 -72.37
C ASN K 309 -45.39 7.57 -70.98
N ASP K 310 -44.11 7.88 -70.87
CA ASP K 310 -43.41 7.84 -69.58
C ASP K 310 -43.61 9.13 -68.79
N LEU K 311 -43.37 10.28 -69.43
CA LEU K 311 -43.55 11.56 -68.77
C LEU K 311 -45.03 11.86 -68.61
N SER K 312 -45.56 11.64 -67.40
CA SER K 312 -46.97 11.82 -67.12
C SER K 312 -47.24 13.26 -66.68
N THR K 313 -48.47 13.49 -66.19
CA THR K 313 -48.83 14.82 -65.72
C THR K 313 -48.03 15.22 -64.49
N GLY K 314 -47.52 14.25 -63.74
CA GLY K 314 -46.72 14.57 -62.57
C GLY K 314 -45.44 15.31 -62.92
N ASN K 315 -44.74 14.84 -63.96
CA ASN K 315 -43.53 15.51 -64.42
C ASN K 315 -43.88 16.84 -65.07
N LYS K 316 -44.66 16.78 -66.16
CA LYS K 316 -45.14 17.96 -66.87
C LYS K 316 -44.00 18.85 -67.35
N HIS K 317 -42.83 18.26 -67.56
CA HIS K 317 -41.67 19.01 -68.03
C HIS K 317 -41.65 19.08 -69.56
N ILE K 318 -42.72 19.62 -70.14
CA ILE K 318 -42.82 19.79 -71.59
C ILE K 318 -41.68 20.68 -72.07
N PRO K 319 -41.33 21.74 -71.34
CA PRO K 319 -40.18 22.55 -71.74
C PRO K 319 -38.86 21.83 -71.46
N LEU K 320 -38.62 20.76 -72.21
CA LEU K 320 -37.46 19.90 -71.95
C LEU K 320 -36.13 20.61 -72.20
N SER K 321 -36.14 21.73 -72.94
CA SER K 321 -34.92 22.47 -73.24
C SER K 321 -33.91 21.56 -73.94
N SER K 322 -34.22 21.18 -75.18
CA SER K 322 -33.49 20.15 -75.94
C SER K 322 -31.97 20.29 -75.83
N GLY K 323 -31.48 21.51 -75.58
CA GLY K 323 -30.07 21.68 -75.27
C GLY K 323 -29.75 21.26 -73.85
N MET K 324 -29.89 19.96 -73.58
CA MET K 324 -29.66 19.41 -72.25
C MET K 324 -29.16 17.98 -72.37
N ALA K 325 -28.61 17.44 -71.28
CA ALA K 325 -28.13 16.08 -71.29
C ALA K 325 -28.75 15.26 -70.18
N VAL K 326 -30.08 15.13 -70.20
CA VAL K 326 -30.74 14.31 -69.20
C VAL K 326 -30.10 12.94 -69.17
N THR K 327 -29.70 12.47 -68.00
CA THR K 327 -29.02 11.18 -67.91
C THR K 327 -29.97 10.05 -68.24
N ALA K 328 -29.68 9.31 -69.30
CA ALA K 328 -30.50 8.17 -69.65
C ALA K 328 -29.76 6.88 -69.31
N GLU K 329 -30.12 6.27 -68.19
CA GLU K 329 -29.46 5.04 -67.78
C GLU K 329 -29.79 3.93 -68.74
N ILE K 330 -28.76 3.27 -69.27
CA ILE K 330 -28.98 2.17 -70.19
C ILE K 330 -28.42 0.88 -69.60
N LYS K 331 -29.32 -0.02 -69.20
CA LYS K 331 -28.88 -1.28 -68.61
C LYS K 331 -29.03 -2.40 -69.62
N THR K 332 -27.93 -3.06 -69.94
CA THR K 332 -27.97 -4.15 -70.92
C THR K 332 -27.03 -5.27 -70.57
N GLY K 333 -27.38 -6.07 -69.57
CA GLY K 333 -26.54 -7.20 -69.21
C GLY K 333 -26.31 -7.40 -67.73
N MET K 334 -25.96 -8.62 -67.32
CA MET K 334 -25.70 -8.91 -65.92
C MET K 334 -24.45 -9.77 -65.76
N ARG K 335 -23.66 -9.48 -64.73
CA ARG K 335 -22.46 -10.27 -64.48
C ARG K 335 -22.50 -10.90 -63.11
N SER K 336 -22.26 -12.21 -63.04
CA SER K 336 -22.22 -12.88 -61.75
C SER K 336 -21.41 -12.04 -60.78
N VAL K 337 -21.98 -11.71 -59.63
CA VAL K 337 -21.25 -10.82 -58.71
C VAL K 337 -19.76 -11.11 -58.59
N ILE K 338 -19.39 -12.38 -58.57
CA ILE K 338 -17.99 -12.74 -58.37
C ILE K 338 -17.13 -12.07 -59.43
N SER K 339 -17.76 -11.58 -60.50
CA SER K 339 -17.00 -10.88 -61.53
C SER K 339 -16.44 -9.57 -61.01
N TYR K 340 -17.00 -9.05 -59.91
CA TYR K 340 -16.41 -7.88 -59.26
C TYR K 340 -15.01 -8.19 -58.74
N LEU K 341 -14.77 -9.45 -58.33
CA LEU K 341 -13.41 -9.87 -58.04
C LEU K 341 -12.62 -10.14 -59.31
N LEU K 342 -13.31 -10.51 -60.38
CA LEU K 342 -12.63 -10.85 -61.64
C LEU K 342 -12.01 -9.61 -62.29
N SER K 343 -12.65 -8.46 -62.14
CA SER K 343 -12.18 -7.28 -62.85
C SER K 343 -10.83 -6.78 -62.34
N PRO K 344 -10.68 -6.26 -61.11
CA PRO K 344 -9.45 -5.54 -60.75
C PRO K 344 -8.22 -6.42 -60.68
N LEU K 345 -8.31 -7.53 -59.93
CA LEU K 345 -7.14 -8.37 -59.72
C LEU K 345 -6.60 -8.93 -61.02
N GLU K 346 -7.48 -9.51 -61.84
CA GLU K 346 -7.02 -10.13 -63.09
C GLU K 346 -6.45 -9.10 -64.04
N GLU K 347 -7.11 -7.95 -64.22
CA GLU K 347 -6.57 -6.95 -65.14
C GLU K 347 -5.24 -6.43 -64.62
N SER K 348 -5.10 -6.24 -63.31
CA SER K 348 -3.83 -5.81 -62.74
C SER K 348 -2.74 -6.83 -63.01
N VAL K 349 -3.09 -8.12 -62.94
CA VAL K 349 -2.12 -9.16 -63.27
C VAL K 349 -1.75 -9.10 -64.75
N THR K 350 -2.69 -8.70 -65.60
CA THR K 350 -2.43 -8.72 -67.05
C THR K 350 -1.28 -7.81 -67.43
N GLU K 351 -1.22 -6.60 -66.89
CA GLU K 351 -0.13 -5.68 -67.27
C GLU K 351 1.21 -6.22 -66.77
N SER K 352 2.22 -6.13 -67.63
CA SER K 352 3.55 -6.61 -67.28
C SER K 352 4.49 -5.44 -67.02
N LEU L 29 48.29 -0.96 -26.32
CA LEU L 29 46.87 -1.20 -26.53
C LEU L 29 46.38 -2.41 -25.75
N ASP L 30 47.24 -3.42 -25.63
CA ASP L 30 46.92 -4.65 -24.94
C ASP L 30 47.69 -4.75 -23.62
N THR L 31 47.95 -3.61 -23.00
CA THR L 31 48.66 -3.62 -21.73
C THR L 31 47.72 -4.11 -20.62
N PRO L 32 48.20 -4.92 -19.67
CA PRO L 32 47.35 -5.38 -18.58
C PRO L 32 46.94 -4.23 -17.68
N VAL L 33 46.03 -4.54 -16.75
CA VAL L 33 45.56 -3.54 -15.79
C VAL L 33 46.67 -3.27 -14.78
N ARG L 34 47.10 -2.02 -14.71
CA ARG L 34 48.15 -1.60 -13.79
C ARG L 34 47.53 -0.95 -12.56
N GLU L 35 48.39 -0.56 -11.61
CA GLU L 35 47.92 0.14 -10.43
C GLU L 35 47.42 1.54 -10.74
N LYS L 36 47.98 2.19 -11.76
CA LYS L 36 47.48 3.50 -12.17
C LYS L 36 46.04 3.40 -12.66
N ASP L 37 45.74 2.36 -13.44
CA ASP L 37 44.38 2.13 -13.91
C ASP L 37 43.46 1.69 -12.77
N GLU L 38 43.98 0.96 -11.80
CA GLU L 38 43.17 0.48 -10.68
C GLU L 38 42.82 1.59 -9.69
N ASN L 39 43.72 2.56 -9.50
CA ASN L 39 43.46 3.64 -8.55
C ASN L 39 42.36 4.58 -9.03
N GLU L 40 42.12 4.64 -10.34
CA GLU L 40 41.05 5.50 -10.86
C GLU L 40 39.67 5.03 -10.44
N PHE L 41 39.52 3.76 -10.06
CA PHE L 41 38.23 3.21 -9.66
C PHE L 41 38.20 2.85 -8.18
N LEU L 42 39.14 3.33 -7.38
CA LEU L 42 39.13 3.01 -5.96
C LEU L 42 38.02 3.79 -5.27
N PRO L 43 37.12 3.12 -4.55
CA PRO L 43 35.98 3.84 -3.94
C PRO L 43 36.38 4.91 -2.97
N ALA L 44 37.53 4.79 -2.30
CA ALA L 44 37.99 5.87 -1.42
C ALA L 44 38.26 7.14 -2.21
N HIS L 45 38.98 7.02 -3.33
CA HIS L 45 39.26 8.18 -4.16
C HIS L 45 37.98 8.78 -4.72
N LEU L 46 37.04 7.93 -5.16
CA LEU L 46 35.76 8.43 -5.64
C LEU L 46 34.97 9.12 -4.54
N GLU L 47 35.10 8.67 -3.30
CA GLU L 47 34.43 9.35 -2.20
C GLU L 47 35.06 10.71 -1.92
N LEU L 48 36.39 10.80 -2.00
CA LEU L 48 37.05 12.08 -1.76
C LEU L 48 36.83 13.05 -2.90
N ILE L 49 36.87 12.60 -4.15
CA ILE L 49 36.76 13.48 -5.29
C ILE L 49 35.31 13.93 -5.41
N GLU L 50 35.09 15.24 -5.37
CA GLU L 50 33.78 15.84 -5.57
C GLU L 50 33.77 16.64 -6.86
N THR L 51 32.63 16.63 -7.55
CA THR L 51 32.48 17.17 -8.89
C THR L 51 33.54 16.57 -9.81
N PRO L 52 33.45 15.28 -10.12
CA PRO L 52 34.46 14.64 -10.95
C PRO L 52 34.39 15.11 -12.39
N VAL L 53 35.52 15.00 -13.09
CA VAL L 53 35.62 15.35 -14.49
C VAL L 53 35.97 14.11 -15.30
N SER L 54 35.70 14.17 -16.59
CA SER L 54 35.98 13.05 -17.48
C SER L 54 37.49 12.92 -17.70
N ARG L 55 37.91 11.70 -18.05
CA ARG L 55 39.33 11.44 -18.30
C ARG L 55 39.82 12.18 -19.54
N ARG L 56 38.95 12.40 -20.52
CA ARG L 56 39.26 13.16 -21.73
C ARG L 56 38.43 14.43 -21.72
N PRO L 57 38.89 15.50 -21.06
CA PRO L 57 38.03 16.65 -20.84
C PRO L 57 37.88 17.57 -22.05
N ARG L 58 38.94 17.74 -22.84
CA ARG L 58 38.95 18.69 -23.93
C ARG L 58 39.01 18.04 -25.31
N LEU L 59 38.95 16.71 -25.40
CA LEU L 59 39.05 16.06 -26.70
C LEU L 59 37.83 16.34 -27.57
N VAL L 60 36.64 16.40 -26.98
CA VAL L 60 35.43 16.63 -27.77
C VAL L 60 35.48 18.00 -28.42
N ALA L 61 35.90 19.03 -27.67
CA ALA L 61 36.01 20.36 -28.23
C ALA L 61 37.06 20.40 -29.34
N TYR L 62 38.19 19.74 -29.13
CA TYR L 62 39.23 19.71 -30.15
C TYR L 62 38.72 19.08 -31.44
N PHE L 63 38.03 17.94 -31.33
CA PHE L 63 37.53 17.28 -32.52
C PHE L 63 36.41 18.07 -33.20
N ILE L 64 35.55 18.72 -32.42
CA ILE L 64 34.47 19.51 -33.02
C ILE L 64 35.03 20.72 -33.75
N MET L 65 35.99 21.42 -33.14
CA MET L 65 36.63 22.54 -33.84
C MET L 65 37.40 22.07 -35.06
N GLY L 66 38.05 20.91 -34.99
CA GLY L 66 38.70 20.38 -36.17
C GLY L 66 37.70 20.10 -37.29
N PHE L 67 36.54 19.53 -36.95
CA PHE L 67 35.52 19.29 -37.95
C PHE L 67 35.04 20.60 -38.57
N LEU L 68 34.84 21.62 -37.74
CA LEU L 68 34.36 22.91 -38.23
C LEU L 68 35.37 23.56 -39.16
N VAL L 69 36.66 23.54 -38.78
CA VAL L 69 37.67 24.16 -39.63
C VAL L 69 37.86 23.38 -40.92
N ILE L 70 37.81 22.04 -40.87
CA ILE L 70 37.91 21.27 -42.10
C ILE L 70 36.72 21.54 -43.02
N ALA L 71 35.52 21.65 -42.44
CA ALA L 71 34.35 21.97 -43.24
C ALA L 71 34.47 23.36 -43.88
N VAL L 72 34.96 24.34 -43.13
CA VAL L 72 35.02 25.71 -43.67
C VAL L 72 36.12 25.82 -44.72
N ILE L 73 37.20 25.06 -44.59
CA ILE L 73 38.24 25.10 -45.61
C ILE L 73 37.85 24.26 -46.82
N LEU L 74 36.96 23.28 -46.66
CA LEU L 74 36.45 22.54 -47.81
C LEU L 74 35.41 23.35 -48.57
N SER L 75 34.60 24.14 -47.85
CA SER L 75 33.59 24.96 -48.51
C SER L 75 34.21 26.01 -49.42
N VAL L 76 35.32 26.62 -48.99
CA VAL L 76 36.00 27.62 -49.82
C VAL L 76 36.85 26.99 -50.91
N LEU L 77 36.88 25.67 -51.01
CA LEU L 77 37.64 24.99 -52.05
C LEU L 77 36.80 23.92 -52.73
C31 6OU M . 25.56 -25.96 -31.34
C33 6OU M . 25.97 -25.59 -32.79
C34 6OU M . 24.97 -26.23 -33.79
C35 6OU M . 25.28 -25.72 -35.23
C36 6OU M . 24.27 -26.33 -36.25
C37 6OU M . 25.00 -26.61 -37.59
C38 6OU M . 24.09 -27.45 -38.52
C39 6OU M . 24.78 -28.80 -38.88
C40 6OU M . 24.14 -29.95 -38.68
C41 6OU M . 24.81 -31.31 -39.02
C42 6OU M . 24.31 -31.82 -40.39
C43 6OU M . 25.36 -31.48 -41.49
C44 6OU M . 25.35 -32.58 -42.57
C45 6OU M . 26.74 -32.64 -43.25
C46 6OU M . 26.95 -34.03 -43.85
C47 6OU M . 28.35 -34.12 -44.49
C48 6OU M . 28.77 -35.59 -44.57
C31 6OU N . 37.14 -15.52 -33.71
C33 6OU N . 36.05 -14.46 -34.06
C34 6OU N . 35.11 -14.28 -32.83
C35 6OU N . 34.59 -12.81 -32.80
C36 6OU N . 33.43 -12.64 -33.81
C37 6OU N . 33.68 -11.36 -34.67
C38 6OU N . 32.95 -11.49 -36.03
C39 6OU N . 32.91 -10.11 -36.73
C40 6OU N . 33.27 -10.00 -38.02
C41 6OU N . 33.75 -11.25 -38.81
C42 6OU N . 33.23 -11.16 -40.27
C43 6OU N . 33.86 -12.29 -41.13
C44 6OU N . 33.23 -12.26 -42.54
C45 6OU N . 33.57 -13.55 -43.29
C46 6OU N . 35.00 -13.45 -43.87
C47 6OU N . 35.35 -14.76 -44.60
C48 6OU N . 36.61 -14.55 -45.45
C01 6OU O . 1.52 -11.73 -37.91
C02 6OU O . 0.55 -12.82 -37.45
C03 6OU O . 1.15 -13.59 -36.27
C04 6OU O . 0.33 -14.87 -36.00
C05 6OU O . 0.99 -15.68 -34.85
C06 6OU O . 2.12 -16.57 -35.41
C07 6OU O . 1.79 -18.06 -35.15
C08 6OU O . 2.95 -18.95 -35.67
C09 6OU O . 3.27 -20.05 -34.61
C10 6OU O . 2.67 -21.40 -35.07
C11 6OU O . 2.78 -22.45 -33.93
C12 6OU O . 2.31 -21.82 -32.58
C01 6OU P . -2.64 -8.67 -46.05
C02 6OU P . -3.27 -8.21 -47.38
C03 6OU P . -2.96 -6.71 -47.60
C04 6OU P . -3.73 -6.20 -48.84
C05 6OU P . -3.12 -4.85 -49.29
C06 6OU P . -3.91 -4.30 -50.52
C07 6OU P . -3.56 -2.80 -50.71
C08 6OU P . -3.62 -2.43 -52.21
C09 6OU P . -3.88 -0.91 -52.35
C10 6OU P . -5.41 -0.65 -52.54
C11 6OU P . -5.66 0.88 -52.61
C12 6OU P . -6.60 1.20 -53.82
C13 6OU P . -6.16 2.53 -54.47
C14 6OU P . -6.78 2.64 -55.90
C01 6OU Q . -0.11 -6.26 -41.66
C02 6OU Q . 0.57 -6.75 -42.97
C03 6OU Q . -0.01 -5.98 -44.18
C04 6OU Q . 0.00 -4.46 -43.89
C05 6OU Q . 0.44 -3.69 -45.17
C06 6OU Q . -0.77 -2.86 -45.71
C07 6OU Q . -0.30 -1.98 -46.91
C08 6OU Q . -1.35 -0.87 -47.17
C09 6OU Q . -1.30 -0.43 -48.65
C10 6OU Q . -2.63 0.29 -49.03
C01 6OU R . 1.03 -12.19 -58.45
C02 6OU R . 1.87 -11.35 -57.47
C03 6OU R . 3.32 -11.25 -57.99
C04 6OU R . 3.32 -10.82 -59.48
C05 6OU R . 4.75 -10.91 -60.07
C06 6OU R . 5.04 -9.66 -60.92
C07 6OU R . 6.57 -9.56 -61.20
C08 6OU R . 6.81 -9.36 -62.72
C09 6OU R . 7.27 -7.90 -62.99
C10 6OU R . 7.37 -7.67 -64.53
C11 6OU R . 8.74 -8.19 -65.05
C12 6OU R . 9.28 -7.23 -66.14
C31 6OU S . 22.40 21.11 -10.54
C33 6OU S . 21.54 19.90 -10.98
C34 6OU S . 21.59 19.75 -12.53
C35 6OU S . 21.47 18.25 -12.90
C36 6OU S . 22.35 17.97 -14.16
C37 6OU S . 21.93 16.62 -14.80
C38 6OU S . 21.72 16.83 -16.33
C39 6OU S . 22.29 15.62 -17.12
C40 6OU S . 21.46 14.80 -17.78
C41 6OU S . 22.03 13.59 -18.58
C42 6OU S . 21.12 12.35 -18.40
C43 6OU S . 21.82 11.11 -19.04
C44 6OU S . 21.20 9.82 -18.46
C45 6OU S . 22.32 8.79 -18.21
C46 6OU S . 21.91 7.87 -17.04
C47 6OU S . 23.12 7.06 -16.58
C48 6OU S . 22.85 6.48 -15.19
C01 6OU T . -3.08 -1.25 -40.43
C02 6OU T . -2.41 -0.60 -41.69
C03 6OU T . -3.39 0.42 -42.32
C04 6OU T . -2.60 1.64 -42.82
C05 6OU T . -3.06 2.03 -44.26
C06 6OU T . -2.93 3.57 -44.45
C07 6OU T . -3.36 3.97 -45.89
C08 6OU T . -2.72 5.33 -46.26
C09 6OU T . -3.73 6.21 -47.01
C10 6OU T . -3.15 7.65 -47.19
C13 6OU U . -1.98 -12.18 -19.02
C14 6OU U . -0.59 -12.85 -19.09
C15 6OU U . -0.41 -13.51 -20.49
C16 6OU U . 0.56 -14.73 -20.36
O17 6OU U . 1.28 -14.83 -19.42
O18 6OU U . 0.58 -15.74 -21.39
C19 6OU U . 0.83 -17.06 -20.89
C20 6OU U . 0.12 -18.09 -21.78
C21 6OU U . 1.11 -19.14 -22.24
O22 6OU U . 1.17 -20.18 -21.29
P23 6OU U . 2.59 -20.45 -20.46
O24 6OU U . 3.61 -21.07 -21.39
O25 6OU U . 3.13 -19.13 -19.94
O26 6OU U . 2.31 -21.48 -19.20
O30 6OU U . -0.46 -17.44 -22.89
C31 6OU U . -1.84 -17.11 -22.71
O32 6OU U . -2.53 -17.77 -22.01
C33 6OU U . -2.44 -15.86 -23.44
C34 6OU U . -3.84 -15.54 -22.87
C35 6OU U . -4.92 -16.31 -23.68
C36 6OU U . -6.33 -15.85 -23.24
C37 6OU U . -7.01 -15.09 -24.42
C38 6OU U . -6.74 -13.56 -24.28
C39 6OU U . -7.35 -13.05 -22.94
C40 6OU U . -8.86 -12.77 -23.12
C41 6OU U . -9.77 -13.64 -22.65
C42 6OU U . -11.29 -13.36 -22.82
C43 6OU U . -11.97 -13.38 -21.44
C44 6OU U . -11.39 -12.24 -20.55
C45 6OU U . -12.19 -12.13 -19.23
C46 6OU U . -12.56 -13.53 -18.72
C47 6OU U . -12.64 -13.50 -17.18
C48 6OU U . -13.02 -14.90 -16.67
C49 6OU U . -12.43 -15.11 -15.27
C01 6OU V . -1.47 -9.05 -29.61
C02 6OU V . -1.36 -10.42 -30.30
C03 6OU V . -0.24 -11.24 -29.63
C04 6OU V . 0.07 -12.49 -30.48
C05 6OU V . 1.39 -13.13 -30.00
C06 6OU V . 1.81 -14.29 -30.95
C07 6OU V . 1.97 -15.59 -30.12
C08 6OU V . 2.17 -16.79 -31.07
C09 6OU V . 3.15 -17.81 -30.41
C10 6OU V . 2.32 -18.86 -29.62
C11 6OU V . 3.22 -19.48 -28.50
C01 6OU W . 19.28 18.99 -20.52
C02 6OU W . 20.59 19.60 -19.99
C03 6OU W . 20.41 20.03 -18.53
C04 6OU W . 21.62 20.88 -18.08
C05 6OU W . 21.35 21.47 -16.67
C06 6OU W . 22.43 22.54 -16.34
C07 6OU W . 23.08 22.21 -14.97
C08 6OU W . 24.41 23.00 -14.83
C09 6OU W . 24.43 23.74 -13.47
C10 6OU W . 25.59 23.21 -12.59
C11 6OU W . 25.46 23.75 -11.14
C01 6OU X . 0.23 -4.11 -37.84
C02 6OU X . 0.86 -3.14 -36.83
C03 6OU X . 1.68 -2.08 -37.57
C04 6OU X . 0.81 -0.84 -37.87
C05 6OU X . 1.70 0.31 -38.40
C06 6OU X . 1.04 1.68 -38.08
C07 6OU X . 0.70 2.42 -39.39
C08 6OU X . -0.47 3.39 -39.14
C09 6OU X . -0.18 4.76 -39.84
C10 6OU X . -1.23 5.03 -40.93
C11 6OU X . -0.81 6.29 -41.76
C01 6OU Y . 16.54 4.63 -18.76
C02 6OU Y . 15.87 3.55 -17.91
C03 6OU Y . 16.88 2.40 -17.65
C04 6OU Y . 16.31 1.43 -16.58
C05 6OU Y . 15.32 0.45 -17.24
C06 6OU Y . 14.36 -0.11 -16.15
C07 6OU Y . 13.09 -0.69 -16.82
C08 6OU Y . 12.40 -1.68 -15.84
C09 6OU Y . 11.29 -0.91 -15.05
C10 6OU Y . 10.80 -1.79 -13.86
C11 6OU Y . 10.04 -0.88 -12.83
C12 6OU Y . 10.20 -1.46 -11.41
C01 6OU Z . 20.45 1.95 -14.94
C02 6OU Z . 19.63 2.99 -14.17
C03 6OU Z . 19.65 4.34 -14.94
C04 6OU Z . 19.05 5.44 -14.03
C05 6OU Z . 18.57 6.63 -14.91
C06 6OU Z . 17.11 7.00 -14.53
C07 6OU Z . 17.01 7.20 -12.98
C08 6OU Z . 15.65 7.85 -12.62
C09 6OU Z . 14.67 6.73 -12.18
C10 6OU Z . 13.35 7.36 -11.64
C11 6OU Z . 12.25 6.26 -11.55
C12 6OU Z . 10.86 6.92 -11.45
C01 6OU AA . -1.99 -1.66 -26.38
C02 6OU AA . -1.74 -2.68 -25.27
C03 6OU AA . -1.79 -1.99 -23.89
C04 6OU AA . -1.35 -2.98 -22.79
C05 6OU AA . -1.35 -2.27 -21.42
C06 6OU AA . -0.79 -3.24 -20.33
C07 6OU AA . -0.30 -2.42 -19.11
C08 6OU AA . -0.53 -3.23 -17.81
C09 6OU AA . 0.51 -2.80 -16.73
C10 6OU AA . 1.13 -4.07 -16.07
C11 6OU AA . 1.93 -3.64 -14.80
C12 6OU AA . 1.98 -4.82 -13.78
C13 6OU AA . 1.97 -4.26 -12.35
C04 6OU BA . 9.00 23.17 -25.03
C05 6OU BA . 8.15 23.50 -26.29
C06 6OU BA . 6.94 22.53 -26.37
C07 6OU BA . 6.51 22.36 -27.85
C08 6OU BA . 4.97 22.33 -27.96
C09 6OU BA . 4.54 22.70 -29.40
C10 6OU BA . 3.75 21.52 -30.02
C11 6OU BA . 4.23 21.26 -31.47
C12 6OU BA . 3.23 20.31 -32.20
C13 6OU BA . 3.18 20.62 -33.72
C14 6OU BA . 1.71 20.59 -34.20
C15 6OU BA . 1.60 19.74 -35.50
C16 6OU BA . 0.46 20.29 -36.41
O17 6OU BA . -0.61 19.80 -36.39
O18 6OU BA . 0.70 21.43 -37.27
C19 6OU BA . 0.33 21.21 -38.63
C20 6OU BA . 1.32 21.93 -39.55
C21 6OU BA . 1.00 21.63 -41.00
O22 6OU BA . 0.99 22.82 -41.74
P23 6OU BA . 2.38 23.27 -42.56
O24 6OU BA . 2.56 22.37 -43.77
O25 6OU BA . 3.58 23.11 -41.64
O26 6OU BA . 2.26 24.84 -43.04
C27 6OU BA . 2.62 25.17 -44.38
C28 6OU BA . 1.78 26.37 -44.85
N29 6OU BA . 1.10 26.02 -46.09
O30 6OU BA . 2.63 21.47 -39.26
C31 6OU BA . 3.41 22.38 -38.48
O32 6OU BA . 3.40 23.54 -38.74
C33 6OU BA . 4.28 21.85 -37.30
C34 6OU BA . 4.90 23.05 -36.53
C35 6OU BA . 6.06 22.55 -35.64
C31 6OU CA . 22.59 29.18 -12.42
C33 6OU CA . 21.20 29.63 -11.90
C34 6OU CA . 20.26 29.96 -13.08
C35 6OU CA . 18.80 30.11 -12.57
C36 6OU CA . 17.81 30.39 -13.75
C37 6OU CA . 18.55 31.11 -14.93
C38 6OU CA . 17.81 30.83 -16.27
C39 6OU CA . 17.03 29.49 -16.20
C40 6OU CA . 15.75 29.44 -16.57
C41 6OU CA . 14.97 28.09 -16.50
C42 6OU CA . 14.90 27.43 -17.90
C43 6OU CA . 14.36 25.98 -17.75
C44 6OU CA . 13.92 25.45 -19.12
C45 6OU CA . 13.14 24.14 -18.94
C46 6OU CA . 12.27 23.86 -20.18
C47 6OU CA . 11.45 22.58 -19.96
C48 6OU CA . 10.26 22.59 -20.93
C04 6OU DA . -22.57 17.72 -22.22
C05 6OU DA . -22.83 17.00 -23.57
C06 6OU DA . -21.55 16.23 -24.00
C07 6OU DA . -21.67 15.84 -25.49
C08 6OU DA . -20.34 16.17 -26.23
C09 6OU DA . -20.18 15.22 -27.44
C10 6OU DA . -19.51 15.98 -28.62
C11 6OU DA . -17.97 15.91 -28.42
C12 6OU DA . -17.24 16.31 -29.74
C13 6OU DA . -17.79 17.66 -30.31
C14 6OU DA . -17.10 17.93 -31.67
C15 6OU DA . -17.35 19.41 -32.12
C16 6OU DA . -16.35 19.75 -33.26
O17 6OU DA . -15.27 19.27 -33.27
O18 6OU DA . -16.75 20.66 -34.30
C19 6OU DA . -16.47 20.16 -35.62
C20 6OU DA . -17.64 20.50 -36.56
C21 6OU DA . -17.09 20.78 -37.94
O22 6OU DA . -17.11 22.17 -38.19
P23 6OU DA . -17.08 22.70 -39.78
O24 6OU DA . -18.45 22.56 -40.40
O25 6OU DA . -16.09 21.87 -40.57
O26 6OU DA . -16.63 24.30 -39.82
O30 6OU DA . -18.32 21.65 -36.08
C31 6OU DA . -19.51 21.37 -35.35
O32 6OU DA . -19.56 20.43 -34.64
C33 6OU DA . -20.73 22.33 -35.47
C34 6OU DA . -21.82 21.95 -34.41
C35 6OU DA . -23.21 22.38 -34.94
C36 6OU DA . -24.20 22.63 -33.76
C37 6OU DA . -24.60 21.28 -33.09
C38 6OU DA . -24.12 21.26 -31.61
C39 6OU DA . -25.27 20.76 -30.70
C12 6OU EA . 17.98 13.59 -14.54
C13 6OU EA . 18.32 14.76 -13.58
C14 6OU EA . 17.13 15.03 -12.65
C15 6OU EA . 17.51 16.14 -11.61
C16 6OU EA . 16.54 16.07 -10.39
O17 6OU EA . 15.78 15.17 -10.28
O18 6OU EA . 16.57 17.10 -9.39
C19 6OU EA . 17.17 16.70 -8.16
C20 6OU EA . 17.61 17.93 -7.34
C21 6OU EA . 17.22 17.74 -5.89
O22 6OU EA . 18.17 18.37 -5.06
O30 6OU EA . 16.98 19.09 -7.85
C31 6OU EA . 17.73 19.76 -8.87
O32 6OU EA . 18.86 19.45 -9.10
C33 6OU EA . 17.06 20.91 -9.70
C34 6OU EA . 16.51 20.32 -11.02
C35 6OU EA . 16.78 21.29 -12.19
C36 6OU EA . 16.62 20.52 -13.54
C37 6OU EA . 17.12 21.41 -14.72
C38 6OU EA . 16.19 21.20 -15.95
C01 6OU FA . 17.94 24.36 -16.82
C02 6OU FA . 18.82 25.41 -16.12
C03 6OU FA . 19.15 24.93 -14.69
C04 6OU FA . 20.29 25.81 -14.10
C05 6OU FA . 20.96 25.08 -12.91
C06 6OU FA . 20.87 25.95 -11.64
C07 6OU FA . 21.05 25.07 -10.39
C08 6OU FA . 21.88 25.84 -9.32
C01 6OU GA . 11.45 18.01 -18.30
C02 6OU GA . 10.40 16.91 -18.56
C03 6OU GA . 10.77 15.65 -17.76
C04 6OU GA . 9.63 14.61 -17.86
C05 6OU GA . 9.81 13.53 -16.75
C06 6OU GA . 8.51 13.46 -15.90
C07 6OU GA . 8.55 12.20 -15.00
C08 6OU GA . 7.80 12.49 -13.67
C09 6OU GA . 8.71 12.18 -12.45
C10 6OU GA . 7.84 12.15 -11.16
C11 6OU GA . 8.14 10.86 -10.36
C12 6OU GA . 6.81 10.25 -9.84
C12 6OU HA . -1.12 14.58 -35.99
C13 6OU HA . -2.08 14.83 -37.19
C14 6OU HA . -1.80 16.23 -37.79
C15 6OU HA . -2.77 16.48 -38.98
C16 6OU HA . -2.57 17.92 -39.54
O17 6OU HA . -1.68 18.59 -39.12
O18 6OU HA . -3.44 18.43 -40.57
C19 6OU HA . -4.28 19.50 -40.12
C20 6OU HA . -5.63 19.41 -40.85
C21 6OU HA . -6.01 20.79 -41.36
O22 6OU HA . -7.41 21.01 -41.22
P23 6OU HA . -8.00 22.55 -41.44
O24 6OU HA . -7.67 23.02 -42.83
O25 6OU HA . -9.50 22.54 -41.25
O26 6OU HA . -7.30 23.57 -40.34
O30 6OU HA . -6.61 18.94 -39.95
C31 6OU HA . -6.45 17.57 -39.57
O32 6OU HA . -6.02 16.79 -40.35
C33 6OU HA . -6.84 17.10 -38.14
C34 6OU HA . -6.32 15.65 -37.91
C35 6OU HA . -6.84 15.13 -36.55
C36 6OU HA . -6.30 13.69 -36.30
C37 6OU HA . -6.98 13.10 -35.03
C38 6OU HA . -5.90 12.40 -34.15
C39 6OU HA . -6.20 12.70 -32.65
C31 6OU IA . -19.09 40.48 -1.73
C33 6OU IA . -19.82 40.61 -3.11
C34 6OU IA . -19.37 41.90 -3.82
C35 6OU IA . -18.27 41.58 -4.86
C36 6OU IA . -18.14 42.76 -5.88
C37 6OU IA . -17.12 43.80 -5.34
C38 6OU IA . -17.48 45.21 -5.89
C39 6OU IA . -16.55 46.27 -5.23
C40 6OU IA . -16.28 47.42 -6.23
C41 6OU IA . -16.38 48.71 -5.83
C42 6OU IA . -16.11 49.86 -6.84
C43 6OU IA . -14.63 50.35 -6.71
C44 6OU IA . -14.39 51.51 -7.70
C45 6OU IA . -13.12 52.28 -7.32
C01 6OU JA . 12.29 26.31 -28.29
C02 6OU JA . 12.79 27.77 -28.33
C03 6OU JA . 11.81 28.63 -29.14
C04 6OU JA . 11.66 28.06 -30.57
C05 6OU JA . 10.26 28.44 -31.13
C06 6OU JA . 10.00 27.63 -32.44
C07 6OU JA . 9.31 28.56 -33.47
C08 6OU JA . 9.73 28.15 -34.91
C09 6OU JA . 8.57 28.44 -35.90
C10 6OU JA . 7.75 27.14 -36.14
C11 6OU JA . 6.85 27.32 -37.40
C12 6OU JA . 6.69 25.96 -38.13
C01 6OU KA . -6.77 2.94 -40.61
C02 6OU KA . -7.74 3.59 -41.62
C03 6OU KA . -7.02 4.72 -42.39
C04 6OU KA . -7.24 4.54 -43.92
C05 6OU KA . -7.65 5.89 -44.56
C06 6OU KA . -7.72 5.72 -46.11
C07 6OU KA . -8.07 7.10 -46.77
C08 6OU KA . -8.66 6.84 -48.19
C09 6OU KA . -8.99 8.22 -48.87
C01 6OU LA . -23.87 16.58 -14.11
C02 6OU LA . -24.79 16.50 -12.87
C03 6OU LA . -26.23 16.12 -13.33
C04 6OU LA . -26.91 15.22 -12.27
C05 6OU LA . -28.29 15.81 -11.89
C06 6OU LA . -29.02 14.87 -10.89
C07 6OU LA . -30.22 15.61 -10.23
C08 6OU LA . -30.44 15.08 -8.80
C01 6OU MA . -10.82 8.75 -9.77
C02 6OU MA . -11.42 9.97 -9.03
C03 6OU MA . -12.78 10.34 -9.68
C04 6OU MA . -13.83 10.61 -8.56
C05 6OU MA . -14.46 12.02 -8.78
C06 6OU MA . -15.51 12.31 -7.65
C07 6OU MA . -15.91 13.81 -7.69
C08 6OU MA . -16.26 14.30 -6.27
C01 6OU NA . -14.74 -11.26 -11.98
C02 6OU NA . -13.39 -10.75 -12.50
C03 6OU NA . -13.38 -10.82 -14.03
C04 6OU NA . -11.91 -10.93 -14.52
C05 6OU NA . -11.17 -9.62 -14.18
C06 6OU NA . -9.70 -9.69 -14.72
C07 6OU NA . -8.87 -8.56 -14.07
C08 6OU NA . -7.38 -8.98 -14.00
C09 6OU NA . -6.49 -7.71 -13.92
C10 6OU NA . -5.93 -7.56 -12.48
C11 6OU NA . -5.58 -6.06 -12.22
C12 6OU NA . -5.59 -5.79 -10.68
C13 6OU NA . -6.17 -4.37 -10.42
C07 6OU OA . -58.92 -4.24 -15.58
C08 6OU OA . -58.63 -5.51 -14.74
C09 6OU OA . -57.33 -6.17 -15.25
C10 6OU OA . -56.66 -6.98 -14.09
C11 6OU OA . -55.55 -6.14 -13.42
C12 6OU OA . -54.71 -7.05 -12.49
C13 6OU OA . -53.38 -6.35 -12.10
C14 6OU OA . -52.35 -7.41 -11.59
C15 6OU OA . -51.17 -6.69 -10.87
C16 6OU OA . -49.92 -7.62 -10.85
O17 6OU OA . -50.00 -8.73 -11.25
O18 6OU OA . -48.67 -7.12 -10.34
C19 6OU OA . -47.52 -7.85 -10.80
C20 6OU OA . -46.24 -7.19 -10.26
C21 6OU OA . -45.45 -8.18 -9.44
O22 6OU OA . -44.18 -7.63 -9.12
O30 6OU OA . -46.59 -6.08 -9.47
C31 6OU OA . -46.52 -4.82 -10.16
O32 6OU OA . -46.29 -4.82 -11.32
C33 6OU OA . -46.74 -3.49 -9.39
C34 6OU OA . -46.42 -2.29 -10.33
C35 6OU OA . -47.66 -1.95 -11.19
C36 6OU OA . -47.41 -0.63 -11.98
C37 6OU OA . -48.77 0.05 -12.29
C38 6OU OA . -48.70 0.76 -13.68
C39 6OU OA . -50.11 0.86 -14.32
C40 6OU OA . -51.19 0.86 -13.22
C41 6OU OA . -51.96 1.94 -13.03
C42 6OU OA . -53.05 1.93 -11.92
C43 6OU OA . -54.08 3.06 -12.18
C44 6OU OA . -55.09 2.61 -13.28
C45 6OU OA . -56.41 3.38 -13.13
C31 6OU PA . -45.26 -15.15 -19.94
C33 6OU PA . -44.00 -14.35 -19.52
C34 6OU PA . -43.55 -13.46 -20.71
C35 6OU PA . -42.58 -12.35 -20.21
C36 6OU PA . -42.18 -11.42 -21.41
C37 6OU PA . -40.69 -10.98 -21.26
C38 6OU PA . -40.15 -10.45 -22.61
C39 6OU PA . -39.90 -11.61 -23.61
C40 6OU PA . -40.38 -11.52 -24.87
C41 6OU PA . -41.16 -10.26 -25.33
C42 6OU PA . -42.67 -10.59 -25.37
C43 6OU PA . -43.43 -9.46 -26.12
C44 6OU PA . -44.85 -9.91 -26.43
C45 6OU PA . -45.53 -8.89 -27.37
C46 6OU PA . -46.97 -9.35 -27.67
C47 6OU PA . -47.77 -8.19 -28.28
C48 6OU PA . -49.08 -8.74 -28.88
C11 6OU QA . -36.28 -24.05 -31.71
C12 6OU QA . -34.84 -24.57 -31.99
C13 6OU QA . -34.17 -25.00 -30.64
C14 6OU QA . -32.64 -25.11 -30.83
C15 6OU QA . -31.98 -25.63 -29.51
C16 6OU QA . -30.43 -25.58 -29.65
O17 6OU QA . -29.94 -25.39 -30.71
O18 6OU QA . -29.60 -25.77 -28.49
C19 6OU QA . -28.62 -26.79 -28.63
C20 6OU QA . -27.51 -26.60 -27.59
C21 6OU QA . -27.74 -27.54 -26.41
O22 6OU QA . -29.13 -27.79 -26.28
O30 6OU QA . -27.51 -25.27 -27.13
C31 6OU QA . -26.88 -24.34 -28.01
O32 6OU QA . -26.21 -24.71 -28.91
C33 6OU QA . -27.05 -22.80 -27.76
C34 6OU QA . -27.91 -22.19 -28.89
C35 6OU QA . -27.06 -21.20 -29.73
C36 6OU QA . -28.00 -20.26 -30.55
C37 6OU QA . -29.06 -21.10 -31.32
C38 6OU QA . -30.49 -20.54 -31.03
C39 6OU QA . -31.10 -20.00 -32.35
C40 6OU QA . -32.54 -20.55 -32.54
C41 6OU QA . -33.50 -19.76 -33.01
C42 6OU QA . -34.95 -20.31 -33.21
C43 6OU QA . -35.94 -19.12 -33.32
C44 6OU QA . -37.22 -19.55 -34.08
C45 6OU QA . -38.31 -18.49 -33.88
C46 6OU QA . -39.63 -18.97 -34.52
C47 6OU QA . -40.83 -18.38 -33.76
C48 6OU QA . -42.13 -18.80 -34.45
C49 6OU QA . -43.17 -19.19 -33.39
C01 6OU RA . -40.22 24.52 -35.63
C02 6OU RA . -40.71 23.18 -36.17
C03 6OU RA . -41.00 23.29 -37.69
C04 6OU RA . -41.34 21.90 -38.27
C05 6OU RA . -41.16 21.91 -39.81
C06 6OU RA . -42.48 21.48 -40.49
C07 6OU RA . -42.34 21.68 -42.02
C08 6OU RA . -42.91 20.44 -42.78
C09 6OU RA . -43.50 20.88 -44.14
C10 6OU RA . -44.18 19.68 -44.86
C11 6OU RA . -45.16 18.97 -43.89
C12 6OU RA . -45.40 17.50 -44.36
C06 6OU SA . -28.77 18.39 -16.98
C07 6OU SA . -28.50 18.75 -15.50
C08 6OU SA . -29.56 18.08 -14.59
C09 6OU SA . -30.95 18.73 -14.83
C10 6OU SA . -32.07 17.73 -14.45
C11 6OU SA . -32.96 18.37 -13.35
C12 6OU SA . -33.63 17.24 -12.49
C13 6OU SA . -34.76 17.85 -11.62
C14 6OU SA . -34.63 17.35 -10.16
C15 6OU SA . -35.60 18.14 -9.24
C16 6OU SA . -35.02 18.24 -7.81
O17 6OU SA . -34.13 18.99 -7.59
O18 6OU SA . -35.56 17.43 -6.74
C19 6OU SA . -34.67 17.25 -5.65
C20 6OU SA . -35.18 16.10 -4.76
C21 6OU SA . -34.82 16.38 -3.31
O22 6OU SA . -35.98 16.74 -2.59
P23 6OU SA . -36.52 18.32 -2.69
O24 6OU SA . -37.03 18.76 -1.34
O25 6OU SA . -35.39 19.22 -3.12
O26 6OU SA . -37.76 18.41 -3.80
O30 6OU SA . -34.56 14.89 -5.16
C31 6OU SA . -34.95 14.45 -6.47
O32 6OU SA . -36.07 14.58 -6.83
C33 6OU SA . -33.89 13.79 -7.41
C34 6OU SA . -34.52 13.59 -8.81
C35 6OU SA . -33.46 12.96 -9.76
C36 6OU SA . -34.16 12.44 -11.06
C37 6OU SA . -33.07 11.87 -12.01
C38 6OU SA . -33.34 12.35 -13.47
C39 6OU SA . -32.40 13.55 -13.78
C40 6OU SA . -31.22 13.07 -14.68
C41 6OU SA . -30.84 13.81 -15.72
C42 6OU SA . -29.66 13.35 -16.63
C43 6OU SA . -28.33 13.91 -16.06
C44 6OU SA . -27.24 13.88 -17.17
C45 6OU SA . -26.01 14.67 -16.70
C46 6OU SA . -25.23 15.20 -17.91
C47 6OU SA . -23.95 14.36 -18.13
C48 6OU SA . -23.19 14.86 -19.37
C49 6OU SA . -21.72 14.48 -19.26
C01 6OU TA . -38.97 21.98 -30.27
C02 6OU TA . -40.44 22.07 -30.71
C03 6OU TA . -40.74 21.04 -31.81
C04 6OU TA . -42.27 20.91 -32.00
C05 6OU TA . -42.59 19.78 -33.01
C06 6OU TA . -43.40 20.37 -34.19
C07 6OU TA . -43.83 19.24 -35.16
C08 6OU TA . -45.27 19.51 -35.66
C09 6OU TA . -45.89 18.19 -36.20
C10 6OU TA . -47.15 18.51 -37.07
C11 6OU TA . -46.84 19.71 -38.02
C12 6OU TA . -48.15 20.51 -38.28
C31 6OU UA . 3.47 -25.99 -29.52
C33 6OU UA . 4.04 -24.63 -29.00
C34 6OU UA . 5.02 -24.05 -30.07
C35 6OU UA . 5.04 -22.50 -29.96
C36 6OU UA . 5.87 -21.91 -31.14
C37 6OU UA . 5.90 -20.36 -31.03
C38 6OU UA . 7.28 -19.83 -31.48
C39 6OU UA . 7.10 -18.89 -32.70
C40 6OU UA . 7.33 -17.57 -32.57
C41 6OU UA . 7.13 -16.64 -33.81
C42 6OU UA . 5.86 -15.78 -33.58
C43 6OU UA . 6.03 -14.38 -34.24
C44 6OU UA . 5.30 -13.36 -33.37
C45 6OU UA . 4.65 -12.26 -34.24
C46 6OU UA . 3.67 -11.46 -33.35
C47 6OU UA . 3.19 -10.22 -34.12
C48 6OU UA . 2.04 -9.57 -33.33
C01 6OU VA . 5.43 -14.15 -53.65
C02 6OU VA . 5.79 -13.50 -54.99
C03 6OU VA . 7.18 -14.03 -55.46
C04 6OU VA . 7.46 -13.52 -56.90
C05 6OU VA . 8.68 -14.29 -57.48
C06 6OU VA . 8.83 -13.99 -58.99
C07 6OU VA . 10.32 -14.18 -59.40
C08 6OU VA . 10.40 -14.92 -60.76
C09 6OU VA . 11.31 -14.10 -61.73
C10 6OU VA . 11.42 -14.86 -63.09
C11 6OU VA . 12.03 -13.90 -64.17
C12 6OU VA . 11.52 -14.32 -65.57
C07 6OU WA . 46.06 -1.91 -38.74
C08 6OU WA . 45.41 -0.83 -37.83
C09 6OU WA . 45.74 -1.15 -36.35
C10 6OU WA . 45.81 0.18 -35.54
C11 6OU WA . 44.49 0.37 -34.75
C12 6OU WA . 44.69 1.47 -33.67
C13 6OU WA . 43.30 2.02 -33.21
C14 6OU WA . 43.52 3.31 -32.37
C15 6OU WA . 42.52 3.33 -31.17
C16 6OU WA . 43.16 4.12 -29.99
O17 6OU WA . 44.14 4.75 -30.16
O18 6OU WA . 42.54 4.09 -28.68
C19 6OU WA . 41.88 5.30 -28.34
C20 6OU WA . 41.23 5.14 -26.95
C21 6OU WA . 42.14 4.31 -26.07
O22 6OU WA . 42.74 5.12 -25.08
P23 6OU WA . 43.65 4.38 -23.89
O24 6OU WA . 42.85 3.25 -23.28
O25 6OU WA . 44.90 3.81 -24.51
O26 6OU WA . 44.05 5.47 -22.73
O30 6OU WA . 39.99 4.49 -27.07
C31 6OU WA . 38.95 5.23 -27.73
O32 6OU WA . 39.02 6.41 -27.81
C33 6OU WA . 37.71 4.46 -28.30
C34 6OU WA . 37.89 4.27 -29.83
C35 6OU WA . 37.54 5.59 -30.58
C36 6OU WA . 38.28 5.62 -31.96
C37 6OU WA . 37.77 4.44 -32.85
C38 6OU WA . 38.83 4.15 -33.95
C39 6OU WA . 38.79 2.65 -34.33
C40 6OU WA . 39.12 2.48 -35.84
C41 6OU WA . 40.27 1.89 -36.21
C42 6OU WA . 40.61 1.73 -37.72
C43 6OU WA . 40.16 0.32 -38.21
C44 6OU WA . 40.70 0.06 -39.64
C45 6OU WA . 40.55 -1.43 -39.99
C46 6OU WA . 41.29 -1.73 -41.31
C47 6OU WA . 41.61 -3.24 -41.37
C48 6OU WA . 42.14 -3.58 -42.78
C49 6OU WA . 43.02 -4.83 -42.70
#